data_3PDI
#
_entry.id   3PDI
#
_cell.length_a   146.070
_cell.length_b   95.220
_cell.length_c   149.980
_cell.angle_alpha   90.00
_cell.angle_beta   95.50
_cell.angle_gamma   90.00
#
_symmetry.space_group_name_H-M   'P 1 21 1'
#
loop_
_entity.id
_entity.type
_entity.pdbx_description
1 polymer 'Nitrogenase MoFe cofactor biosynthesis protein NifE'
2 polymer 'Nitrogenase MoFe cofactor biosynthesis protein NifN'
3 non-polymer 'IRON/SULFUR CLUSTER'
4 non-polymer 'L-Cluster (Fe8S9)'
#
loop_
_entity_poly.entity_id
_entity_poly.type
_entity_poly.pdbx_seq_one_letter_code
_entity_poly.pdbx_strand_id
1 'polypeptide(L)'
;MHHHHHHHMKAKDIAELLDEPACSHNKKEKSGCAKPKPGATDGGCSFDGAQIALLPVADVAHIVHGPIACAGSSWDNRGT
RSSGPDLYRIGMTTDLTENDVIMGRAEKRLFHAIRQAVESYSPPAVFVYNTCVPALIGDDVDAVCKAAAERFGTPVIPVD
SAGFYGTKNLGNRIAGEAMLKYVIGTREPDPLPVGSERPGIRVHDVNLIGEYNIAGEFWHVLPLLDELGLRVLCTLAGDA
RYREVQTMHRAEVNMMVCSKAMLNVARKLQETYGTPWFEGSFYGITDTSQALRDFARLLDDPDLTARTEALIAREEAKVR
AALEPWRARLEGKRVLLYTGGVKSWSVVSALQDLGMKVVATGTKKSTEEDKARIRELMGDDVKMLDEGNARVLLKTVDEY
QADILIAGGRNMYTALKGRVPFLDINQEREFGYAGYDGMLELVRQLCITLECPVWEAVRRPAPWDIPASQDAAPSAPARS
ANA
;
A,C,E,G
2 'polypeptide(L)'
;MAEIINRNKALAVSPLKASQTMGAALAILGLARSMPLFHGSQGCTAFAKVFFVRHFREPVPLQTTAMDQVSSVMGADENV
VEALKTICERQNPSVIGLLTTGLSETQGCDLHTALHEFRTQYEEYKDVPIVPVNTPDFSGCFESGFAAAVKAIVETLVPE
RRDQVGKRPRQVNVLCSANLTPGDLEYIAESIESFGLRPLLIPDLSGSLDGHLDENRFNALTTGGLSVAELATAGQSVAT
LVVGQSLAGAADALAERTGVPDRRFGMLYGLDAVDAWLMALAEISGNPVPDRYKRQRAQLQDAMLDTHFMLSSARTAIAA
DPDLLLGFDALLRSMGAHTVAAVVPARAAALVDSPLPSVRVGDLEDLEHAARAGQAQLVIGNSHALASARRLGVPLLRAG
FPQYDLLGGFQRCWSGYRGSSQVLFDLANLLVEHHQGIQPYHSIYAQKPATEQPQWRH
;
B,D,F,H
#
loop_
_chem_comp.id
_chem_comp.type
_chem_comp.name
_chem_comp.formula
CZL non-polymer 'L-Cluster (Fe8S9)' 'Fe8 H6 S9'
SF4 non-polymer 'IRON/SULFUR CLUSTER' 'Fe4 S4'
#
# COMPACT_ATOMS: atom_id res chain seq x y z
N GLY A 32 22.56 23.95 -46.36
CA GLY A 32 21.85 24.96 -45.60
C GLY A 32 20.34 24.76 -45.49
N CYS A 33 19.62 25.61 -46.22
CA CYS A 33 18.15 25.67 -46.23
C CYS A 33 17.63 27.00 -46.84
N ALA A 34 16.55 26.94 -47.63
CA ALA A 34 15.95 28.13 -48.25
C ALA A 34 14.46 27.91 -48.58
N LYS A 35 14.18 26.82 -49.28
CA LYS A 35 12.81 26.39 -49.62
C LYS A 35 12.40 26.71 -51.07
N PRO A 36 12.07 25.69 -51.86
CA PRO A 36 11.48 25.86 -53.19
C PRO A 36 10.05 25.37 -53.22
N LYS A 37 9.10 26.22 -53.57
CA LYS A 37 7.69 25.83 -53.55
C LYS A 37 7.43 24.50 -54.25
N PRO A 38 6.44 23.75 -53.75
CA PRO A 38 6.18 22.30 -53.83
C PRO A 38 7.33 21.35 -54.22
N GLY A 39 8.53 21.59 -53.70
CA GLY A 39 9.67 20.72 -53.97
C GLY A 39 10.49 20.48 -52.71
N ALA A 40 10.46 19.24 -52.22
CA ALA A 40 11.01 18.92 -50.90
C ALA A 40 10.53 19.94 -49.85
N THR A 41 9.43 20.64 -50.17
CA THR A 41 8.80 21.60 -49.26
C THR A 41 7.92 20.87 -48.26
N ASP A 42 8.56 20.32 -47.24
CA ASP A 42 7.91 19.79 -46.06
C ASP A 42 9.02 19.78 -45.05
N GLY A 43 8.71 20.11 -43.81
CA GLY A 43 9.74 20.15 -42.80
C GLY A 43 9.21 20.78 -41.55
N GLY A 44 8.35 21.76 -41.72
CA GLY A 44 7.64 22.34 -40.61
C GLY A 44 8.36 23.59 -40.13
N CYS A 45 7.65 24.43 -39.40
CA CYS A 45 8.16 25.70 -39.02
C CYS A 45 9.22 25.57 -37.98
N SER A 46 9.80 26.73 -37.67
CA SER A 46 10.54 26.93 -36.43
C SER A 46 9.67 26.75 -35.19
N PHE A 47 8.37 27.01 -35.28
CA PHE A 47 7.51 26.77 -34.12
C PHE A 47 7.51 25.30 -33.78
N ASP A 48 7.08 24.49 -34.73
CA ASP A 48 7.28 23.05 -34.65
C ASP A 48 8.65 22.74 -34.03
N GLY A 49 9.72 23.31 -34.58
CA GLY A 49 11.04 23.04 -34.03
C GLY A 49 11.20 23.39 -32.56
N ALA A 50 10.77 24.60 -32.19
CA ALA A 50 10.79 25.00 -30.79
C ALA A 50 9.97 24.06 -29.92
N GLN A 51 8.79 23.66 -30.38
CA GLN A 51 7.95 22.75 -29.59
C GLN A 51 8.56 21.37 -29.43
N ILE A 52 9.42 20.98 -30.38
CA ILE A 52 10.01 19.66 -30.29
C ILE A 52 10.99 19.71 -29.14
N ALA A 53 11.50 20.89 -28.85
CA ALA A 53 12.63 21.03 -27.92
C ALA A 53 12.20 21.39 -26.51
N LEU A 54 11.05 22.04 -26.40
CA LEU A 54 10.65 22.54 -25.12
C LEU A 54 9.52 21.77 -24.50
N LEU A 55 8.73 21.09 -25.31
CA LEU A 55 7.62 20.26 -24.78
C LEU A 55 8.00 19.16 -23.78
N PRO A 56 9.15 18.49 -23.98
CA PRO A 56 9.42 17.40 -23.04
C PRO A 56 9.94 17.95 -21.71
N VAL A 57 9.41 19.11 -21.31
CA VAL A 57 9.56 19.62 -19.95
C VAL A 57 8.17 19.45 -19.34
N ALA A 58 7.96 18.32 -18.67
CA ALA A 58 6.60 17.84 -18.43
C ALA A 58 5.70 18.67 -17.54
N ASP A 59 6.20 19.26 -16.46
CA ASP A 59 5.28 19.90 -15.51
C ASP A 59 4.80 21.28 -15.87
N VAL A 60 5.30 21.82 -16.98
CA VAL A 60 5.09 23.19 -17.41
C VAL A 60 3.84 23.34 -18.26
N ALA A 61 3.28 24.56 -18.36
CA ALA A 61 2.15 24.83 -19.24
C ALA A 61 2.57 25.47 -20.57
N HIS A 62 2.12 24.87 -21.67
CA HIS A 62 2.77 25.13 -22.93
C HIS A 62 1.72 25.68 -23.81
N ILE A 63 1.62 27.01 -23.78
CA ILE A 63 0.52 27.69 -24.43
C ILE A 63 1.02 28.15 -25.78
N VAL A 64 0.24 27.80 -26.80
CA VAL A 64 0.50 28.11 -28.20
C VAL A 64 -0.35 29.32 -28.48
N HIS A 65 0.31 30.40 -28.87
CA HIS A 65 -0.38 31.65 -29.20
C HIS A 65 -0.53 31.80 -30.68
N GLY A 66 -1.61 31.25 -31.20
CA GLY A 66 -1.92 31.27 -32.61
C GLY A 66 -3.36 30.88 -32.85
N PRO A 67 -3.70 30.62 -34.10
CA PRO A 67 -4.99 30.02 -34.43
C PRO A 67 -4.77 28.53 -34.44
N ILE A 68 -5.82 27.73 -34.65
CA ILE A 68 -5.70 26.28 -34.59
C ILE A 68 -4.74 25.60 -35.56
N ALA A 69 -4.33 26.25 -36.63
CA ALA A 69 -3.38 25.61 -37.54
C ALA A 69 -2.18 25.15 -36.72
N CYS A 70 -1.71 26.04 -35.88
CA CYS A 70 -0.54 25.80 -35.07
C CYS A 70 -0.69 24.70 -34.01
N ALA A 71 -1.58 24.90 -33.03
CA ALA A 71 -1.78 23.93 -31.94
C ALA A 71 -2.45 22.62 -32.39
N GLY A 72 -3.80 22.61 -32.32
CA GLY A 72 -4.66 21.49 -32.70
C GLY A 72 -3.95 20.20 -32.99
N SER A 73 -3.24 20.19 -34.11
CA SER A 73 -2.60 18.98 -34.64
C SER A 73 -1.33 18.53 -33.91
N SER A 74 -0.45 19.46 -33.59
CA SER A 74 0.89 19.13 -33.06
C SER A 74 0.83 18.67 -31.61
N TRP A 75 -0.38 18.33 -31.17
CA TRP A 75 -0.77 18.24 -29.76
C TRP A 75 -0.79 16.82 -29.21
N ASP A 76 -1.48 15.92 -29.92
CA ASP A 76 -1.30 14.47 -29.73
C ASP A 76 0.19 14.24 -29.63
N ASN A 77 0.88 14.82 -30.61
CA ASN A 77 2.32 15.04 -30.59
C ASN A 77 3.13 13.81 -30.87
N ARG A 78 4.32 13.79 -30.29
CA ARG A 78 5.17 12.62 -30.38
C ARG A 78 6.21 12.51 -29.27
N GLY A 79 6.56 11.26 -28.97
CA GLY A 79 7.84 10.97 -28.41
C GLY A 79 7.95 10.80 -26.94
N THR A 80 8.35 11.87 -26.26
CA THR A 80 8.84 11.77 -24.91
C THR A 80 7.97 10.90 -24.07
N ARG A 81 8.56 10.47 -22.97
CA ARG A 81 7.86 9.73 -21.97
C ARG A 81 8.21 10.46 -20.71
N SER A 82 7.21 10.63 -19.86
CA SER A 82 7.45 11.23 -18.57
C SER A 82 7.33 10.17 -17.47
N SER A 83 8.05 10.42 -16.38
CA SER A 83 8.01 9.58 -15.19
C SER A 83 7.17 10.28 -14.12
N GLY A 84 6.31 11.21 -14.50
CA GLY A 84 5.48 11.88 -13.53
C GLY A 84 4.46 12.80 -14.19
N PRO A 85 4.69 14.11 -14.10
CA PRO A 85 3.69 15.10 -14.52
C PRO A 85 3.32 14.95 -15.99
N ASP A 86 2.05 15.09 -16.34
CA ASP A 86 1.69 14.96 -17.77
C ASP A 86 1.12 16.25 -18.40
N LEU A 87 1.29 17.40 -17.71
CA LEU A 87 0.82 18.69 -18.21
C LEU A 87 1.24 19.02 -19.65
N TYR A 88 2.48 18.69 -20.07
CA TYR A 88 2.91 18.91 -21.48
C TYR A 88 2.05 18.13 -22.46
N ARG A 89 1.26 17.18 -21.97
CA ARG A 89 0.34 16.41 -22.82
C ARG A 89 -0.96 17.16 -23.02
N ILE A 90 -1.23 18.15 -22.18
CA ILE A 90 -2.50 18.87 -22.39
C ILE A 90 -2.38 19.97 -23.47
N GLY A 91 -3.14 19.86 -24.54
CA GLY A 91 -3.10 20.89 -25.57
C GLY A 91 -3.58 22.19 -24.99
N MET A 92 -2.77 23.22 -25.17
CA MET A 92 -3.14 24.54 -24.66
C MET A 92 -2.95 25.49 -25.79
N THR A 93 -3.92 26.39 -25.97
CA THR A 93 -3.73 27.39 -26.95
C THR A 93 -4.76 28.49 -26.86
N THR A 94 -4.32 29.72 -27.17
CA THR A 94 -5.22 30.86 -27.33
C THR A 94 -5.83 30.74 -28.70
N ASP A 95 -7.14 30.68 -28.80
CA ASP A 95 -7.74 30.07 -29.99
C ASP A 95 -8.24 31.13 -30.91
N LEU A 96 -7.31 31.88 -31.48
CA LEU A 96 -7.68 33.19 -32.08
C LEU A 96 -8.75 33.11 -33.16
N THR A 97 -9.91 33.68 -32.86
CA THR A 97 -10.98 33.89 -33.84
C THR A 97 -10.56 35.04 -34.72
N GLU A 98 -11.28 35.25 -35.81
CA GLU A 98 -10.92 36.30 -36.75
C GLU A 98 -10.97 37.70 -36.09
N ASN A 99 -12.01 37.94 -35.29
CA ASN A 99 -12.11 39.21 -34.56
C ASN A 99 -10.83 39.53 -33.80
N ASP A 100 -10.31 38.57 -33.06
CA ASP A 100 -9.06 38.80 -32.33
C ASP A 100 -7.91 39.33 -33.22
N VAL A 101 -7.92 39.00 -34.51
CA VAL A 101 -6.89 39.53 -35.41
C VAL A 101 -7.30 40.80 -36.17
N ILE A 102 -8.56 41.22 -36.08
CA ILE A 102 -8.87 42.62 -36.40
C ILE A 102 -8.19 43.32 -35.26
N MET A 103 -6.90 43.50 -35.49
CA MET A 103 -5.87 43.52 -34.45
C MET A 103 -6.23 43.81 -32.99
N GLY A 104 -5.22 43.58 -32.15
CA GLY A 104 -5.19 44.03 -30.79
C GLY A 104 -5.70 43.11 -29.73
N ARG A 105 -6.85 42.49 -29.99
CA ARG A 105 -7.39 41.54 -29.03
C ARG A 105 -6.38 40.40 -28.82
N ALA A 106 -5.51 40.19 -29.82
CA ALA A 106 -4.51 39.13 -29.77
C ALA A 106 -3.81 39.11 -28.44
N GLU A 107 -3.37 40.28 -28.00
CA GLU A 107 -2.67 40.37 -26.73
C GLU A 107 -3.58 40.14 -25.56
N LYS A 108 -4.75 40.82 -25.54
CA LYS A 108 -5.73 40.63 -24.44
C LYS A 108 -5.86 39.16 -24.12
N ARG A 109 -6.28 38.37 -25.12
CA ARG A 109 -6.45 36.92 -24.96
C ARG A 109 -5.29 36.19 -24.27
N LEU A 110 -4.10 36.31 -24.83
CA LEU A 110 -2.89 35.69 -24.31
C LEU A 110 -2.74 35.98 -22.83
N PHE A 111 -2.84 37.23 -22.44
CA PHE A 111 -2.75 37.60 -21.02
C PHE A 111 -3.74 36.82 -20.20
N HIS A 112 -4.99 36.76 -20.67
CA HIS A 112 -6.03 36.04 -19.97
C HIS A 112 -5.81 34.52 -20.11
N ALA A 113 -5.17 34.13 -21.20
CA ALA A 113 -4.80 32.73 -21.41
C ALA A 113 -3.79 32.23 -20.37
N ILE A 114 -2.80 33.06 -20.06
CA ILE A 114 -1.87 32.68 -19.00
C ILE A 114 -2.60 32.67 -17.66
N ARG A 115 -3.38 33.71 -17.38
CA ARG A 115 -4.14 33.72 -16.15
C ARG A 115 -4.96 32.45 -16.04
N GLN A 116 -5.52 31.97 -17.13
CA GLN A 116 -6.26 30.70 -17.03
C GLN A 116 -5.39 29.45 -16.69
N ALA A 117 -4.25 29.35 -17.37
CA ALA A 117 -3.34 28.23 -17.16
C ALA A 117 -2.89 28.27 -15.75
N VAL A 118 -2.59 29.47 -15.25
CA VAL A 118 -2.00 29.55 -13.91
C VAL A 118 -3.01 29.26 -12.85
N GLU A 119 -4.23 29.77 -12.96
CA GLU A 119 -5.19 29.41 -11.93
C GLU A 119 -5.68 27.94 -12.01
N SER A 120 -5.97 27.46 -13.22
CA SER A 120 -6.52 26.12 -13.34
C SER A 120 -5.53 24.99 -13.00
N TYR A 121 -4.27 25.15 -13.45
CA TYR A 121 -3.29 24.08 -13.33
C TYR A 121 -2.10 24.37 -12.43
N SER A 122 -2.01 25.59 -11.96
CA SER A 122 -0.94 25.95 -11.03
C SER A 122 0.46 25.47 -11.41
N PRO A 123 0.79 25.41 -12.71
CA PRO A 123 2.12 24.91 -13.13
C PRO A 123 3.30 25.54 -12.38
N PRO A 124 4.53 24.96 -12.46
CA PRO A 124 5.68 25.72 -11.95
C PRO A 124 5.98 26.93 -12.80
N ALA A 125 5.76 26.81 -14.11
CA ALA A 125 6.12 27.81 -15.10
C ALA A 125 5.33 27.58 -16.37
N VAL A 126 5.40 28.54 -17.27
CA VAL A 126 4.52 28.56 -18.39
C VAL A 126 5.26 29.07 -19.54
N PHE A 127 5.08 28.45 -20.71
CA PHE A 127 5.84 28.79 -21.92
C PHE A 127 4.93 29.15 -23.04
N VAL A 128 5.13 30.34 -23.56
CA VAL A 128 4.27 30.85 -24.60
C VAL A 128 5.05 30.84 -25.87
N TYR A 129 4.46 30.18 -26.87
CA TYR A 129 5.08 29.99 -28.18
C TYR A 129 4.45 30.90 -29.22
N ASN A 130 5.30 31.57 -29.99
CA ASN A 130 4.85 32.53 -30.99
C ASN A 130 4.63 31.91 -32.39
N THR A 131 3.82 32.55 -33.20
CA THR A 131 3.31 31.88 -34.37
C THR A 131 3.11 32.93 -35.43
N CYS A 132 3.01 32.48 -36.66
CA CYS A 132 3.09 33.36 -37.80
C CYS A 132 2.11 34.49 -37.73
N VAL A 133 0.82 34.16 -37.60
CA VAL A 133 -0.20 35.20 -37.55
C VAL A 133 0.13 36.27 -36.49
N PRO A 134 0.33 35.86 -35.21
CA PRO A 134 0.66 36.84 -34.17
C PRO A 134 2.00 37.57 -34.35
N ALA A 135 2.99 36.97 -35.00
CA ALA A 135 4.23 37.70 -35.21
C ALA A 135 3.99 38.78 -36.27
N LEU A 136 3.12 38.49 -37.23
CA LEU A 136 2.90 39.40 -38.34
C LEU A 136 2.22 40.68 -37.87
N ILE A 137 1.05 40.55 -37.23
CA ILE A 137 0.30 41.70 -36.75
C ILE A 137 1.02 42.45 -35.60
N GLY A 138 2.26 42.08 -35.36
CA GLY A 138 3.10 42.78 -34.42
C GLY A 138 2.99 42.41 -32.95
N ASP A 139 2.35 41.28 -32.63
CA ASP A 139 2.10 40.92 -31.22
C ASP A 139 3.34 40.89 -30.34
N ASP A 140 3.26 41.63 -29.25
CA ASP A 140 4.37 41.74 -28.33
C ASP A 140 4.33 40.60 -27.31
N VAL A 141 4.90 39.45 -27.67
CA VAL A 141 4.83 38.31 -26.77
C VAL A 141 5.58 38.63 -25.47
N ASP A 142 6.86 38.99 -25.60
CA ASP A 142 7.77 39.24 -24.48
C ASP A 142 7.12 40.07 -23.36
N ALA A 143 6.49 41.18 -23.76
CA ALA A 143 5.97 42.14 -22.80
C ALA A 143 4.69 41.60 -22.13
N VAL A 144 3.83 41.02 -22.95
CA VAL A 144 2.64 40.36 -22.41
C VAL A 144 3.00 39.26 -21.41
N CYS A 145 4.15 38.60 -21.65
CA CYS A 145 4.60 37.50 -20.82
C CYS A 145 5.04 38.07 -19.51
N LYS A 146 5.87 39.09 -19.56
CA LYS A 146 6.43 39.68 -18.38
C LYS A 146 5.33 40.27 -17.54
N ALA A 147 4.36 40.91 -18.16
CA ALA A 147 3.21 41.44 -17.39
C ALA A 147 2.53 40.33 -16.60
N ALA A 148 2.29 39.21 -17.28
CA ALA A 148 1.64 38.03 -16.72
C ALA A 148 2.47 37.38 -15.59
N ALA A 149 3.79 37.27 -15.78
CA ALA A 149 4.65 36.86 -14.71
C ALA A 149 4.30 37.65 -13.43
N GLU A 150 4.59 38.94 -13.46
CA GLU A 150 4.33 39.82 -12.32
C GLU A 150 2.91 39.78 -11.72
N ARG A 151 1.87 39.91 -12.54
CA ARG A 151 0.52 39.99 -11.97
C ARG A 151 0.12 38.71 -11.23
N PHE A 152 0.67 37.59 -11.69
CA PHE A 152 0.15 36.28 -11.31
C PHE A 152 1.17 35.43 -10.59
N GLY A 153 2.45 35.72 -10.82
CA GLY A 153 3.49 35.18 -9.98
C GLY A 153 4.06 33.85 -10.41
N THR A 154 3.79 33.49 -11.66
CA THR A 154 4.32 32.26 -12.23
C THR A 154 5.27 32.61 -13.38
N PRO A 155 6.49 32.07 -13.37
CA PRO A 155 7.44 32.47 -14.43
C PRO A 155 6.85 32.14 -15.77
N VAL A 156 6.74 33.13 -16.66
CA VAL A 156 6.26 32.90 -18.01
C VAL A 156 7.40 33.15 -18.99
N ILE A 157 7.74 32.16 -19.79
CA ILE A 157 8.92 32.28 -20.64
C ILE A 157 8.45 32.44 -22.06
N PRO A 158 8.99 33.42 -22.78
CA PRO A 158 8.43 33.63 -24.12
C PRO A 158 9.32 32.97 -25.16
N VAL A 159 8.75 32.13 -26.03
CA VAL A 159 9.52 31.50 -27.09
C VAL A 159 9.05 32.10 -28.40
N ASP A 160 9.89 32.94 -28.97
CA ASP A 160 9.52 33.67 -30.16
C ASP A 160 10.07 32.92 -31.34
N SER A 161 9.23 32.07 -31.93
CA SER A 161 9.67 31.35 -33.13
C SER A 161 8.52 30.94 -34.01
N ALA A 162 7.70 31.91 -34.41
CA ALA A 162 6.68 31.69 -35.42
C ALA A 162 7.28 30.94 -36.60
N GLY A 163 6.43 30.16 -37.28
CA GLY A 163 6.85 29.25 -38.33
C GLY A 163 7.67 29.89 -39.41
N PHE A 164 7.18 31.01 -39.90
CA PHE A 164 7.83 31.61 -41.07
C PHE A 164 9.27 32.11 -40.88
N TYR A 165 9.81 32.06 -39.66
CA TYR A 165 11.21 32.46 -39.49
C TYR A 165 12.10 31.50 -40.25
N GLY A 166 11.74 30.23 -40.28
CA GLY A 166 12.56 29.23 -40.90
C GLY A 166 12.15 27.82 -40.62
N THR A 167 13.15 26.95 -40.46
CA THR A 167 12.91 25.51 -40.28
C THR A 167 12.75 25.11 -38.82
N LYS A 168 12.53 23.82 -38.61
CA LYS A 168 12.55 23.22 -37.28
C LYS A 168 13.87 23.50 -36.56
N ASN A 169 15.01 23.22 -37.22
CA ASN A 169 16.32 23.48 -36.64
C ASN A 169 16.36 24.89 -36.05
N LEU A 170 16.00 25.87 -36.87
CA LEU A 170 15.92 27.25 -36.41
C LEU A 170 15.10 27.35 -35.12
N GLY A 171 13.94 26.67 -35.09
CA GLY A 171 13.11 26.66 -33.91
C GLY A 171 13.78 25.94 -32.74
N ASN A 172 14.63 24.99 -33.06
CA ASN A 172 15.37 24.33 -32.02
C ASN A 172 16.34 25.31 -31.40
N ARG A 173 17.00 26.09 -32.23
CA ARG A 173 17.99 27.07 -31.77
C ARG A 173 17.30 28.18 -31.00
N ILE A 174 16.17 28.64 -31.51
CA ILE A 174 15.41 29.64 -30.78
C ILE A 174 14.91 29.09 -29.46
N ALA A 175 14.79 27.78 -29.33
CA ALA A 175 14.40 27.20 -28.05
C ALA A 175 15.57 27.27 -27.05
N GLY A 176 16.78 27.00 -27.54
CA GLY A 176 17.94 27.19 -26.68
C GLY A 176 18.10 28.63 -26.19
N GLU A 177 18.13 29.58 -27.13
CA GLU A 177 18.23 30.97 -26.75
C GLU A 177 17.31 31.25 -25.58
N ALA A 178 16.02 30.94 -25.69
CA ALA A 178 15.06 31.27 -24.63
C ALA A 178 15.44 30.65 -23.28
N MET A 179 16.01 29.45 -23.31
CA MET A 179 16.54 28.89 -22.08
C MET A 179 17.76 29.65 -21.52
N LEU A 180 18.18 30.76 -22.16
CA LEU A 180 19.14 31.70 -21.53
C LEU A 180 18.50 32.51 -20.39
N LYS A 181 17.26 32.94 -20.60
CA LYS A 181 16.52 33.69 -19.60
C LYS A 181 15.82 32.74 -18.62
N TYR A 182 16.29 31.51 -18.58
CA TYR A 182 15.76 30.55 -17.64
C TYR A 182 16.81 29.59 -17.06
N VAL A 183 17.72 29.14 -17.90
CA VAL A 183 18.89 28.40 -17.42
C VAL A 183 19.63 29.26 -16.46
N ILE A 184 19.87 30.53 -16.83
CA ILE A 184 20.65 31.40 -15.96
C ILE A 184 20.30 30.93 -14.56
N GLY A 185 21.29 30.40 -13.84
CA GLY A 185 21.04 29.92 -12.52
C GLY A 185 19.99 30.83 -11.97
N THR A 186 18.74 30.54 -12.28
CA THR A 186 17.65 31.26 -11.66
C THR A 186 17.43 30.45 -10.42
N ARG A 187 18.23 29.39 -10.31
CA ARG A 187 18.17 28.49 -9.16
C ARG A 187 19.40 27.59 -9.11
N GLU A 188 19.85 27.33 -7.89
CA GLU A 188 21.04 26.55 -7.61
C GLU A 188 20.73 25.07 -7.48
N PRO A 189 21.70 24.23 -7.84
CA PRO A 189 21.55 22.78 -7.73
C PRO A 189 21.05 22.34 -6.36
N ASP A 190 19.98 21.55 -6.33
CA ASP A 190 19.60 20.83 -5.11
C ASP A 190 20.85 20.24 -4.49
N PRO A 191 20.76 19.97 -3.18
CA PRO A 191 21.72 19.19 -2.39
C PRO A 191 21.50 17.72 -2.70
N LEU A 192 22.53 16.95 -3.08
CA LEU A 192 22.25 15.55 -3.36
C LEU A 192 21.50 14.89 -2.21
N PRO A 193 20.56 14.01 -2.54
CA PRO A 193 19.63 13.34 -1.63
C PRO A 193 20.35 12.55 -0.56
N VAL A 194 19.73 12.40 0.59
CA VAL A 194 20.37 11.74 1.72
C VAL A 194 20.69 10.26 1.42
N GLY A 195 20.34 9.80 0.23
CA GLY A 195 20.72 8.46 -0.22
C GLY A 195 22.22 8.23 -0.03
N SER A 196 23.03 8.84 -0.90
CA SER A 196 24.46 8.99 -0.66
C SER A 196 25.37 7.81 -1.02
N GLU A 197 25.58 7.57 -2.31
CA GLU A 197 26.52 6.51 -2.73
C GLU A 197 27.92 6.76 -2.13
N ARG A 198 28.39 5.80 -1.35
CA ARG A 198 29.68 5.88 -0.64
C ARG A 198 30.85 6.15 -1.60
N PRO A 199 32.05 5.55 -1.36
CA PRO A 199 33.33 5.66 -2.09
C PRO A 199 33.41 6.26 -3.51
N GLY A 200 32.29 6.71 -4.04
CA GLY A 200 32.24 7.36 -5.33
C GLY A 200 32.21 8.85 -5.11
N ILE A 201 32.78 9.61 -6.04
CA ILE A 201 32.63 11.05 -6.00
C ILE A 201 31.27 11.37 -6.61
N ARG A 202 30.22 10.97 -5.89
CA ARG A 202 28.81 11.11 -6.28
C ARG A 202 28.58 12.52 -6.67
N VAL A 203 29.57 13.34 -6.37
CA VAL A 203 29.54 14.75 -6.64
C VAL A 203 30.11 15.03 -8.02
N HIS A 204 29.69 14.29 -9.04
CA HIS A 204 29.97 14.75 -10.42
C HIS A 204 28.73 15.11 -11.19
N ASP A 205 28.47 16.42 -11.30
CA ASP A 205 27.30 16.92 -12.00
C ASP A 205 27.57 17.13 -13.51
N VAL A 206 26.56 16.83 -14.34
CA VAL A 206 26.67 16.85 -15.79
C VAL A 206 25.33 17.28 -16.36
N ASN A 207 25.28 17.65 -17.64
CA ASN A 207 24.01 17.74 -18.39
C ASN A 207 23.99 17.01 -19.71
N LEU A 208 22.82 16.52 -20.11
CA LEU A 208 22.62 15.92 -21.42
C LEU A 208 21.80 16.90 -22.22
N ILE A 209 22.39 17.53 -23.23
CA ILE A 209 21.65 18.49 -24.03
C ILE A 209 21.18 17.83 -25.33
N GLY A 210 19.86 17.68 -25.47
CA GLY A 210 19.30 17.19 -26.72
C GLY A 210 18.86 15.75 -26.62
N GLU A 211 18.93 15.14 -25.44
CA GLU A 211 18.39 13.81 -25.21
C GLU A 211 16.92 13.98 -24.84
N TYR A 212 16.03 13.40 -25.63
CA TYR A 212 14.60 13.64 -25.46
C TYR A 212 13.79 12.49 -24.83
N ASN A 213 14.48 11.53 -24.23
CA ASN A 213 13.85 10.38 -23.60
C ASN A 213 12.67 9.85 -24.40
N ILE A 214 12.94 9.71 -25.67
CA ILE A 214 11.87 9.37 -26.57
C ILE A 214 11.68 7.86 -26.57
N ALA A 215 10.42 7.45 -26.44
CA ALA A 215 10.09 6.03 -26.17
C ALA A 215 10.66 5.58 -24.83
N GLY A 216 10.93 6.55 -23.97
CA GLY A 216 11.58 6.25 -22.71
C GLY A 216 12.98 5.69 -22.88
N GLU A 217 13.51 5.66 -24.09
CA GLU A 217 14.89 5.17 -24.28
C GLU A 217 15.95 5.61 -23.27
N PHE A 218 15.85 6.84 -22.77
CA PHE A 218 16.84 7.33 -21.80
C PHE A 218 16.91 6.51 -20.48
N TRP A 219 15.76 6.00 -20.02
CA TRP A 219 15.72 4.97 -18.96
C TRP A 219 16.74 3.85 -19.17
N HIS A 220 17.31 3.74 -20.37
CA HIS A 220 18.36 2.74 -20.63
C HIS A 220 19.76 3.23 -20.30
N VAL A 221 19.97 4.52 -20.50
CA VAL A 221 21.25 5.16 -20.19
C VAL A 221 21.39 5.63 -18.73
N LEU A 222 20.30 6.07 -18.12
CA LEU A 222 20.40 6.75 -16.85
C LEU A 222 21.07 5.87 -15.81
N PRO A 223 20.65 4.61 -15.74
CA PRO A 223 21.25 3.69 -14.77
C PRO A 223 22.76 3.56 -14.97
N LEU A 224 23.25 3.64 -16.20
CA LEU A 224 24.70 3.64 -16.40
C LEU A 224 25.30 4.87 -15.72
N LEU A 225 24.80 6.05 -16.05
CA LEU A 225 25.28 7.27 -15.41
C LEU A 225 25.24 7.19 -13.87
N ASP A 226 24.08 6.85 -13.30
CA ASP A 226 23.95 6.65 -11.85
C ASP A 226 25.06 5.76 -11.29
N GLU A 227 25.32 4.63 -11.96
CA GLU A 227 26.38 3.71 -11.50
C GLU A 227 27.73 4.43 -11.40
N LEU A 228 28.06 5.24 -12.39
CA LEU A 228 29.37 5.89 -12.45
C LEU A 228 29.40 7.04 -11.47
N GLY A 229 28.27 7.30 -10.85
CA GLY A 229 28.16 8.44 -9.96
C GLY A 229 28.19 9.80 -10.65
N LEU A 230 27.63 9.86 -11.87
CA LEU A 230 27.33 11.12 -12.55
C LEU A 230 25.85 11.55 -12.38
N ARG A 231 25.65 12.59 -11.60
CA ARG A 231 24.37 13.19 -11.40
C ARG A 231 24.02 14.03 -12.59
N VAL A 232 22.86 13.80 -13.19
CA VAL A 232 22.44 14.65 -14.29
C VAL A 232 21.59 15.78 -13.78
N LEU A 233 22.05 17.00 -13.95
CA LEU A 233 21.34 18.12 -13.42
C LEU A 233 20.12 18.23 -14.28
N CYS A 234 20.29 18.08 -15.57
CA CYS A 234 19.14 18.19 -16.43
C CYS A 234 19.38 17.46 -17.76
N THR A 235 18.42 16.66 -18.19
CA THR A 235 18.45 16.06 -19.51
C THR A 235 17.66 16.99 -20.36
N LEU A 236 18.34 17.81 -21.16
CA LEU A 236 17.65 18.95 -21.75
C LEU A 236 16.53 18.46 -22.64
N ALA A 237 15.36 18.34 -22.01
CA ALA A 237 14.10 18.03 -22.64
C ALA A 237 13.90 16.53 -22.78
N GLY A 238 14.02 15.85 -21.66
CA GLY A 238 13.97 14.40 -21.62
C GLY A 238 13.65 14.09 -20.19
N ASP A 239 12.35 13.89 -19.96
CA ASP A 239 11.83 13.63 -18.62
C ASP A 239 12.18 14.78 -17.72
N ALA A 240 12.32 15.96 -18.30
CA ALA A 240 12.85 17.08 -17.58
C ALA A 240 11.76 17.89 -16.88
N ARG A 241 12.11 18.57 -15.79
CA ARG A 241 11.13 19.42 -15.13
C ARG A 241 11.68 20.83 -15.17
N TYR A 242 10.80 21.80 -15.00
CA TYR A 242 11.28 23.16 -14.97
C TYR A 242 12.42 23.35 -13.98
N ARG A 243 12.23 22.94 -12.74
CA ARG A 243 13.22 23.29 -11.72
C ARG A 243 14.56 22.62 -11.99
N GLU A 244 14.65 21.82 -13.03
CA GLU A 244 15.88 21.10 -13.30
C GLU A 244 16.66 21.98 -14.22
N VAL A 245 15.96 22.75 -15.03
CA VAL A 245 16.66 23.49 -16.02
C VAL A 245 17.37 24.63 -15.35
N GLN A 246 16.64 25.36 -14.52
CA GLN A 246 17.24 26.42 -13.67
C GLN A 246 18.68 26.16 -13.26
N THR A 247 19.00 24.93 -12.88
CA THR A 247 20.27 24.66 -12.22
C THR A 247 21.39 24.21 -13.16
N MET A 248 21.30 24.59 -14.42
CA MET A 248 22.13 23.96 -15.44
C MET A 248 23.57 24.47 -15.49
N HIS A 249 23.81 25.66 -14.95
CA HIS A 249 25.11 26.34 -15.05
C HIS A 249 26.17 25.75 -14.15
N ARG A 250 25.74 24.90 -13.21
CA ARG A 250 26.65 24.34 -12.22
C ARG A 250 27.16 22.97 -12.61
N ALA A 251 26.63 22.47 -13.72
CA ALA A 251 27.16 21.27 -14.35
C ALA A 251 28.67 21.40 -14.43
N GLU A 252 29.34 20.27 -14.46
CA GLU A 252 30.77 20.27 -14.55
C GLU A 252 31.17 19.98 -15.98
N VAL A 253 30.41 19.12 -16.66
CA VAL A 253 30.61 18.81 -18.08
C VAL A 253 29.29 18.71 -18.83
N ASN A 254 29.14 19.50 -19.89
CA ASN A 254 27.98 19.42 -20.77
C ASN A 254 28.24 18.48 -21.91
N MET A 255 27.19 17.86 -22.42
CA MET A 255 27.34 16.88 -23.49
C MET A 255 26.26 17.03 -24.54
N MET A 256 26.69 17.32 -25.78
CA MET A 256 25.78 17.45 -26.91
C MET A 256 25.38 16.09 -27.45
N VAL A 257 24.12 15.72 -27.20
CA VAL A 257 23.59 14.42 -27.61
C VAL A 257 23.06 14.53 -29.02
N CYS A 258 23.88 14.15 -29.99
CA CYS A 258 23.51 14.24 -31.39
C CYS A 258 23.27 15.69 -31.81
N SER A 259 22.17 16.25 -31.32
CA SER A 259 21.72 17.59 -31.71
C SER A 259 22.88 18.56 -31.84
N LYS A 260 23.07 19.07 -33.05
CA LYS A 260 24.03 20.13 -33.25
C LYS A 260 23.25 21.39 -33.45
N ALA A 261 21.95 21.24 -33.63
CA ALA A 261 21.09 22.41 -33.75
C ALA A 261 21.21 23.29 -32.51
N MET A 262 21.70 22.69 -31.42
CA MET A 262 21.83 23.40 -30.16
C MET A 262 23.27 23.57 -29.67
N LEU A 263 24.23 23.38 -30.58
CA LEU A 263 25.62 23.69 -30.28
C LEU A 263 25.67 25.04 -29.57
N ASN A 264 24.75 25.93 -29.94
CA ASN A 264 24.66 27.26 -29.35
C ASN A 264 24.44 27.30 -27.83
N VAL A 265 23.86 26.26 -27.23
CA VAL A 265 23.77 26.27 -25.75
C VAL A 265 25.05 25.74 -25.12
N ALA A 266 25.53 24.59 -25.58
CA ALA A 266 26.82 24.07 -25.09
C ALA A 266 27.90 25.16 -25.09
N ARG A 267 27.97 25.94 -26.16
CA ARG A 267 28.92 27.03 -26.28
C ARG A 267 28.64 28.22 -25.40
N LYS A 268 27.38 28.65 -25.34
CA LYS A 268 27.06 29.79 -24.49
C LYS A 268 27.21 29.46 -23.02
N LEU A 269 26.89 28.20 -22.65
CA LEU A 269 27.13 27.74 -21.28
C LEU A 269 28.65 27.70 -21.00
N GLN A 270 29.40 27.17 -21.97
CA GLN A 270 30.85 27.09 -21.84
C GLN A 270 31.44 28.49 -21.69
N GLU A 271 31.01 29.43 -22.53
CA GLU A 271 31.60 30.75 -22.46
C GLU A 271 31.17 31.56 -21.23
N THR A 272 29.93 31.34 -20.76
CA THR A 272 29.40 32.10 -19.64
C THR A 272 29.67 31.52 -18.25
N TYR A 273 29.79 30.19 -18.14
CA TYR A 273 30.14 29.61 -16.85
C TYR A 273 31.40 28.75 -16.89
N GLY A 274 32.04 28.66 -18.05
CA GLY A 274 33.32 27.95 -18.19
C GLY A 274 33.21 26.44 -18.37
N THR A 275 31.97 25.97 -18.52
CA THR A 275 31.64 24.55 -18.52
C THR A 275 32.00 23.87 -19.84
N PRO A 276 32.94 22.90 -19.81
CA PRO A 276 33.45 22.25 -21.03
C PRO A 276 32.43 21.30 -21.67
N TRP A 277 32.59 20.90 -22.92
CA TRP A 277 31.60 20.02 -23.51
C TRP A 277 32.17 19.06 -24.56
N PHE A 278 31.34 18.11 -25.01
CA PHE A 278 31.71 17.19 -26.09
C PHE A 278 30.46 16.76 -26.87
N GLU A 279 30.64 16.02 -27.95
CA GLU A 279 29.48 15.45 -28.65
C GLU A 279 29.57 13.95 -28.75
N GLY A 280 28.46 13.28 -28.54
CA GLY A 280 28.43 11.85 -28.65
C GLY A 280 26.98 11.48 -28.85
N SER A 281 26.75 10.19 -29.05
CA SER A 281 25.41 9.68 -29.20
C SER A 281 25.32 8.50 -28.26
N PHE A 282 24.09 8.15 -27.89
CA PHE A 282 23.87 6.93 -27.11
C PHE A 282 23.28 5.80 -27.97
N TYR A 283 23.55 5.85 -29.27
CA TYR A 283 23.17 4.76 -30.16
C TYR A 283 24.37 3.90 -30.57
N GLY A 284 24.32 2.61 -30.26
CA GLY A 284 25.40 1.70 -30.59
C GLY A 284 26.34 1.41 -29.44
N ILE A 285 27.07 0.30 -29.51
CA ILE A 285 28.03 -0.06 -28.45
C ILE A 285 29.19 0.91 -28.46
N THR A 286 29.70 1.24 -29.63
CA THR A 286 30.83 2.17 -29.74
C THR A 286 30.58 3.54 -29.11
N ASP A 287 29.57 4.26 -29.60
CA ASP A 287 29.27 5.62 -29.10
C ASP A 287 28.95 5.66 -27.61
N THR A 288 28.11 4.71 -27.15
CA THR A 288 27.77 4.67 -25.75
C THR A 288 29.07 4.59 -24.97
N SER A 289 29.92 3.61 -25.29
CA SER A 289 31.22 3.46 -24.64
C SER A 289 32.11 4.71 -24.78
N GLN A 290 32.03 5.35 -25.94
CA GLN A 290 32.82 6.55 -26.15
C GLN A 290 32.24 7.76 -25.42
N ALA A 291 30.93 7.94 -25.47
CA ALA A 291 30.29 9.00 -24.68
C ALA A 291 30.68 8.87 -23.20
N LEU A 292 30.61 7.67 -22.66
CA LEU A 292 30.99 7.48 -21.27
C LEU A 292 32.46 7.75 -21.09
N ARG A 293 33.27 7.36 -22.08
CA ARG A 293 34.72 7.54 -21.96
C ARG A 293 35.09 9.00 -21.83
N ASP A 294 34.57 9.85 -22.70
CA ASP A 294 35.00 11.23 -22.63
C ASP A 294 34.24 12.05 -21.60
N PHE A 295 33.29 11.42 -20.93
CA PHE A 295 32.79 11.97 -19.68
C PHE A 295 33.92 11.83 -18.70
N ALA A 296 34.49 10.64 -18.69
CA ALA A 296 35.56 10.31 -17.75
C ALA A 296 36.76 11.24 -17.85
N ARG A 297 37.20 11.57 -19.05
CA ARG A 297 38.43 12.35 -19.17
C ARG A 297 38.23 13.86 -19.19
N LEU A 298 36.97 14.30 -19.30
CA LEU A 298 36.64 15.72 -19.30
C LEU A 298 36.56 16.30 -17.87
N LEU A 299 35.77 15.65 -17.02
CA LEU A 299 35.77 15.94 -15.59
C LEU A 299 36.68 14.90 -15.02
N ASP A 300 37.76 15.31 -14.40
CA ASP A 300 38.95 14.45 -14.35
C ASP A 300 39.17 13.77 -13.01
N ASP A 301 39.09 12.44 -13.03
CA ASP A 301 39.18 11.63 -11.81
C ASP A 301 39.74 10.28 -12.20
N PRO A 302 40.65 9.73 -11.39
CA PRO A 302 41.18 8.42 -11.75
C PRO A 302 40.28 7.31 -11.21
N ASP A 303 39.49 7.63 -10.22
CA ASP A 303 38.52 6.66 -9.72
C ASP A 303 37.34 6.55 -10.68
N LEU A 304 36.80 7.67 -11.12
CA LEU A 304 35.78 7.62 -12.14
C LEU A 304 36.30 6.86 -13.35
N THR A 305 37.54 7.14 -13.72
CA THR A 305 38.12 6.59 -14.93
C THR A 305 38.25 5.08 -14.87
N ALA A 306 38.85 4.58 -13.79
CA ALA A 306 38.97 3.15 -13.58
C ALA A 306 37.59 2.50 -13.55
N ARG A 307 36.64 3.15 -12.88
CA ARG A 307 35.27 2.60 -12.83
C ARG A 307 34.57 2.62 -14.20
N THR A 308 34.80 3.67 -14.98
CA THR A 308 34.15 3.67 -16.27
C THR A 308 34.66 2.54 -17.16
N GLU A 309 35.92 2.15 -17.02
CA GLU A 309 36.42 1.05 -17.85
C GLU A 309 35.73 -0.22 -17.42
N ALA A 310 35.58 -0.34 -16.11
CA ALA A 310 34.93 -1.48 -15.50
C ALA A 310 33.51 -1.61 -16.05
N LEU A 311 32.79 -0.50 -16.06
CA LEU A 311 31.43 -0.53 -16.53
C LEU A 311 31.41 -0.99 -17.98
N ILE A 312 32.02 -0.20 -18.87
CA ILE A 312 32.12 -0.58 -20.27
C ILE A 312 32.57 -2.05 -20.36
N ALA A 313 33.55 -2.46 -19.57
CA ALA A 313 33.97 -3.85 -19.56
C ALA A 313 32.73 -4.72 -19.47
N ARG A 314 32.00 -4.58 -18.38
CA ARG A 314 30.83 -5.41 -18.10
C ARG A 314 29.82 -5.31 -19.22
N GLU A 315 29.47 -4.10 -19.63
CA GLU A 315 28.38 -3.99 -20.58
C GLU A 315 28.66 -4.53 -21.98
N GLU A 316 29.82 -4.18 -22.55
CA GLU A 316 30.23 -4.76 -23.83
C GLU A 316 30.15 -6.29 -23.76
N ALA A 317 30.73 -6.86 -22.71
CA ALA A 317 30.62 -8.30 -22.47
C ALA A 317 29.19 -8.75 -22.57
N LYS A 318 28.32 -8.11 -21.80
CA LYS A 318 26.90 -8.44 -21.80
C LYS A 318 26.30 -8.33 -23.19
N VAL A 319 26.38 -7.15 -23.81
CA VAL A 319 25.63 -6.91 -25.02
C VAL A 319 26.13 -7.73 -26.19
N ARG A 320 27.45 -7.73 -26.37
CA ARG A 320 28.06 -8.52 -27.42
C ARG A 320 27.58 -9.98 -27.37
N ALA A 321 27.62 -10.57 -26.17
CA ALA A 321 27.09 -11.90 -25.94
C ALA A 321 25.62 -12.05 -26.34
N ALA A 322 24.80 -11.04 -26.05
CA ALA A 322 23.38 -11.15 -26.34
C ALA A 322 23.06 -10.86 -27.77
N LEU A 323 24.07 -10.54 -28.56
CA LEU A 323 23.82 -10.14 -29.93
C LEU A 323 24.32 -11.15 -30.96
N GLU A 324 25.24 -12.00 -30.54
CA GLU A 324 25.81 -13.01 -31.41
C GLU A 324 24.75 -13.88 -32.10
N PRO A 325 23.75 -14.35 -31.35
CA PRO A 325 22.75 -15.21 -31.97
C PRO A 325 22.00 -14.52 -33.10
N TRP A 326 22.01 -13.19 -33.11
CA TRP A 326 21.25 -12.44 -34.09
C TRP A 326 22.10 -12.09 -35.31
N ARG A 327 23.42 -12.20 -35.17
CA ARG A 327 24.35 -11.75 -36.21
C ARG A 327 24.13 -12.47 -37.54
N ALA A 328 23.82 -13.75 -37.48
CA ALA A 328 23.57 -14.50 -38.71
C ALA A 328 22.41 -13.90 -39.48
N ARG A 329 21.38 -13.50 -38.75
CA ARG A 329 20.10 -13.14 -39.36
C ARG A 329 20.09 -11.77 -40.07
N LEU A 330 20.80 -10.79 -39.50
CA LEU A 330 20.84 -9.45 -40.07
C LEU A 330 22.10 -9.20 -40.87
N GLU A 331 23.15 -9.94 -40.54
CA GLU A 331 24.46 -9.76 -41.16
C GLU A 331 24.44 -9.77 -42.69
N GLY A 332 24.93 -8.69 -43.28
CA GLY A 332 25.09 -8.63 -44.73
C GLY A 332 23.89 -8.09 -45.46
N LYS A 333 22.93 -7.56 -44.71
CA LYS A 333 21.77 -6.94 -45.31
C LYS A 333 22.12 -5.49 -45.64
N ARG A 334 21.61 -4.98 -46.75
CA ARG A 334 21.96 -3.65 -47.22
C ARG A 334 20.90 -2.64 -46.79
N VAL A 335 21.31 -1.56 -46.15
CA VAL A 335 20.34 -0.56 -45.72
C VAL A 335 20.57 0.75 -46.45
N LEU A 336 19.53 1.25 -47.11
CA LEU A 336 19.56 2.61 -47.62
C LEU A 336 19.27 3.53 -46.46
N LEU A 337 19.99 4.64 -46.36
CA LEU A 337 19.80 5.57 -45.26
C LEU A 337 19.57 7.00 -45.73
N TYR A 338 18.49 7.60 -45.24
CA TYR A 338 18.08 8.92 -45.67
C TYR A 338 17.91 9.81 -44.45
N THR A 339 18.41 11.04 -44.55
CA THR A 339 18.38 11.98 -43.44
C THR A 339 17.25 12.96 -43.69
N GLY A 340 16.46 13.23 -42.66
CA GLY A 340 15.30 14.09 -42.82
C GLY A 340 15.15 15.07 -41.68
N GLY A 341 16.27 15.48 -41.10
CA GLY A 341 16.27 16.28 -39.88
C GLY A 341 16.47 15.35 -38.70
N VAL A 342 16.18 14.08 -38.97
CA VAL A 342 16.41 13.01 -38.01
C VAL A 342 17.91 12.90 -37.75
N LYS A 343 18.28 12.87 -36.46
CA LYS A 343 19.67 12.63 -36.06
C LYS A 343 20.06 11.21 -36.47
N SER A 344 20.29 11.00 -37.77
CA SER A 344 20.37 9.65 -38.32
C SER A 344 21.79 9.05 -38.49
N TRP A 345 22.84 9.87 -38.39
CA TRP A 345 24.19 9.29 -38.44
C TRP A 345 24.44 8.49 -37.16
N SER A 346 23.64 8.76 -36.13
CA SER A 346 23.76 8.03 -34.89
C SER A 346 23.44 6.56 -35.11
N VAL A 347 22.25 6.28 -35.63
CA VAL A 347 21.86 4.90 -35.89
C VAL A 347 22.90 4.16 -36.74
N VAL A 348 23.49 4.85 -37.73
CA VAL A 348 24.53 4.25 -38.56
C VAL A 348 25.66 3.66 -37.73
N SER A 349 26.13 4.40 -36.73
CA SER A 349 27.15 3.90 -35.81
C SER A 349 26.74 2.52 -35.34
N ALA A 350 25.46 2.38 -34.99
CA ALA A 350 24.91 1.12 -34.52
C ALA A 350 25.04 0.01 -35.54
N LEU A 351 24.12 -0.02 -36.49
CA LEU A 351 24.10 -1.10 -37.47
C LEU A 351 25.43 -1.27 -38.21
N GLN A 352 26.24 -0.21 -38.21
CA GLN A 352 27.58 -0.27 -38.79
C GLN A 352 28.36 -1.41 -38.15
N ASP A 353 28.45 -1.38 -36.83
CA ASP A 353 29.25 -2.38 -36.12
C ASP A 353 28.70 -3.79 -36.28
N LEU A 354 27.38 -3.92 -36.33
CA LEU A 354 26.74 -5.22 -36.43
C LEU A 354 27.17 -5.92 -37.71
N GLY A 355 27.28 -5.15 -38.79
CA GLY A 355 27.82 -5.68 -40.02
C GLY A 355 26.99 -5.45 -41.26
N MET A 356 26.06 -4.52 -41.17
CA MET A 356 25.23 -4.26 -42.32
C MET A 356 25.85 -3.18 -43.19
N LYS A 357 25.91 -3.39 -44.49
CA LYS A 357 26.44 -2.37 -45.39
C LYS A 357 25.46 -1.22 -45.52
N VAL A 358 25.97 -0.03 -45.23
CA VAL A 358 25.13 1.17 -45.15
C VAL A 358 25.41 2.13 -46.31
N VAL A 359 24.35 2.65 -46.89
CA VAL A 359 24.45 3.63 -47.97
C VAL A 359 23.59 4.83 -47.59
N ALA A 360 24.20 5.97 -47.26
CA ALA A 360 23.47 7.16 -46.80
C ALA A 360 23.35 8.23 -47.90
N THR A 361 22.41 9.16 -47.72
CA THR A 361 22.21 10.26 -48.68
C THR A 361 21.41 11.43 -48.11
N GLY A 362 21.84 12.64 -48.44
CA GLY A 362 21.16 13.87 -48.02
C GLY A 362 20.63 14.61 -49.23
N THR A 363 19.84 15.66 -49.02
CA THR A 363 19.00 16.16 -50.09
C THR A 363 19.13 17.66 -50.44
N LYS A 364 20.35 18.15 -50.65
CA LYS A 364 20.53 19.56 -51.02
C LYS A 364 20.05 20.53 -49.94
N LYS A 365 18.94 20.17 -49.28
CA LYS A 365 18.38 20.95 -48.20
C LYS A 365 18.83 20.33 -46.88
N SER A 366 19.96 19.61 -46.92
CA SER A 366 20.53 18.98 -45.74
C SER A 366 21.45 19.97 -45.06
N THR A 367 21.68 19.76 -43.78
CA THR A 367 22.73 20.49 -43.10
C THR A 367 24.05 20.21 -43.80
N GLU A 368 25.07 21.01 -43.50
CA GLU A 368 26.42 20.67 -43.89
C GLU A 368 26.89 19.45 -43.09
N GLU A 369 26.31 19.25 -41.91
CA GLU A 369 26.57 18.06 -41.09
C GLU A 369 26.37 16.79 -41.90
N ASP A 370 25.12 16.58 -42.33
CA ASP A 370 24.75 15.40 -43.12
C ASP A 370 25.75 15.19 -44.26
N LYS A 371 25.81 16.16 -45.17
CA LYS A 371 26.65 16.05 -46.36
C LYS A 371 28.13 15.73 -46.06
N ALA A 372 28.67 16.29 -44.98
CA ALA A 372 30.07 16.06 -44.59
C ALA A 372 30.23 14.66 -44.05
N ARG A 373 29.20 14.14 -43.42
CA ARG A 373 29.19 12.78 -42.91
C ARG A 373 28.86 11.81 -44.04
N ILE A 374 27.88 12.14 -44.86
CA ILE A 374 27.55 11.32 -46.03
C ILE A 374 28.83 11.14 -46.85
N ARG A 375 29.65 12.19 -46.86
CA ARG A 375 30.93 12.21 -47.57
C ARG A 375 31.86 11.13 -47.04
N GLU A 376 32.20 11.22 -45.76
CA GLU A 376 33.08 10.24 -45.12
C GLU A 376 32.60 8.81 -45.36
N LEU A 377 31.34 8.55 -45.05
CA LEU A 377 30.76 7.23 -45.21
C LEU A 377 31.03 6.68 -46.59
N MET A 378 30.58 7.40 -47.62
CA MET A 378 30.71 6.89 -48.99
C MET A 378 30.63 7.94 -50.09
N GLY A 379 31.63 7.91 -50.97
CA GLY A 379 31.62 8.68 -52.19
C GLY A 379 31.75 10.18 -52.02
N ASP A 380 32.74 10.76 -52.68
CA ASP A 380 32.91 12.21 -52.68
C ASP A 380 32.13 12.77 -53.87
N ASP A 381 30.81 12.59 -53.83
CA ASP A 381 29.95 13.06 -54.90
C ASP A 381 28.49 13.33 -54.47
N VAL A 382 27.68 12.28 -54.41
CA VAL A 382 26.24 12.48 -54.28
C VAL A 382 25.78 12.74 -52.86
N LYS A 383 25.01 13.81 -52.74
CA LYS A 383 24.22 14.17 -51.56
C LYS A 383 23.24 15.13 -52.18
N MET A 384 23.33 15.19 -53.50
CA MET A 384 22.36 15.87 -54.33
C MET A 384 21.46 14.76 -54.85
N LEU A 385 20.58 14.28 -53.99
CA LEU A 385 19.55 13.34 -54.42
C LEU A 385 18.35 14.16 -54.87
N ASP A 386 18.54 15.47 -54.91
CA ASP A 386 17.52 16.41 -55.34
C ASP A 386 16.37 16.46 -54.35
N GLU A 387 15.34 17.24 -54.67
CA GLU A 387 14.19 17.39 -53.78
C GLU A 387 13.18 16.26 -54.04
N GLY A 388 13.58 15.33 -54.90
CA GLY A 388 12.72 14.23 -55.29
C GLY A 388 12.31 13.34 -54.14
N ASN A 389 11.00 13.17 -54.00
CA ASN A 389 10.43 12.28 -53.01
C ASN A 389 10.85 10.84 -53.29
N ALA A 390 9.86 9.97 -53.31
CA ALA A 390 10.08 8.56 -53.61
C ALA A 390 10.75 8.41 -54.96
N ARG A 391 10.58 9.41 -55.81
CA ARG A 391 11.06 9.30 -57.17
C ARG A 391 12.53 8.92 -57.14
N VAL A 392 13.35 9.86 -56.69
CA VAL A 392 14.75 9.58 -56.46
C VAL A 392 14.86 8.43 -55.47
N LEU A 393 14.15 8.57 -54.34
CA LEU A 393 14.36 7.71 -53.17
C LEU A 393 14.12 6.25 -53.49
N LEU A 394 12.90 5.95 -53.90
CA LEU A 394 12.53 4.60 -54.26
C LEU A 394 13.52 3.97 -55.24
N LYS A 395 13.70 4.59 -56.39
CA LYS A 395 14.61 4.07 -57.38
C LYS A 395 16.04 3.99 -56.85
N THR A 396 16.38 4.88 -55.91
CA THR A 396 17.71 4.86 -55.31
C THR A 396 17.89 3.66 -54.38
N VAL A 397 16.78 3.17 -53.80
CA VAL A 397 16.79 1.94 -53.02
C VAL A 397 17.01 0.76 -53.93
N ASP A 398 16.33 0.80 -55.08
CA ASP A 398 16.38 -0.28 -56.05
C ASP A 398 17.79 -0.39 -56.62
N GLU A 399 18.36 0.76 -56.97
CA GLU A 399 19.72 0.84 -57.50
C GLU A 399 20.74 -0.02 -56.76
N TYR A 400 20.77 0.10 -55.43
CA TYR A 400 21.77 -0.57 -54.61
C TYR A 400 21.28 -1.91 -54.10
N GLN A 401 20.06 -2.27 -54.49
CA GLN A 401 19.41 -3.48 -53.98
C GLN A 401 19.40 -3.47 -52.46
N ALA A 402 18.91 -2.37 -51.91
CA ALA A 402 18.79 -2.23 -50.47
C ALA A 402 17.69 -3.13 -49.91
N ASP A 403 17.89 -3.58 -48.69
CA ASP A 403 16.95 -4.48 -48.02
C ASP A 403 15.91 -3.74 -47.15
N ILE A 404 16.32 -2.65 -46.51
CA ILE A 404 15.44 -1.78 -45.78
C ILE A 404 15.84 -0.36 -46.06
N LEU A 405 14.88 0.54 -45.96
CA LEU A 405 15.14 1.97 -46.02
C LEU A 405 14.88 2.57 -44.64
N ILE A 406 15.78 3.43 -44.18
CA ILE A 406 15.70 4.02 -42.85
C ILE A 406 15.75 5.55 -42.96
N ALA A 407 14.73 6.25 -42.49
CA ALA A 407 14.67 7.69 -42.77
C ALA A 407 13.77 8.58 -41.90
N GLY A 408 12.79 7.99 -41.21
CA GLY A 408 11.87 8.82 -40.42
C GLY A 408 10.48 8.86 -41.03
N GLY A 409 9.48 9.04 -40.19
CA GLY A 409 8.07 8.89 -40.54
C GLY A 409 7.53 9.45 -41.85
N ARG A 410 8.15 10.52 -42.35
CA ARG A 410 7.76 11.13 -43.62
C ARG A 410 7.87 10.11 -44.74
N ASN A 411 9.04 9.47 -44.82
CA ASN A 411 9.38 8.56 -45.90
C ASN A 411 8.92 7.14 -45.62
N MET A 412 8.04 6.95 -44.65
CA MET A 412 7.59 5.62 -44.29
C MET A 412 6.70 5.04 -45.39
N TYR A 413 5.71 5.81 -45.78
CA TYR A 413 4.74 5.31 -46.74
C TYR A 413 5.29 5.20 -48.17
N THR A 414 6.29 5.99 -48.52
CA THR A 414 6.94 5.78 -49.81
C THR A 414 7.68 4.45 -49.81
N ALA A 415 8.21 4.07 -48.65
CA ALA A 415 8.88 2.77 -48.47
C ALA A 415 7.89 1.61 -48.49
N LEU A 416 6.82 1.73 -47.69
CA LEU A 416 5.85 0.66 -47.56
C LEU A 416 5.19 0.42 -48.90
N LYS A 417 4.65 1.46 -49.49
CA LYS A 417 3.89 1.30 -50.72
C LYS A 417 4.79 0.93 -51.92
N GLY A 418 6.03 1.38 -51.90
CA GLY A 418 7.00 0.89 -52.84
C GLY A 418 7.45 -0.51 -52.42
N ARG A 419 6.58 -1.22 -51.72
CA ARG A 419 6.86 -2.58 -51.27
C ARG A 419 8.28 -2.84 -50.75
N VAL A 420 8.82 -1.90 -49.97
CA VAL A 420 10.15 -2.03 -49.35
C VAL A 420 10.08 -1.98 -47.80
N PRO A 421 10.79 -2.87 -47.10
CA PRO A 421 10.88 -2.87 -45.64
C PRO A 421 11.30 -1.51 -45.09
N PHE A 422 10.87 -1.18 -43.88
CA PHE A 422 11.12 0.14 -43.31
C PHE A 422 11.40 0.06 -41.82
N LEU A 423 12.12 1.05 -41.30
CA LEU A 423 12.39 1.15 -39.87
C LEU A 423 12.54 2.62 -39.47
N ASP A 424 11.54 3.13 -38.76
CA ASP A 424 11.46 4.54 -38.35
C ASP A 424 12.69 5.07 -37.62
N ILE A 425 13.20 6.23 -38.01
CA ILE A 425 14.24 6.87 -37.20
C ILE A 425 13.62 7.82 -36.20
N ASN A 426 12.89 7.20 -35.28
CA ASN A 426 12.44 7.90 -34.10
C ASN A 426 12.64 7.12 -32.79
N GLN A 427 13.45 7.77 -31.96
CA GLN A 427 13.48 7.49 -30.54
C GLN A 427 12.14 7.94 -29.88
N GLU A 428 11.37 8.77 -30.58
CA GLU A 428 10.05 9.28 -30.12
C GLU A 428 9.08 8.14 -29.82
N ARG A 429 9.25 7.11 -30.63
CA ARG A 429 8.35 5.99 -30.79
C ARG A 429 8.22 5.11 -29.53
N GLU A 430 8.01 3.80 -29.66
CA GLU A 430 7.93 2.98 -28.44
C GLU A 430 9.11 2.02 -28.32
N PHE A 431 10.01 2.14 -29.29
CA PHE A 431 11.31 1.51 -29.25
C PHE A 431 12.25 2.68 -29.44
N GLY A 432 13.31 2.79 -28.65
CA GLY A 432 13.75 1.80 -27.70
C GLY A 432 15.27 1.71 -27.80
N TYR A 433 15.84 2.38 -28.80
CA TYR A 433 17.14 2.01 -29.37
C TYR A 433 18.48 2.41 -28.72
N ALA A 434 18.48 3.07 -27.57
CA ALA A 434 19.78 3.52 -27.03
C ALA A 434 20.44 2.72 -25.93
N GLY A 435 21.67 3.15 -25.70
CA GLY A 435 22.55 2.53 -24.74
C GLY A 435 22.81 1.11 -25.15
N TYR A 436 23.40 0.35 -24.24
CA TYR A 436 23.75 -1.02 -24.56
C TYR A 436 22.53 -1.87 -24.83
N ASP A 437 21.48 -1.67 -24.03
CA ASP A 437 20.33 -2.55 -24.13
C ASP A 437 19.37 -2.16 -25.21
N GLY A 438 19.52 -0.92 -25.68
CA GLY A 438 18.79 -0.44 -26.85
C GLY A 438 18.99 -1.29 -28.09
N MET A 439 20.25 -1.57 -28.45
CA MET A 439 20.52 -2.41 -29.61
C MET A 439 19.77 -3.74 -29.55
N LEU A 440 19.53 -4.23 -28.36
CA LEU A 440 18.79 -5.47 -28.23
C LEU A 440 17.46 -5.40 -28.98
N GLU A 441 16.78 -4.27 -29.02
CA GLU A 441 15.52 -4.25 -29.75
C GLU A 441 15.64 -3.57 -31.12
N LEU A 442 16.74 -2.86 -31.35
CA LEU A 442 17.03 -2.43 -32.69
C LEU A 442 17.10 -3.67 -33.57
N VAL A 443 17.91 -4.62 -33.14
CA VAL A 443 18.04 -5.86 -33.89
C VAL A 443 16.66 -6.53 -34.05
N ARG A 444 15.95 -6.73 -32.95
CA ARG A 444 14.60 -7.30 -33.01
C ARG A 444 13.72 -6.54 -34.01
N GLN A 445 13.65 -5.21 -33.88
CA GLN A 445 12.88 -4.43 -34.86
C GLN A 445 13.31 -4.59 -36.35
N LEU A 446 14.61 -4.79 -36.61
CA LEU A 446 15.07 -5.01 -38.00
C LEU A 446 14.58 -6.35 -38.55
N CYS A 447 14.89 -7.42 -37.84
CA CYS A 447 14.32 -8.72 -38.19
C CYS A 447 12.82 -8.68 -38.33
N ILE A 448 12.09 -8.07 -37.38
CA ILE A 448 10.65 -8.24 -37.47
C ILE A 448 10.22 -7.85 -38.86
N THR A 449 10.59 -6.65 -39.32
CA THR A 449 10.24 -6.21 -40.68
C THR A 449 10.95 -6.95 -41.83
N LEU A 450 12.29 -7.01 -41.87
CA LEU A 450 12.95 -7.64 -43.04
C LEU A 450 12.97 -9.18 -43.08
N GLU A 451 12.17 -9.80 -42.24
CA GLU A 451 12.00 -11.24 -42.27
C GLU A 451 10.52 -11.51 -42.28
N CYS A 452 9.76 -10.47 -42.59
CA CYS A 452 8.35 -10.64 -42.56
C CYS A 452 7.91 -11.22 -43.88
N PRO A 453 7.14 -12.32 -43.80
CA PRO A 453 6.53 -13.00 -44.94
C PRO A 453 5.53 -12.11 -45.67
N VAL A 454 5.19 -10.95 -45.12
CA VAL A 454 4.19 -10.11 -45.79
C VAL A 454 4.79 -9.48 -47.05
N TRP A 455 6.11 -9.40 -47.06
CA TRP A 455 6.77 -8.72 -48.15
C TRP A 455 6.66 -9.46 -49.46
N GLU A 456 6.89 -10.77 -49.45
CA GLU A 456 6.69 -11.57 -50.66
C GLU A 456 5.23 -11.54 -51.11
N ALA A 457 4.31 -11.40 -50.15
CA ALA A 457 2.89 -11.40 -50.47
C ALA A 457 2.36 -10.11 -51.14
N VAL A 458 3.24 -9.14 -51.39
CA VAL A 458 2.86 -7.97 -52.19
C VAL A 458 3.97 -7.56 -53.17
N ILE B 4 -30.18 25.76 -26.69
CA ILE B 4 -29.42 26.78 -27.39
C ILE B 4 -27.94 26.46 -27.38
N ILE B 5 -27.14 27.15 -28.21
CA ILE B 5 -25.68 26.98 -28.21
C ILE B 5 -24.90 27.92 -27.25
N ASN B 6 -24.20 27.34 -26.27
CA ASN B 6 -23.35 28.10 -25.35
C ASN B 6 -21.85 28.26 -25.83
N ARG B 7 -21.23 29.43 -25.57
CA ARG B 7 -19.77 29.66 -25.73
C ARG B 7 -19.14 30.45 -24.56
N ASN B 8 -17.83 30.74 -24.58
CA ASN B 8 -17.21 31.40 -23.40
C ASN B 8 -15.89 32.20 -23.54
N LYS B 9 -14.80 31.55 -23.95
CA LYS B 9 -13.43 32.11 -23.92
C LYS B 9 -12.69 31.36 -22.81
N ALA B 10 -11.35 31.38 -22.75
CA ALA B 10 -10.44 32.27 -23.42
C ALA B 10 -9.11 31.55 -23.74
N LEU B 11 -8.87 30.45 -23.05
CA LEU B 11 -7.75 29.55 -23.34
C LEU B 11 -8.32 28.21 -23.76
N ALA B 12 -7.84 27.61 -24.84
CA ALA B 12 -8.47 26.37 -25.29
C ALA B 12 -7.68 25.18 -24.81
N VAL B 13 -8.28 24.33 -23.99
CA VAL B 13 -7.54 23.25 -23.34
C VAL B 13 -7.82 21.89 -23.94
N SER B 14 -6.81 21.30 -24.57
CA SER B 14 -7.01 20.09 -25.35
C SER B 14 -8.12 20.35 -26.36
N PRO B 15 -7.84 21.15 -27.42
CA PRO B 15 -8.91 21.54 -28.35
C PRO B 15 -9.63 20.40 -29.05
N LEU B 16 -10.95 20.48 -29.11
CA LEU B 16 -11.70 19.55 -29.95
C LEU B 16 -11.53 19.86 -31.43
N LYS B 17 -11.35 21.13 -31.75
CA LYS B 17 -11.39 21.62 -33.12
C LYS B 17 -10.08 21.46 -33.94
N ALA B 18 -10.25 21.25 -35.24
CA ALA B 18 -9.14 21.25 -36.19
C ALA B 18 -9.48 22.30 -37.28
N SER B 19 -8.52 22.68 -38.12
CA SER B 19 -8.75 23.83 -39.03
C SER B 19 -9.64 23.54 -40.21
N GLN B 20 -10.51 24.50 -40.46
CA GLN B 20 -11.15 24.64 -41.74
C GLN B 20 -10.17 24.22 -42.83
N THR B 21 -8.94 24.71 -42.78
CA THR B 21 -8.14 24.55 -43.97
C THR B 21 -7.66 23.14 -44.13
N MET B 22 -7.78 22.33 -43.08
CA MET B 22 -7.50 20.89 -43.21
C MET B 22 -8.68 20.14 -43.80
N GLY B 23 -9.88 20.42 -43.28
CA GLY B 23 -11.08 19.80 -43.77
C GLY B 23 -11.36 20.06 -45.24
N ALA B 24 -11.25 21.31 -45.64
CA ALA B 24 -11.24 21.63 -47.06
C ALA B 24 -10.13 20.88 -47.78
N ALA B 25 -9.08 20.44 -47.10
CA ALA B 25 -8.06 19.69 -47.81
C ALA B 25 -8.42 18.22 -48.06
N LEU B 26 -9.22 17.58 -47.22
CA LEU B 26 -9.58 16.20 -47.60
C LEU B 26 -10.74 16.10 -48.58
N ALA B 27 -11.50 17.17 -48.72
CA ALA B 27 -12.44 17.22 -49.83
C ALA B 27 -11.72 17.23 -51.16
N ILE B 28 -10.76 18.14 -51.40
CA ILE B 28 -9.95 17.99 -52.62
C ILE B 28 -9.30 16.61 -52.69
N LEU B 29 -8.77 16.12 -51.57
CA LEU B 29 -8.22 14.73 -51.43
C LEU B 29 -9.13 13.57 -51.89
N GLY B 30 -10.41 13.89 -52.15
CA GLY B 30 -11.42 12.94 -52.58
C GLY B 30 -11.79 13.08 -54.05
N LEU B 31 -11.13 14.02 -54.72
CA LEU B 31 -10.99 14.06 -56.19
C LEU B 31 -9.86 13.11 -56.62
N ALA B 32 -9.97 12.52 -57.79
CA ALA B 32 -8.90 11.65 -58.24
C ALA B 32 -7.74 12.46 -58.81
N ARG B 33 -6.54 11.90 -58.69
CA ARG B 33 -5.35 12.58 -59.21
C ARG B 33 -5.29 14.04 -58.88
N SER B 34 -5.44 14.39 -57.60
CA SER B 34 -5.52 15.77 -57.18
C SER B 34 -4.40 16.04 -56.21
N MET B 35 -4.23 17.31 -55.86
CA MET B 35 -3.14 17.74 -55.00
C MET B 35 -3.49 19.03 -54.24
N PRO B 36 -3.68 18.93 -52.92
CA PRO B 36 -4.06 20.15 -52.20
C PRO B 36 -2.85 21.06 -52.00
N LEU B 37 -3.04 22.37 -52.05
CA LEU B 37 -1.96 23.31 -51.86
C LEU B 37 -2.38 24.36 -50.87
N PHE B 38 -1.73 24.37 -49.72
CA PHE B 38 -1.95 25.40 -48.70
C PHE B 38 -1.21 26.67 -49.11
N HIS B 39 -1.92 27.78 -49.12
CA HIS B 39 -1.25 29.06 -49.26
C HIS B 39 -0.90 29.61 -47.87
N GLY B 40 0.32 29.37 -47.43
CA GLY B 40 0.71 29.69 -46.06
C GLY B 40 2.14 29.23 -45.88
N SER B 41 2.67 29.30 -44.65
CA SER B 41 4.01 28.78 -44.45
C SER B 41 3.99 27.24 -44.36
N GLN B 42 5.17 26.64 -44.42
CA GLN B 42 5.27 25.20 -44.58
C GLN B 42 4.82 24.33 -43.41
N GLY B 43 5.03 24.79 -42.19
CA GLY B 43 4.60 24.02 -41.04
C GLY B 43 3.11 23.72 -41.08
N CYS B 44 2.32 24.68 -41.55
CA CYS B 44 0.88 24.47 -41.68
C CYS B 44 0.53 23.19 -42.44
N THR B 45 1.28 22.90 -43.49
CA THR B 45 1.00 21.74 -44.30
C THR B 45 1.65 20.53 -43.64
N ALA B 46 2.86 20.73 -43.11
CA ALA B 46 3.62 19.63 -42.51
C ALA B 46 2.90 19.08 -41.30
N PHE B 47 2.07 19.94 -40.70
CA PHE B 47 1.21 19.53 -39.61
C PHE B 47 -0.02 18.81 -40.15
N ALA B 48 -0.67 19.39 -41.15
CA ALA B 48 -1.89 18.78 -41.68
C ALA B 48 -1.58 17.41 -42.24
N LYS B 49 -0.39 17.26 -42.78
CA LYS B 49 0.03 16.02 -43.38
C LYS B 49 0.10 14.97 -42.28
N VAL B 50 0.85 15.30 -41.24
CA VAL B 50 1.03 14.34 -40.18
C VAL B 50 -0.31 13.88 -39.65
N PHE B 51 -1.18 14.83 -39.39
CA PHE B 51 -2.50 14.54 -38.91
C PHE B 51 -3.17 13.46 -39.73
N PHE B 52 -3.28 13.69 -41.05
CA PHE B 52 -3.93 12.75 -41.99
C PHE B 52 -3.22 11.39 -42.10
N VAL B 53 -1.92 11.37 -42.40
CA VAL B 53 -1.28 10.09 -42.54
C VAL B 53 -1.45 9.27 -41.24
N ARG B 54 -1.28 9.87 -40.08
CA ARG B 54 -1.52 9.09 -38.86
C ARG B 54 -2.98 8.56 -38.79
N HIS B 55 -3.92 9.24 -39.45
CA HIS B 55 -5.32 8.78 -39.47
C HIS B 55 -5.61 7.62 -40.42
N PHE B 56 -5.46 7.88 -41.73
CA PHE B 56 -5.62 6.86 -42.78
C PHE B 56 -4.47 5.86 -42.81
N ARG B 57 -3.35 6.22 -42.20
CA ARG B 57 -2.15 5.41 -42.22
C ARG B 57 -1.82 5.02 -43.65
N GLU B 58 -1.76 6.02 -44.51
CA GLU B 58 -1.48 5.82 -45.91
C GLU B 58 -0.90 7.18 -46.38
N PRO B 59 -0.18 7.24 -47.50
CA PRO B 59 0.48 8.53 -47.72
C PRO B 59 -0.56 9.58 -48.12
N VAL B 60 -0.24 10.86 -47.92
CA VAL B 60 -1.12 11.90 -48.40
C VAL B 60 -0.35 13.06 -49.03
N PRO B 61 -0.72 13.43 -50.26
CA PRO B 61 -0.17 14.57 -51.02
C PRO B 61 -0.69 15.93 -50.51
N LEU B 62 0.27 16.82 -50.26
CA LEU B 62 -0.03 18.12 -49.67
C LEU B 62 1.21 18.96 -49.87
N GLN B 63 1.02 20.14 -50.44
CA GLN B 63 2.14 21.03 -50.75
C GLN B 63 2.00 22.41 -50.14
N THR B 64 3.06 23.21 -50.27
CA THR B 64 3.13 24.50 -49.58
C THR B 64 3.47 25.69 -50.49
N THR B 65 2.67 26.73 -50.44
CA THR B 65 3.06 28.00 -51.04
C THR B 65 4.44 28.45 -50.56
N ALA B 66 4.78 28.08 -49.33
CA ALA B 66 6.10 28.33 -48.69
C ALA B 66 6.40 29.79 -48.34
N MET B 67 5.36 30.53 -47.98
CA MET B 67 5.51 31.90 -47.55
C MET B 67 6.73 32.04 -46.66
N ASP B 68 7.48 33.12 -46.91
CA ASP B 68 8.75 33.40 -46.25
C ASP B 68 8.50 34.42 -45.14
N GLN B 69 9.57 34.82 -44.46
CA GLN B 69 9.51 35.94 -43.53
C GLN B 69 9.08 37.20 -44.30
N VAL B 70 9.31 37.17 -45.62
CA VAL B 70 8.93 38.26 -46.53
C VAL B 70 7.47 38.17 -46.97
N SER B 71 6.68 37.36 -46.27
CA SER B 71 5.22 37.37 -46.42
C SER B 71 4.66 38.62 -45.76
N SER B 72 5.56 39.49 -45.33
CA SER B 72 5.21 40.83 -44.90
C SER B 72 5.29 41.77 -46.09
N VAL B 73 6.21 41.48 -47.02
CA VAL B 73 6.35 42.28 -48.24
C VAL B 73 5.41 41.77 -49.33
N MET B 74 5.95 41.21 -50.41
CA MET B 74 5.12 40.76 -51.52
C MET B 74 4.12 39.68 -51.11
N GLY B 75 2.86 40.09 -50.94
CA GLY B 75 1.81 39.20 -50.47
C GLY B 75 2.14 37.73 -50.55
N ALA B 76 2.53 37.29 -51.75
CA ALA B 76 2.91 35.91 -52.05
C ALA B 76 2.53 35.61 -53.50
N ASP B 77 1.99 36.63 -54.16
CA ASP B 77 1.96 36.66 -55.60
C ASP B 77 2.96 35.63 -56.12
N GLU B 78 4.25 35.97 -56.09
CA GLU B 78 5.32 35.12 -56.60
C GLU B 78 5.24 33.70 -56.07
N ASN B 79 5.00 33.56 -54.77
CA ASN B 79 4.93 32.24 -54.16
C ASN B 79 3.79 31.38 -54.70
N VAL B 80 2.57 31.90 -54.72
CA VAL B 80 1.43 31.16 -55.19
C VAL B 80 1.64 30.72 -56.63
N VAL B 81 2.06 31.67 -57.47
CA VAL B 81 2.32 31.38 -58.87
C VAL B 81 3.41 30.31 -59.05
N GLU B 82 4.57 30.46 -58.42
CA GLU B 82 5.60 29.46 -58.66
C GLU B 82 5.19 28.09 -58.17
N ALA B 83 4.25 28.05 -57.24
CA ALA B 83 3.79 26.77 -56.68
C ALA B 83 2.89 26.04 -57.65
N LEU B 84 1.99 26.79 -58.29
CA LEU B 84 1.12 26.22 -59.29
C LEU B 84 1.93 25.76 -60.49
N LYS B 85 2.86 26.57 -60.95
CA LYS B 85 3.64 26.17 -62.11
C LYS B 85 4.47 24.91 -61.77
N THR B 86 5.03 24.88 -60.57
CA THR B 86 5.88 23.77 -60.14
C THR B 86 5.18 22.41 -60.12
N ILE B 87 4.05 22.35 -59.43
CA ILE B 87 3.26 21.13 -59.35
C ILE B 87 2.79 20.71 -60.74
N CYS B 88 2.09 21.63 -61.42
CA CYS B 88 1.57 21.38 -62.77
C CYS B 88 2.60 20.69 -63.64
N GLU B 89 3.83 21.21 -63.61
CA GLU B 89 4.90 20.70 -64.44
C GLU B 89 5.59 19.49 -63.82
N ARG B 90 5.45 19.32 -62.51
CA ARG B 90 6.11 18.20 -61.85
C ARG B 90 5.26 16.91 -61.78
N GLN B 91 4.00 17.01 -61.37
CA GLN B 91 3.19 15.81 -61.28
C GLN B 91 1.97 15.91 -62.18
N ASN B 92 1.67 17.11 -62.63
CA ASN B 92 0.62 17.27 -63.64
C ASN B 92 -0.76 16.77 -63.18
N PRO B 93 -1.33 17.40 -62.13
CA PRO B 93 -2.59 16.99 -61.51
C PRO B 93 -3.74 16.98 -62.48
N SER B 94 -4.76 16.21 -62.13
CA SER B 94 -6.07 16.30 -62.75
C SER B 94 -6.80 17.47 -62.14
N VAL B 95 -6.45 17.80 -60.90
CA VAL B 95 -7.04 18.95 -60.20
C VAL B 95 -6.07 19.43 -59.18
N ILE B 96 -6.09 20.72 -58.93
CA ILE B 96 -5.36 21.29 -57.82
C ILE B 96 -6.28 22.09 -56.88
N GLY B 97 -6.03 21.93 -55.58
CA GLY B 97 -6.66 22.73 -54.55
C GLY B 97 -5.80 23.89 -54.08
N LEU B 98 -6.35 25.09 -54.17
CA LEU B 98 -5.71 26.31 -53.70
C LEU B 98 -6.45 26.80 -52.46
N LEU B 99 -5.77 26.71 -51.31
CA LEU B 99 -6.39 26.94 -50.01
C LEU B 99 -5.68 28.00 -49.19
N THR B 100 -6.43 28.97 -48.71
CA THR B 100 -5.86 30.09 -47.97
C THR B 100 -5.71 29.72 -46.48
N THR B 101 -4.58 30.07 -45.87
CA THR B 101 -4.39 29.82 -44.45
C THR B 101 -4.67 31.07 -43.61
N GLY B 102 -4.40 30.97 -42.31
CA GLY B 102 -4.55 32.10 -41.42
C GLY B 102 -3.59 33.19 -41.82
N LEU B 103 -2.38 32.79 -42.17
CA LEU B 103 -1.31 33.72 -42.49
C LEU B 103 -1.66 34.51 -43.73
N SER B 104 -1.96 33.82 -44.82
CA SER B 104 -2.09 34.52 -46.08
C SER B 104 -3.36 35.37 -46.07
N GLU B 105 -4.40 34.86 -45.45
CA GLU B 105 -5.63 35.64 -45.29
C GLU B 105 -5.48 36.92 -44.49
N THR B 106 -4.41 37.05 -43.71
CA THR B 106 -4.22 38.22 -42.85
C THR B 106 -4.15 39.52 -43.62
N GLN B 107 -3.87 39.39 -44.92
CA GLN B 107 -3.86 40.51 -45.87
C GLN B 107 -5.18 40.62 -46.64
N GLY B 108 -5.71 39.46 -47.04
CA GLY B 108 -6.82 39.34 -47.99
C GLY B 108 -6.30 38.39 -49.05
N CYS B 109 -5.03 38.58 -49.36
CA CYS B 109 -4.23 37.63 -50.11
C CYS B 109 -4.62 37.37 -51.57
N ASP B 110 -5.20 38.36 -52.23
CA ASP B 110 -5.36 38.36 -53.69
C ASP B 110 -5.58 36.97 -54.31
N LEU B 111 -6.48 36.18 -53.71
CA LEU B 111 -6.64 34.78 -54.12
C LEU B 111 -6.90 34.65 -55.62
N HIS B 112 -8.15 34.91 -55.98
CA HIS B 112 -8.55 35.01 -57.38
C HIS B 112 -7.46 35.61 -58.26
N THR B 113 -6.80 36.66 -57.77
CA THR B 113 -5.78 37.39 -58.51
C THR B 113 -4.52 36.57 -58.78
N ALA B 114 -3.87 36.12 -57.71
CA ALA B 114 -2.66 35.32 -57.86
C ALA B 114 -2.92 34.21 -58.85
N LEU B 115 -4.20 33.82 -58.97
CA LEU B 115 -4.66 32.74 -59.86
C LEU B 115 -4.90 33.28 -61.25
N HIS B 116 -5.09 34.59 -61.35
CA HIS B 116 -5.17 35.24 -62.65
C HIS B 116 -3.77 35.71 -62.99
N GLU B 117 -2.90 35.67 -61.98
CA GLU B 117 -1.50 35.99 -62.19
C GLU B 117 -0.86 34.71 -62.69
N PHE B 118 -1.49 33.60 -62.31
CA PHE B 118 -1.43 32.24 -62.92
C PHE B 118 -2.73 31.92 -63.73
N ARG B 119 -3.42 32.96 -64.22
CA ARG B 119 -4.19 32.89 -65.49
C ARG B 119 -3.81 33.93 -66.67
N THR B 120 -2.53 34.35 -66.66
CA THR B 120 -1.82 35.07 -67.74
C THR B 120 -0.54 34.36 -68.32
N GLN B 121 0.57 34.32 -67.59
CA GLN B 121 1.88 33.74 -68.06
C GLN B 121 1.85 32.41 -68.86
N TYR B 122 1.92 31.26 -68.14
CA TYR B 122 1.30 29.91 -68.45
C TYR B 122 1.66 29.11 -69.64
N GLU B 123 2.92 29.16 -70.02
CA GLU B 123 3.39 28.13 -70.90
C GLU B 123 2.73 26.78 -70.43
N GLU B 124 2.58 26.58 -69.11
CA GLU B 124 1.71 25.49 -68.61
C GLU B 124 0.35 25.44 -69.32
N TYR B 125 0.01 24.24 -69.77
CA TYR B 125 -1.21 24.00 -70.52
C TYR B 125 -2.30 25.00 -70.17
N LYS B 126 -2.68 24.99 -68.90
CA LYS B 126 -4.01 25.40 -68.50
C LYS B 126 -4.81 24.13 -68.78
N ASP B 127 -6.13 24.16 -68.55
CA ASP B 127 -6.94 22.95 -68.72
C ASP B 127 -6.71 22.04 -67.51
N VAL B 128 -5.75 22.42 -66.67
CA VAL B 128 -5.58 21.82 -65.36
C VAL B 128 -6.42 22.64 -64.41
N PRO B 129 -7.61 22.12 -64.02
CA PRO B 129 -8.56 22.94 -63.27
C PRO B 129 -7.89 23.37 -61.97
N ILE B 130 -8.40 24.40 -61.33
CA ILE B 130 -7.90 24.74 -60.01
C ILE B 130 -9.07 25.15 -59.15
N VAL B 131 -9.23 24.53 -57.99
CA VAL B 131 -10.30 24.94 -57.10
C VAL B 131 -9.72 25.90 -56.08
N PRO B 132 -10.30 27.12 -55.98
CA PRO B 132 -9.83 28.12 -55.00
C PRO B 132 -10.74 28.15 -53.78
N VAL B 133 -10.18 28.02 -52.59
CA VAL B 133 -11.00 28.05 -51.39
C VAL B 133 -10.45 29.02 -50.33
N ASN B 134 -11.35 29.74 -49.67
CA ASN B 134 -10.97 30.61 -48.56
C ASN B 134 -11.26 29.94 -47.23
N THR B 135 -10.19 29.55 -46.55
CA THR B 135 -10.29 28.78 -45.32
C THR B 135 -9.25 29.11 -44.27
N PRO B 136 -9.32 30.32 -43.71
CA PRO B 136 -8.46 30.74 -42.58
C PRO B 136 -8.56 29.87 -41.33
N ASP B 137 -7.43 29.37 -40.86
CA ASP B 137 -7.34 28.65 -39.60
C ASP B 137 -8.20 29.31 -38.54
N PHE B 138 -8.29 30.64 -38.60
CA PHE B 138 -9.01 31.38 -37.56
C PHE B 138 -10.55 31.46 -37.60
N SER B 139 -11.20 30.84 -38.57
CA SER B 139 -12.67 30.77 -38.48
C SER B 139 -13.20 29.38 -38.79
N GLY B 140 -14.43 29.11 -38.35
CA GLY B 140 -15.03 27.83 -38.61
C GLY B 140 -14.15 26.67 -38.18
N CYS B 141 -14.28 25.53 -38.86
CA CYS B 141 -13.69 24.31 -38.35
C CYS B 141 -13.58 23.34 -39.44
N PHE B 142 -13.13 22.16 -39.05
CA PHE B 142 -12.79 21.08 -39.98
C PHE B 142 -13.93 20.76 -40.96
N GLU B 143 -15.10 20.54 -40.40
CA GLU B 143 -16.26 20.15 -41.17
C GLU B 143 -16.72 21.29 -42.08
N SER B 144 -16.81 22.50 -41.55
CA SER B 144 -17.25 23.61 -42.35
C SER B 144 -16.15 23.81 -43.38
N GLY B 145 -14.89 23.72 -42.96
CA GLY B 145 -13.77 23.75 -43.89
C GLY B 145 -14.09 22.86 -45.08
N PHE B 146 -14.33 21.59 -44.77
CA PHE B 146 -14.64 20.61 -45.78
C PHE B 146 -15.83 21.01 -46.71
N ALA B 147 -16.99 21.32 -46.13
CA ALA B 147 -18.21 21.72 -46.88
C ALA B 147 -18.02 22.96 -47.75
N ALA B 148 -16.97 23.74 -47.46
CA ALA B 148 -16.66 24.93 -48.24
C ALA B 148 -15.84 24.61 -49.46
N ALA B 149 -15.07 23.52 -49.41
CA ALA B 149 -14.26 23.13 -50.57
C ALA B 149 -15.11 22.26 -51.50
N VAL B 150 -16.29 21.88 -51.02
CA VAL B 150 -17.28 21.20 -51.87
C VAL B 150 -18.10 22.25 -52.63
N LYS B 151 -18.41 23.36 -51.97
CA LYS B 151 -19.07 24.44 -52.66
C LYS B 151 -18.14 24.86 -53.77
N ALA B 152 -16.88 25.09 -53.42
CA ALA B 152 -15.91 25.49 -54.43
C ALA B 152 -15.76 24.46 -55.51
N ILE B 153 -15.78 23.18 -55.15
CA ILE B 153 -15.59 22.12 -56.15
C ILE B 153 -16.74 22.12 -57.13
N VAL B 154 -17.96 22.08 -56.59
CA VAL B 154 -19.18 22.22 -57.39
C VAL B 154 -19.10 23.41 -58.34
N GLU B 155 -18.86 24.60 -57.80
CA GLU B 155 -18.85 25.81 -58.60
C GLU B 155 -17.73 25.93 -59.63
N THR B 156 -16.56 25.39 -59.32
CA THR B 156 -15.46 25.42 -60.28
C THR B 156 -15.64 24.42 -61.43
N LEU B 157 -16.39 23.34 -61.22
CA LEU B 157 -16.49 22.27 -62.21
C LEU B 157 -17.87 22.00 -62.85
N VAL B 158 -18.15 22.72 -63.96
CA VAL B 158 -19.22 22.42 -64.96
C VAL B 158 -20.67 22.87 -64.77
N PRO B 159 -20.99 23.43 -63.61
CA PRO B 159 -22.37 23.61 -63.13
C PRO B 159 -23.33 24.31 -64.09
N GLU B 160 -22.76 25.14 -64.97
CA GLU B 160 -23.42 26.34 -65.43
C GLU B 160 -24.13 26.27 -66.78
N ARG B 161 -23.35 26.39 -67.86
CA ARG B 161 -23.87 26.46 -69.23
C ARG B 161 -25.16 25.69 -69.30
N ARG B 162 -25.05 24.37 -69.17
CA ARG B 162 -26.22 23.52 -69.27
C ARG B 162 -27.12 23.70 -68.04
N ASP B 163 -28.34 23.23 -68.17
CA ASP B 163 -29.32 23.42 -67.12
C ASP B 163 -30.60 22.71 -67.53
N GLN B 164 -31.57 22.65 -66.62
CA GLN B 164 -32.93 22.23 -66.95
C GLN B 164 -32.98 21.02 -67.88
N VAL B 165 -32.48 21.19 -69.11
CA VAL B 165 -32.38 20.12 -70.09
C VAL B 165 -31.17 19.22 -69.79
N GLY B 166 -30.29 19.69 -68.91
CA GLY B 166 -29.25 18.83 -68.40
C GLY B 166 -29.75 18.07 -67.18
N LYS B 167 -30.56 17.03 -67.41
CA LYS B 167 -31.02 16.18 -66.32
C LYS B 167 -31.58 14.89 -66.90
N ARG B 168 -30.69 14.10 -67.48
CA ARG B 168 -31.08 13.04 -68.40
C ARG B 168 -31.13 11.63 -67.80
N PRO B 169 -29.95 11.01 -67.53
CA PRO B 169 -29.83 9.59 -67.16
C PRO B 169 -30.68 9.07 -65.98
N ARG B 170 -30.00 8.31 -65.15
CA ARG B 170 -30.58 7.76 -63.94
C ARG B 170 -29.47 7.85 -62.89
N GLN B 171 -28.55 8.79 -63.15
CA GLN B 171 -27.37 9.06 -62.35
C GLN B 171 -27.77 9.90 -61.16
N VAL B 172 -27.47 9.42 -59.96
CA VAL B 172 -27.84 10.13 -58.72
C VAL B 172 -26.63 10.74 -58.05
N ASN B 173 -26.66 12.06 -57.88
CA ASN B 173 -25.57 12.76 -57.25
C ASN B 173 -25.65 12.62 -55.76
N VAL B 174 -24.50 12.40 -55.13
CA VAL B 174 -24.46 12.41 -53.68
C VAL B 174 -23.45 13.41 -53.12
N LEU B 175 -23.97 14.36 -52.36
CA LEU B 175 -23.10 15.32 -51.70
C LEU B 175 -22.76 14.70 -50.37
N CYS B 176 -21.50 14.32 -50.24
CA CYS B 176 -21.01 13.67 -49.02
C CYS B 176 -20.40 14.67 -48.08
N SER B 177 -20.60 14.48 -46.79
CA SER B 177 -20.01 15.40 -45.84
C SER B 177 -18.71 14.82 -45.31
N ALA B 178 -18.10 15.49 -44.32
CA ALA B 178 -16.74 15.26 -43.88
C ALA B 178 -16.55 14.01 -43.04
N ASN B 179 -17.63 13.64 -42.33
CA ASN B 179 -17.57 12.53 -41.39
C ASN B 179 -18.12 11.19 -41.89
N LEU B 180 -18.41 11.14 -43.18
CA LEU B 180 -18.49 9.91 -43.99
C LEU B 180 -17.08 9.32 -44.27
N THR B 181 -16.86 8.12 -43.77
CA THR B 181 -15.61 7.38 -43.99
C THR B 181 -15.72 6.63 -45.30
N PRO B 182 -14.57 6.17 -45.82
CA PRO B 182 -14.70 5.28 -46.98
C PRO B 182 -15.75 4.17 -46.73
N GLY B 183 -15.83 3.61 -45.54
CA GLY B 183 -16.83 2.59 -45.32
C GLY B 183 -18.29 3.09 -45.27
N ASP B 184 -18.45 4.41 -45.07
CA ASP B 184 -19.78 5.03 -45.16
C ASP B 184 -20.13 5.26 -46.63
N LEU B 185 -19.12 5.60 -47.41
CA LEU B 185 -19.31 5.99 -48.79
C LEU B 185 -19.59 4.76 -49.66
N GLU B 186 -18.90 3.67 -49.34
CA GLU B 186 -19.16 2.40 -49.97
C GLU B 186 -20.57 1.94 -49.64
N TYR B 187 -20.99 2.00 -48.39
CA TYR B 187 -22.39 1.70 -48.14
C TYR B 187 -23.30 2.62 -48.91
N ILE B 188 -22.99 3.91 -48.99
CA ILE B 188 -23.90 4.81 -49.72
C ILE B 188 -23.97 4.51 -51.20
N ALA B 189 -22.82 4.15 -51.79
CA ALA B 189 -22.69 3.76 -53.20
C ALA B 189 -23.29 2.39 -53.52
N GLU B 190 -22.90 1.37 -52.76
CA GLU B 190 -23.48 0.06 -52.97
C GLU B 190 -24.98 0.18 -52.74
N SER B 191 -25.40 0.86 -51.68
CA SER B 191 -26.84 1.00 -51.41
C SER B 191 -27.59 1.56 -52.61
N ILE B 192 -27.04 2.61 -53.23
CA ILE B 192 -27.63 3.21 -54.43
C ILE B 192 -27.65 2.16 -55.57
N GLU B 193 -26.48 1.73 -56.03
CA GLU B 193 -26.33 0.73 -57.07
C GLU B 193 -27.29 -0.47 -56.95
N SER B 194 -27.62 -0.86 -55.72
CA SER B 194 -28.54 -1.98 -55.54
C SER B 194 -29.97 -1.64 -55.96
N PHE B 195 -30.24 -0.37 -56.22
CA PHE B 195 -31.55 0.02 -56.71
C PHE B 195 -31.54 0.19 -58.20
N GLY B 196 -30.40 -0.11 -58.82
CA GLY B 196 -30.23 0.06 -60.26
C GLY B 196 -29.82 1.46 -60.65
N LEU B 197 -29.72 2.36 -59.67
CA LEU B 197 -29.20 3.70 -59.93
C LEU B 197 -27.69 3.59 -60.13
N ARG B 198 -27.07 4.72 -60.38
CA ARG B 198 -25.62 4.75 -60.44
C ARG B 198 -25.13 6.03 -59.76
N PRO B 199 -24.31 5.86 -58.72
CA PRO B 199 -23.92 7.02 -57.91
C PRO B 199 -22.77 7.80 -58.52
N LEU B 200 -22.89 9.12 -58.46
CA LEU B 200 -21.78 10.03 -58.60
C LEU B 200 -21.51 10.69 -57.23
N LEU B 201 -20.60 10.11 -56.45
CA LEU B 201 -20.28 10.61 -55.12
C LEU B 201 -19.44 11.88 -55.17
N ILE B 202 -19.93 12.94 -54.52
CA ILE B 202 -19.18 14.17 -54.50
C ILE B 202 -18.85 14.64 -53.09
N PRO B 203 -17.53 14.61 -52.74
CA PRO B 203 -16.51 13.86 -53.48
C PRO B 203 -16.39 12.42 -52.94
N ASP B 204 -15.29 11.74 -53.24
CA ASP B 204 -15.25 10.31 -52.96
C ASP B 204 -13.94 9.89 -52.32
N LEU B 205 -13.92 9.89 -50.99
CA LEU B 205 -12.81 9.38 -50.23
C LEU B 205 -12.64 7.85 -50.40
N SER B 206 -13.73 7.16 -50.75
CA SER B 206 -13.66 5.71 -51.00
C SER B 206 -12.57 5.40 -52.01
N GLY B 207 -12.42 6.27 -53.00
CA GLY B 207 -11.51 5.99 -54.08
C GLY B 207 -10.08 6.28 -53.73
N SER B 208 -9.88 7.29 -52.87
CA SER B 208 -8.54 7.82 -52.55
C SER B 208 -7.90 7.18 -51.33
N LEU B 209 -8.71 6.98 -50.30
CA LEU B 209 -8.12 6.59 -49.05
C LEU B 209 -8.45 5.20 -48.47
N ASP B 210 -7.60 4.24 -48.87
CA ASP B 210 -7.30 2.96 -48.20
C ASP B 210 -6.02 2.47 -48.82
N GLY B 211 -5.82 1.16 -48.83
CA GLY B 211 -4.75 0.59 -49.62
C GLY B 211 -5.31 0.33 -50.99
N HIS B 212 -4.93 1.11 -51.98
CA HIS B 212 -5.70 1.12 -53.23
C HIS B 212 -4.89 1.08 -54.51
N LEU B 213 -3.56 0.91 -54.42
CA LEU B 213 -2.73 1.00 -55.64
C LEU B 213 -1.70 -0.10 -55.90
N ASP B 214 -1.27 -0.10 -57.16
CA ASP B 214 -0.38 -1.11 -57.74
C ASP B 214 0.92 -0.56 -58.35
N GLU B 215 1.06 0.77 -58.40
CA GLU B 215 2.36 1.36 -58.71
C GLU B 215 3.19 1.39 -57.46
N ASN B 216 4.52 1.38 -57.61
CA ASN B 216 5.42 1.46 -56.46
C ASN B 216 5.28 2.84 -55.83
N ARG B 217 4.91 3.83 -56.64
CA ARG B 217 4.81 5.20 -56.16
C ARG B 217 3.63 5.95 -56.76
N PHE B 218 2.90 6.68 -55.93
CA PHE B 218 1.63 7.28 -56.36
C PHE B 218 1.54 8.80 -56.11
N ASN B 219 2.69 9.46 -56.14
CA ASN B 219 2.80 10.90 -56.34
C ASN B 219 1.61 11.83 -56.00
N ALA B 220 0.49 11.69 -56.70
CA ALA B 220 -0.58 12.66 -56.54
C ALA B 220 -1.94 12.02 -56.30
N LEU B 221 -1.98 10.97 -55.52
CA LEU B 221 -3.27 10.48 -55.08
C LEU B 221 -4.03 9.66 -56.14
N THR B 222 -3.44 9.54 -57.32
CA THR B 222 -3.97 8.74 -58.43
C THR B 222 -5.02 7.70 -58.04
N THR B 223 -4.91 7.21 -56.82
CA THR B 223 -5.86 6.27 -56.32
C THR B 223 -7.09 7.04 -55.89
N GLY B 224 -7.64 7.88 -56.77
CA GLY B 224 -8.43 9.01 -56.32
C GLY B 224 -9.91 8.71 -56.22
N GLY B 225 -10.68 9.69 -55.78
CA GLY B 225 -12.12 9.60 -55.91
C GLY B 225 -12.71 10.13 -57.22
N LEU B 226 -13.06 11.41 -57.23
CA LEU B 226 -13.80 12.02 -58.31
C LEU B 226 -12.91 12.40 -59.44
N SER B 227 -13.24 11.91 -60.63
CA SER B 227 -12.62 12.37 -61.86
C SER B 227 -13.35 13.66 -62.25
N VAL B 228 -12.60 14.73 -62.50
CA VAL B 228 -13.20 15.96 -63.03
C VAL B 228 -14.00 15.56 -64.25
N ALA B 229 -13.38 14.67 -65.01
CA ALA B 229 -14.02 14.06 -66.15
C ALA B 229 -15.47 13.75 -65.80
N GLU B 230 -15.66 12.93 -64.78
CA GLU B 230 -17.03 12.49 -64.44
C GLU B 230 -17.80 13.48 -63.55
N LEU B 231 -17.10 14.37 -62.88
CA LEU B 231 -17.77 15.38 -62.09
C LEU B 231 -18.54 16.29 -63.05
N ALA B 232 -17.93 16.56 -64.20
CA ALA B 232 -18.51 17.39 -65.27
C ALA B 232 -19.93 16.96 -65.60
N THR B 233 -20.20 15.66 -65.42
CA THR B 233 -21.48 15.11 -65.87
C THR B 233 -22.51 15.15 -64.75
N ALA B 234 -22.19 15.84 -63.67
CA ALA B 234 -23.13 15.91 -62.56
C ALA B 234 -24.26 16.86 -62.94
N GLY B 235 -24.00 17.68 -63.95
CA GLY B 235 -24.97 18.64 -64.46
C GLY B 235 -26.30 17.94 -64.67
N GLN B 236 -26.27 16.86 -65.46
CA GLN B 236 -27.44 16.04 -65.75
C GLN B 236 -27.47 14.80 -64.88
N SER B 237 -28.65 14.51 -64.33
CA SER B 237 -28.80 13.45 -63.37
C SER B 237 -30.16 13.57 -62.73
N VAL B 238 -30.83 12.44 -62.53
CA VAL B 238 -32.21 12.44 -62.02
C VAL B 238 -32.42 13.31 -60.79
N ALA B 239 -31.74 12.97 -59.69
CA ALA B 239 -31.76 13.76 -58.46
C ALA B 239 -30.37 13.84 -57.78
N THR B 240 -30.24 14.72 -56.78
CA THR B 240 -29.03 14.80 -55.95
C THR B 240 -29.38 14.55 -54.46
N LEU B 241 -28.75 13.55 -53.86
CA LEU B 241 -28.95 13.26 -52.44
C LEU B 241 -27.89 13.95 -51.58
N VAL B 242 -28.33 14.60 -50.52
CA VAL B 242 -27.43 15.41 -49.71
C VAL B 242 -27.26 14.72 -48.36
N VAL B 243 -26.06 14.17 -48.08
CA VAL B 243 -25.81 13.45 -46.81
C VAL B 243 -25.00 14.21 -45.77
N GLY B 244 -25.72 14.83 -44.82
CA GLY B 244 -25.13 15.59 -43.73
C GLY B 244 -25.40 17.08 -43.86
N GLN B 245 -26.08 17.66 -42.89
CA GLN B 245 -26.49 19.05 -42.98
C GLN B 245 -25.39 20.05 -43.22
N SER B 246 -24.13 19.70 -42.89
CA SER B 246 -23.01 20.66 -43.06
C SER B 246 -22.95 21.16 -44.51
N LEU B 247 -23.57 20.37 -45.39
CA LEU B 247 -23.53 20.60 -46.83
C LEU B 247 -24.70 21.38 -47.47
N ALA B 248 -25.47 22.12 -46.68
CA ALA B 248 -26.66 22.81 -47.20
C ALA B 248 -26.24 23.87 -48.21
N GLY B 249 -25.29 24.72 -47.81
CA GLY B 249 -24.70 25.67 -48.73
C GLY B 249 -24.13 25.08 -50.02
N ALA B 250 -23.79 23.80 -50.03
CA ALA B 250 -23.24 23.21 -51.24
C ALA B 250 -24.39 22.63 -52.03
N ALA B 251 -25.39 22.13 -51.31
CA ALA B 251 -26.61 21.66 -51.96
C ALA B 251 -27.29 22.82 -52.66
N ASP B 252 -27.18 24.02 -52.08
CA ASP B 252 -27.71 25.23 -52.70
C ASP B 252 -26.91 25.59 -53.97
N ALA B 253 -25.57 25.61 -53.87
CA ALA B 253 -24.71 25.90 -55.02
C ALA B 253 -24.98 24.93 -56.16
N LEU B 254 -24.82 23.64 -55.87
CA LEU B 254 -25.18 22.55 -56.77
C LEU B 254 -26.57 22.72 -57.41
N ALA B 255 -27.57 23.06 -56.60
CA ALA B 255 -28.97 23.15 -57.06
C ALA B 255 -29.33 24.38 -57.92
N GLU B 256 -28.74 25.54 -57.64
CA GLU B 256 -28.98 26.71 -58.50
C GLU B 256 -28.39 26.55 -59.92
N ARG B 257 -27.16 26.06 -60.03
CA ARG B 257 -26.46 25.99 -61.33
C ARG B 257 -26.98 24.91 -62.26
N THR B 258 -27.42 23.79 -61.70
CA THR B 258 -28.19 22.80 -62.46
C THR B 258 -29.61 22.93 -61.95
N GLY B 259 -30.48 22.03 -62.39
CA GLY B 259 -31.85 22.06 -61.92
C GLY B 259 -32.18 20.83 -61.08
N VAL B 260 -31.21 19.94 -60.97
CA VAL B 260 -31.39 18.66 -60.30
C VAL B 260 -31.91 18.87 -58.89
N PRO B 261 -33.07 18.31 -58.55
CA PRO B 261 -33.75 18.56 -57.26
C PRO B 261 -33.19 17.72 -56.07
N ASP B 262 -32.76 18.38 -54.98
CA ASP B 262 -32.18 17.70 -53.81
C ASP B 262 -33.25 17.05 -52.92
N ARG B 263 -32.86 15.95 -52.27
CA ARG B 263 -33.63 15.34 -51.20
C ARG B 263 -32.61 15.03 -50.14
N ARG B 264 -32.47 15.91 -49.17
CA ARG B 264 -31.30 15.85 -48.32
C ARG B 264 -31.50 15.33 -46.91
N PHE B 265 -30.37 14.99 -46.29
CA PHE B 265 -30.19 15.27 -44.85
C PHE B 265 -29.31 14.37 -44.00
N GLY B 266 -29.93 13.76 -43.01
CA GLY B 266 -29.21 13.23 -41.87
C GLY B 266 -28.04 12.30 -42.14
N MET B 267 -27.09 12.31 -41.20
CA MET B 267 -26.21 11.18 -41.05
C MET B 267 -27.10 9.92 -41.07
N LEU B 268 -26.68 8.89 -41.78
CA LEU B 268 -27.53 7.69 -41.97
C LEU B 268 -27.47 6.66 -40.82
N TYR B 269 -27.95 7.11 -39.67
CA TYR B 269 -27.96 6.33 -38.45
C TYR B 269 -29.41 6.07 -37.92
N GLY B 270 -29.64 4.84 -37.47
CA GLY B 270 -30.89 4.49 -36.82
C GLY B 270 -31.95 3.96 -37.78
N LEU B 271 -33.09 3.54 -37.24
CA LEU B 271 -34.23 3.14 -38.09
C LEU B 271 -34.65 4.26 -39.01
N ASP B 272 -35.33 5.24 -38.45
CA ASP B 272 -35.83 6.34 -39.28
C ASP B 272 -34.79 6.79 -40.34
N ALA B 273 -33.59 7.08 -39.90
CA ALA B 273 -32.63 7.66 -40.83
C ALA B 273 -32.46 6.84 -42.10
N VAL B 274 -32.38 5.52 -41.93
CA VAL B 274 -32.15 4.61 -43.06
C VAL B 274 -33.44 4.22 -43.82
N ASP B 275 -34.53 4.03 -43.08
CA ASP B 275 -35.87 3.95 -43.65
C ASP B 275 -36.03 5.04 -44.71
N ALA B 276 -35.95 6.28 -44.27
CA ALA B 276 -36.12 7.37 -45.22
C ALA B 276 -35.05 7.39 -46.31
N TRP B 277 -33.85 6.86 -46.05
CA TRP B 277 -32.86 6.81 -47.12
C TRP B 277 -33.26 5.87 -48.20
N LEU B 278 -33.72 4.69 -47.79
CA LEU B 278 -34.16 3.68 -48.74
C LEU B 278 -35.43 4.12 -49.52
N MET B 279 -36.48 4.57 -48.81
CA MET B 279 -37.67 5.15 -49.44
C MET B 279 -37.37 6.16 -50.52
N ALA B 280 -36.58 7.17 -50.20
CA ALA B 280 -36.24 8.20 -51.18
C ALA B 280 -35.58 7.54 -52.35
N LEU B 281 -34.99 6.38 -52.14
CA LEU B 281 -34.34 5.70 -53.23
C LEU B 281 -35.32 4.90 -54.07
N ALA B 282 -36.30 4.28 -53.39
CA ALA B 282 -37.36 3.49 -54.04
C ALA B 282 -38.21 4.37 -54.93
N GLU B 283 -38.41 5.59 -54.45
CA GLU B 283 -39.20 6.62 -55.13
C GLU B 283 -38.46 7.14 -56.35
N ILE B 284 -37.19 7.50 -56.15
CA ILE B 284 -36.38 8.02 -57.24
C ILE B 284 -36.29 7.01 -58.35
N SER B 285 -36.43 5.73 -58.04
CA SER B 285 -36.24 4.72 -59.08
C SER B 285 -37.40 3.79 -59.34
N GLY B 286 -38.51 3.99 -58.65
CA GLY B 286 -39.71 3.18 -58.84
C GLY B 286 -39.60 1.77 -58.26
N ASN B 287 -38.60 1.00 -58.68
CA ASN B 287 -38.41 -0.35 -58.14
C ASN B 287 -38.36 -0.34 -56.60
N PRO B 288 -38.53 -1.52 -55.98
CA PRO B 288 -38.70 -1.62 -54.52
C PRO B 288 -37.39 -1.84 -53.74
N VAL B 289 -37.48 -1.75 -52.41
CA VAL B 289 -36.35 -1.96 -51.52
C VAL B 289 -35.92 -3.42 -51.59
N PRO B 290 -34.69 -3.66 -52.06
CA PRO B 290 -34.15 -5.02 -52.25
C PRO B 290 -34.37 -5.91 -51.00
N ASP B 291 -34.57 -7.22 -51.18
CA ASP B 291 -34.81 -8.11 -50.04
C ASP B 291 -33.72 -7.99 -48.98
N ARG B 292 -32.50 -7.66 -49.41
CA ARG B 292 -31.38 -7.58 -48.51
C ARG B 292 -31.67 -6.59 -47.36
N TYR B 293 -32.00 -5.35 -47.71
CA TYR B 293 -32.18 -4.30 -46.69
C TYR B 293 -33.49 -4.47 -45.97
N LYS B 294 -34.34 -5.38 -46.46
CA LYS B 294 -35.57 -5.71 -45.78
C LYS B 294 -35.17 -6.56 -44.61
N ARG B 295 -34.12 -7.35 -44.82
CA ARG B 295 -33.66 -8.26 -43.80
C ARG B 295 -32.92 -7.52 -42.71
N GLN B 296 -32.12 -6.54 -43.13
CA GLN B 296 -31.21 -5.87 -42.25
C GLN B 296 -32.01 -5.03 -41.31
N ARG B 297 -33.04 -4.41 -41.82
CA ARG B 297 -33.93 -3.69 -40.93
C ARG B 297 -34.48 -4.61 -39.85
N ALA B 298 -34.73 -5.86 -40.20
CA ALA B 298 -35.19 -6.83 -39.20
C ALA B 298 -34.08 -7.20 -38.20
N GLN B 299 -32.85 -7.24 -38.72
CA GLN B 299 -31.68 -7.46 -37.91
C GLN B 299 -31.44 -6.28 -36.95
N LEU B 300 -31.51 -5.06 -37.46
CA LEU B 300 -31.36 -3.90 -36.59
C LEU B 300 -32.38 -3.93 -35.49
N GLN B 301 -33.64 -4.22 -35.83
CA GLN B 301 -34.71 -4.13 -34.81
C GLN B 301 -34.41 -5.10 -33.72
N ASP B 302 -33.78 -6.22 -34.08
CA ASP B 302 -33.45 -7.21 -33.06
C ASP B 302 -32.31 -6.73 -32.18
N ALA B 303 -31.34 -6.07 -32.80
CA ALA B 303 -30.22 -5.51 -32.08
C ALA B 303 -30.71 -4.41 -31.13
N MET B 304 -31.83 -3.81 -31.46
CA MET B 304 -32.42 -2.87 -30.50
C MET B 304 -33.09 -3.59 -29.35
N LEU B 305 -33.77 -4.69 -29.61
CA LEU B 305 -34.35 -5.44 -28.50
C LEU B 305 -33.25 -6.03 -27.54
N ASP B 306 -32.18 -6.57 -28.11
CA ASP B 306 -31.12 -7.14 -27.31
C ASP B 306 -30.22 -6.11 -26.55
N THR B 307 -30.06 -4.93 -27.12
CA THR B 307 -29.24 -3.91 -26.48
C THR B 307 -30.04 -2.89 -25.72
N HIS B 308 -31.38 -3.02 -25.73
CA HIS B 308 -32.21 -2.06 -25.01
C HIS B 308 -31.97 -2.09 -23.53
N PHE B 309 -31.77 -3.28 -22.97
CA PHE B 309 -31.45 -3.39 -21.54
C PHE B 309 -30.27 -2.47 -21.11
N MET B 310 -29.18 -2.54 -21.86
CA MET B 310 -27.96 -1.83 -21.47
C MET B 310 -28.00 -0.35 -21.90
N LEU B 311 -28.48 -0.07 -23.11
CA LEU B 311 -28.53 1.32 -23.57
C LEU B 311 -29.75 2.19 -23.11
N SER B 312 -30.90 1.59 -22.83
CA SER B 312 -32.01 2.40 -22.32
C SER B 312 -31.59 3.19 -21.08
N SER B 313 -31.55 4.50 -21.22
CA SER B 313 -31.24 5.44 -20.14
C SER B 313 -29.77 5.66 -19.82
N ALA B 314 -28.88 5.18 -20.68
CA ALA B 314 -27.44 5.48 -20.58
C ALA B 314 -27.17 6.97 -20.67
N ARG B 315 -26.37 7.51 -19.75
CA ARG B 315 -25.73 8.80 -19.98
C ARG B 315 -24.48 8.78 -20.92
N THR B 316 -24.54 9.52 -22.00
CA THR B 316 -23.44 9.58 -22.91
C THR B 316 -22.98 10.99 -22.98
N ALA B 317 -21.76 11.17 -23.48
CA ALA B 317 -21.24 12.52 -23.69
C ALA B 317 -20.48 12.49 -24.97
N ILE B 318 -20.78 13.42 -25.86
CA ILE B 318 -20.30 13.35 -27.21
C ILE B 318 -19.51 14.58 -27.55
N ALA B 319 -18.33 14.36 -28.15
CA ALA B 319 -17.44 15.42 -28.53
C ALA B 319 -17.13 15.21 -29.99
N ALA B 320 -17.89 15.87 -30.85
CA ALA B 320 -17.85 15.58 -32.26
C ALA B 320 -18.27 16.76 -33.07
N ASP B 321 -18.00 16.72 -34.38
CA ASP B 321 -18.50 17.72 -35.31
C ASP B 321 -20.04 17.77 -35.29
N PRO B 322 -20.63 18.92 -35.62
CA PRO B 322 -22.08 18.97 -35.45
C PRO B 322 -22.82 17.80 -36.14
N ASP B 323 -22.40 17.42 -37.35
CA ASP B 323 -23.14 16.36 -38.05
C ASP B 323 -23.16 15.06 -37.23
N LEU B 324 -21.99 14.53 -36.94
CA LEU B 324 -21.90 13.36 -36.07
C LEU B 324 -22.70 13.53 -34.77
N LEU B 325 -22.70 14.71 -34.23
CA LEU B 325 -23.43 14.93 -32.97
C LEU B 325 -24.88 14.55 -33.19
N LEU B 326 -25.53 15.25 -34.12
CA LEU B 326 -26.93 15.03 -34.47
C LEU B 326 -27.20 13.60 -34.94
N GLY B 327 -26.23 13.03 -35.66
CA GLY B 327 -26.31 11.66 -36.10
C GLY B 327 -26.25 10.69 -34.93
N PHE B 328 -25.45 11.01 -33.91
CA PHE B 328 -25.32 10.06 -32.82
C PHE B 328 -26.41 10.28 -31.82
N ASP B 329 -26.88 11.50 -31.76
CA ASP B 329 -27.91 11.86 -30.84
C ASP B 329 -29.18 11.13 -31.24
N ALA B 330 -29.48 11.18 -32.53
CA ALA B 330 -30.67 10.55 -33.06
C ALA B 330 -30.65 9.07 -32.76
N LEU B 331 -29.61 8.40 -33.23
CA LEU B 331 -29.45 6.96 -33.01
C LEU B 331 -29.68 6.57 -31.55
N LEU B 332 -29.03 7.29 -30.65
CA LEU B 332 -29.12 7.01 -29.23
C LEU B 332 -30.51 7.28 -28.67
N ARG B 333 -31.18 8.29 -29.20
CA ARG B 333 -32.47 8.64 -28.65
C ARG B 333 -33.49 7.57 -29.01
N SER B 334 -33.24 6.84 -30.09
CA SER B 334 -34.14 5.78 -30.53
C SER B 334 -34.02 4.63 -29.60
N MET B 335 -33.12 4.76 -28.63
CA MET B 335 -32.86 3.67 -27.69
C MET B 335 -33.23 4.04 -26.27
N GLY B 336 -33.45 5.32 -26.03
CA GLY B 336 -33.76 5.72 -24.68
C GLY B 336 -32.49 6.16 -24.00
N ALA B 337 -31.44 6.32 -24.79
CA ALA B 337 -30.20 6.82 -24.26
C ALA B 337 -30.28 8.33 -24.21
N HIS B 338 -29.83 8.92 -23.10
CA HIS B 338 -29.72 10.38 -22.95
C HIS B 338 -28.31 10.88 -23.30
N THR B 339 -28.18 11.83 -24.22
CA THR B 339 -26.88 12.45 -24.35
C THR B 339 -26.79 13.65 -23.38
N VAL B 340 -26.00 13.42 -22.31
CA VAL B 340 -25.90 14.27 -21.14
C VAL B 340 -24.87 15.40 -21.31
N ALA B 341 -24.26 15.50 -22.48
CA ALA B 341 -23.13 16.41 -22.62
C ALA B 341 -22.65 16.34 -24.04
N ALA B 342 -22.79 17.45 -24.74
CA ALA B 342 -22.47 17.50 -26.13
C ALA B 342 -21.55 18.68 -26.25
N VAL B 343 -20.40 18.46 -26.87
CA VAL B 343 -19.42 19.52 -27.02
C VAL B 343 -19.00 19.59 -28.46
N VAL B 344 -19.09 20.77 -29.02
CA VAL B 344 -18.89 20.93 -30.43
C VAL B 344 -17.72 21.87 -30.62
N PRO B 345 -17.11 21.84 -31.82
CA PRO B 345 -15.96 22.73 -32.13
C PRO B 345 -16.31 24.21 -32.51
N ALA B 346 -17.49 24.42 -33.09
CA ALA B 346 -17.89 25.75 -33.62
C ALA B 346 -19.39 25.82 -33.85
N ARG B 347 -19.92 27.04 -33.92
CA ARG B 347 -21.37 27.26 -33.92
C ARG B 347 -22.12 26.30 -34.86
N ALA B 348 -21.86 26.40 -36.16
CA ALA B 348 -22.50 25.53 -37.16
C ALA B 348 -24.05 25.53 -37.14
N ALA B 349 -24.66 25.47 -38.32
CA ALA B 349 -26.11 25.43 -38.45
C ALA B 349 -26.79 24.60 -37.37
N ALA B 350 -27.41 23.50 -37.77
CA ALA B 350 -28.06 22.60 -36.82
C ALA B 350 -28.47 23.40 -35.61
N LEU B 351 -29.18 24.48 -35.89
CA LEU B 351 -29.77 25.35 -34.88
C LEU B 351 -30.99 24.65 -34.32
N VAL B 352 -31.79 25.39 -33.58
CA VAL B 352 -32.77 24.76 -32.73
C VAL B 352 -32.01 23.77 -31.86
N ASP B 353 -30.72 23.61 -32.18
CA ASP B 353 -29.83 22.69 -31.48
C ASP B 353 -30.14 21.22 -31.85
N SER B 354 -31.17 21.00 -32.67
CA SER B 354 -31.84 19.70 -32.75
C SER B 354 -32.72 19.60 -31.49
N PRO B 355 -32.98 18.38 -30.98
CA PRO B 355 -33.80 18.37 -29.76
C PRO B 355 -33.05 18.50 -28.43
N LEU B 356 -31.72 18.53 -28.44
CA LEU B 356 -30.98 18.77 -27.19
C LEU B 356 -31.27 20.16 -26.60
N PRO B 357 -31.54 20.21 -25.28
CA PRO B 357 -31.80 21.52 -24.68
C PRO B 357 -30.65 22.48 -24.98
N SER B 358 -29.45 21.94 -25.13
CA SER B 358 -28.26 22.77 -25.38
C SER B 358 -27.02 21.96 -25.79
N VAL B 359 -26.03 22.65 -26.35
CA VAL B 359 -24.76 22.07 -26.74
C VAL B 359 -23.68 23.15 -26.62
N ARG B 360 -22.45 22.73 -26.34
CA ARG B 360 -21.39 23.67 -26.07
C ARG B 360 -20.32 23.74 -27.16
N VAL B 361 -19.78 24.93 -27.39
CA VAL B 361 -18.58 25.02 -28.17
C VAL B 361 -17.40 25.37 -27.25
N GLY B 362 -16.45 24.45 -27.11
CA GLY B 362 -15.35 24.69 -26.18
C GLY B 362 -14.42 23.53 -25.89
N ASP B 363 -14.64 22.43 -26.58
CA ASP B 363 -13.59 21.42 -26.62
C ASP B 363 -13.31 20.57 -25.36
N LEU B 364 -12.25 19.77 -25.35
CA LEU B 364 -12.28 18.58 -24.50
C LEU B 364 -12.28 18.86 -23.02
N GLU B 365 -11.63 19.94 -22.60
CA GLU B 365 -11.61 20.27 -21.18
C GLU B 365 -13.08 20.51 -20.76
N ASP B 366 -13.88 21.05 -21.65
CA ASP B 366 -15.26 21.33 -21.36
C ASP B 366 -16.01 20.04 -21.24
N LEU B 367 -15.70 19.11 -22.13
CA LEU B 367 -16.39 17.83 -22.18
C LEU B 367 -16.18 17.10 -20.86
N GLU B 368 -14.95 17.04 -20.42
CA GLU B 368 -14.64 16.30 -19.21
C GLU B 368 -15.48 16.79 -18.06
N HIS B 369 -15.69 18.10 -17.96
CA HIS B 369 -16.45 18.68 -16.84
C HIS B 369 -17.97 18.64 -17.01
N ALA B 370 -18.44 18.91 -18.22
CA ALA B 370 -19.82 18.67 -18.58
C ALA B 370 -20.21 17.18 -18.40
N ALA B 371 -19.32 16.29 -18.82
CA ALA B 371 -19.56 14.84 -18.67
C ALA B 371 -19.68 14.47 -17.23
N ARG B 372 -18.80 15.04 -16.42
CA ARG B 372 -18.72 14.70 -15.02
C ARG B 372 -19.98 15.26 -14.36
N ALA B 373 -20.47 16.35 -14.90
CA ALA B 373 -21.54 17.09 -14.29
C ALA B 373 -22.76 16.21 -14.30
N GLY B 374 -23.16 15.77 -15.50
CA GLY B 374 -24.34 14.95 -15.70
C GLY B 374 -24.10 13.46 -15.63
N GLN B 375 -22.87 13.07 -15.33
CA GLN B 375 -22.58 11.67 -15.02
C GLN B 375 -22.56 10.77 -16.27
N ALA B 376 -21.79 11.20 -17.25
CA ALA B 376 -21.55 10.40 -18.42
C ALA B 376 -21.18 8.98 -17.97
N GLN B 377 -21.72 7.95 -18.65
CA GLN B 377 -21.36 6.56 -18.36
C GLN B 377 -20.42 6.08 -19.41
N LEU B 378 -20.23 6.93 -20.42
CA LEU B 378 -19.70 6.55 -21.72
C LEU B 378 -19.38 7.83 -22.47
N VAL B 379 -18.27 7.87 -23.17
CA VAL B 379 -17.92 9.04 -23.97
C VAL B 379 -17.55 8.68 -25.41
N ILE B 380 -18.32 9.22 -26.37
CA ILE B 380 -18.03 9.11 -27.79
C ILE B 380 -17.21 10.32 -28.25
N GLY B 381 -16.11 10.06 -28.94
CA GLY B 381 -15.18 11.12 -29.35
C GLY B 381 -13.99 10.55 -30.13
N ASN B 382 -12.99 11.37 -30.43
CA ASN B 382 -11.80 10.88 -31.15
C ASN B 382 -10.69 10.45 -30.22
N SER B 383 -9.58 10.03 -30.82
CA SER B 383 -8.42 9.61 -30.07
C SER B 383 -7.98 10.63 -29.03
N HIS B 384 -8.26 11.90 -29.28
CA HIS B 384 -7.91 12.89 -28.29
C HIS B 384 -8.80 12.73 -27.07
N ALA B 385 -9.96 12.09 -27.21
CA ALA B 385 -10.81 11.93 -26.03
C ALA B 385 -10.35 10.84 -25.06
N LEU B 386 -9.49 9.91 -25.49
CA LEU B 386 -9.07 8.83 -24.57
C LEU B 386 -8.77 9.50 -23.26
N ALA B 387 -7.79 10.40 -23.25
CA ALA B 387 -7.38 11.04 -22.01
C ALA B 387 -8.57 11.61 -21.19
N SER B 388 -9.52 12.29 -21.82
CA SER B 388 -10.70 12.76 -21.06
C SER B 388 -11.44 11.60 -20.44
N ALA B 389 -11.84 10.62 -21.27
CA ALA B 389 -12.43 9.38 -20.84
C ALA B 389 -11.66 8.68 -19.76
N ARG B 390 -10.37 8.42 -19.99
CA ARG B 390 -9.54 7.79 -18.96
C ARG B 390 -9.47 8.64 -17.69
N ARG B 391 -9.58 9.97 -17.81
CA ARG B 391 -9.56 10.82 -16.62
C ARG B 391 -10.97 10.90 -15.92
N LEU B 392 -12.07 10.61 -16.64
CA LEU B 392 -13.30 10.22 -15.96
C LEU B 392 -13.01 8.75 -15.70
N GLY B 393 -13.96 8.02 -15.18
CA GLY B 393 -13.67 6.60 -15.05
C GLY B 393 -14.36 5.76 -16.12
N VAL B 394 -14.19 6.15 -17.39
CA VAL B 394 -15.22 5.85 -18.41
C VAL B 394 -14.79 5.38 -19.80
N PRO B 395 -15.60 4.52 -20.45
CA PRO B 395 -15.27 3.92 -21.75
C PRO B 395 -15.32 4.90 -22.90
N LEU B 396 -14.55 4.62 -23.94
CA LEU B 396 -14.49 5.47 -25.11
C LEU B 396 -14.90 4.63 -26.35
N LEU B 397 -15.58 5.26 -27.28
CA LEU B 397 -15.93 4.68 -28.55
C LEU B 397 -15.51 5.75 -29.51
N ARG B 398 -14.35 5.63 -30.13
CA ARG B 398 -13.97 6.71 -30.98
C ARG B 398 -14.73 6.79 -32.31
N ALA B 399 -14.92 8.04 -32.78
CA ALA B 399 -15.54 8.34 -34.06
C ALA B 399 -15.00 9.72 -34.29
N GLY B 400 -15.06 10.25 -35.49
CA GLY B 400 -14.43 11.52 -35.70
C GLY B 400 -12.99 11.45 -36.23
N PHE B 401 -12.43 12.61 -36.52
CA PHE B 401 -11.41 12.69 -37.52
C PHE B 401 -9.95 12.80 -37.15
N PRO B 402 -9.67 12.91 -35.86
CA PRO B 402 -8.35 12.37 -35.50
C PRO B 402 -8.51 11.01 -34.74
N GLN B 403 -8.21 9.92 -35.43
CA GLN B 403 -7.97 8.66 -34.70
C GLN B 403 -6.71 7.88 -35.08
N TYR B 404 -5.58 8.35 -34.55
CA TYR B 404 -4.23 7.85 -34.79
C TYR B 404 -3.85 6.64 -33.94
N ASP B 405 -4.74 6.27 -33.02
CA ASP B 405 -4.40 5.18 -32.07
C ASP B 405 -5.14 3.91 -32.38
N LEU B 406 -5.89 3.90 -33.49
CA LEU B 406 -6.75 2.76 -33.83
C LEU B 406 -6.54 2.31 -35.25
N LEU B 407 -5.99 1.11 -35.42
CA LEU B 407 -5.73 0.54 -36.74
C LEU B 407 -6.96 0.51 -37.66
N GLY B 408 -8.07 0.01 -37.18
CA GLY B 408 -9.21 -0.15 -38.08
C GLY B 408 -10.01 1.09 -38.47
N GLY B 409 -9.86 2.18 -37.74
CA GLY B 409 -10.87 3.22 -37.65
C GLY B 409 -11.21 4.18 -38.77
N PHE B 410 -10.23 4.48 -39.61
CA PHE B 410 -10.49 5.51 -40.59
C PHE B 410 -11.51 4.99 -41.57
N GLN B 411 -11.90 3.72 -41.40
CA GLN B 411 -12.51 2.94 -42.47
C GLN B 411 -13.83 2.32 -42.04
N ARG B 412 -14.13 2.44 -40.77
CA ARG B 412 -15.37 1.86 -40.23
C ARG B 412 -16.62 2.35 -41.01
N CYS B 413 -17.53 1.46 -41.41
CA CYS B 413 -18.81 1.95 -41.91
C CYS B 413 -19.82 2.20 -40.78
N TRP B 414 -20.11 3.46 -40.46
CA TRP B 414 -21.03 3.72 -39.33
C TRP B 414 -22.46 3.59 -39.76
N SER B 415 -22.70 3.81 -41.05
CA SER B 415 -24.01 4.07 -41.61
C SER B 415 -24.85 2.86 -41.97
N GLY B 416 -26.16 3.14 -42.03
CA GLY B 416 -27.15 2.17 -42.43
C GLY B 416 -27.52 1.27 -41.29
N TYR B 417 -28.22 0.18 -41.63
CA TYR B 417 -28.78 -0.82 -40.71
C TYR B 417 -27.76 -1.64 -39.96
N ARG B 418 -26.77 -2.19 -40.67
CA ARG B 418 -25.68 -2.92 -40.03
C ARG B 418 -24.74 -1.98 -39.27
N GLY B 419 -24.35 -0.89 -39.93
CA GLY B 419 -23.58 0.16 -39.28
C GLY B 419 -24.25 0.52 -37.99
N SER B 420 -25.47 1.05 -38.08
CA SER B 420 -26.27 1.33 -36.91
C SER B 420 -26.24 0.18 -35.91
N SER B 421 -26.52 -1.05 -36.35
CA SER B 421 -26.66 -2.14 -35.34
C SER B 421 -25.33 -2.45 -34.65
N GLN B 422 -24.24 -2.44 -35.41
CA GLN B 422 -22.89 -2.65 -34.91
C GLN B 422 -22.48 -1.57 -33.88
N VAL B 423 -22.96 -0.35 -34.06
CA VAL B 423 -22.75 0.68 -33.05
C VAL B 423 -23.49 0.34 -31.78
N LEU B 424 -24.64 -0.34 -31.89
CA LEU B 424 -25.36 -0.70 -30.63
C LEU B 424 -24.61 -1.81 -29.92
N PHE B 425 -24.21 -2.82 -30.67
CA PHE B 425 -23.31 -3.82 -30.07
C PHE B 425 -22.12 -3.17 -29.35
N ASP B 426 -21.44 -2.23 -29.99
CA ASP B 426 -20.30 -1.64 -29.31
C ASP B 426 -20.59 -0.90 -28.02
N LEU B 427 -21.50 0.07 -28.03
CA LEU B 427 -21.89 0.68 -26.78
C LEU B 427 -22.35 -0.38 -25.79
N ALA B 428 -23.18 -1.32 -26.21
CA ALA B 428 -23.69 -2.28 -25.24
C ALA B 428 -22.49 -2.96 -24.53
N ASN B 429 -21.52 -3.45 -25.33
CA ASN B 429 -20.34 -4.15 -24.81
C ASN B 429 -19.45 -3.31 -23.92
N LEU B 430 -19.26 -2.04 -24.24
CA LEU B 430 -18.41 -1.16 -23.37
C LEU B 430 -19.17 -0.94 -22.09
N LEU B 431 -20.42 -0.51 -22.21
CA LEU B 431 -21.21 -0.32 -21.01
C LEU B 431 -21.17 -1.56 -20.12
N VAL B 432 -21.44 -2.74 -20.70
CA VAL B 432 -21.48 -3.96 -19.91
C VAL B 432 -20.19 -4.25 -19.11
N GLU B 433 -19.03 -4.13 -19.73
CA GLU B 433 -17.82 -4.59 -19.07
C GLU B 433 -17.26 -3.57 -18.03
N HIS B 434 -17.66 -2.33 -18.17
CA HIS B 434 -17.22 -1.34 -17.20
C HIS B 434 -18.22 -1.22 -16.05
N HIS B 435 -19.12 -2.20 -15.94
CA HIS B 435 -20.11 -2.13 -14.89
C HIS B 435 -19.84 -3.18 -13.82
N GLY C 32 -47.31 -30.63 -8.74
CA GLY C 32 -46.18 -31.54 -8.55
C GLY C 32 -45.13 -31.48 -9.64
N CYS C 33 -45.08 -32.56 -10.44
CA CYS C 33 -44.10 -32.74 -11.53
C CYS C 33 -44.08 -34.22 -12.04
N ALA C 34 -43.95 -34.42 -13.36
CA ALA C 34 -43.91 -35.76 -13.97
C ALA C 34 -43.16 -35.77 -15.31
N LYS C 35 -43.56 -34.86 -16.20
CA LYS C 35 -42.92 -34.63 -17.51
C LYS C 35 -43.68 -35.27 -18.68
N PRO C 36 -44.14 -34.44 -19.64
CA PRO C 36 -44.70 -34.92 -20.91
C PRO C 36 -43.79 -34.56 -22.07
N LYS C 37 -43.31 -35.57 -22.82
CA LYS C 37 -42.40 -35.33 -23.92
C LYS C 37 -42.85 -34.20 -24.84
N PRO C 38 -41.90 -33.43 -25.37
CA PRO C 38 -41.93 -32.07 -25.92
C PRO C 38 -43.11 -31.17 -25.54
N GLY C 39 -43.48 -31.17 -24.25
CA GLY C 39 -44.51 -30.27 -23.75
C GLY C 39 -44.13 -29.69 -22.41
N ALA C 40 -43.85 -28.39 -22.37
CA ALA C 40 -43.29 -27.75 -21.16
C ALA C 40 -42.11 -28.57 -20.63
N THR C 41 -41.56 -29.42 -21.50
CA THR C 41 -40.39 -30.24 -21.20
C THR C 41 -39.12 -29.41 -21.33
N ASP C 42 -38.84 -28.63 -20.31
CA ASP C 42 -37.58 -27.94 -20.16
C ASP C 42 -37.58 -27.62 -18.70
N GLY C 43 -36.42 -27.70 -18.06
CA GLY C 43 -36.39 -27.43 -16.64
C GLY C 43 -35.07 -27.85 -16.08
N GLY C 44 -34.53 -28.93 -16.65
CA GLY C 44 -33.20 -29.37 -16.28
C GLY C 44 -33.25 -30.38 -15.17
N CYS C 45 -32.16 -31.14 -15.06
CA CYS C 45 -32.13 -32.27 -14.20
C CYS C 45 -32.05 -31.82 -12.77
N SER C 46 -32.09 -32.82 -11.90
CA SER C 46 -31.69 -32.72 -10.52
C SER C 46 -30.21 -32.35 -10.40
N PHE C 47 -29.36 -32.79 -11.33
CA PHE C 47 -27.97 -32.41 -11.25
C PHE C 47 -27.86 -30.90 -11.30
N ASP C 48 -28.30 -30.32 -12.40
CA ASP C 48 -28.47 -28.88 -12.51
C ASP C 48 -28.98 -28.31 -11.19
N GLY C 49 -30.04 -28.91 -10.61
CA GLY C 49 -30.62 -28.43 -9.36
C GLY C 49 -29.66 -28.45 -8.18
N ALA C 50 -29.00 -29.58 -7.98
CA ALA C 50 -27.91 -29.68 -7.02
C ALA C 50 -26.80 -28.64 -7.28
N GLN C 51 -26.40 -28.47 -8.53
CA GLN C 51 -25.29 -27.56 -8.82
C GLN C 51 -25.68 -26.10 -8.57
N ILE C 52 -26.98 -25.80 -8.63
CA ILE C 52 -27.46 -24.44 -8.39
C ILE C 52 -27.30 -24.14 -6.93
N ALA C 53 -27.36 -25.19 -6.12
CA ALA C 53 -27.36 -25.05 -4.65
C ALA C 53 -26.01 -25.18 -3.98
N LEU C 54 -25.08 -25.89 -4.62
CA LEU C 54 -23.81 -26.14 -3.98
C LEU C 54 -22.67 -25.33 -4.58
N LEU C 55 -22.82 -24.93 -5.82
CA LEU C 55 -21.75 -24.16 -6.47
C LEU C 55 -21.36 -22.88 -5.78
N PRO C 56 -22.32 -22.13 -5.20
CA PRO C 56 -21.91 -20.84 -4.61
C PRO C 56 -21.21 -21.03 -3.24
N VAL C 57 -20.52 -22.16 -3.13
CA VAL C 57 -19.57 -22.43 -2.07
C VAL C 57 -18.17 -22.26 -2.72
N ALA C 58 -17.66 -21.04 -2.67
CA ALA C 58 -16.61 -20.63 -3.57
C ALA C 58 -15.29 -21.36 -3.51
N ASP C 59 -14.81 -21.75 -2.33
CA ASP C 59 -13.39 -22.15 -2.24
C ASP C 59 -13.19 -23.61 -2.51
N VAL C 60 -14.30 -24.28 -2.73
CA VAL C 60 -14.36 -25.72 -2.93
C VAL C 60 -14.10 -26.16 -4.39
N ALA C 61 -13.74 -27.43 -4.61
CA ALA C 61 -13.63 -28.00 -5.93
C ALA C 61 -14.87 -28.81 -6.32
N HIS C 62 -15.41 -28.51 -7.49
CA HIS C 62 -16.72 -28.98 -7.79
C HIS C 62 -16.59 -29.81 -9.03
N ILE C 63 -16.35 -31.10 -8.80
CA ILE C 63 -16.08 -32.01 -9.90
C ILE C 63 -17.38 -32.63 -10.36
N VAL C 64 -17.60 -32.57 -11.66
CA VAL C 64 -18.78 -33.14 -12.30
C VAL C 64 -18.33 -34.47 -12.90
N HIS C 65 -19.00 -35.54 -12.48
CA HIS C 65 -18.62 -36.87 -12.93
C HIS C 65 -19.57 -37.31 -13.96
N GLY C 66 -19.25 -36.98 -15.19
CA GLY C 66 -20.08 -37.34 -16.32
C GLY C 66 -19.30 -37.20 -17.60
N PRO C 67 -20.02 -37.18 -18.72
CA PRO C 67 -19.48 -36.78 -20.02
C PRO C 67 -19.82 -35.33 -20.19
N ILE C 68 -19.34 -34.70 -21.26
CA ILE C 68 -19.45 -33.25 -21.38
C ILE C 68 -20.85 -32.68 -21.38
N ALA C 69 -21.85 -33.49 -21.65
CA ALA C 69 -23.22 -32.95 -21.69
C ALA C 69 -23.52 -32.22 -20.37
N CYS C 70 -23.10 -32.85 -19.30
CA CYS C 70 -23.29 -32.37 -17.96
C CYS C 70 -22.50 -31.08 -17.67
N ALA C 71 -21.18 -31.17 -17.66
CA ALA C 71 -20.34 -30.04 -17.26
C ALA C 71 -20.33 -28.91 -18.29
N GLY C 72 -19.37 -28.99 -19.21
CA GLY C 72 -19.17 -28.07 -20.33
C GLY C 72 -19.97 -26.79 -20.29
N SER C 73 -21.29 -26.93 -20.49
CA SER C 73 -22.21 -25.80 -20.59
C SER C 73 -22.57 -25.10 -19.27
N SER C 74 -22.85 -25.86 -18.23
CA SER C 74 -23.41 -25.31 -16.99
C SER C 74 -22.35 -24.60 -16.19
N TRP C 75 -21.24 -24.30 -16.87
CA TRP C 75 -19.95 -23.95 -16.24
C TRP C 75 -19.67 -22.43 -16.18
N ASP C 76 -19.76 -21.76 -17.34
CA ASP C 76 -19.86 -20.31 -17.38
C ASP C 76 -20.79 -19.94 -16.26
N ASN C 77 -21.94 -20.61 -16.28
CA ASN C 77 -22.87 -20.68 -15.16
C ASN C 77 -23.74 -19.45 -15.01
N ARG C 78 -24.15 -19.21 -13.78
CA ARG C 78 -24.90 -18.00 -13.47
C ARG C 78 -24.81 -17.58 -12.01
N GLY C 79 -24.97 -16.29 -11.80
CA GLY C 79 -25.40 -15.78 -10.52
C GLY C 79 -24.39 -15.31 -9.50
N THR C 80 -24.04 -16.21 -8.59
CA THR C 80 -23.39 -15.83 -7.35
C THR C 80 -22.25 -14.88 -7.61
N ARG C 81 -21.88 -14.18 -6.56
CA ARG C 81 -20.76 -13.30 -6.60
C ARG C 81 -19.99 -13.70 -5.38
N SER C 82 -18.68 -13.78 -5.52
CA SER C 82 -17.82 -14.09 -4.40
C SER C 82 -17.00 -12.88 -3.95
N SER C 83 -16.65 -12.87 -2.68
CA SER C 83 -15.86 -11.77 -2.16
C SER C 83 -14.48 -12.32 -1.93
N GLY C 84 -14.11 -13.36 -2.67
CA GLY C 84 -12.82 -13.94 -2.43
C GLY C 84 -12.56 -15.05 -3.43
N PRO C 85 -12.44 -16.27 -2.92
CA PRO C 85 -12.03 -17.41 -3.73
C PRO C 85 -12.91 -17.57 -4.97
N ASP C 86 -12.31 -17.93 -6.12
CA ASP C 86 -13.10 -18.13 -7.31
C ASP C 86 -13.00 -19.57 -7.83
N LEU C 87 -12.55 -20.51 -7.01
CA LEU C 87 -12.51 -21.91 -7.46
C LEU C 87 -13.83 -22.44 -8.06
N TYR C 88 -14.98 -22.05 -7.50
CA TYR C 88 -16.23 -22.61 -8.01
C TYR C 88 -16.45 -22.19 -9.43
N ARG C 89 -15.67 -21.21 -9.90
CA ARG C 89 -15.77 -20.69 -11.27
C ARG C 89 -14.93 -21.56 -12.24
N ILE C 90 -14.05 -22.42 -11.72
CA ILE C 90 -13.28 -23.27 -12.63
C ILE C 90 -14.05 -24.54 -13.00
N GLY C 91 -14.36 -24.70 -14.28
CA GLY C 91 -15.06 -25.89 -14.72
C GLY C 91 -14.20 -27.10 -14.39
N MET C 92 -14.75 -28.02 -13.63
CA MET C 92 -14.05 -29.26 -13.34
C MET C 92 -14.90 -30.41 -13.78
N THR C 93 -14.29 -31.40 -14.42
CA THR C 93 -15.08 -32.59 -14.79
C THR C 93 -14.25 -33.75 -15.30
N THR C 94 -14.61 -34.95 -14.86
CA THR C 94 -14.01 -36.16 -15.38
C THR C 94 -14.62 -36.37 -16.73
N ASP C 95 -13.80 -36.48 -17.76
CA ASP C 95 -14.32 -36.19 -19.10
C ASP C 95 -14.58 -37.48 -19.83
N LEU C 96 -15.56 -38.23 -19.37
CA LEU C 96 -15.65 -39.65 -19.77
C LEU C 96 -15.73 -39.88 -21.27
N THR C 97 -14.68 -40.50 -21.79
CA THR C 97 -14.66 -41.00 -23.15
C THR C 97 -15.54 -42.24 -23.19
N GLU C 98 -15.84 -42.72 -24.40
CA GLU C 98 -16.66 -43.91 -24.54
C GLU C 98 -15.99 -45.12 -23.87
N ASN C 99 -14.69 -45.30 -24.07
CA ASN C 99 -13.98 -46.41 -23.43
C ASN C 99 -14.29 -46.47 -21.94
N ASP C 100 -14.20 -45.32 -21.26
CA ASP C 100 -14.45 -45.29 -19.84
C ASP C 100 -15.81 -45.90 -19.46
N VAL C 101 -16.78 -45.82 -20.36
CA VAL C 101 -18.10 -46.42 -20.08
C VAL C 101 -18.29 -47.85 -20.65
N ILE C 102 -17.33 -48.35 -21.42
CA ILE C 102 -17.22 -49.80 -21.57
C ILE C 102 -16.80 -50.23 -20.18
N MET C 103 -17.82 -50.30 -19.33
CA MET C 103 -17.75 -50.04 -17.89
C MET C 103 -16.40 -50.07 -17.14
N GLY C 104 -16.48 -49.64 -15.88
CA GLY C 104 -15.41 -49.84 -14.92
C GLY C 104 -14.42 -48.70 -14.82
N ARG C 105 -13.90 -48.22 -15.95
CA ARG C 105 -12.93 -47.14 -15.88
C ARG C 105 -13.55 -45.91 -15.24
N ALA C 106 -14.88 -45.83 -15.29
CA ALA C 106 -15.60 -44.67 -14.77
C ALA C 106 -15.12 -44.32 -13.38
N GLU C 107 -14.94 -45.33 -12.54
CA GLU C 107 -14.48 -45.10 -11.17
C GLU C 107 -13.00 -44.72 -11.15
N LYS C 108 -12.13 -45.52 -11.78
CA LYS C 108 -10.71 -45.18 -11.84
C LYS C 108 -10.56 -43.70 -12.09
N ARG C 109 -11.03 -43.20 -13.22
CA ARG C 109 -10.94 -41.76 -13.53
C ARG C 109 -11.27 -40.83 -12.38
N LEU C 110 -12.46 -40.99 -11.77
CA LEU C 110 -12.94 -40.12 -10.70
C LEU C 110 -11.97 -40.06 -9.53
N PHE C 111 -11.50 -41.23 -9.13
CA PHE C 111 -10.48 -41.30 -8.07
C PHE C 111 -9.26 -40.47 -8.45
N HIS C 112 -8.81 -40.58 -9.69
CA HIS C 112 -7.65 -39.83 -10.13
C HIS C 112 -8.02 -38.37 -10.37
N ALA C 113 -9.28 -38.13 -10.68
CA ALA C 113 -9.80 -36.76 -10.84
C ALA C 113 -9.79 -36.01 -9.52
N ILE C 114 -10.22 -36.66 -8.46
CA ILE C 114 -10.04 -36.03 -7.15
C ILE C 114 -8.55 -35.86 -6.80
N ARG C 115 -7.74 -36.88 -6.96
CA ARG C 115 -6.31 -36.67 -6.74
C ARG C 115 -5.77 -35.45 -7.52
N GLN C 116 -6.22 -35.25 -8.75
CA GLN C 116 -5.74 -34.09 -9.50
C GLN C 116 -6.18 -32.74 -8.90
N ALA C 117 -7.47 -32.65 -8.50
CA ALA C 117 -8.05 -31.47 -7.91
C ALA C 117 -7.30 -31.13 -6.68
N VAL C 118 -7.05 -32.16 -5.86
CA VAL C 118 -6.49 -31.92 -4.54
C VAL C 118 -5.04 -31.48 -4.62
N GLU C 119 -4.27 -32.06 -5.52
CA GLU C 119 -2.86 -31.64 -5.59
C GLU C 119 -2.75 -30.29 -6.31
N SER C 120 -3.46 -30.11 -7.43
CA SER C 120 -3.29 -28.88 -8.20
C SER C 120 -3.77 -27.65 -7.44
N TYR C 121 -4.94 -27.75 -6.81
CA TYR C 121 -5.59 -26.58 -6.25
C TYR C 121 -5.65 -26.58 -4.74
N SER C 122 -5.36 -27.72 -4.11
CA SER C 122 -5.39 -27.78 -2.65
C SER C 122 -6.65 -27.23 -1.94
N PRO C 123 -7.84 -27.41 -2.50
CA PRO C 123 -9.09 -26.85 -1.94
C PRO C 123 -9.30 -27.22 -0.49
N PRO C 124 -10.23 -26.57 0.21
CA PRO C 124 -10.51 -27.06 1.55
C PRO C 124 -11.25 -28.37 1.48
N ALA C 125 -12.05 -28.51 0.41
CA ALA C 125 -12.95 -29.68 0.26
C ALA C 125 -13.35 -29.85 -1.19
N VAL C 126 -13.99 -30.97 -1.50
CA VAL C 126 -14.23 -31.29 -2.89
C VAL C 126 -15.58 -31.94 -3.04
N PHE C 127 -16.36 -31.50 -4.01
CA PHE C 127 -17.72 -32.02 -4.18
C PHE C 127 -17.91 -32.73 -5.51
N VAL C 128 -18.20 -34.00 -5.44
CA VAL C 128 -18.39 -34.75 -6.68
C VAL C 128 -19.85 -34.94 -6.97
N TYR C 129 -20.27 -34.42 -8.12
CA TYR C 129 -21.67 -34.52 -8.57
C TYR C 129 -21.91 -35.71 -9.51
N ASN C 130 -22.97 -36.46 -9.24
CA ASN C 130 -23.30 -37.65 -10.02
C ASN C 130 -24.22 -37.35 -11.19
N THR C 131 -24.20 -38.20 -12.20
CA THR C 131 -24.80 -37.82 -13.47
C THR C 131 -25.39 -39.05 -14.13
N CYS C 132 -26.32 -38.85 -15.07
CA CYS C 132 -27.14 -39.94 -15.62
C CYS C 132 -26.34 -41.14 -16.08
N VAL C 133 -25.35 -40.90 -16.93
CA VAL C 133 -24.55 -42.01 -17.42
C VAL C 133 -23.97 -42.79 -16.27
N PRO C 134 -23.21 -42.12 -15.37
CA PRO C 134 -22.54 -42.87 -14.28
C PRO C 134 -23.50 -43.49 -13.26
N ALA C 135 -24.67 -42.93 -13.05
CA ALA C 135 -25.60 -43.55 -12.15
C ALA C 135 -26.08 -44.87 -12.78
N LEU C 136 -26.22 -44.86 -14.12
CA LEU C 136 -26.82 -45.98 -14.82
C LEU C 136 -25.92 -47.20 -14.78
N ILE C 137 -24.69 -47.04 -15.25
CA ILE C 137 -23.71 -48.13 -15.23
C ILE C 137 -23.28 -48.52 -13.81
N GLY C 138 -24.01 -48.01 -12.82
CA GLY C 138 -23.84 -48.41 -11.43
C GLY C 138 -22.70 -47.78 -10.64
N ASP C 139 -22.15 -46.68 -11.13
CA ASP C 139 -20.98 -46.08 -10.48
C ASP C 139 -21.20 -45.81 -9.00
N ASP C 140 -20.26 -46.28 -8.19
CA ASP C 140 -20.31 -46.09 -6.76
C ASP C 140 -19.64 -44.78 -6.39
N VAL C 141 -20.36 -43.67 -6.46
CA VAL C 141 -19.77 -42.38 -6.12
C VAL C 141 -19.31 -42.36 -4.66
N ASP C 142 -20.24 -42.64 -3.75
CA ASP C 142 -19.97 -42.61 -2.31
C ASP C 142 -18.65 -43.27 -1.90
N ALA C 143 -18.45 -44.50 -2.34
CA ALA C 143 -17.29 -45.26 -1.91
C ALA C 143 -16.01 -44.72 -2.54
N VAL C 144 -16.06 -44.37 -3.82
CA VAL C 144 -14.92 -43.74 -4.48
C VAL C 144 -14.51 -42.45 -3.78
N CYS C 145 -15.51 -41.75 -3.23
CA CYS C 145 -15.32 -40.46 -2.58
C CYS C 145 -14.59 -40.67 -1.25
N LYS C 146 -15.11 -41.62 -0.50
CA LYS C 146 -14.56 -41.95 0.79
C LYS C 146 -13.13 -42.47 0.64
N ALA C 147 -12.87 -43.26 -0.37
CA ALA C 147 -11.51 -43.75 -0.58
C ALA C 147 -10.58 -42.57 -0.75
N ALA C 148 -11.05 -41.60 -1.55
CA ALA C 148 -10.31 -40.39 -1.94
C ALA C 148 -10.06 -39.44 -0.74
N ALA C 149 -11.10 -39.19 0.05
CA ALA C 149 -10.91 -38.54 1.35
C ALA C 149 -9.67 -39.13 2.03
N GLU C 150 -9.78 -40.37 2.51
CA GLU C 150 -8.68 -41.03 3.20
C GLU C 150 -7.27 -41.03 2.57
N ARG C 151 -7.16 -41.39 1.30
CA ARG C 151 -5.83 -41.48 0.68
C ARG C 151 -5.13 -40.13 0.52
N PHE C 152 -5.92 -39.07 0.43
CA PHE C 152 -5.42 -37.74 0.03
C PHE C 152 -5.64 -36.65 1.09
N GLY C 153 -6.60 -36.87 1.98
CA GLY C 153 -6.75 -36.06 3.18
C GLY C 153 -7.64 -34.85 3.09
N THR C 154 -8.42 -34.77 2.02
CA THR C 154 -9.28 -33.63 1.77
C THR C 154 -10.71 -34.14 1.80
N PRO C 155 -11.57 -33.52 2.60
CA PRO C 155 -12.96 -34.01 2.67
C PRO C 155 -13.59 -34.01 1.29
N VAL C 156 -14.11 -35.14 0.84
CA VAL C 156 -14.76 -35.25 -0.47
C VAL C 156 -16.20 -35.59 -0.20
N ILE C 157 -17.13 -34.76 -0.65
CA ILE C 157 -18.54 -34.92 -0.34
C ILE C 157 -19.27 -35.38 -1.58
N PRO C 158 -20.05 -36.46 -1.49
CA PRO C 158 -20.62 -36.97 -2.72
C PRO C 158 -22.04 -36.44 -2.88
N VAL C 159 -22.35 -35.81 -3.99
CA VAL C 159 -23.72 -35.40 -4.27
C VAL C 159 -24.29 -36.36 -5.32
N ASP C 160 -25.22 -37.19 -4.89
CA ASP C 160 -25.82 -38.13 -5.82
C ASP C 160 -27.11 -37.55 -6.35
N SER C 161 -27.04 -36.91 -7.52
CA SER C 161 -28.28 -36.43 -8.12
C SER C 161 -28.16 -36.30 -9.62
N ALA C 162 -27.80 -37.39 -10.27
CA ALA C 162 -27.90 -37.51 -11.71
C ALA C 162 -29.24 -36.97 -12.17
N GLY C 163 -29.22 -36.38 -13.36
CA GLY C 163 -30.37 -35.70 -13.93
C GLY C 163 -31.68 -36.45 -13.92
N PHE C 164 -31.63 -37.70 -14.37
CA PHE C 164 -32.87 -38.42 -14.57
C PHE C 164 -33.65 -38.74 -13.29
N TYR C 165 -33.12 -38.43 -12.11
CA TYR C 165 -33.90 -38.64 -10.89
C TYR C 165 -35.16 -37.77 -10.92
N GLY C 166 -35.02 -36.57 -11.46
CA GLY C 166 -36.15 -35.65 -11.49
C GLY C 166 -35.80 -34.25 -11.90
N THR C 167 -36.41 -33.26 -11.25
CA THR C 167 -36.25 -31.86 -11.62
C THR C 167 -35.12 -31.20 -10.85
N LYS C 168 -34.91 -29.91 -11.12
CA LYS C 168 -34.00 -29.06 -10.34
C LYS C 168 -34.33 -29.10 -8.83
N ASN C 169 -35.59 -28.78 -8.47
CA ASN C 169 -36.04 -28.84 -7.08
C ASN C 169 -35.51 -30.09 -6.43
N LEU C 170 -35.75 -31.24 -7.06
CA LEU C 170 -35.26 -32.52 -6.51
C LEU C 170 -33.76 -32.45 -6.25
N GLY C 171 -33.02 -31.85 -7.19
CA GLY C 171 -31.58 -31.69 -7.05
C GLY C 171 -31.22 -30.69 -5.94
N ASN C 172 -32.10 -29.72 -5.71
CA ASN C 172 -31.90 -28.81 -4.61
C ASN C 172 -32.01 -29.57 -3.30
N ARG C 173 -33.01 -30.45 -3.23
CA ARG C 173 -33.24 -31.22 -2.02
C ARG C 173 -32.11 -32.19 -1.80
N ILE C 174 -31.70 -32.88 -2.86
CA ILE C 174 -30.58 -33.78 -2.71
C ILE C 174 -29.34 -33.01 -2.27
N ALA C 175 -29.28 -31.72 -2.57
CA ALA C 175 -28.12 -30.94 -2.16
C ALA C 175 -28.16 -30.69 -0.64
N GLY C 176 -29.34 -30.39 -0.11
CA GLY C 176 -29.50 -30.32 1.32
C GLY C 176 -29.12 -31.61 2.06
N GLU C 177 -29.75 -32.73 1.67
CA GLU C 177 -29.40 -34.02 2.23
C GLU C 177 -27.90 -34.20 2.36
N ALA C 178 -27.13 -34.06 1.27
CA ALA C 178 -25.66 -34.24 1.38
C ALA C 178 -25.00 -33.29 2.41
N MET C 179 -25.51 -32.08 2.56
CA MET C 179 -24.99 -31.21 3.61
C MET C 179 -25.34 -31.72 5.04
N LEU C 180 -26.05 -32.86 5.17
CA LEU C 180 -26.11 -33.58 6.46
C LEU C 180 -24.78 -34.20 6.86
N LYS C 181 -24.03 -34.73 5.89
CA LYS C 181 -22.74 -35.36 6.16
C LYS C 181 -21.64 -34.33 6.07
N TYR C 182 -22.00 -33.09 6.26
CA TYR C 182 -21.02 -32.04 6.28
C TYR C 182 -21.44 -30.89 7.23
N VAL C 183 -22.72 -30.53 7.24
CA VAL C 183 -23.21 -29.58 8.24
C VAL C 183 -22.92 -30.16 9.59
N ILE C 184 -23.30 -31.41 9.82
CA ILE C 184 -23.10 -32.02 11.14
C ILE C 184 -21.89 -31.29 11.67
N GLY C 185 -22.04 -30.55 12.76
CA GLY C 185 -20.92 -29.83 13.27
C GLY C 185 -19.73 -30.71 13.11
N THR C 186 -19.12 -30.65 11.92
CA THR C 186 -17.88 -31.37 11.68
C THR C 186 -16.90 -30.35 12.18
N ARG C 187 -17.45 -29.20 12.58
CA ARG C 187 -16.67 -28.09 13.07
C ARG C 187 -17.54 -27.05 13.80
N GLU C 188 -16.98 -26.51 14.88
CA GLU C 188 -17.63 -25.56 15.78
C GLU C 188 -17.48 -24.13 15.33
N PRO C 189 -18.48 -23.29 15.64
CA PRO C 189 -18.43 -21.86 15.30
C PRO C 189 -17.15 -21.22 15.74
N ASP C 190 -16.46 -20.56 14.82
CA ASP C 190 -15.37 -19.65 15.19
C ASP C 190 -15.76 -18.81 16.39
N PRO C 191 -14.76 -18.28 17.10
CA PRO C 191 -14.91 -17.31 18.18
C PRO C 191 -15.09 -15.95 17.58
N LEU C 192 -16.12 -15.17 17.93
CA LEU C 192 -16.27 -13.89 17.24
C LEU C 192 -14.99 -13.10 17.31
N PRO C 193 -14.64 -12.44 16.21
CA PRO C 193 -13.41 -11.67 15.98
C PRO C 193 -13.20 -10.62 17.06
N VAL C 194 -11.93 -10.29 17.30
CA VAL C 194 -11.60 -9.35 18.37
C VAL C 194 -12.16 -7.94 18.14
N GLY C 195 -12.81 -7.74 17.00
CA GLY C 195 -13.53 -6.51 16.72
C GLY C 195 -14.42 -6.13 17.88
N SER C 196 -15.54 -6.86 18.04
CA SER C 196 -16.35 -6.81 19.27
C SER C 196 -17.32 -5.62 19.48
N GLU C 197 -18.43 -5.62 18.75
CA GLU C 197 -19.48 -4.59 18.92
C GLU C 197 -19.96 -4.59 20.39
N ARG C 198 -19.74 -3.46 21.05
CA ARG C 198 -20.08 -3.26 22.47
C ARG C 198 -21.57 -3.59 22.78
N PRO C 199 -22.25 -2.83 23.68
CA PRO C 199 -23.63 -2.99 24.19
C PRO C 199 -24.67 -3.87 23.46
N GLY C 200 -24.31 -4.47 22.34
CA GLY C 200 -25.21 -5.36 21.62
C GLY C 200 -24.87 -6.80 21.99
N ILE C 201 -25.88 -7.66 21.96
CA ILE C 201 -25.62 -9.08 22.18
C ILE C 201 -25.11 -9.64 20.86
N ARG C 202 -23.89 -9.23 20.51
CA ARG C 202 -23.22 -9.57 19.27
C ARG C 202 -23.21 -11.05 19.13
N VAL C 203 -23.61 -11.69 20.23
CA VAL C 203 -23.66 -13.12 20.31
C VAL C 203 -25.03 -13.60 19.88
N HIS C 204 -25.54 -13.11 18.75
CA HIS C 204 -26.68 -13.78 18.15
C HIS C 204 -26.40 -14.41 16.82
N ASP C 205 -26.21 -15.74 16.80
CA ASP C 205 -25.88 -16.49 15.58
C ASP C 205 -27.13 -16.95 14.85
N VAL C 206 -27.09 -16.93 13.51
CA VAL C 206 -28.21 -17.22 12.63
C VAL C 206 -27.73 -17.85 11.34
N ASN C 207 -28.64 -18.44 10.57
CA ASN C 207 -28.31 -18.88 9.20
C ASN C 207 -29.33 -18.40 8.17
N LEU C 208 -28.86 -18.19 6.96
CA LEU C 208 -29.76 -17.84 5.87
C LEU C 208 -29.69 -19.03 4.94
N ILE C 209 -30.79 -19.78 4.81
CA ILE C 209 -30.80 -20.99 3.94
C ILE C 209 -31.49 -20.70 2.62
N GLY C 210 -30.73 -20.73 1.52
CA GLY C 210 -31.33 -20.47 0.25
C GLY C 210 -31.02 -19.11 -0.29
N GLU C 211 -30.29 -18.26 0.45
CA GLU C 211 -29.85 -16.98 -0.10
C GLU C 211 -28.58 -17.20 -0.93
N TYR C 212 -28.63 -16.85 -2.20
CA TYR C 212 -27.52 -17.16 -3.10
C TYR C 212 -26.66 -15.99 -3.55
N ASN C 213 -26.74 -14.87 -2.82
CA ASN C 213 -25.94 -13.68 -3.08
C ASN C 213 -25.78 -13.46 -4.54
N ILE C 214 -26.91 -13.53 -5.22
CA ILE C 214 -26.86 -13.45 -6.66
C ILE C 214 -26.83 -12.00 -7.12
N ALA C 215 -25.91 -11.71 -8.03
CA ALA C 215 -25.64 -10.34 -8.43
C ALA C 215 -25.06 -9.56 -7.25
N GLY C 216 -24.50 -10.29 -6.29
CA GLY C 216 -24.06 -9.69 -5.05
C GLY C 216 -25.20 -9.04 -4.23
N GLU C 217 -26.47 -9.25 -4.61
CA GLU C 217 -27.57 -8.68 -3.83
C GLU C 217 -27.48 -8.78 -2.30
N PHE C 218 -26.98 -9.89 -1.78
CA PHE C 218 -26.91 -10.07 -0.34
C PHE C 218 -26.07 -8.98 0.37
N TRP C 219 -24.99 -8.51 -0.28
CA TRP C 219 -24.27 -7.31 0.15
C TRP C 219 -25.20 -6.15 0.52
N HIS C 220 -26.48 -6.22 0.10
CA HIS C 220 -27.45 -5.20 0.55
C HIS C 220 -28.07 -5.51 1.91
N VAL C 221 -28.26 -6.79 2.19
CA VAL C 221 -28.82 -7.23 3.46
C VAL C 221 -27.83 -7.38 4.60
N LEU C 222 -26.60 -7.81 4.30
CA LEU C 222 -25.67 -8.21 5.34
C LEU C 222 -25.39 -7.06 6.32
N PRO C 223 -25.17 -5.86 5.79
CA PRO C 223 -24.98 -4.71 6.68
C PRO C 223 -26.15 -4.51 7.64
N LEU C 224 -27.40 -4.77 7.23
CA LEU C 224 -28.53 -4.65 8.19
C LEU C 224 -28.34 -5.64 9.31
N LEU C 225 -28.14 -6.92 8.97
CA LEU C 225 -27.86 -7.94 9.97
C LEU C 225 -26.71 -7.55 10.93
N ASP C 226 -25.55 -7.24 10.38
CA ASP C 226 -24.43 -6.76 11.20
C ASP C 226 -24.82 -5.65 12.17
N GLU C 227 -25.66 -4.73 11.71
CA GLU C 227 -26.07 -3.61 12.56
C GLU C 227 -26.88 -4.12 13.76
N LEU C 228 -27.78 -5.08 13.52
CA LEU C 228 -28.58 -5.64 14.60
C LEU C 228 -27.77 -6.59 15.49
N GLY C 229 -26.51 -6.85 15.13
CA GLY C 229 -25.65 -7.74 15.89
C GLY C 229 -26.03 -9.20 15.70
N LEU C 230 -26.48 -9.52 14.48
CA LEU C 230 -26.79 -10.91 14.11
C LEU C 230 -25.65 -11.43 13.23
N ARG C 231 -24.89 -12.36 13.77
CA ARG C 231 -23.82 -13.00 13.05
C ARG C 231 -24.41 -14.10 12.24
N VAL C 232 -24.19 -14.10 10.93
CA VAL C 232 -24.60 -15.21 10.11
C VAL C 232 -23.50 -16.27 10.04
N LEU C 233 -23.80 -17.47 10.55
CA LEU C 233 -22.81 -18.54 10.58
C LEU C 233 -22.59 -18.94 9.15
N CYS C 234 -23.68 -19.01 8.39
CA CYS C 234 -23.54 -19.37 6.99
C CYS C 234 -24.73 -18.89 6.18
N THR C 235 -24.46 -18.26 5.05
CA THR C 235 -25.51 -17.96 4.09
C THR C 235 -25.50 -19.15 3.15
N LEU C 236 -26.47 -20.06 3.28
CA LEU C 236 -26.38 -21.36 2.60
C LEU C 236 -26.33 -21.21 1.09
N ALA C 237 -25.09 -21.08 0.61
CA ALA C 237 -24.75 -20.97 -0.78
C ALA C 237 -24.88 -19.51 -1.26
N GLY C 238 -24.18 -18.59 -0.59
CA GLY C 238 -24.20 -17.18 -0.90
C GLY C 238 -22.93 -16.64 -0.28
N ASP C 239 -21.91 -16.54 -1.13
CA ASP C 239 -20.60 -16.07 -0.71
C ASP C 239 -20.10 -16.93 0.41
N ALA C 240 -20.57 -18.17 0.45
CA ALA C 240 -20.24 -19.06 1.56
C ALA C 240 -18.94 -19.78 1.30
N ARG C 241 -18.31 -20.27 2.36
CA ARG C 241 -17.10 -21.06 2.22
C ARG C 241 -17.37 -22.41 2.86
N TYR C 242 -16.57 -23.40 2.55
CA TYR C 242 -16.80 -24.69 3.18
C TYR C 242 -16.83 -24.54 4.70
N ARG C 243 -15.79 -23.98 5.29
CA ARG C 243 -15.69 -23.99 6.76
C ARG C 243 -16.85 -23.27 7.46
N GLU C 244 -17.71 -22.64 6.67
CA GLU C 244 -18.81 -21.88 7.24
C GLU C 244 -19.93 -22.84 7.42
N VAL C 245 -19.99 -23.85 6.57
CA VAL C 245 -21.15 -24.66 6.56
C VAL C 245 -20.99 -25.60 7.74
N GLN C 246 -19.82 -26.20 7.85
CA GLN C 246 -19.55 -27.02 9.03
C GLN C 246 -20.29 -26.55 10.30
N THR C 247 -20.32 -25.24 10.56
CA THR C 247 -20.70 -24.75 11.89
C THR C 247 -22.20 -24.40 12.03
N MET C 248 -23.05 -25.03 11.25
CA MET C 248 -24.38 -24.52 11.05
C MET C 248 -25.32 -24.89 12.18
N HIS C 249 -24.94 -25.91 12.94
CA HIS C 249 -25.83 -26.50 13.92
C HIS C 249 -25.91 -25.65 15.16
N ARG C 250 -25.01 -24.68 15.29
CA ARG C 250 -24.96 -23.86 16.50
C ARG C 250 -25.73 -22.55 16.33
N ALA C 251 -26.21 -22.30 15.12
CA ALA C 251 -27.16 -21.21 14.89
C ALA C 251 -28.22 -21.25 15.95
N GLU C 252 -28.81 -20.10 16.17
CA GLU C 252 -29.84 -19.96 17.17
C GLU C 252 -31.17 -19.90 16.46
N VAL C 253 -31.21 -19.27 15.29
CA VAL C 253 -32.43 -19.25 14.47
C VAL C 253 -32.12 -19.42 12.98
N ASN C 254 -32.66 -20.46 12.36
CA ASN C 254 -32.52 -20.62 10.92
C ASN C 254 -33.66 -19.91 10.21
N MET C 255 -33.39 -19.48 8.99
CA MET C 255 -34.39 -18.77 8.19
C MET C 255 -34.42 -19.25 6.73
N MET C 256 -35.57 -19.73 6.29
CA MET C 256 -35.76 -20.18 4.91
C MET C 256 -36.03 -18.99 3.99
N VAL C 257 -35.03 -18.65 3.17
CA VAL C 257 -35.08 -17.51 2.26
C VAL C 257 -35.73 -17.92 0.96
N CYS C 258 -37.03 -17.67 0.85
CA CYS C 258 -37.80 -18.11 -0.32
C CYS C 258 -37.81 -19.62 -0.48
N SER C 259 -36.67 -20.18 -0.86
CA SER C 259 -36.54 -21.61 -1.15
C SER C 259 -37.32 -22.49 -0.19
N LYS C 260 -38.28 -23.24 -0.72
CA LYS C 260 -39.00 -24.20 0.09
C LYS C 260 -38.54 -25.54 -0.35
N ALA C 261 -37.83 -25.56 -1.47
CA ALA C 261 -37.22 -26.79 -1.96
C ALA C 261 -36.33 -27.40 -0.88
N MET C 262 -35.92 -26.56 0.07
CA MET C 262 -34.99 -26.97 1.11
C MET C 262 -35.59 -26.90 2.51
N LEU C 263 -36.91 -26.86 2.58
CA LEU C 263 -37.61 -26.97 3.87
C LEU C 263 -37.00 -28.11 4.64
N ASN C 264 -36.56 -29.13 3.91
CA ASN C 264 -35.98 -30.30 4.51
C ASN C 264 -34.70 -30.05 5.34
N VAL C 265 -34.01 -28.94 5.13
CA VAL C 265 -32.83 -28.71 5.99
C VAL C 265 -33.21 -27.90 7.22
N ALA C 266 -34.10 -26.93 7.05
CA ALA C 266 -34.57 -26.15 8.20
C ALA C 266 -35.17 -27.09 9.23
N ARG C 267 -35.94 -28.07 8.74
CA ARG C 267 -36.61 -29.04 9.60
C ARG C 267 -35.67 -30.06 10.21
N LYS C 268 -34.73 -30.56 9.41
CA LYS C 268 -33.80 -31.56 9.95
C LYS C 268 -32.81 -30.94 10.92
N LEU C 269 -32.45 -29.69 10.70
CA LEU C 269 -31.64 -28.94 11.68
C LEU C 269 -32.47 -28.70 12.96
N GLN C 270 -33.71 -28.26 12.78
CA GLN C 270 -34.63 -28.07 13.91
C GLN C 270 -34.76 -29.34 14.73
N GLU C 271 -35.08 -30.45 14.07
CA GLU C 271 -35.31 -31.69 14.80
C GLU C 271 -34.04 -32.25 15.43
N THR C 272 -32.89 -32.05 14.80
CA THR C 272 -31.62 -32.62 15.28
C THR C 272 -30.85 -31.76 16.27
N TYR C 273 -31.00 -30.45 16.17
CA TYR C 273 -30.30 -29.59 17.11
C TYR C 273 -31.23 -28.64 17.85
N GLY C 274 -32.53 -28.71 17.54
CA GLY C 274 -33.54 -27.94 18.26
C GLY C 274 -33.73 -26.52 17.76
N THR C 275 -33.07 -26.20 16.65
CA THR C 275 -32.96 -24.85 16.11
C THR C 275 -34.24 -24.38 15.38
N PRO C 276 -34.92 -23.37 15.91
CA PRO C 276 -36.21 -22.92 15.34
C PRO C 276 -36.04 -22.22 14.01
N TRP C 277 -37.11 -22.04 13.23
CA TRP C 277 -36.97 -21.43 11.90
C TRP C 277 -38.20 -20.64 11.43
N PHE C 278 -38.08 -19.92 10.32
CA PHE C 278 -39.22 -19.20 9.75
C PHE C 278 -39.00 -19.03 8.26
N GLU C 279 -40.00 -18.54 7.53
CA GLU C 279 -39.77 -18.22 6.13
C GLU C 279 -40.01 -16.76 5.85
N GLY C 280 -39.13 -16.17 5.04
CA GLY C 280 -39.27 -14.80 4.62
C GLY C 280 -38.50 -14.60 3.34
N SER C 281 -38.60 -13.42 2.77
CA SER C 281 -37.84 -13.05 1.60
C SER C 281 -37.19 -11.72 1.89
N PHE C 282 -36.17 -11.37 1.13
CA PHE C 282 -35.57 -10.06 1.29
C PHE C 282 -35.90 -9.15 0.09
N TYR C 283 -37.02 -9.44 -0.57
CA TYR C 283 -37.51 -8.63 -1.68
C TYR C 283 -38.72 -7.79 -1.26
N GLY C 284 -38.58 -6.46 -1.34
CA GLY C 284 -39.64 -5.57 -0.93
C GLY C 284 -39.46 -4.97 0.45
N ILE C 285 -40.07 -3.81 0.70
CA ILE C 285 -39.95 -3.19 2.01
C ILE C 285 -40.64 -4.05 3.07
N THR C 286 -41.81 -4.60 2.71
CA THR C 286 -42.58 -5.35 3.69
C THR C 286 -41.81 -6.58 4.20
N ASP C 287 -41.40 -7.45 3.27
CA ASP C 287 -40.77 -8.72 3.66
C ASP C 287 -39.47 -8.47 4.39
N THR C 288 -38.68 -7.51 3.91
CA THR C 288 -37.40 -7.21 4.55
C THR C 288 -37.64 -6.84 6.00
N SER C 289 -38.55 -5.89 6.21
CA SER C 289 -38.99 -5.52 7.55
C SER C 289 -39.52 -6.72 8.36
N GLN C 290 -40.29 -7.59 7.71
CA GLN C 290 -40.89 -8.73 8.39
C GLN C 290 -39.85 -9.80 8.70
N ALA C 291 -38.98 -10.09 7.72
CA ALA C 291 -37.88 -11.03 7.94
C ALA C 291 -37.08 -10.59 9.15
N LEU C 292 -36.76 -9.31 9.24
CA LEU C 292 -36.01 -8.83 10.37
C LEU C 292 -36.87 -8.91 11.62
N ARG C 293 -38.17 -8.68 11.46
CA ARG C 293 -39.04 -8.66 12.64
C ARG C 293 -39.05 -10.00 13.33
N ASP C 294 -39.24 -11.07 12.56
CA ASP C 294 -39.37 -12.37 13.22
C ASP C 294 -38.03 -13.04 13.52
N PHE C 295 -36.95 -12.39 13.10
CA PHE C 295 -35.67 -12.70 13.66
C PHE C 295 -35.74 -12.25 15.11
N ALA C 296 -36.28 -11.06 15.31
CA ALA C 296 -36.29 -10.45 16.62
C ALA C 296 -37.05 -11.28 17.61
N ARG C 297 -38.20 -11.80 17.20
CA ARG C 297 -39.04 -12.45 18.19
C ARG C 297 -38.77 -13.95 18.35
N LEU C 298 -37.92 -14.51 17.48
CA LEU C 298 -37.66 -15.94 17.49
C LEU C 298 -36.52 -16.22 18.47
N LEU C 299 -35.40 -15.53 18.29
CA LEU C 299 -34.32 -15.48 19.28
C LEU C 299 -34.61 -14.24 20.09
N ASP C 300 -34.86 -14.42 21.39
CA ASP C 300 -35.69 -13.47 22.12
C ASP C 300 -34.90 -12.53 23.01
N ASP C 301 -35.00 -11.25 22.70
CA ASP C 301 -34.23 -10.21 23.37
C ASP C 301 -35.02 -8.93 23.24
N PRO C 302 -35.07 -8.13 24.32
CA PRO C 302 -35.79 -6.87 24.23
C PRO C 302 -34.91 -5.76 23.69
N ASP C 303 -33.59 -5.95 23.79
CA ASP C 303 -32.66 -4.97 23.22
C ASP C 303 -32.55 -5.13 21.71
N LEU C 304 -32.44 -6.39 21.26
CA LEU C 304 -32.51 -6.67 19.83
C LEU C 304 -33.82 -6.13 19.27
N THR C 305 -34.92 -6.41 19.97
CA THR C 305 -36.25 -6.02 19.51
C THR C 305 -36.37 -4.51 19.37
N ALA C 306 -35.98 -3.77 20.40
CA ALA C 306 -36.05 -2.30 20.34
C ALA C 306 -35.18 -1.75 19.21
N ARG C 307 -34.00 -2.32 19.07
CA ARG C 307 -33.11 -1.91 18.00
C ARG C 307 -33.68 -2.24 16.62
N THR C 308 -34.26 -3.44 16.48
CA THR C 308 -34.79 -3.80 15.16
C THR C 308 -35.90 -2.84 14.73
N GLU C 309 -36.69 -2.32 15.67
CA GLU C 309 -37.72 -1.35 15.28
C GLU C 309 -37.05 -0.06 14.80
N ALA C 310 -35.98 0.30 15.52
CA ALA C 310 -35.18 1.48 15.20
C ALA C 310 -34.60 1.36 13.80
N LEU C 311 -34.05 0.20 13.50
CA LEU C 311 -33.52 0.00 12.17
C LEU C 311 -34.60 0.15 11.12
N ILE C 312 -35.63 -0.69 11.21
CA ILE C 312 -36.73 -0.63 10.25
C ILE C 312 -37.23 0.81 10.19
N ALA C 313 -37.30 1.45 11.35
CA ALA C 313 -37.70 2.84 11.40
C ALA C 313 -36.91 3.61 10.36
N ARG C 314 -35.60 3.67 10.59
CA ARG C 314 -34.67 4.39 9.74
C ARG C 314 -34.82 3.97 8.29
N GLU C 315 -34.73 2.68 8.01
CA GLU C 315 -34.71 2.28 6.61
C GLU C 315 -35.97 2.58 5.78
N GLU C 316 -37.15 2.25 6.34
CA GLU C 316 -38.44 2.57 5.70
C GLU C 316 -38.50 4.06 5.38
N ALA C 317 -38.16 4.87 6.37
CA ALA C 317 -38.03 6.30 6.15
C ALA C 317 -37.14 6.60 4.94
N LYS C 318 -35.95 6.02 4.94
CA LYS C 318 -35.03 6.27 3.86
C LYS C 318 -35.65 5.86 2.54
N VAL C 319 -36.05 4.58 2.42
CA VAL C 319 -36.43 4.00 1.12
C VAL C 319 -37.71 4.58 0.56
N ARG C 320 -38.71 4.70 1.43
CA ARG C 320 -39.97 5.32 1.01
C ARG C 320 -39.69 6.69 0.40
N ALA C 321 -38.90 7.50 1.09
CA ALA C 321 -38.48 8.80 0.57
C ALA C 321 -37.80 8.74 -0.79
N ALA C 322 -36.91 7.77 -1.01
CA ALA C 322 -36.19 7.71 -2.28
C ALA C 322 -37.02 7.11 -3.39
N LEU C 323 -38.26 6.72 -3.08
CA LEU C 323 -39.06 6.00 -4.07
C LEU C 323 -40.24 6.81 -4.56
N GLU C 324 -40.61 7.82 -3.80
CA GLU C 324 -41.73 8.68 -4.17
C GLU C 324 -41.62 9.27 -5.56
N PRO C 325 -40.44 9.79 -5.89
CA PRO C 325 -40.31 10.44 -7.20
C PRO C 325 -40.62 9.48 -8.33
N TRP C 326 -40.49 8.18 -8.06
CA TRP C 326 -40.61 7.15 -9.10
C TRP C 326 -42.04 6.64 -9.18
N ARG C 327 -42.82 6.91 -8.16
CA ARG C 327 -44.16 6.35 -8.08
C ARG C 327 -45.05 6.76 -9.25
N ALA C 328 -44.94 8.01 -9.68
CA ALA C 328 -45.73 8.46 -10.82
C ALA C 328 -45.47 7.63 -12.08
N ARG C 329 -44.21 7.27 -12.28
CA ARG C 329 -43.76 6.67 -13.53
C ARG C 329 -44.16 5.20 -13.73
N LEU C 330 -44.15 4.42 -12.65
CA LEU C 330 -44.45 3.00 -12.73
C LEU C 330 -45.88 2.71 -12.24
N GLU C 331 -46.38 3.58 -11.39
CA GLU C 331 -47.71 3.41 -10.78
C GLU C 331 -48.82 3.14 -11.78
N GLY C 332 -49.51 2.02 -11.58
CA GLY C 332 -50.66 1.69 -12.41
C GLY C 332 -50.30 0.90 -13.65
N LYS C 333 -49.07 0.44 -13.76
CA LYS C 333 -48.71 -0.40 -14.89
C LYS C 333 -49.06 -1.83 -14.55
N ARG C 334 -49.48 -2.61 -15.56
CA ARG C 334 -49.94 -3.98 -15.32
C ARG C 334 -48.83 -4.98 -15.62
N VAL C 335 -48.55 -5.86 -14.68
CA VAL C 335 -47.51 -6.85 -14.89
C VAL C 335 -48.08 -8.25 -14.93
N LEU C 336 -47.80 -8.98 -16.01
CA LEU C 336 -48.11 -10.40 -16.03
C LEU C 336 -46.99 -11.10 -15.31
N LEU C 337 -47.33 -12.11 -14.53
CA LEU C 337 -46.29 -12.80 -13.77
C LEU C 337 -46.36 -14.28 -14.00
N TYR C 338 -45.21 -14.87 -14.30
CA TYR C 338 -45.11 -16.29 -14.60
C TYR C 338 -44.02 -16.96 -13.76
N THR C 339 -44.34 -18.11 -13.18
CA THR C 339 -43.40 -18.80 -12.32
C THR C 339 -42.74 -19.90 -13.13
N GLY C 340 -41.41 -20.03 -12.99
CA GLY C 340 -40.70 -21.05 -13.75
C GLY C 340 -39.67 -21.80 -12.93
N GLY C 341 -39.97 -22.01 -11.65
CA GLY C 341 -38.98 -22.50 -10.70
C GLY C 341 -38.34 -21.33 -9.98
N VAL C 342 -38.45 -20.16 -10.61
CA VAL C 342 -38.01 -18.89 -10.05
C VAL C 342 -38.82 -18.59 -8.80
N LYS C 343 -38.13 -18.27 -7.70
CA LYS C 343 -38.79 -17.84 -6.47
C LYS C 343 -39.47 -16.50 -6.76
N SER C 344 -40.61 -16.54 -7.45
CA SER C 344 -41.20 -15.34 -8.02
C SER C 344 -42.33 -14.67 -7.23
N TRP C 345 -42.89 -15.35 -6.23
CA TRP C 345 -43.87 -14.66 -5.37
C TRP C 345 -43.18 -13.59 -4.50
N SER C 346 -41.87 -13.73 -4.34
CA SER C 346 -41.10 -12.74 -3.63
C SER C 346 -41.15 -11.36 -4.31
N VAL C 347 -40.78 -11.31 -5.59
CA VAL C 347 -40.83 -10.06 -6.34
C VAL C 347 -42.21 -9.40 -6.29
N VAL C 348 -43.25 -10.23 -6.35
CA VAL C 348 -44.62 -9.71 -6.23
C VAL C 348 -44.80 -8.85 -4.98
N SER C 349 -44.33 -9.32 -3.83
CA SER C 349 -44.38 -8.58 -2.58
C SER C 349 -43.89 -7.17 -2.84
N ALA C 350 -42.77 -7.08 -3.56
CA ALA C 350 -42.17 -5.81 -3.93
C ALA C 350 -43.11 -4.93 -4.73
N LEU C 351 -43.20 -5.19 -6.03
CA LEU C 351 -44.01 -4.34 -6.91
C LEU C 351 -45.46 -4.20 -6.44
N GLN C 352 -45.93 -5.15 -5.64
CA GLN C 352 -47.27 -5.08 -5.06
C GLN C 352 -47.45 -3.77 -4.30
N ASP C 353 -46.54 -3.53 -3.34
CA ASP C 353 -46.63 -2.32 -2.51
C ASP C 353 -46.50 -1.03 -3.32
N LEU C 354 -45.65 -1.05 -4.35
CA LEU C 354 -45.40 0.14 -5.14
C LEU C 354 -46.68 0.62 -5.80
N GLY C 355 -47.49 -0.35 -6.24
CA GLY C 355 -48.81 -0.03 -6.74
C GLY C 355 -49.14 -0.58 -8.11
N MET C 356 -48.35 -1.54 -8.58
CA MET C 356 -48.64 -2.07 -9.89
C MET C 356 -49.59 -3.26 -9.75
N LYS C 357 -50.60 -3.32 -10.61
CA LYS C 357 -51.51 -4.44 -10.60
C LYS C 357 -50.84 -5.68 -11.16
N VAL C 358 -50.85 -6.74 -10.37
CA VAL C 358 -50.13 -7.96 -10.67
C VAL C 358 -51.08 -9.10 -11.04
N VAL C 359 -50.76 -9.84 -12.10
CA VAL C 359 -51.52 -11.01 -12.51
C VAL C 359 -50.53 -12.18 -12.66
N ALA C 360 -50.64 -13.17 -11.76
CA ALA C 360 -49.71 -14.31 -11.77
C ALA C 360 -50.34 -15.59 -12.32
N THR C 361 -49.51 -16.57 -12.69
CA THR C 361 -49.99 -17.82 -13.25
C THR C 361 -48.92 -18.92 -13.20
N GLY C 362 -49.34 -20.14 -12.84
CA GLY C 362 -48.49 -21.33 -12.83
C GLY C 362 -48.96 -22.33 -13.88
N THR C 363 -48.19 -23.39 -14.12
CA THR C 363 -48.37 -24.17 -15.34
C THR C 363 -48.57 -25.68 -15.17
N LYS C 364 -49.49 -26.09 -14.29
CA LYS C 364 -49.78 -27.52 -14.13
C LYS C 364 -48.56 -28.29 -13.59
N LYS C 365 -47.37 -27.92 -14.05
CA LYS C 365 -46.11 -28.50 -13.60
C LYS C 365 -45.50 -27.60 -12.53
N SER C 366 -46.34 -26.81 -11.90
CA SER C 366 -45.94 -25.90 -10.84
C SER C 366 -45.96 -26.66 -9.53
N THR C 367 -45.20 -26.17 -8.55
CA THR C 367 -45.33 -26.64 -7.19
C THR C 367 -46.74 -26.37 -6.72
N GLU C 368 -47.12 -26.99 -5.59
CA GLU C 368 -48.37 -26.63 -4.94
C GLU C 368 -48.23 -25.23 -4.34
N GLU C 369 -46.99 -24.87 -4.02
CA GLU C 369 -46.66 -23.50 -3.57
C GLU C 369 -47.24 -22.46 -4.52
N ASP C 370 -46.73 -22.46 -5.76
CA ASP C 370 -47.16 -21.50 -6.76
C ASP C 370 -48.68 -21.44 -6.80
N LYS C 371 -49.31 -22.55 -7.16
CA LYS C 371 -50.76 -22.60 -7.33
C LYS C 371 -51.57 -22.11 -6.13
N ALA C 372 -51.09 -22.38 -4.92
CA ALA C 372 -51.76 -21.94 -3.70
C ALA C 372 -51.60 -20.44 -3.52
N ARG C 373 -50.48 -19.92 -3.98
CA ARG C 373 -50.23 -18.49 -3.91
C ARG C 373 -50.92 -17.78 -5.07
N ILE C 374 -50.83 -18.36 -6.27
CA ILE C 374 -51.54 -17.83 -7.42
C ILE C 374 -53.01 -17.69 -7.07
N ARG C 375 -53.49 -18.65 -6.27
CA ARG C 375 -54.86 -18.69 -5.76
C ARG C 375 -55.21 -17.43 -4.96
N GLU C 376 -54.51 -17.25 -3.85
CA GLU C 376 -54.69 -16.08 -2.98
C GLU C 376 -54.70 -14.78 -3.79
N LEU C 377 -53.63 -14.58 -4.56
CA LEU C 377 -53.46 -13.38 -5.37
C LEU C 377 -54.71 -13.09 -6.18
N MET C 378 -55.10 -14.04 -7.02
CA MET C 378 -56.23 -13.81 -7.91
C MET C 378 -56.89 -15.06 -8.47
N GLY C 379 -58.22 -15.12 -8.30
CA GLY C 379 -59.05 -16.12 -8.95
C GLY C 379 -58.87 -17.53 -8.46
N ASP C 380 -59.97 -18.14 -8.04
CA ASP C 380 -59.97 -19.53 -7.63
C ASP C 380 -60.25 -20.40 -8.85
N ASP C 381 -59.36 -20.33 -9.84
CA ASP C 381 -59.52 -21.09 -11.07
C ASP C 381 -58.21 -21.41 -11.80
N VAL C 382 -57.69 -20.46 -12.56
CA VAL C 382 -56.61 -20.73 -13.50
C VAL C 382 -55.22 -20.75 -12.87
N LYS C 383 -54.52 -21.85 -13.14
CA LYS C 383 -53.10 -22.01 -12.87
C LYS C 383 -52.81 -23.17 -13.79
N MET C 384 -53.85 -23.50 -14.56
CA MET C 384 -53.74 -24.40 -15.69
C MET C 384 -53.61 -23.52 -16.92
N LEU C 385 -52.43 -22.94 -17.10
CA LEU C 385 -52.14 -22.21 -18.32
C LEU C 385 -51.59 -23.21 -19.34
N ASP C 386 -51.64 -24.49 -18.95
CA ASP C 386 -51.18 -25.60 -19.78
C ASP C 386 -49.66 -25.57 -19.96
N GLU C 387 -49.14 -26.48 -20.76
CA GLU C 387 -47.71 -26.53 -21.04
C GLU C 387 -47.32 -25.59 -22.17
N GLY C 388 -48.31 -24.82 -22.63
CA GLY C 388 -48.12 -23.92 -23.74
C GLY C 388 -47.10 -22.84 -23.47
N ASN C 389 -46.11 -22.77 -24.36
CA ASN C 389 -45.08 -21.75 -24.30
C ASN C 389 -45.69 -20.36 -24.47
N ALA C 390 -45.10 -19.58 -25.37
CA ALA C 390 -45.60 -18.26 -25.71
C ALA C 390 -47.06 -18.33 -26.16
N ARG C 391 -47.46 -19.49 -26.64
CA ARG C 391 -48.79 -19.61 -27.19
C ARG C 391 -49.79 -19.12 -26.16
N VAL C 392 -49.90 -19.86 -25.06
CA VAL C 392 -50.72 -19.42 -23.94
C VAL C 392 -50.18 -18.09 -23.43
N LEU C 393 -48.87 -18.08 -23.16
CA LEU C 393 -48.23 -16.97 -22.44
C LEU C 393 -48.42 -15.63 -23.14
N LEU C 394 -47.91 -15.54 -24.36
CA LEU C 394 -48.06 -14.33 -25.16
C LEU C 394 -49.50 -13.82 -25.19
N LYS C 395 -50.42 -14.63 -25.69
CA LYS C 395 -51.81 -14.22 -25.77
C LYS C 395 -52.38 -13.90 -24.38
N THR C 396 -51.85 -14.54 -23.34
CA THR C 396 -52.29 -14.29 -21.98
C THR C 396 -51.84 -12.94 -21.50
N VAL C 397 -50.72 -12.46 -22.04
CA VAL C 397 -50.26 -11.11 -21.76
C VAL C 397 -51.20 -10.13 -22.42
N ASP C 398 -51.58 -10.47 -23.64
CA ASP C 398 -52.39 -9.59 -24.47
C ASP C 398 -53.75 -9.44 -23.81
N GLU C 399 -54.27 -10.57 -23.33
CA GLU C 399 -55.60 -10.63 -22.72
C GLU C 399 -55.84 -9.55 -21.67
N TYR C 400 -54.87 -9.38 -20.77
CA TYR C 400 -55.00 -8.47 -19.64
C TYR C 400 -54.41 -7.10 -19.93
N GLN C 401 -53.89 -6.94 -21.15
CA GLN C 401 -53.19 -5.73 -21.55
C GLN C 401 -52.05 -5.41 -20.57
N ALA C 402 -51.21 -6.43 -20.34
CA ALA C 402 -50.06 -6.30 -19.46
C ALA C 402 -48.98 -5.42 -20.09
N ASP C 403 -48.24 -4.73 -19.22
CA ASP C 403 -47.21 -3.79 -19.66
C ASP C 403 -45.81 -4.39 -19.72
N ILE C 404 -45.55 -5.29 -18.77
CA ILE C 404 -44.34 -6.11 -18.77
C ILE C 404 -44.69 -7.54 -18.39
N LEU C 405 -43.88 -8.47 -18.86
CA LEU C 405 -43.96 -9.85 -18.39
C LEU C 405 -42.71 -10.22 -17.59
N ILE C 406 -42.91 -10.85 -16.45
CA ILE C 406 -41.84 -11.15 -15.53
C ILE C 406 -41.83 -12.66 -15.25
N ALA C 407 -40.72 -13.35 -15.51
CA ALA C 407 -40.77 -14.82 -15.46
C ALA C 407 -39.44 -15.61 -15.36
N GLY C 408 -38.33 -15.01 -15.77
CA GLY C 408 -37.07 -15.73 -15.79
C GLY C 408 -36.59 -15.99 -17.20
N GLY C 409 -35.27 -16.12 -17.36
CA GLY C 409 -34.59 -16.15 -18.65
C GLY C 409 -35.13 -17.03 -19.77
N ARG C 410 -35.83 -18.11 -19.42
CA ARG C 410 -36.45 -18.99 -20.41
C ARG C 410 -37.45 -18.20 -21.28
N ASN C 411 -38.35 -17.50 -20.60
CA ASN C 411 -39.45 -16.79 -21.23
C ASN C 411 -39.06 -15.40 -21.66
N MET C 412 -37.76 -15.12 -21.75
CA MET C 412 -37.32 -13.78 -22.11
C MET C 412 -37.57 -13.55 -23.58
N TYR C 413 -37.09 -14.45 -24.39
CA TYR C 413 -37.20 -14.23 -25.81
C TYR C 413 -38.63 -14.34 -26.40
N THR C 414 -39.51 -15.08 -25.72
CA THR C 414 -40.92 -15.07 -26.12
C THR C 414 -41.52 -13.68 -25.86
N ALA C 415 -41.13 -13.05 -24.76
CA ALA C 415 -41.55 -11.69 -24.43
C ALA C 415 -40.96 -10.66 -25.40
N LEU C 416 -39.67 -10.77 -25.67
CA LEU C 416 -38.99 -9.79 -26.50
C LEU C 416 -39.52 -9.84 -27.91
N LYS C 417 -39.51 -11.04 -28.48
CA LYS C 417 -39.91 -11.20 -29.86
C LYS C 417 -41.42 -10.98 -30.05
N GLY C 418 -42.20 -11.29 -29.03
CA GLY C 418 -43.61 -10.92 -29.02
C GLY C 418 -43.74 -9.43 -28.71
N ARG C 419 -42.71 -8.68 -29.04
CA ARG C 419 -42.64 -7.22 -28.83
C ARG C 419 -43.23 -6.73 -27.50
N VAL C 420 -42.96 -7.46 -26.40
CA VAL C 420 -43.42 -7.08 -25.04
C VAL C 420 -42.22 -6.80 -24.09
N PRO C 421 -42.29 -5.73 -23.29
CA PRO C 421 -41.28 -5.45 -22.25
C PRO C 421 -41.03 -6.60 -21.29
N PHE C 422 -39.81 -6.71 -20.77
CA PHE C 422 -39.42 -7.86 -19.95
C PHE C 422 -38.51 -7.48 -18.80
N LEU C 423 -38.52 -8.30 -17.75
CA LEU C 423 -37.68 -8.09 -16.58
C LEU C 423 -37.35 -9.42 -15.89
N ASP C 424 -36.12 -9.88 -16.11
CA ASP C 424 -35.63 -11.16 -15.61
C ASP C 424 -35.90 -11.39 -14.12
N ILE C 425 -36.42 -12.56 -13.76
CA ILE C 425 -36.47 -12.93 -12.33
C ILE C 425 -35.24 -13.73 -11.97
N ASN C 426 -34.13 -13.02 -12.01
CA ASN C 426 -32.91 -13.53 -11.45
C ASN C 426 -32.16 -12.49 -10.63
N GLN C 427 -32.03 -12.86 -9.36
CA GLN C 427 -31.04 -12.32 -8.49
C GLN C 427 -29.62 -12.73 -8.96
N GLU C 428 -29.53 -13.77 -9.79
CA GLU C 428 -28.26 -14.28 -10.36
C GLU C 428 -27.48 -13.21 -11.11
N ARG C 429 -28.29 -12.36 -11.74
CA ARG C 429 -27.88 -11.37 -12.72
C ARG C 429 -26.94 -10.28 -12.17
N GLU C 430 -27.01 -9.04 -12.66
CA GLU C 430 -26.14 -7.98 -12.12
C GLU C 430 -26.94 -6.89 -11.39
N PHE C 431 -28.25 -7.10 -11.36
CA PHE C 431 -29.14 -6.40 -10.46
C PHE C 431 -29.75 -7.51 -9.65
N GLY C 432 -29.89 -7.36 -8.33
CA GLY C 432 -29.61 -6.16 -7.59
C GLY C 432 -30.70 -5.96 -6.52
N TYR C 433 -31.78 -6.74 -6.63
CA TYR C 433 -33.12 -6.35 -6.13
C TYR C 433 -33.52 -6.49 -4.66
N ALA C 434 -32.62 -6.87 -3.75
CA ALA C 434 -33.09 -7.10 -2.38
C ALA C 434 -32.80 -6.05 -1.34
N GLY C 435 -33.36 -6.33 -0.16
CA GLY C 435 -33.32 -5.45 0.99
C GLY C 435 -33.93 -4.15 0.61
N TYR C 436 -33.79 -3.15 1.47
CA TYR C 436 -34.34 -1.82 1.22
C TYR C 436 -33.76 -1.21 -0.03
N ASP C 437 -32.44 -1.30 -0.19
CA ASP C 437 -31.81 -0.58 -1.29
C ASP C 437 -31.93 -1.30 -2.63
N GLY C 438 -32.32 -2.58 -2.56
CA GLY C 438 -32.64 -3.35 -3.75
C GLY C 438 -33.70 -2.71 -4.60
N MET C 439 -34.81 -2.37 -3.98
CA MET C 439 -35.93 -1.79 -4.72
C MET C 439 -35.52 -0.55 -5.48
N LEU C 440 -34.53 0.15 -4.97
CA LEU C 440 -34.02 1.32 -5.69
C LEU C 440 -33.68 0.98 -7.14
N GLU C 441 -33.13 -0.20 -7.40
CA GLU C 441 -32.82 -0.50 -8.80
C GLU C 441 -33.82 -1.41 -9.47
N LEU C 442 -34.70 -2.05 -8.69
CA LEU C 442 -35.84 -2.74 -9.28
C LEU C 442 -36.62 -1.68 -10.03
N VAL C 443 -36.94 -0.59 -9.36
CA VAL C 443 -37.69 0.48 -10.01
C VAL C 443 -36.94 0.99 -11.25
N ARG C 444 -35.69 1.39 -11.06
CA ARG C 444 -34.86 1.77 -12.21
C ARG C 444 -35.01 0.75 -13.33
N GLN C 445 -34.77 -0.54 -13.05
CA GLN C 445 -34.87 -1.55 -14.12
C GLN C 445 -36.26 -1.65 -14.80
N LEU C 446 -37.35 -1.39 -14.07
CA LEU C 446 -38.68 -1.44 -14.69
C LEU C 446 -38.83 -0.31 -15.67
N CYS C 447 -38.63 0.92 -15.21
CA CYS C 447 -38.65 2.05 -16.12
C CYS C 447 -37.71 1.87 -17.30
N ILE C 448 -36.48 1.42 -17.08
CA ILE C 448 -35.59 1.43 -18.23
C ILE C 448 -36.31 0.71 -19.35
N THR C 449 -36.75 -0.53 -19.15
CA THR C 449 -37.51 -1.26 -20.21
C THR C 449 -38.88 -0.69 -20.59
N LEU C 450 -39.81 -0.54 -19.65
CA LEU C 450 -41.17 -0.09 -20.06
C LEU C 450 -41.34 1.39 -20.37
N GLU C 451 -40.23 2.10 -20.51
CA GLU C 451 -40.31 3.49 -20.96
C GLU C 451 -39.39 3.61 -22.13
N CYS C 452 -38.99 2.47 -22.68
CA CYS C 452 -37.96 2.50 -23.70
C CYS C 452 -38.65 2.78 -25.02
N PRO C 453 -38.13 3.76 -25.77
CA PRO C 453 -38.64 4.17 -27.09
C PRO C 453 -38.42 3.12 -28.15
N VAL C 454 -37.75 2.02 -27.81
CA VAL C 454 -37.49 1.00 -28.79
C VAL C 454 -38.76 0.20 -29.02
N TRP C 455 -39.60 0.17 -27.99
CA TRP C 455 -40.82 -0.64 -28.09
C TRP C 455 -41.77 -0.18 -29.20
N GLU C 456 -42.01 1.13 -29.31
CA GLU C 456 -42.86 1.62 -30.40
C GLU C 456 -42.18 1.37 -31.73
N ALA C 457 -40.86 1.26 -31.73
CA ALA C 457 -40.12 1.12 -32.99
C ALA C 457 -40.11 -0.30 -33.54
N VAL C 458 -40.81 -1.20 -32.86
CA VAL C 458 -41.08 -2.55 -33.41
C VAL C 458 -42.52 -3.02 -33.12
N ILE D 4 2.85 -33.46 -34.15
CA ILE D 4 1.90 -34.53 -33.84
C ILE D 4 0.88 -34.08 -32.81
N ILE D 5 -0.19 -34.84 -32.64
CA ILE D 5 -1.20 -34.54 -31.62
C ILE D 5 -0.95 -35.21 -30.23
N ASN D 6 -0.80 -34.40 -29.17
CA ASN D 6 -0.59 -34.90 -27.80
C ASN D 6 -1.90 -34.98 -26.96
N ARG D 7 -2.06 -36.02 -26.13
CA ARG D 7 -3.17 -36.10 -25.13
C ARG D 7 -2.68 -36.59 -23.74
N ASN D 8 -3.55 -36.75 -22.75
CA ASN D 8 -3.05 -37.12 -21.40
C ASN D 8 -3.97 -37.82 -20.35
N LYS D 9 -5.07 -37.17 -19.96
CA LYS D 9 -5.88 -37.55 -18.78
C LYS D 9 -5.61 -36.53 -17.66
N ALA D 10 -6.43 -36.41 -16.62
CA ALA D 10 -7.50 -37.34 -16.25
C ALA D 10 -8.71 -36.61 -15.67
N LEU D 11 -8.48 -35.38 -15.22
CA LEU D 11 -9.53 -34.45 -14.82
C LEU D 11 -9.54 -33.27 -15.78
N ALA D 12 -10.69 -32.90 -16.34
CA ALA D 12 -10.71 -31.78 -17.29
C ALA D 12 -10.99 -30.48 -16.57
N VAL D 13 -10.04 -29.55 -16.67
CA VAL D 13 -10.14 -28.30 -15.93
C VAL D 13 -10.54 -27.08 -16.78
N SER D 14 -11.74 -26.55 -16.54
CA SER D 14 -12.34 -25.56 -17.43
C SER D 14 -12.29 -26.10 -18.85
N PRO D 15 -13.20 -27.04 -19.20
CA PRO D 15 -13.12 -27.72 -20.50
C PRO D 15 -13.23 -26.79 -21.70
N LEU D 16 -12.38 -27.02 -22.68
CA LEU D 16 -12.54 -26.35 -23.95
C LEU D 16 -13.74 -26.94 -24.67
N LYS D 17 -14.02 -28.22 -24.45
CA LYS D 17 -14.90 -28.99 -25.34
C LYS D 17 -16.44 -28.93 -25.00
N ALA D 18 -17.27 -28.92 -26.03
CA ALA D 18 -18.71 -29.03 -25.88
C ALA D 18 -19.18 -30.31 -26.61
N SER D 19 -20.44 -30.73 -26.43
CA SER D 19 -20.84 -32.07 -26.87
C SER D 19 -21.11 -32.16 -28.37
N GLN D 20 -20.64 -33.25 -28.93
CA GLN D 20 -21.11 -33.65 -30.22
C GLN D 20 -22.58 -33.32 -30.32
N THR D 21 -23.37 -33.73 -29.33
CA THR D 21 -24.81 -33.68 -29.54
C THR D 21 -25.39 -32.27 -29.54
N MET D 22 -24.62 -31.29 -29.09
CA MET D 22 -25.03 -29.90 -29.31
C MET D 22 -24.69 -29.43 -30.72
N GLY D 23 -23.47 -29.74 -31.18
CA GLY D 23 -23.00 -29.34 -32.49
C GLY D 23 -23.84 -29.89 -33.64
N ALA D 24 -24.19 -31.16 -33.54
CA ALA D 24 -25.21 -31.74 -34.38
C ALA D 24 -26.55 -31.01 -34.21
N ALA D 25 -26.78 -30.35 -33.08
CA ALA D 25 -28.09 -29.69 -32.95
C ALA D 25 -28.17 -28.34 -33.67
N LEU D 26 -27.04 -27.66 -33.88
CA LEU D 26 -27.21 -26.40 -34.61
C LEU D 26 -27.17 -26.60 -36.11
N ALA D 27 -26.65 -27.74 -36.55
CA ALA D 27 -26.86 -28.12 -37.96
C ALA D 27 -28.35 -28.24 -38.27
N ILE D 28 -29.08 -29.08 -37.53
CA ILE D 28 -30.54 -29.10 -37.77
C ILE D 28 -31.15 -27.70 -37.62
N LEU D 29 -30.73 -26.97 -36.58
CA LEU D 29 -31.07 -25.51 -36.39
C LEU D 29 -30.86 -24.56 -37.60
N GLY D 30 -30.11 -25.03 -38.61
CA GLY D 30 -29.90 -24.31 -39.85
C GLY D 30 -30.74 -24.79 -41.04
N LEU D 31 -31.63 -25.75 -40.80
CA LEU D 31 -32.73 -26.10 -41.70
C LEU D 31 -33.86 -25.16 -41.35
N ALA D 32 -34.69 -24.79 -42.31
CA ALA D 32 -35.84 -23.96 -41.98
C ALA D 32 -36.97 -24.74 -41.31
N ARG D 33 -37.74 -24.07 -40.46
CA ARG D 33 -38.87 -24.68 -39.76
C ARG D 33 -38.59 -26.06 -39.19
N SER D 34 -37.51 -26.18 -38.41
CA SER D 34 -37.02 -27.48 -37.94
C SER D 34 -36.99 -27.48 -36.45
N MET D 35 -36.76 -28.64 -35.85
CA MET D 35 -36.84 -28.79 -34.42
C MET D 35 -35.94 -29.91 -33.97
N PRO D 36 -34.84 -29.58 -33.27
CA PRO D 36 -33.98 -30.69 -32.85
C PRO D 36 -34.58 -31.40 -31.64
N LEU D 37 -34.36 -32.70 -31.53
CA LEU D 37 -34.86 -33.49 -30.41
C LEU D 37 -33.77 -34.37 -29.85
N PHE D 38 -33.35 -34.07 -28.61
CA PHE D 38 -32.38 -34.90 -27.90
C PHE D 38 -33.10 -36.14 -27.38
N HIS D 39 -32.49 -37.29 -27.65
CA HIS D 39 -32.95 -38.50 -27.03
C HIS D 39 -32.11 -38.70 -25.80
N GLY D 40 -32.62 -38.19 -24.68
CA GLY D 40 -31.90 -38.24 -23.41
C GLY D 40 -32.77 -37.62 -22.32
N SER D 41 -32.23 -37.46 -21.11
CA SER D 41 -33.02 -36.81 -20.10
C SER D 41 -33.07 -35.30 -20.34
N GLN D 42 -33.98 -34.62 -19.67
CA GLN D 42 -34.27 -33.21 -19.99
C GLN D 42 -33.15 -32.18 -19.70
N GLY D 43 -32.34 -32.40 -18.69
CA GLY D 43 -31.30 -31.44 -18.39
C GLY D 43 -30.37 -31.29 -19.58
N CYS D 44 -30.10 -32.39 -20.27
CA CYS D 44 -29.23 -32.35 -21.44
C CYS D 44 -29.63 -31.29 -22.45
N THR D 45 -30.93 -31.11 -22.61
CA THR D 45 -31.42 -30.16 -23.58
C THR D 45 -31.51 -28.81 -22.90
N ALA D 46 -31.92 -28.80 -21.64
CA ALA D 46 -32.13 -27.55 -20.95
C ALA D 46 -30.79 -26.83 -20.82
N PHE D 47 -29.71 -27.61 -20.84
CA PHE D 47 -28.35 -27.04 -20.83
C PHE D 47 -27.93 -26.55 -22.21
N ALA D 48 -28.10 -27.39 -23.22
CA ALA D 48 -27.83 -27.03 -24.61
C ALA D 48 -28.57 -25.79 -25.01
N LYS D 49 -29.78 -25.63 -24.50
CA LYS D 49 -30.64 -24.53 -24.88
C LYS D 49 -30.00 -23.27 -24.32
N VAL D 50 -29.76 -23.27 -23.03
CA VAL D 50 -29.13 -22.12 -22.41
C VAL D 50 -27.88 -21.72 -23.17
N PHE D 51 -27.03 -22.72 -23.44
CA PHE D 51 -25.78 -22.47 -24.13
C PHE D 51 -26.03 -21.63 -25.36
N PHE D 52 -26.92 -22.09 -26.23
CA PHE D 52 -27.20 -21.42 -27.50
C PHE D 52 -27.89 -20.06 -27.34
N VAL D 53 -29.01 -19.98 -26.62
CA VAL D 53 -29.61 -18.66 -26.48
C VAL D 53 -28.62 -17.61 -25.93
N ARG D 54 -27.83 -17.94 -24.94
CA ARG D 54 -26.87 -16.98 -24.45
C ARG D 54 -25.85 -16.59 -25.56
N HIS D 55 -25.62 -17.47 -26.53
CA HIS D 55 -24.76 -17.15 -27.66
C HIS D 55 -25.39 -16.17 -28.68
N PHE D 56 -26.38 -16.66 -29.42
CA PHE D 56 -27.12 -15.89 -30.44
C PHE D 56 -28.07 -14.88 -29.81
N ARG D 57 -28.30 -15.00 -28.51
CA ARG D 57 -29.20 -14.09 -27.80
C ARG D 57 -30.53 -13.97 -28.55
N GLU D 58 -31.12 -15.11 -28.87
CA GLU D 58 -32.35 -15.19 -29.63
C GLU D 58 -32.95 -16.57 -29.27
N PRO D 59 -34.27 -16.76 -29.44
CA PRO D 59 -34.76 -18.03 -28.85
C PRO D 59 -34.23 -19.19 -29.65
N VAL D 60 -34.20 -20.37 -29.06
CA VAL D 60 -33.85 -21.56 -29.82
C VAL D 60 -34.76 -22.75 -29.42
N PRO D 61 -35.39 -23.40 -30.41
CA PRO D 61 -36.24 -24.61 -30.25
C PRO D 61 -35.40 -25.84 -30.02
N LEU D 62 -35.77 -26.61 -29.01
CA LEU D 62 -35.01 -27.78 -28.62
C LEU D 62 -35.93 -28.53 -27.69
N GLN D 63 -36.14 -29.82 -27.95
CA GLN D 63 -37.05 -30.63 -27.12
C GLN D 63 -36.38 -31.89 -26.55
N THR D 64 -37.13 -32.61 -25.72
CA THR D 64 -36.56 -33.72 -24.96
C THR D 64 -37.35 -35.02 -25.04
N THR D 65 -36.66 -36.11 -25.38
CA THR D 65 -37.23 -37.44 -25.26
C THR D 65 -37.81 -37.66 -23.88
N ALA D 66 -37.19 -37.03 -22.88
CA ALA D 66 -37.59 -37.05 -21.45
C ALA D 66 -37.43 -38.38 -20.72
N MET D 67 -36.41 -39.14 -21.11
CA MET D 67 -36.04 -40.38 -20.44
C MET D 67 -36.19 -40.23 -18.92
N ASP D 68 -36.82 -41.24 -18.33
CA ASP D 68 -37.14 -41.28 -16.90
C ASP D 68 -36.05 -42.05 -16.15
N GLN D 69 -36.23 -42.22 -14.84
CA GLN D 69 -35.41 -43.14 -14.07
C GLN D 69 -35.60 -44.56 -14.64
N VAL D 70 -36.71 -44.76 -15.35
CA VAL D 70 -37.03 -46.04 -15.98
C VAL D 70 -36.40 -46.18 -17.35
N SER D 71 -35.42 -45.33 -17.63
CA SER D 71 -34.57 -45.48 -18.82
C SER D 71 -33.60 -46.62 -18.54
N SER D 72 -33.82 -47.32 -17.43
CA SER D 72 -33.13 -48.57 -17.13
C SER D 72 -33.97 -49.72 -17.65
N VAL D 73 -35.29 -49.55 -17.62
CA VAL D 73 -36.20 -50.54 -18.18
C VAL D 73 -36.39 -50.34 -19.68
N MET D 74 -37.61 -50.00 -20.10
CA MET D 74 -37.90 -49.82 -21.52
C MET D 74 -37.00 -48.76 -22.18
N GLY D 75 -35.99 -49.23 -22.90
CA GLY D 75 -35.04 -48.36 -23.57
C GLY D 75 -35.45 -46.90 -23.68
N ALA D 76 -36.64 -46.69 -24.25
CA ALA D 76 -37.25 -45.37 -24.42
C ALA D 76 -38.05 -45.39 -25.72
N ASP D 77 -38.09 -46.56 -26.34
CA ASP D 77 -39.11 -46.89 -27.32
C ASP D 77 -40.25 -45.89 -27.13
N GLU D 78 -41.05 -46.09 -26.07
CA GLU D 78 -42.23 -45.27 -25.80
C GLU D 78 -41.92 -43.77 -25.83
N ASN D 79 -40.83 -43.38 -25.16
CA ASN D 79 -40.45 -41.98 -25.07
C ASN D 79 -40.14 -41.35 -26.42
N VAL D 80 -39.29 -42.00 -27.22
CA VAL D 80 -38.92 -41.46 -28.53
C VAL D 80 -40.17 -41.29 -29.36
N VAL D 81 -40.99 -42.34 -29.41
CA VAL D 81 -42.19 -42.32 -30.22
C VAL D 81 -43.14 -41.21 -29.79
N GLU D 82 -43.47 -41.14 -28.50
CA GLU D 82 -44.46 -40.14 -28.11
C GLU D 82 -43.91 -38.74 -28.36
N ALA D 83 -42.59 -38.61 -28.39
CA ALA D 83 -41.98 -37.30 -28.63
C ALA D 83 -42.21 -36.87 -30.06
N LEU D 84 -41.99 -37.82 -30.97
CA LEU D 84 -42.13 -37.52 -32.39
C LEU D 84 -43.59 -37.23 -32.71
N LYS D 85 -44.51 -38.02 -32.15
CA LYS D 85 -45.92 -37.79 -32.40
C LYS D 85 -46.36 -36.42 -31.83
N THR D 86 -45.87 -36.11 -30.63
CA THR D 86 -46.19 -34.84 -29.95
C THR D 86 -45.81 -33.59 -30.71
N ILE D 87 -44.55 -33.51 -31.11
CA ILE D 87 -44.06 -32.39 -31.89
C ILE D 87 -44.74 -32.25 -33.24
N CYS D 88 -44.76 -33.35 -34.00
CA CYS D 88 -45.41 -33.42 -35.30
C CYS D 88 -46.80 -32.81 -35.25
N GLU D 89 -47.58 -33.22 -34.25
CA GLU D 89 -48.95 -32.78 -34.11
C GLU D 89 -49.07 -31.40 -33.45
N ARG D 90 -48.06 -31.01 -32.68
CA ARG D 90 -48.08 -29.73 -31.98
C ARG D 90 -47.56 -28.51 -32.78
N GLN D 91 -46.38 -28.64 -33.41
CA GLN D 91 -45.88 -27.54 -34.23
C GLN D 91 -45.69 -27.93 -35.69
N ASN D 92 -45.71 -29.24 -35.99
CA ASN D 92 -45.74 -29.67 -37.38
C ASN D 92 -44.51 -29.20 -38.17
N PRO D 93 -43.31 -29.65 -37.76
CA PRO D 93 -42.05 -29.24 -38.39
C PRO D 93 -41.99 -29.50 -39.88
N SER D 94 -41.13 -28.75 -40.56
CA SER D 94 -40.67 -29.11 -41.89
C SER D 94 -39.62 -30.22 -41.77
N VAL D 95 -38.99 -30.34 -40.61
CA VAL D 95 -37.96 -31.36 -40.43
C VAL D 95 -37.83 -31.56 -38.97
N ILE D 96 -37.44 -32.77 -38.56
CA ILE D 96 -37.10 -32.99 -37.17
C ILE D 96 -35.75 -33.64 -37.07
N GLY D 97 -35.05 -33.29 -35.98
CA GLY D 97 -33.75 -33.84 -35.66
C GLY D 97 -33.87 -34.82 -34.50
N LEU D 98 -33.38 -36.04 -34.73
CA LEU D 98 -33.39 -37.08 -33.73
C LEU D 98 -31.96 -37.36 -33.35
N LEU D 99 -31.59 -36.97 -32.13
CA LEU D 99 -30.22 -37.04 -31.68
C LEU D 99 -30.02 -37.90 -30.42
N THR D 100 -29.07 -38.80 -30.47
CA THR D 100 -28.82 -39.67 -29.33
C THR D 100 -27.87 -38.99 -28.34
N THR D 101 -28.15 -39.12 -27.05
CA THR D 101 -27.25 -38.59 -26.02
C THR D 101 -26.34 -39.66 -25.46
N GLY D 102 -25.53 -39.29 -24.48
CA GLY D 102 -24.68 -40.26 -23.80
C GLY D 102 -25.53 -41.30 -23.08
N LEU D 103 -26.62 -40.84 -22.49
CA LEU D 103 -27.54 -41.68 -21.74
C LEU D 103 -28.13 -42.76 -22.65
N SER D 104 -28.82 -42.34 -23.71
CA SER D 104 -29.60 -43.29 -24.50
C SER D 104 -28.67 -44.22 -25.27
N GLU D 105 -27.53 -43.70 -25.70
CA GLU D 105 -26.51 -44.52 -26.34
C GLU D 105 -25.87 -45.60 -25.46
N THR D 106 -26.01 -45.49 -24.15
CA THR D 106 -25.42 -46.46 -23.24
C THR D 106 -25.95 -47.88 -23.45
N GLN D 107 -27.11 -47.97 -24.10
CA GLN D 107 -27.70 -49.25 -24.48
C GLN D 107 -27.34 -49.63 -25.92
N GLY D 108 -27.38 -48.63 -26.80
CA GLY D 108 -27.35 -48.81 -28.24
C GLY D 108 -28.57 -48.05 -28.74
N CYS D 109 -29.65 -48.18 -27.98
CA CYS D 109 -30.83 -47.31 -28.07
C CYS D 109 -31.63 -47.37 -29.36
N ASP D 110 -31.64 -48.52 -30.04
CA ASP D 110 -32.61 -48.80 -31.11
C ASP D 110 -33.04 -47.57 -31.91
N LEU D 111 -32.08 -46.76 -32.34
CA LEU D 111 -32.39 -45.49 -33.00
C LEU D 111 -33.30 -45.69 -34.21
N HIS D 112 -32.71 -46.14 -35.30
CA HIS D 112 -33.43 -46.54 -36.49
C HIS D 112 -34.78 -47.21 -36.15
N THR D 113 -34.78 -48.09 -35.13
CA THR D 113 -35.96 -48.88 -34.75
C THR D 113 -37.08 -48.03 -34.16
N ALA D 114 -36.77 -47.30 -33.09
CA ALA D 114 -37.75 -46.44 -32.46
C ALA D 114 -38.41 -45.54 -33.52
N LEU D 115 -37.66 -45.31 -34.60
CA LEU D 115 -38.11 -44.47 -35.70
C LEU D 115 -38.94 -45.30 -36.67
N HIS D 116 -38.74 -46.61 -36.63
CA HIS D 116 -39.56 -47.53 -37.40
C HIS D 116 -40.74 -47.94 -36.51
N GLU D 117 -40.61 -47.64 -35.22
CA GLU D 117 -41.67 -47.84 -34.27
C GLU D 117 -42.59 -46.65 -34.37
N PHE D 118 -41.96 -45.52 -34.79
CA PHE D 118 -42.55 -44.30 -35.45
C PHE D 118 -42.28 -44.25 -36.98
N ARG D 119 -42.08 -45.44 -37.60
CA ARG D 119 -42.50 -45.71 -39.01
C ARG D 119 -43.52 -46.93 -39.28
N THR D 120 -44.39 -47.17 -38.27
CA THR D 120 -45.58 -48.04 -38.32
C THR D 120 -46.93 -47.35 -37.90
N GLN D 121 -47.15 -47.09 -36.61
CA GLN D 121 -48.42 -46.51 -36.07
C GLN D 121 -49.11 -45.35 -36.87
N TYR D 122 -48.75 -44.09 -36.58
CA TYR D 122 -48.65 -42.88 -37.51
C TYR D 122 -49.83 -42.29 -38.17
N GLU D 123 -50.94 -42.29 -37.47
CA GLU D 123 -52.00 -41.43 -37.91
C GLU D 123 -51.33 -40.10 -38.36
N GLU D 124 -50.26 -39.66 -37.65
CA GLU D 124 -49.40 -38.58 -38.18
C GLU D 124 -48.99 -38.79 -39.64
N TYR D 125 -49.22 -37.75 -40.44
CA TYR D 125 -48.99 -37.77 -41.87
C TYR D 125 -47.88 -38.75 -42.24
N LYS D 126 -46.69 -38.51 -41.68
CA LYS D 126 -45.46 -38.95 -42.31
C LYS D 126 -45.22 -37.85 -43.35
N ASP D 127 -44.17 -37.95 -44.16
CA ASP D 127 -43.88 -36.89 -45.11
C ASP D 127 -43.24 -35.73 -44.35
N VAL D 128 -43.25 -35.86 -43.03
CA VAL D 128 -42.43 -35.00 -42.16
C VAL D 128 -41.09 -35.70 -42.00
N PRO D 129 -40.06 -35.21 -42.74
CA PRO D 129 -38.80 -35.95 -42.75
C PRO D 129 -38.29 -36.07 -41.32
N ILE D 130 -37.39 -37.00 -41.06
CA ILE D 130 -36.74 -37.03 -39.76
C ILE D 130 -35.27 -37.33 -39.94
N VAL D 131 -34.38 -36.47 -39.47
CA VAL D 131 -32.96 -36.80 -39.56
C VAL D 131 -32.51 -37.52 -38.29
N PRO D 132 -31.96 -38.75 -38.41
CA PRO D 132 -31.48 -39.48 -37.24
C PRO D 132 -29.96 -39.36 -37.11
N VAL D 133 -29.45 -38.94 -35.95
CA VAL D 133 -28.00 -38.80 -35.77
C VAL D 133 -27.51 -39.50 -34.49
N ASN D 134 -26.35 -40.16 -34.58
CA ASN D 134 -25.73 -40.76 -33.42
C ASN D 134 -24.61 -39.91 -32.84
N THR D 135 -24.90 -39.30 -31.71
CA THR D 135 -24.00 -38.31 -31.15
C THR D 135 -23.92 -38.32 -29.63
N PRO D 136 -23.33 -39.38 -29.07
CA PRO D 136 -23.05 -39.48 -27.63
C PRO D 136 -22.11 -38.40 -27.07
N ASP D 137 -22.61 -37.69 -26.05
CA ASP D 137 -21.78 -36.74 -25.32
C ASP D 137 -20.38 -37.31 -25.15
N PHE D 138 -20.26 -38.62 -24.98
CA PHE D 138 -18.96 -39.18 -24.65
C PHE D 138 -17.93 -39.37 -25.76
N SER D 139 -18.27 -39.05 -27.01
CA SER D 139 -17.22 -39.06 -28.05
C SER D 139 -17.22 -37.82 -28.93
N GLY D 140 -16.13 -37.62 -29.63
CA GLY D 140 -16.01 -36.47 -30.49
C GLY D 140 -16.31 -35.16 -29.79
N CYS D 141 -16.77 -34.18 -30.55
CA CYS D 141 -16.94 -32.85 -29.99
C CYS D 141 -17.96 -32.09 -30.79
N PHE D 142 -18.13 -30.84 -30.42
CA PHE D 142 -19.09 -29.93 -31.03
C PHE D 142 -19.03 -29.96 -32.55
N GLU D 143 -17.81 -29.77 -33.06
CA GLU D 143 -17.59 -29.60 -34.49
C GLU D 143 -17.84 -30.88 -35.26
N SER D 144 -17.34 -31.98 -34.70
CA SER D 144 -17.56 -33.28 -35.31
C SER D 144 -19.03 -33.59 -35.17
N GLY D 145 -19.58 -33.32 -33.99
CA GLY D 145 -21.01 -33.46 -33.81
C GLY D 145 -21.73 -32.81 -34.99
N PHE D 146 -21.39 -31.54 -35.22
CA PHE D 146 -22.05 -30.76 -36.26
C PHE D 146 -21.92 -31.38 -37.67
N ALA D 147 -20.69 -31.59 -38.11
CA ALA D 147 -20.36 -32.32 -39.33
C ALA D 147 -21.06 -33.70 -39.50
N ALA D 148 -21.43 -34.34 -38.39
CA ALA D 148 -22.10 -35.62 -38.44
C ALA D 148 -23.59 -35.46 -38.69
N ALA D 149 -24.18 -34.34 -38.28
CA ALA D 149 -25.60 -34.14 -38.60
C ALA D 149 -25.76 -33.56 -40.02
N VAL D 150 -24.63 -33.18 -40.64
CA VAL D 150 -24.67 -32.78 -42.05
C VAL D 150 -24.55 -34.02 -42.93
N LYS D 151 -23.80 -35.00 -42.47
CA LYS D 151 -23.78 -36.29 -43.16
C LYS D 151 -25.18 -36.86 -43.18
N ALA D 152 -25.77 -36.92 -42.00
CA ALA D 152 -27.13 -37.37 -41.86
C ALA D 152 -28.13 -36.52 -42.65
N ILE D 153 -27.96 -35.20 -42.65
CA ILE D 153 -28.91 -34.36 -43.40
C ILE D 153 -28.83 -34.69 -44.89
N VAL D 154 -27.61 -34.69 -45.41
CA VAL D 154 -27.37 -35.06 -46.81
C VAL D 154 -28.06 -36.39 -47.14
N GLU D 155 -27.77 -37.41 -46.34
CA GLU D 155 -28.21 -38.77 -46.64
C GLU D 155 -29.72 -38.99 -46.46
N THR D 156 -30.31 -38.29 -45.51
CA THR D 156 -31.74 -38.39 -45.34
C THR D 156 -32.51 -37.66 -46.43
N LEU D 157 -31.92 -36.65 -47.08
CA LEU D 157 -32.68 -35.80 -47.99
C LEU D 157 -32.22 -35.80 -49.47
N VAL D 158 -32.83 -36.70 -50.25
CA VAL D 158 -32.87 -36.69 -51.74
C VAL D 158 -31.67 -37.18 -52.58
N PRO D 159 -30.55 -37.53 -51.93
CA PRO D 159 -29.27 -37.77 -52.61
C PRO D 159 -29.27 -38.75 -53.79
N GLU D 160 -30.24 -39.67 -53.80
CA GLU D 160 -30.05 -41.01 -54.34
C GLU D 160 -30.55 -41.28 -55.75
N ARG D 161 -31.86 -41.52 -55.87
CA ARG D 161 -32.51 -41.92 -57.12
C ARG D 161 -31.73 -41.29 -58.27
N ARG D 162 -31.86 -39.96 -58.38
CA ARG D 162 -31.22 -39.26 -59.47
C ARG D 162 -29.70 -39.29 -59.31
N ASP D 163 -28.99 -39.00 -60.39
CA ASP D 163 -27.54 -39.04 -60.36
C ASP D 163 -27.05 -38.50 -61.69
N GLN D 164 -25.75 -38.37 -61.83
CA GLN D 164 -25.08 -38.14 -63.12
C GLN D 164 -25.80 -37.14 -64.02
N VAL D 165 -27.04 -37.49 -64.39
CA VAL D 165 -27.95 -36.64 -65.16
C VAL D 165 -28.63 -35.62 -64.24
N GLY D 166 -28.52 -35.83 -62.94
CA GLY D 166 -28.92 -34.79 -62.02
C GLY D 166 -27.76 -33.86 -61.76
N LYS D 167 -27.44 -33.00 -62.73
CA LYS D 167 -26.42 -31.98 -62.53
C LYS D 167 -26.59 -30.85 -63.56
N ARG D 168 -27.68 -30.11 -63.42
CA ARG D 168 -28.17 -29.29 -64.52
C ARG D 168 -27.83 -27.82 -64.42
N PRO D 169 -28.47 -27.10 -63.47
CA PRO D 169 -28.38 -25.65 -63.42
C PRO D 169 -26.99 -24.96 -63.37
N ARG D 170 -26.94 -23.92 -62.55
CA ARG D 170 -25.72 -23.20 -62.25
C ARG D 170 -25.74 -22.99 -60.76
N GLN D 171 -26.46 -23.89 -60.08
CA GLN D 171 -26.61 -23.89 -58.65
C GLN D 171 -25.38 -24.52 -58.02
N VAL D 172 -24.75 -23.79 -57.09
CA VAL D 172 -23.56 -24.28 -56.40
C VAL D 172 -23.84 -24.62 -54.94
N ASN D 173 -23.63 -25.88 -54.61
CA ASN D 173 -23.79 -26.32 -53.23
C ASN D 173 -22.64 -25.91 -52.37
N VAL D 174 -22.96 -25.42 -51.18
CA VAL D 174 -21.91 -25.15 -50.20
C VAL D 174 -22.13 -25.93 -48.92
N LEU D 175 -21.13 -26.74 -48.59
CA LEU D 175 -21.16 -27.49 -47.32
C LEU D 175 -20.44 -26.64 -46.33
N CYS D 176 -21.22 -26.11 -45.41
CA CYS D 176 -20.74 -25.20 -44.40
C CYS D 176 -20.37 -25.98 -43.15
N SER D 177 -19.28 -25.59 -42.50
CA SER D 177 -18.92 -26.20 -41.22
C SER D 177 -19.43 -25.34 -40.07
N ALA D 178 -19.13 -25.81 -38.85
CA ALA D 178 -19.75 -25.33 -37.61
C ALA D 178 -19.34 -23.92 -37.21
N ASN D 179 -18.15 -23.51 -37.62
CA ASN D 179 -17.59 -22.28 -37.11
C ASN D 179 -17.70 -21.12 -38.10
N LEU D 180 -18.44 -21.37 -39.16
CA LEU D 180 -19.04 -20.34 -39.99
C LEU D 180 -20.26 -19.69 -39.24
N THR D 181 -20.15 -18.39 -39.01
CA THR D 181 -21.21 -17.59 -38.39
C THR D 181 -22.17 -17.18 -39.49
N PRO D 182 -23.35 -16.67 -39.09
CA PRO D 182 -24.21 -16.05 -40.10
C PRO D 182 -23.42 -15.04 -40.96
N GLY D 183 -22.53 -14.28 -40.37
CA GLY D 183 -21.79 -13.32 -41.16
C GLY D 183 -20.74 -13.92 -42.10
N ASP D 184 -20.30 -15.13 -41.81
CA ASP D 184 -19.44 -15.89 -42.68
C ASP D 184 -20.28 -16.39 -43.82
N LEU D 185 -21.50 -16.81 -43.48
CA LEU D 185 -22.40 -17.49 -44.42
C LEU D 185 -22.96 -16.55 -45.45
N GLU D 186 -23.28 -15.34 -44.98
CA GLU D 186 -23.64 -14.24 -45.85
C GLU D 186 -22.48 -13.90 -46.78
N TYR D 187 -21.27 -13.77 -46.26
CA TYR D 187 -20.19 -13.52 -47.17
C TYR D 187 -20.13 -14.61 -48.18
N ILE D 188 -20.29 -15.85 -47.74
CA ILE D 188 -20.10 -16.97 -48.69
C ILE D 188 -21.15 -16.99 -49.80
N ALA D 189 -22.37 -16.56 -49.46
CA ALA D 189 -23.51 -16.52 -50.37
C ALA D 189 -23.46 -15.28 -51.29
N GLU D 190 -23.28 -14.10 -50.69
CA GLU D 190 -23.13 -12.90 -51.48
C GLU D 190 -21.93 -13.10 -52.38
N SER D 191 -20.84 -13.65 -51.86
CA SER D 191 -19.67 -13.85 -52.72
C SER D 191 -20.01 -14.67 -53.98
N ILE D 192 -20.78 -15.74 -53.79
CA ILE D 192 -21.16 -16.63 -54.86
C ILE D 192 -22.07 -15.86 -55.80
N GLU D 193 -23.23 -15.44 -55.31
CA GLU D 193 -24.15 -14.65 -56.13
C GLU D 193 -23.49 -13.55 -56.99
N SER D 194 -22.36 -13.02 -56.55
CA SER D 194 -21.76 -11.91 -57.26
C SER D 194 -21.10 -12.42 -58.55
N PHE D 195 -20.96 -13.74 -58.65
CA PHE D 195 -20.41 -14.36 -59.86
C PHE D 195 -21.52 -14.84 -60.77
N GLY D 196 -22.76 -14.54 -60.37
CA GLY D 196 -23.96 -14.93 -61.10
C GLY D 196 -24.35 -16.36 -60.83
N LEU D 197 -23.64 -17.00 -59.92
CA LEU D 197 -24.04 -18.33 -59.51
C LEU D 197 -25.20 -18.15 -58.56
N ARG D 198 -25.71 -19.27 -58.04
CA ARG D 198 -26.74 -19.20 -57.00
C ARG D 198 -26.43 -20.26 -55.94
N PRO D 199 -26.20 -19.81 -54.70
CA PRO D 199 -25.81 -20.73 -53.65
C PRO D 199 -26.99 -21.48 -53.07
N LEU D 200 -26.79 -22.77 -52.84
CA LEU D 200 -27.59 -23.57 -51.95
C LEU D 200 -26.69 -23.89 -50.74
N LEU D 201 -26.82 -23.12 -49.67
CA LEU D 201 -26.02 -23.31 -48.47
C LEU D 201 -26.49 -24.49 -47.60
N ILE D 202 -25.60 -25.43 -47.30
CA ILE D 202 -25.99 -26.58 -46.49
C ILE D 202 -25.12 -26.72 -45.28
N PRO D 203 -25.73 -26.56 -44.08
CA PRO D 203 -27.04 -25.90 -43.96
C PRO D 203 -26.88 -24.41 -43.85
N ASP D 204 -27.90 -23.70 -43.32
CA ASP D 204 -27.86 -22.22 -43.42
C ASP D 204 -28.27 -21.52 -42.13
N LEU D 205 -27.30 -21.23 -41.28
CA LEU D 205 -27.57 -20.52 -40.05
C LEU D 205 -27.90 -19.06 -40.32
N SER D 206 -27.50 -18.55 -41.48
CA SER D 206 -27.84 -17.16 -41.86
C SER D 206 -29.34 -16.96 -41.80
N GLY D 207 -30.08 -18.00 -42.19
CA GLY D 207 -31.51 -17.88 -42.28
C GLY D 207 -32.18 -17.94 -40.93
N SER D 208 -31.62 -18.75 -40.03
CA SER D 208 -32.26 -19.07 -38.73
C SER D 208 -31.85 -18.13 -37.64
N LEU D 209 -30.57 -17.77 -37.60
CA LEU D 209 -30.10 -17.13 -36.39
C LEU D 209 -29.58 -15.71 -36.51
N ASP D 210 -30.53 -14.76 -36.35
CA ASP D 210 -30.34 -13.34 -35.97
C ASP D 210 -31.71 -12.87 -35.56
N GLY D 211 -31.95 -11.56 -35.67
CA GLY D 211 -33.30 -11.07 -35.48
C GLY D 211 -33.96 -11.14 -36.84
N HIS D 212 -34.87 -12.06 -37.04
CA HIS D 212 -35.24 -12.39 -38.43
C HIS D 212 -36.75 -12.49 -38.69
N LEU D 213 -37.59 -12.23 -37.68
CA LEU D 213 -39.03 -12.48 -37.86
C LEU D 213 -40.00 -11.36 -37.50
N ASP D 214 -41.24 -11.58 -37.96
CA ASP D 214 -42.32 -10.61 -37.91
C ASP D 214 -43.61 -11.16 -37.28
N GLU D 215 -43.62 -12.44 -36.91
CA GLU D 215 -44.67 -12.95 -36.05
C GLU D 215 -44.30 -12.65 -34.61
N ASN D 216 -45.32 -12.59 -33.77
CA ASN D 216 -45.07 -12.35 -32.36
C ASN D 216 -44.37 -13.60 -31.78
N ARG D 217 -44.62 -14.76 -32.38
CA ARG D 217 -44.08 -16.01 -31.85
C ARG D 217 -43.67 -16.96 -32.94
N PHE D 218 -42.53 -17.62 -32.76
CA PHE D 218 -41.99 -18.38 -33.87
C PHE D 218 -41.61 -19.80 -33.48
N ASN D 219 -42.33 -20.34 -32.50
CA ASN D 219 -42.44 -21.79 -32.28
C ASN D 219 -41.32 -22.73 -32.72
N ALA D 220 -41.10 -22.86 -34.02
CA ALA D 220 -40.17 -23.87 -34.52
C ALA D 220 -39.11 -23.33 -35.45
N LEU D 221 -38.61 -22.14 -35.20
CA LEU D 221 -37.44 -21.69 -35.96
C LEU D 221 -37.76 -21.13 -37.35
N THR D 222 -39.04 -21.18 -37.73
CA THR D 222 -39.56 -20.71 -39.03
C THR D 222 -38.68 -19.71 -39.77
N THR D 223 -37.93 -18.95 -39.01
CA THR D 223 -36.94 -18.05 -39.53
C THR D 223 -35.71 -18.86 -39.97
N GLY D 224 -35.91 -19.89 -40.78
CA GLY D 224 -34.91 -20.93 -40.86
C GLY D 224 -33.88 -20.76 -41.95
N GLY D 225 -32.99 -21.73 -42.07
CA GLY D 225 -32.10 -21.79 -43.20
C GLY D 225 -32.63 -22.64 -44.37
N LEU D 226 -32.27 -23.90 -44.39
CA LEU D 226 -32.56 -24.75 -45.52
C LEU D 226 -33.97 -25.25 -45.49
N SER D 227 -34.65 -25.06 -46.61
CA SER D 227 -35.93 -25.72 -46.83
C SER D 227 -35.62 -27.11 -47.36
N VAL D 228 -36.20 -28.15 -46.77
CA VAL D 228 -36.07 -29.49 -47.33
C VAL D 228 -36.41 -29.39 -48.78
N ALA D 229 -37.52 -28.70 -49.03
CA ALA D 229 -37.96 -28.37 -50.35
C ALA D 229 -36.74 -28.11 -51.23
N GLU D 230 -35.97 -27.08 -50.91
CA GLU D 230 -34.86 -26.71 -51.78
C GLU D 230 -33.60 -27.57 -51.57
N LEU D 231 -33.53 -28.30 -50.46
CA LEU D 231 -32.39 -29.16 -50.22
C LEU D 231 -32.51 -30.31 -51.19
N ALA D 232 -33.76 -30.71 -51.45
CA ALA D 232 -34.07 -31.76 -52.42
C ALA D 232 -33.35 -31.56 -53.74
N THR D 233 -33.16 -30.28 -54.09
CA THR D 233 -32.63 -29.95 -55.41
C THR D 233 -31.10 -29.86 -55.45
N ALA D 234 -30.46 -30.28 -54.36
CA ALA D 234 -29.01 -30.25 -54.31
C ALA D 234 -28.45 -31.37 -55.16
N GLY D 235 -29.32 -32.30 -55.51
CA GLY D 235 -28.95 -33.42 -56.37
C GLY D 235 -28.28 -32.92 -57.64
N GLN D 236 -28.96 -32.01 -58.34
CA GLN D 236 -28.44 -31.41 -59.55
C GLN D 236 -27.89 -30.02 -59.24
N SER D 237 -26.72 -29.70 -59.81
CA SER D 237 -26.03 -28.47 -59.47
C SER D 237 -24.62 -28.59 -60.02
N VAL D 238 -24.11 -27.51 -60.61
CA VAL D 238 -22.82 -27.56 -61.30
C VAL D 238 -21.72 -28.22 -60.47
N ALA D 239 -21.43 -27.63 -59.32
CA ALA D 239 -20.41 -28.14 -58.39
C ALA D 239 -20.84 -27.98 -56.92
N THR D 240 -20.14 -28.62 -56.00
CA THR D 240 -20.35 -28.36 -54.58
C THR D 240 -19.04 -27.86 -53.94
N LEU D 241 -19.10 -26.72 -53.27
CA LEU D 241 -17.95 -26.20 -52.51
C LEU D 241 -17.97 -26.62 -51.03
N VAL D 242 -16.85 -27.12 -50.57
CA VAL D 242 -16.77 -27.63 -49.20
C VAL D 242 -15.97 -26.66 -48.31
N VAL D 243 -16.65 -25.99 -47.36
CA VAL D 243 -15.94 -25.00 -46.51
C VAL D 243 -15.61 -25.50 -45.07
N GLY D 244 -14.37 -25.96 -44.89
CA GLY D 244 -13.89 -26.40 -43.57
C GLY D 244 -13.67 -27.90 -43.53
N GLN D 245 -12.45 -28.33 -43.20
CA GLN D 245 -12.10 -29.74 -43.32
C GLN D 245 -12.97 -30.69 -42.50
N SER D 246 -13.55 -30.19 -41.41
CA SER D 246 -14.38 -31.03 -40.55
C SER D 246 -15.46 -31.79 -41.34
N LEU D 247 -15.71 -31.35 -42.58
CA LEU D 247 -16.83 -31.81 -43.42
C LEU D 247 -16.45 -32.78 -44.53
N ALA D 248 -15.27 -33.38 -44.45
CA ALA D 248 -14.84 -34.27 -45.52
C ALA D 248 -15.80 -35.46 -45.64
N GLY D 249 -16.06 -36.12 -44.53
CA GLY D 249 -17.02 -37.21 -44.51
C GLY D 249 -18.40 -36.84 -45.00
N ALA D 250 -18.73 -35.54 -45.03
CA ALA D 250 -20.02 -35.13 -45.56
C ALA D 250 -19.91 -34.79 -47.04
N ALA D 251 -18.74 -34.28 -47.42
CA ALA D 251 -18.46 -34.07 -48.83
C ALA D 251 -18.40 -35.44 -49.54
N ASP D 252 -17.96 -36.48 -48.84
CA ASP D 252 -17.95 -37.84 -49.40
C ASP D 252 -19.35 -38.41 -49.55
N ALA D 253 -20.19 -38.28 -48.52
CA ALA D 253 -21.57 -38.72 -48.62
C ALA D 253 -22.27 -37.97 -49.70
N LEU D 254 -22.30 -36.64 -49.61
CA LEU D 254 -22.83 -35.79 -50.71
C LEU D 254 -22.35 -36.21 -52.12
N ALA D 255 -21.05 -36.49 -52.26
CA ALA D 255 -20.45 -36.77 -53.57
C ALA D 255 -20.73 -38.18 -54.15
N GLU D 256 -20.88 -39.21 -53.31
CA GLU D 256 -21.20 -40.55 -53.82
C GLU D 256 -22.64 -40.62 -54.33
N ARG D 257 -23.60 -40.08 -53.58
CA ARG D 257 -25.02 -40.17 -53.96
C ARG D 257 -25.47 -39.30 -55.12
N THR D 258 -24.80 -38.17 -55.32
CA THR D 258 -24.93 -37.40 -56.56
C THR D 258 -23.60 -37.56 -57.27
N GLY D 259 -23.40 -36.84 -58.36
CA GLY D 259 -22.13 -36.92 -59.06
C GLY D 259 -21.41 -35.59 -59.04
N VAL D 260 -22.06 -34.60 -58.43
CA VAL D 260 -21.56 -33.23 -58.36
C VAL D 260 -20.14 -33.20 -57.79
N PRO D 261 -19.17 -32.64 -58.53
CA PRO D 261 -17.76 -32.70 -58.13
C PRO D 261 -17.34 -31.61 -57.11
N ASP D 262 -16.77 -32.02 -55.96
CA ASP D 262 -16.34 -31.10 -54.90
C ASP D 262 -15.03 -30.39 -55.21
N ARG D 263 -14.95 -29.14 -54.78
CA ARG D 263 -13.70 -28.40 -54.74
C ARG D 263 -13.68 -27.82 -53.33
N ARG D 264 -12.96 -28.45 -52.40
CA ARG D 264 -13.12 -28.10 -51.00
C ARG D 264 -11.99 -27.31 -50.34
N PHE D 265 -12.31 -26.74 -49.19
CA PHE D 265 -11.34 -26.77 -48.07
C PHE D 265 -11.37 -25.70 -46.99
N GLY D 266 -10.27 -24.95 -46.94
CA GLY D 266 -9.92 -24.11 -45.80
C GLY D 266 -10.97 -23.15 -45.31
N MET D 267 -10.90 -22.86 -44.00
CA MET D 267 -11.55 -21.68 -43.47
C MET D 267 -11.09 -20.51 -44.38
N LEU D 268 -11.97 -19.56 -44.68
CA LEU D 268 -11.67 -18.54 -45.72
C LEU D 268 -10.98 -17.29 -45.19
N TYR D 269 -9.79 -17.54 -44.67
CA TYR D 269 -8.93 -16.57 -44.02
C TYR D 269 -7.60 -16.36 -44.76
N GLY D 270 -7.24 -15.09 -44.98
CA GLY D 270 -5.92 -14.76 -45.49
C GLY D 270 -5.95 -14.56 -46.97
N LEU D 271 -4.81 -14.16 -47.55
CA LEU D 271 -4.74 -13.98 -48.98
C LEU D 271 -5.03 -15.29 -49.66
N ASP D 272 -4.08 -16.22 -49.59
CA ASP D 272 -4.18 -17.47 -50.31
C ASP D 272 -5.59 -18.05 -50.17
N ALA D 273 -6.11 -18.12 -48.96
CA ALA D 273 -7.40 -18.75 -48.75
C ALA D 273 -8.51 -18.17 -49.60
N VAL D 274 -8.57 -16.84 -49.70
CA VAL D 274 -9.64 -16.20 -50.45
C VAL D 274 -9.33 -16.09 -51.94
N ASP D 275 -8.06 -15.86 -52.27
CA ASP D 275 -7.57 -16.00 -53.64
C ASP D 275 -8.15 -17.31 -54.25
N ALA D 276 -7.75 -18.43 -53.68
CA ALA D 276 -8.25 -19.68 -54.20
C ALA D 276 -9.77 -19.75 -54.16
N TRP D 277 -10.44 -19.06 -53.22
CA TRP D 277 -11.92 -19.19 -53.21
C TRP D 277 -12.52 -18.53 -54.38
N LEU D 278 -12.01 -17.34 -54.67
CA LEU D 278 -12.46 -16.57 -55.81
C LEU D 278 -12.15 -17.23 -57.17
N MET D 279 -10.89 -17.61 -57.40
CA MET D 279 -10.49 -18.47 -58.54
C MET D 279 -11.44 -19.65 -58.81
N ALA D 280 -11.62 -20.52 -57.83
CA ALA D 280 -12.51 -21.65 -58.02
C ALA D 280 -13.86 -21.17 -58.46
N LEU D 281 -14.21 -19.95 -58.09
CA LEU D 281 -15.50 -19.43 -58.47
C LEU D 281 -15.50 -18.88 -59.90
N ALA D 282 -14.38 -18.27 -60.27
CA ALA D 282 -14.22 -17.69 -61.60
C ALA D 282 -14.22 -18.81 -62.64
N GLU D 283 -13.61 -19.91 -62.25
CA GLU D 283 -13.49 -21.11 -63.07
C GLU D 283 -14.86 -21.74 -63.21
N ILE D 284 -15.52 -21.99 -62.08
CA ILE D 284 -16.84 -22.61 -62.08
C ILE D 284 -17.82 -21.87 -62.97
N SER D 285 -17.62 -20.58 -63.12
CA SER D 285 -18.59 -19.78 -63.83
C SER D 285 -18.06 -19.04 -65.06
N GLY D 286 -16.78 -19.22 -65.37
CA GLY D 286 -16.19 -18.58 -66.55
C GLY D 286 -15.95 -17.07 -66.41
N ASN D 287 -17.00 -16.29 -66.12
CA ASN D 287 -16.84 -14.86 -65.87
C ASN D 287 -15.76 -14.57 -64.83
N PRO D 288 -15.28 -13.31 -64.77
CA PRO D 288 -14.10 -12.95 -63.95
C PRO D 288 -14.44 -12.50 -62.52
N VAL D 289 -13.41 -12.36 -61.69
CA VAL D 289 -13.54 -11.82 -60.33
C VAL D 289 -13.99 -10.36 -60.36
N PRO D 290 -15.16 -10.08 -59.77
CA PRO D 290 -15.79 -8.76 -59.80
C PRO D 290 -14.81 -7.68 -59.31
N ASP D 291 -14.93 -6.45 -59.82
CA ASP D 291 -13.99 -5.38 -59.47
C ASP D 291 -13.94 -5.18 -57.96
N ARG D 292 -15.06 -5.43 -57.29
CA ARG D 292 -15.14 -5.27 -55.86
C ARG D 292 -14.07 -6.09 -55.10
N TYR D 293 -14.02 -7.39 -55.33
CA TYR D 293 -13.03 -8.21 -54.62
C TYR D 293 -11.59 -8.01 -55.15
N LYS D 294 -11.46 -7.38 -56.31
CA LYS D 294 -10.15 -6.97 -56.79
C LYS D 294 -9.62 -5.87 -55.85
N ARG D 295 -10.55 -5.09 -55.31
CA ARG D 295 -10.21 -3.90 -54.56
C ARG D 295 -9.92 -4.31 -53.15
N GLN D 296 -10.71 -5.25 -52.66
CA GLN D 296 -10.58 -5.66 -51.29
C GLN D 296 -9.27 -6.40 -51.12
N ARG D 297 -8.89 -7.20 -52.10
CA ARG D 297 -7.57 -7.83 -52.04
C ARG D 297 -6.50 -6.76 -51.84
N ALA D 298 -6.64 -5.64 -52.52
CA ALA D 298 -5.68 -4.53 -52.37
C ALA D 298 -5.77 -3.89 -50.99
N GLN D 299 -6.99 -3.81 -50.46
CA GLN D 299 -7.19 -3.30 -49.12
C GLN D 299 -6.55 -4.24 -48.08
N LEU D 300 -6.83 -5.53 -48.20
CA LEU D 300 -6.16 -6.52 -47.35
C LEU D 300 -4.63 -6.42 -47.43
N GLN D 301 -4.04 -6.38 -48.63
CA GLN D 301 -2.60 -6.27 -48.72
C GLN D 301 -2.08 -5.08 -47.96
N ASP D 302 -2.82 -3.97 -48.00
CA ASP D 302 -2.39 -2.77 -47.29
C ASP D 302 -2.50 -2.94 -45.78
N ALA D 303 -3.59 -3.56 -45.33
CA ALA D 303 -3.72 -3.95 -43.92
C ALA D 303 -2.59 -4.82 -43.46
N MET D 304 -1.95 -5.55 -44.38
CA MET D 304 -0.85 -6.40 -43.98
C MET D 304 0.40 -5.56 -43.85
N LEU D 305 0.55 -4.58 -44.72
CA LEU D 305 1.69 -3.68 -44.59
C LEU D 305 1.60 -2.87 -43.27
N ASP D 306 0.42 -2.36 -42.93
CA ASP D 306 0.24 -1.53 -41.76
C ASP D 306 0.27 -2.28 -40.42
N THR D 307 -0.08 -3.55 -40.45
CA THR D 307 -0.11 -4.32 -39.21
C THR D 307 1.07 -5.24 -39.05
N HIS D 308 1.93 -5.27 -40.07
CA HIS D 308 3.08 -6.14 -40.03
C HIS D 308 4.04 -5.75 -38.93
N PHE D 309 4.13 -4.49 -38.61
CA PHE D 309 5.00 -4.08 -37.49
C PHE D 309 4.62 -4.77 -36.19
N MET D 310 3.33 -4.68 -35.84
CA MET D 310 2.84 -5.22 -34.58
C MET D 310 2.72 -6.77 -34.62
N LEU D 311 2.15 -7.34 -35.69
CA LEU D 311 1.95 -8.81 -35.72
C LEU D 311 3.16 -9.68 -36.12
N SER D 312 4.09 -9.14 -36.93
CA SER D 312 5.32 -9.89 -37.25
C SER D 312 6.07 -10.39 -36.02
N SER D 313 5.95 -11.69 -35.78
CA SER D 313 6.61 -12.38 -34.69
C SER D 313 5.86 -12.41 -33.38
N ALA D 314 4.59 -11.99 -33.38
CA ALA D 314 3.71 -12.16 -32.22
C ALA D 314 3.55 -13.61 -31.80
N ARG D 315 3.76 -13.90 -30.52
CA ARG D 315 3.35 -15.18 -29.94
C ARG D 315 1.81 -15.23 -29.63
N THR D 316 1.12 -16.20 -30.19
CA THR D 316 -0.30 -16.30 -29.96
C THR D 316 -0.56 -17.65 -29.39
N ALA D 317 -1.75 -17.82 -28.80
CA ALA D 317 -2.14 -19.09 -28.27
C ALA D 317 -3.58 -19.24 -28.64
N ILE D 318 -3.93 -20.36 -29.26
CA ILE D 318 -5.26 -20.50 -29.79
C ILE D 318 -5.91 -21.69 -29.15
N ALA D 319 -7.18 -21.51 -28.73
CA ALA D 319 -7.97 -22.57 -28.09
C ALA D 319 -9.27 -22.68 -28.83
N ALA D 320 -9.31 -23.55 -29.84
CA ALA D 320 -10.42 -23.51 -30.77
C ALA D 320 -10.59 -24.85 -31.40
N ASP D 321 -11.75 -25.05 -32.04
CA ASP D 321 -12.04 -26.28 -32.81
C ASP D 321 -10.97 -26.42 -33.89
N PRO D 322 -10.71 -27.66 -34.35
CA PRO D 322 -9.62 -27.83 -35.32
C PRO D 322 -9.69 -26.91 -36.56
N ASP D 323 -10.86 -26.79 -37.17
CA ASP D 323 -11.01 -25.89 -38.32
C ASP D 323 -10.52 -24.47 -38.01
N LEU D 324 -11.18 -23.77 -37.07
CA LEU D 324 -10.70 -22.44 -36.67
C LEU D 324 -9.21 -22.40 -36.33
N LEU D 325 -8.68 -23.45 -35.75
CA LEU D 325 -7.26 -23.49 -35.44
C LEU D 325 -6.49 -23.30 -36.74
N LEU D 326 -6.70 -24.22 -37.67
CA LEU D 326 -6.00 -24.21 -38.94
C LEU D 326 -6.23 -22.93 -39.73
N GLY D 327 -7.47 -22.43 -39.67
CA GLY D 327 -7.83 -21.17 -40.30
C GLY D 327 -7.09 -19.98 -39.69
N PHE D 328 -6.85 -19.98 -38.37
CA PHE D 328 -6.24 -18.83 -37.73
C PHE D 328 -4.75 -18.99 -37.81
N ASP D 329 -4.32 -20.21 -37.92
CA ASP D 329 -2.91 -20.49 -37.96
C ASP D 329 -2.41 -19.95 -39.27
N ALA D 330 -3.15 -20.27 -40.34
CA ALA D 330 -2.77 -19.88 -41.68
C ALA D 330 -2.69 -18.38 -41.78
N LEU D 331 -3.82 -17.73 -41.49
CA LEU D 331 -3.92 -16.29 -41.46
C LEU D 331 -2.71 -15.65 -40.78
N LEU D 332 -2.45 -16.05 -39.54
CA LEU D 332 -1.35 -15.50 -38.75
C LEU D 332 0.02 -15.75 -39.38
N ARG D 333 0.17 -16.92 -40.00
CA ARG D 333 1.48 -17.31 -40.52
C ARG D 333 1.80 -16.51 -41.77
N SER D 334 0.76 -16.00 -42.42
CA SER D 334 0.99 -15.08 -43.54
C SER D 334 1.48 -13.74 -43.03
N MET D 335 1.55 -13.55 -41.71
CA MET D 335 2.01 -12.30 -41.09
C MET D 335 3.31 -12.44 -40.33
N GLY D 336 3.79 -13.65 -40.13
CA GLY D 336 5.05 -13.78 -39.43
C GLY D 336 4.73 -14.02 -37.97
N ALA D 337 3.46 -14.16 -37.68
CA ALA D 337 3.04 -14.46 -36.34
C ALA D 337 3.29 -15.97 -36.10
N HIS D 338 3.76 -16.29 -34.90
CA HIS D 338 3.96 -17.67 -34.46
C HIS D 338 2.82 -18.07 -33.55
N THR D 339 2.12 -19.16 -33.87
CA THR D 339 1.20 -19.69 -32.86
C THR D 339 1.97 -20.62 -31.91
N VAL D 340 2.20 -20.11 -30.71
CA VAL D 340 3.02 -20.70 -29.65
C VAL D 340 2.30 -21.78 -28.80
N ALA D 341 1.05 -22.09 -29.13
CA ALA D 341 0.26 -22.90 -28.21
C ALA D 341 -1.09 -23.10 -28.80
N ALA D 342 -1.37 -24.34 -29.15
CA ALA D 342 -2.63 -24.62 -29.77
C ALA D 342 -3.27 -25.74 -29.01
N VAL D 343 -4.48 -25.50 -28.55
CA VAL D 343 -5.15 -26.46 -27.75
C VAL D 343 -6.46 -26.75 -28.42
N VAL D 344 -6.71 -28.00 -28.66
CA VAL D 344 -7.92 -28.43 -29.33
C VAL D 344 -8.77 -29.30 -28.40
N PRO D 345 -10.08 -29.42 -28.69
CA PRO D 345 -11.00 -30.24 -27.88
C PRO D 345 -10.89 -31.78 -28.10
N ALA D 346 -10.51 -32.22 -29.30
CA ALA D 346 -10.51 -33.65 -29.67
C ALA D 346 -9.71 -33.95 -30.93
N ARG D 347 -9.29 -35.19 -31.10
CA ARG D 347 -8.31 -35.53 -32.11
C ARG D 347 -8.58 -34.85 -33.46
N ALA D 348 -9.71 -35.14 -34.08
CA ALA D 348 -10.04 -34.56 -35.40
C ALA D 348 -8.96 -34.73 -36.50
N ALA D 349 -9.40 -34.94 -37.75
CA ALA D 349 -8.54 -35.07 -38.92
C ALA D 349 -7.35 -34.12 -38.89
N ALA D 350 -7.29 -33.19 -39.85
CA ALA D 350 -6.24 -32.15 -39.84
C ALA D 350 -4.99 -32.71 -39.18
N LEU D 351 -4.65 -33.90 -39.67
CA LEU D 351 -3.46 -34.62 -39.25
C LEU D 351 -2.30 -33.93 -39.92
N VAL D 352 -1.14 -34.58 -39.90
CA VAL D 352 0.10 -33.88 -40.17
C VAL D 352 0.14 -32.67 -39.26
N ASP D 353 -0.97 -32.45 -38.56
CA ASP D 353 -1.15 -31.35 -37.63
C ASP D 353 -1.35 -30.01 -38.39
N SER D 354 -1.26 -30.05 -39.72
CA SER D 354 -0.99 -28.85 -40.49
C SER D 354 0.52 -28.58 -40.33
N PRO D 355 0.99 -27.33 -40.49
CA PRO D 355 2.44 -27.16 -40.29
C PRO D 355 2.95 -27.01 -38.84
N LEU D 356 2.05 -26.90 -37.86
CA LEU D 356 2.46 -26.82 -36.45
C LEU D 356 3.20 -28.07 -36.00
N PRO D 357 4.34 -27.88 -35.32
CA PRO D 357 5.08 -29.05 -34.82
C PRO D 357 4.16 -29.94 -33.99
N SER D 358 3.20 -29.33 -33.30
CA SER D 358 2.28 -30.09 -32.44
C SER D 358 1.08 -29.29 -31.98
N VAL D 359 0.06 -29.99 -31.49
CA VAL D 359 -1.13 -29.38 -30.92
C VAL D 359 -1.68 -30.28 -29.82
N ARG D 360 -2.39 -29.72 -28.86
CA ARG D 360 -2.84 -30.50 -27.72
C ARG D 360 -4.32 -30.68 -27.71
N VAL D 361 -4.76 -31.80 -27.16
CA VAL D 361 -6.17 -31.93 -26.79
C VAL D 361 -6.24 -31.97 -25.27
N GLY D 362 -6.84 -30.95 -24.66
CA GLY D 362 -6.86 -30.92 -23.19
C GLY D 362 -7.37 -29.66 -22.55
N ASP D 363 -7.86 -28.77 -23.38
CA ASP D 363 -8.68 -27.69 -22.85
C ASP D 363 -7.98 -26.57 -22.02
N LEU D 364 -8.74 -25.68 -21.39
CA LEU D 364 -8.20 -24.35 -21.06
C LEU D 364 -7.10 -24.33 -19.99
N GLU D 365 -7.12 -25.28 -19.10
CA GLU D 365 -6.10 -25.35 -18.09
C GLU D 365 -4.78 -25.61 -18.82
N ASP D 366 -4.85 -26.43 -19.84
CA ASP D 366 -3.69 -26.75 -20.64
C ASP D 366 -3.19 -25.54 -21.41
N LEU D 367 -4.16 -24.72 -21.81
CA LEU D 367 -3.87 -23.55 -22.65
C LEU D 367 -3.07 -22.57 -21.81
N GLU D 368 -3.59 -22.28 -20.63
CA GLU D 368 -2.94 -21.30 -19.79
C GLU D 368 -1.46 -21.63 -19.58
N HIS D 369 -1.16 -22.90 -19.36
CA HIS D 369 0.19 -23.32 -19.05
C HIS D 369 1.08 -23.47 -20.30
N ALA D 370 0.49 -23.98 -21.38
CA ALA D 370 1.18 -24.00 -22.65
C ALA D 370 1.43 -22.55 -23.12
N ALA D 371 0.41 -21.70 -23.01
CA ALA D 371 0.58 -20.27 -23.33
C ALA D 371 1.70 -19.61 -22.53
N ARG D 372 1.71 -19.90 -21.23
CA ARG D 372 2.71 -19.32 -20.35
C ARG D 372 4.09 -19.85 -20.69
N ALA D 373 4.12 -21.08 -21.19
CA ALA D 373 5.39 -21.76 -21.46
C ALA D 373 6.13 -21.01 -22.55
N GLY D 374 5.51 -20.90 -23.71
CA GLY D 374 6.07 -20.19 -24.85
C GLY D 374 5.80 -18.68 -24.92
N GLN D 375 5.11 -18.15 -23.93
CA GLN D 375 5.05 -16.71 -23.78
C GLN D 375 4.07 -16.08 -24.76
N ALA D 376 2.86 -16.59 -24.75
CA ALA D 376 1.76 -16.00 -25.52
C ALA D 376 1.76 -14.50 -25.29
N GLN D 377 1.52 -13.69 -26.31
CA GLN D 377 1.33 -12.23 -26.11
C GLN D 377 -0.15 -11.90 -26.15
N LEU D 378 -0.93 -12.88 -26.60
CA LEU D 378 -2.27 -12.66 -27.06
C LEU D 378 -2.88 -14.06 -27.06
N VAL D 379 -4.13 -14.17 -26.63
CA VAL D 379 -4.85 -15.44 -26.72
C VAL D 379 -6.19 -15.38 -27.50
N ILE D 380 -6.34 -16.22 -28.54
CA ILE D 380 -7.58 -16.36 -29.31
C ILE D 380 -8.40 -17.57 -28.82
N GLY D 381 -9.70 -17.37 -28.57
CA GLY D 381 -10.53 -18.37 -27.91
C GLY D 381 -11.90 -17.79 -27.62
N ASN D 382 -12.75 -18.51 -26.90
CA ASN D 382 -14.13 -18.09 -26.60
C ASN D 382 -14.23 -17.41 -25.28
N SER D 383 -15.43 -16.94 -24.94
CA SER D 383 -15.70 -16.37 -23.63
C SER D 383 -15.14 -17.15 -22.42
N HIS D 384 -15.02 -18.44 -22.56
CA HIS D 384 -14.45 -19.19 -21.47
C HIS D 384 -12.97 -18.85 -21.31
N ALA D 385 -12.36 -18.33 -22.37
CA ALA D 385 -10.96 -18.04 -22.26
C ALA D 385 -10.64 -16.73 -21.52
N LEU D 386 -11.64 -15.84 -21.35
CA LEU D 386 -11.35 -14.56 -20.67
C LEU D 386 -10.49 -14.94 -19.49
N ALA D 387 -11.11 -15.64 -18.55
CA ALA D 387 -10.40 -16.05 -17.33
C ALA D 387 -8.96 -16.55 -17.55
N SER D 388 -8.71 -17.41 -18.54
CA SER D 388 -7.33 -17.86 -18.81
C SER D 388 -6.47 -16.68 -19.16
N ALA D 389 -6.90 -15.92 -20.18
CA ALA D 389 -6.25 -14.70 -20.58
C ALA D 389 -6.00 -13.75 -19.42
N ARG D 390 -7.04 -13.48 -18.64
CA ARG D 390 -6.94 -12.52 -17.55
C ARG D 390 -5.96 -13.05 -16.51
N ARG D 391 -5.82 -14.36 -16.43
CA ARG D 391 -4.93 -15.01 -15.45
C ARG D 391 -3.48 -15.07 -15.99
N LEU D 392 -3.32 -15.01 -17.32
CA LEU D 392 -2.00 -14.64 -17.87
C LEU D 392 -2.15 -13.15 -17.78
N GLY D 393 -1.20 -12.38 -18.28
CA GLY D 393 -1.44 -10.94 -18.28
C GLY D 393 -1.76 -10.42 -19.67
N VAL D 394 -2.79 -11.00 -20.30
CA VAL D 394 -2.87 -11.03 -21.79
C VAL D 394 -4.24 -10.81 -22.44
N PRO D 395 -4.27 -10.17 -23.63
CA PRO D 395 -5.51 -9.80 -24.34
C PRO D 395 -6.24 -10.99 -24.95
N LEU D 396 -7.55 -10.89 -25.06
CA LEU D 396 -8.37 -11.96 -25.61
C LEU D 396 -9.07 -11.41 -26.86
N LEU D 397 -9.17 -12.23 -27.88
CA LEU D 397 -9.95 -11.95 -29.10
C LEU D 397 -10.86 -13.17 -29.21
N ARG D 398 -12.12 -13.04 -28.85
CA ARG D 398 -12.85 -14.28 -28.85
C ARG D 398 -13.31 -14.65 -30.26
N ALA D 399 -13.44 -15.97 -30.46
CA ALA D 399 -13.95 -16.55 -31.69
C ALA D 399 -14.39 -17.91 -31.17
N GLY D 400 -15.18 -18.66 -31.91
CA GLY D 400 -15.63 -19.89 -31.31
C GLY D 400 -16.99 -19.79 -30.65
N PHE D 401 -17.44 -20.88 -30.10
CA PHE D 401 -18.87 -21.02 -30.05
C PHE D 401 -19.55 -20.94 -28.74
N PRO D 402 -18.78 -20.80 -27.67
CA PRO D 402 -19.47 -20.11 -26.58
C PRO D 402 -18.95 -18.68 -26.49
N GLN D 403 -19.72 -17.70 -26.97
CA GLN D 403 -19.49 -16.30 -26.55
C GLN D 403 -20.70 -15.52 -26.00
N TYR D 404 -21.00 -15.79 -24.74
CA TYR D 404 -22.16 -15.24 -24.01
C TYR D 404 -21.87 -13.83 -23.46
N ASP D 405 -20.61 -13.37 -23.57
CA ASP D 405 -20.24 -12.12 -22.90
C ASP D 405 -20.08 -10.98 -23.87
N LEU D 406 -20.36 -11.24 -25.13
CA LEU D 406 -20.14 -10.29 -26.21
C LEU D 406 -21.39 -10.09 -27.05
N LEU D 407 -21.95 -8.88 -26.99
CA LEU D 407 -23.14 -8.59 -27.79
C LEU D 407 -23.03 -8.89 -29.30
N GLY D 408 -21.96 -8.41 -29.93
CA GLY D 408 -21.86 -8.55 -31.38
C GLY D 408 -21.53 -9.92 -31.94
N GLY D 409 -20.95 -10.79 -31.10
CA GLY D 409 -20.09 -11.90 -31.55
C GLY D 409 -20.61 -13.04 -32.42
N PHE D 410 -21.83 -13.47 -32.18
CA PHE D 410 -22.32 -14.66 -32.85
C PHE D 410 -22.44 -14.41 -34.34
N GLN D 411 -22.17 -13.19 -34.76
CA GLN D 411 -22.62 -12.72 -36.05
C GLN D 411 -21.43 -12.15 -36.89
N ARG D 412 -20.26 -12.14 -36.28
CA ARG D 412 -19.12 -11.48 -36.90
C ARG D 412 -18.72 -12.22 -38.17
N CYS D 413 -18.55 -11.52 -39.29
CA CYS D 413 -17.96 -12.14 -40.47
C CYS D 413 -16.44 -12.27 -40.40
N TRP D 414 -15.90 -13.44 -40.11
CA TRP D 414 -14.42 -13.58 -40.01
C TRP D 414 -13.79 -13.72 -41.36
N SER D 415 -14.60 -14.16 -42.34
CA SER D 415 -14.15 -14.66 -43.64
C SER D 415 -13.96 -13.63 -44.73
N GLY D 416 -13.05 -13.95 -45.64
CA GLY D 416 -12.84 -13.18 -46.84
C GLY D 416 -11.80 -12.12 -46.57
N TYR D 417 -11.63 -11.23 -47.55
CA TYR D 417 -10.66 -10.14 -47.55
C TYR D 417 -10.86 -9.09 -46.47
N ARG D 418 -12.09 -8.57 -46.35
CA ARG D 418 -12.41 -7.63 -45.26
C ARG D 418 -12.41 -8.34 -43.92
N GLY D 419 -13.12 -9.46 -43.84
CA GLY D 419 -13.04 -10.29 -42.65
C GLY D 419 -11.58 -10.48 -42.21
N SER D 420 -10.77 -11.03 -43.09
CA SER D 420 -9.36 -11.19 -42.81
C SER D 420 -8.73 -9.90 -42.37
N SER D 421 -8.91 -8.82 -43.12
CA SER D 421 -8.22 -7.59 -42.76
C SER D 421 -8.64 -7.04 -41.38
N GLN D 422 -9.95 -7.10 -41.08
CA GLN D 422 -10.51 -6.66 -39.81
C GLN D 422 -9.89 -7.45 -38.64
N VAL D 423 -9.66 -8.75 -38.84
CA VAL D 423 -8.96 -9.55 -37.83
C VAL D 423 -7.54 -9.05 -37.61
N LEU D 424 -6.87 -8.53 -38.65
CA LEU D 424 -5.53 -8.02 -38.43
C LEU D 424 -5.61 -6.72 -37.65
N PHE D 425 -6.54 -5.85 -38.02
CA PHE D 425 -6.79 -4.65 -37.21
C PHE D 425 -6.97 -5.01 -35.71
N ASP D 426 -7.81 -5.99 -35.44
CA ASP D 426 -8.08 -6.30 -34.05
C ASP D 426 -6.86 -6.83 -33.29
N LEU D 427 -6.16 -7.82 -33.82
CA LEU D 427 -4.94 -8.22 -33.13
C LEU D 427 -3.96 -7.06 -33.00
N ALA D 428 -3.79 -6.25 -34.05
CA ALA D 428 -2.86 -5.11 -33.99
C ALA D 428 -3.19 -4.20 -32.81
N ASN D 429 -4.49 -3.88 -32.69
CA ASN D 429 -4.99 -3.01 -31.64
C ASN D 429 -4.89 -3.56 -30.25
N LEU D 430 -5.12 -4.85 -30.09
CA LEU D 430 -4.97 -5.47 -28.77
C LEU D 430 -3.51 -5.47 -28.45
N LEU D 431 -2.68 -6.01 -29.35
CA LEU D 431 -1.25 -6.03 -29.06
C LEU D 431 -0.74 -4.65 -28.73
N VAL D 432 -1.12 -3.63 -29.50
CA VAL D 432 -0.56 -2.29 -29.28
C VAL D 432 -0.87 -1.74 -27.89
N GLU D 433 -2.12 -1.82 -27.44
CA GLU D 433 -2.52 -1.20 -26.19
C GLU D 433 -2.07 -1.94 -24.91
N HIS D 434 -1.77 -3.21 -25.00
CA HIS D 434 -1.28 -3.95 -23.85
C HIS D 434 0.24 -3.95 -23.82
N HIS D 435 0.84 -3.09 -24.61
CA HIS D 435 2.30 -3.00 -24.61
C HIS D 435 2.83 -1.71 -23.96
N GLY E 32 44.46 -31.26 17.46
CA GLY E 32 43.24 -32.05 17.51
C GLY E 32 42.20 -31.59 18.53
N CYS E 33 42.07 -32.38 19.61
CA CYS E 33 41.09 -32.17 20.69
C CYS E 33 40.95 -33.42 21.59
N ALA E 34 40.79 -33.23 22.90
CA ALA E 34 40.64 -34.33 23.87
C ALA E 34 39.93 -33.88 25.16
N LYS E 35 40.43 -32.79 25.76
CA LYS E 35 39.85 -32.17 26.95
C LYS E 35 40.58 -32.53 28.26
N PRO E 36 41.13 -31.52 28.95
CA PRO E 36 41.67 -31.68 30.31
C PRO E 36 40.81 -30.92 31.31
N LYS E 37 40.27 -31.62 32.30
CA LYS E 37 39.38 -30.98 33.28
C LYS E 37 39.96 -29.68 33.84
N PRO E 38 39.08 -28.71 34.13
CA PRO E 38 39.23 -27.26 34.26
C PRO E 38 40.47 -26.59 33.68
N GLY E 39 40.87 -27.02 32.47
CA GLY E 39 41.97 -26.38 31.75
C GLY E 39 41.65 -26.18 30.27
N ALA E 40 41.45 -24.92 29.86
CA ALA E 40 40.92 -24.60 28.53
C ALA E 40 39.67 -25.44 28.23
N THR E 41 39.06 -25.95 29.30
CA THR E 41 37.81 -26.71 29.23
C THR E 41 36.63 -25.78 29.13
N ASP E 42 36.41 -25.26 27.93
CA ASP E 42 35.21 -24.53 27.56
C ASP E 42 35.21 -24.62 26.06
N GLY E 43 34.04 -24.79 25.46
CA GLY E 43 33.98 -24.94 24.02
C GLY E 43 32.60 -25.37 23.59
N GLY E 44 31.96 -26.16 24.44
CA GLY E 44 30.57 -26.52 24.19
C GLY E 44 30.53 -27.80 23.42
N CYS E 45 29.37 -28.46 23.49
CA CYS E 45 29.22 -29.79 22.97
C CYS E 45 29.19 -29.79 21.46
N SER E 46 29.09 -31.01 20.93
CA SER E 46 28.67 -31.27 19.57
C SER E 46 27.23 -30.85 19.33
N PHE E 47 26.39 -30.86 20.36
CA PHE E 47 25.03 -30.40 20.15
C PHE E 47 25.11 -28.94 19.78
N ASP E 48 25.74 -28.15 20.65
CA ASP E 48 25.96 -26.73 20.41
C ASP E 48 26.45 -26.59 18.98
N GLY E 49 27.42 -27.42 18.59
CA GLY E 49 28.02 -27.32 17.26
C GLY E 49 27.04 -27.58 16.13
N ALA E 50 26.31 -28.70 16.24
CA ALA E 50 25.18 -28.98 15.36
C ALA E 50 24.16 -27.82 15.32
N GLN E 51 23.82 -27.24 16.47
CA GLN E 51 22.82 -26.17 16.47
C GLN E 51 23.31 -24.89 15.85
N ILE E 52 24.62 -24.69 15.85
CA ILE E 52 25.21 -23.51 15.20
C ILE E 52 25.06 -23.66 13.70
N ALA E 53 24.94 -24.88 13.24
CA ALA E 53 24.99 -25.14 11.82
C ALA E 53 23.61 -25.31 11.23
N LEU E 54 22.67 -25.73 12.03
CA LEU E 54 21.38 -26.06 11.44
C LEU E 54 20.34 -25.01 11.73
N LEU E 55 20.53 -24.26 12.79
CA LEU E 55 19.55 -23.26 13.21
C LEU E 55 19.26 -22.17 12.20
N PRO E 56 20.26 -21.74 11.43
CA PRO E 56 19.95 -20.62 10.53
C PRO E 56 19.24 -21.11 9.27
N VAL E 57 18.44 -22.16 9.44
CA VAL E 57 17.45 -22.59 8.45
C VAL E 57 16.09 -22.15 9.04
N ALA E 58 15.62 -20.99 8.62
CA ALA E 58 14.68 -20.23 9.42
C ALA E 58 13.26 -20.76 9.53
N ASP E 59 12.72 -21.39 8.49
CA ASP E 59 11.28 -21.71 8.54
C ASP E 59 10.96 -23.01 9.28
N VAL E 60 12.03 -23.75 9.60
CA VAL E 60 12.00 -25.08 10.22
C VAL E 60 11.71 -25.05 11.72
N ALA E 61 11.29 -26.18 12.27
CA ALA E 61 11.10 -26.32 13.73
C ALA E 61 12.22 -27.13 14.38
N HIS E 62 12.84 -26.56 15.38
CA HIS E 62 14.11 -27.03 15.77
C HIS E 62 13.97 -27.48 17.19
N ILE E 63 13.59 -28.76 17.36
CA ILE E 63 13.24 -29.27 18.68
C ILE E 63 14.47 -29.90 19.31
N VAL E 64 14.74 -29.48 20.53
CA VAL E 64 15.87 -29.94 21.29
C VAL E 64 15.29 -30.99 22.21
N HIS E 65 15.84 -32.21 22.10
CA HIS E 65 15.37 -33.33 22.89
C HIS E 65 16.31 -33.58 24.05
N GLY E 66 16.13 -32.82 25.10
CA GLY E 66 16.84 -33.00 26.35
C GLY E 66 16.09 -32.40 27.53
N PRO E 67 16.83 -32.16 28.62
CA PRO E 67 16.38 -31.35 29.75
C PRO E 67 16.76 -29.93 29.49
N ILE E 68 16.32 -28.98 30.31
CA ILE E 68 16.64 -27.57 30.05
C ILE E 68 18.12 -27.15 29.96
N ALA E 69 19.04 -27.93 30.50
CA ALA E 69 20.47 -27.57 30.33
C ALA E 69 20.77 -27.24 28.85
N CYS E 70 20.38 -28.18 28.01
CA CYS E 70 20.53 -28.07 26.58
C CYS E 70 19.86 -26.83 25.91
N ALA E 71 18.52 -26.81 25.91
CA ALA E 71 17.78 -25.76 25.23
C ALA E 71 17.92 -24.40 25.91
N GLY E 72 16.98 -24.12 26.82
CA GLY E 72 16.89 -22.90 27.60
C GLY E 72 17.80 -21.76 27.20
N SER E 73 19.08 -21.95 27.47
CA SER E 73 20.11 -20.94 27.26
C SER E 73 20.50 -20.65 25.81
N SER E 74 20.67 -21.70 25.01
CA SER E 74 21.23 -21.59 23.65
C SER E 74 20.23 -21.02 22.67
N TRP E 75 19.19 -20.43 23.22
CA TRP E 75 17.95 -20.17 22.53
C TRP E 75 17.81 -18.73 22.06
N ASP E 76 17.98 -17.77 22.99
CA ASP E 76 18.21 -16.37 22.63
C ASP E 76 19.16 -16.42 21.45
N ASN E 77 20.23 -17.17 21.67
CA ASN E 77 21.13 -17.64 20.62
C ASN E 77 22.09 -16.59 20.13
N ARG E 78 22.51 -16.75 18.88
CA ARG E 78 23.36 -15.76 18.24
C ARG E 78 23.28 -15.75 16.71
N GLY E 79 23.54 -14.57 16.16
CA GLY E 79 24.04 -14.49 14.81
C GLY E 79 23.10 -14.20 13.69
N THR E 80 22.71 -15.27 13.01
CA THR E 80 22.03 -15.15 11.73
C THR E 80 20.95 -14.10 11.75
N ARG E 81 20.66 -13.63 10.55
CA ARG E 81 19.56 -12.73 10.32
C ARG E 81 18.72 -13.44 9.25
N SER E 82 17.41 -13.32 9.39
CA SER E 82 16.52 -13.87 8.41
C SER E 82 15.84 -12.73 7.63
N SER E 83 15.40 -13.04 6.42
CA SER E 83 14.73 -12.07 5.57
C SER E 83 13.28 -12.46 5.51
N GLY E 84 12.84 -13.30 6.43
CA GLY E 84 11.46 -13.74 6.42
C GLY E 84 11.13 -14.53 7.66
N PRO E 85 10.95 -15.84 7.52
CA PRO E 85 10.39 -16.66 8.61
C PRO E 85 11.23 -16.57 9.88
N ASP E 86 10.61 -16.55 11.06
CA ASP E 86 11.41 -16.44 12.27
C ASP E 86 11.22 -17.65 13.21
N LEU E 87 10.67 -18.74 12.69
CA LEU E 87 10.56 -19.97 13.48
C LEU E 87 11.85 -20.45 14.18
N TYR E 88 13.01 -20.39 13.52
CA TYR E 88 14.25 -20.85 14.19
C TYR E 88 14.54 -19.99 15.43
N ARG E 89 13.77 -18.94 15.65
CA ARG E 89 13.97 -18.06 16.80
C ARG E 89 13.11 -18.54 17.98
N ILE E 90 12.12 -19.39 17.71
CA ILE E 90 11.27 -19.89 18.82
C ILE E 90 11.91 -21.11 19.54
N GLY E 91 12.20 -20.95 20.83
CA GLY E 91 12.87 -22.01 21.55
C GLY E 91 11.90 -23.14 21.60
N MET E 92 12.37 -24.30 21.21
CA MET E 92 11.53 -25.47 21.24
C MET E 92 12.27 -26.56 21.98
N THR E 93 11.58 -27.25 22.86
CA THR E 93 12.24 -28.38 23.49
C THR E 93 11.30 -29.27 24.27
N THR E 94 11.60 -30.56 24.22
CA THR E 94 10.90 -31.54 25.07
C THR E 94 11.52 -31.43 26.43
N ASP E 95 10.73 -31.09 27.42
CA ASP E 95 11.29 -30.51 28.65
C ASP E 95 11.41 -31.58 29.71
N LEU E 96 12.30 -32.53 29.49
CA LEU E 96 12.25 -33.79 30.25
C LEU E 96 12.33 -33.60 31.74
N THR E 97 11.23 -33.90 32.44
CA THR E 97 11.20 -34.04 33.90
C THR E 97 11.88 -35.34 34.31
N GLU E 98 12.18 -35.48 35.60
CA GLU E 98 12.94 -36.63 36.06
C GLU E 98 12.17 -37.92 35.76
N ASN E 99 10.87 -37.92 36.04
CA ASN E 99 10.05 -39.06 35.67
C ASN E 99 10.31 -39.55 34.26
N ASP E 100 10.29 -38.64 33.29
CA ASP E 100 10.53 -39.04 31.91
C ASP E 100 11.82 -39.84 31.76
N VAL E 101 12.82 -39.59 32.61
CA VAL E 101 14.07 -40.38 32.52
C VAL E 101 14.14 -41.60 33.45
N ILE E 102 13.13 -41.80 34.30
CA ILE E 102 12.91 -43.13 34.84
C ILE E 102 12.41 -43.89 33.62
N MET E 103 13.42 -44.29 32.84
CA MET E 103 13.35 -44.45 31.38
C MET E 103 12.00 -44.58 30.69
N GLY E 104 12.06 -44.46 29.36
CA GLY E 104 10.97 -44.84 28.50
C GLY E 104 10.11 -43.69 28.04
N ARG E 105 9.67 -42.88 28.98
CA ARG E 105 8.80 -41.76 28.61
C ARG E 105 9.52 -40.82 27.66
N ALA E 106 10.85 -40.87 27.68
CA ALA E 106 11.67 -39.99 26.88
C ALA E 106 11.19 -40.00 25.45
N GLU E 107 10.95 -41.19 24.91
CA GLU E 107 10.46 -41.30 23.56
C GLU E 107 9.01 -40.83 23.42
N LYS E 108 8.11 -41.29 24.28
CA LYS E 108 6.73 -40.84 24.20
C LYS E 108 6.71 -39.35 23.97
N ARG E 109 7.24 -38.57 24.92
CA ARG E 109 7.22 -37.10 24.81
C ARG E 109 7.62 -36.59 23.43
N LEU E 110 8.84 -36.94 22.97
CA LEU E 110 9.40 -36.51 21.69
C LEU E 110 8.41 -36.72 20.56
N PHE E 111 7.84 -37.90 20.46
CA PHE E 111 6.80 -38.16 19.46
C PHE E 111 5.70 -37.13 19.56
N HIS E 112 5.20 -36.85 20.78
CA HIS E 112 4.10 -35.92 20.96
C HIS E 112 4.60 -34.49 20.80
N ALA E 113 5.90 -34.32 21.03
CA ALA E 113 6.55 -33.03 20.86
C ALA E 113 6.57 -32.62 19.37
N ILE E 114 6.83 -33.58 18.50
CA ILE E 114 6.78 -33.28 17.07
C ILE E 114 5.32 -33.06 16.68
N ARG E 115 4.42 -33.89 17.19
CA ARG E 115 3.01 -33.66 16.89
C ARG E 115 2.60 -32.24 17.24
N GLN E 116 3.11 -31.70 18.33
CA GLN E 116 2.74 -30.35 18.74
C GLN E 116 3.35 -29.24 17.81
N ALA E 117 4.60 -29.44 17.40
CA ALA E 117 5.23 -28.49 16.52
C ALA E 117 4.51 -28.51 15.21
N VAL E 118 4.17 -29.71 14.74
CA VAL E 118 3.59 -29.81 13.42
C VAL E 118 2.18 -29.24 13.39
N GLU E 119 1.35 -29.52 14.40
CA GLU E 119 0.02 -28.93 14.36
C GLU E 119 0.05 -27.43 14.64
N SER E 120 0.81 -26.97 15.64
CA SER E 120 0.80 -25.55 16.04
C SER E 120 1.42 -24.60 15.00
N TYR E 121 2.52 -25.03 14.39
CA TYR E 121 3.27 -24.13 13.54
C TYR E 121 3.33 -24.57 12.08
N SER E 122 2.87 -25.79 11.79
CA SER E 122 2.84 -26.24 10.42
C SER E 122 4.13 -26.02 9.63
N PRO E 123 5.29 -26.20 10.25
CA PRO E 123 6.57 -25.97 9.53
C PRO E 123 6.69 -26.72 8.20
N PRO E 124 7.66 -26.34 7.35
CA PRO E 124 7.92 -27.26 6.22
C PRO E 124 8.53 -28.57 6.69
N ALA E 125 9.34 -28.51 7.74
CA ALA E 125 10.10 -29.66 8.22
C ALA E 125 10.54 -29.42 9.66
N VAL E 126 11.13 -30.44 10.27
CA VAL E 126 11.35 -30.36 11.68
C VAL E 126 12.66 -31.04 11.97
N PHE E 127 13.46 -30.45 12.85
CA PHE E 127 14.77 -31.00 13.19
C PHE E 127 14.91 -31.32 14.65
N VAL E 128 15.19 -32.58 14.97
CA VAL E 128 15.26 -32.99 16.36
C VAL E 128 16.70 -33.24 16.63
N TYR E 129 17.17 -32.56 17.68
CA TYR E 129 18.54 -32.61 18.12
C TYR E 129 18.68 -33.50 19.35
N ASN E 130 19.67 -34.40 19.29
CA ASN E 130 19.96 -35.29 20.40
C ASN E 130 20.97 -34.76 21.45
N THR E 131 20.89 -35.30 22.65
CA THR E 131 21.48 -34.62 23.80
C THR E 131 21.93 -35.69 24.78
N CYS E 132 22.84 -35.32 25.68
CA CYS E 132 23.59 -36.28 26.50
C CYS E 132 22.68 -37.24 27.26
N VAL E 133 21.71 -36.67 27.97
CA VAL E 133 20.82 -37.50 28.75
C VAL E 133 20.12 -38.53 27.89
N PRO E 134 19.45 -38.08 26.81
CA PRO E 134 18.72 -39.02 25.96
C PRO E 134 19.59 -40.02 25.16
N ALA E 135 20.81 -39.64 24.76
CA ALA E 135 21.69 -40.60 24.13
C ALA E 135 22.09 -41.70 25.10
N LEU E 136 22.31 -41.33 26.37
CA LEU E 136 22.77 -42.27 27.39
C LEU E 136 21.73 -43.35 27.68
N ILE E 137 20.52 -42.94 28.07
CA ILE E 137 19.44 -43.89 28.36
C ILE E 137 18.96 -44.65 27.10
N GLY E 138 19.68 -44.46 26.00
CA GLY E 138 19.48 -45.24 24.80
C GLY E 138 18.39 -44.76 23.85
N ASP E 139 17.93 -43.53 24.02
CA ASP E 139 16.81 -43.02 23.21
C ASP E 139 17.00 -43.16 21.70
N ASP E 140 16.00 -43.76 21.07
CA ASP E 140 16.07 -44.00 19.65
C ASP E 140 15.49 -42.79 18.91
N VAL E 141 16.34 -41.80 18.65
CA VAL E 141 15.87 -40.61 17.96
C VAL E 141 15.37 -40.95 16.53
N ASP E 142 16.27 -41.50 15.72
CA ASP E 142 15.99 -41.86 14.33
C ASP E 142 14.60 -42.48 14.13
N ALA E 143 14.30 -43.48 14.94
CA ALA E 143 13.08 -44.26 14.77
C ALA E 143 11.83 -43.48 15.21
N VAL E 144 11.93 -42.78 16.32
CA VAL E 144 10.87 -41.89 16.76
C VAL E 144 10.58 -40.80 15.72
N CYS E 145 11.63 -40.41 14.97
CA CYS E 145 11.57 -39.32 14.00
C CYS E 145 10.81 -39.84 12.80
N LYS E 146 11.25 -41.01 12.34
CA LYS E 146 10.65 -41.64 11.19
C LYS E 146 9.16 -41.92 11.43
N ALA E 147 8.82 -42.47 12.59
CA ALA E 147 7.42 -42.69 12.92
C ALA E 147 6.62 -41.41 12.76
N ALA E 148 7.23 -40.30 13.20
CA ALA E 148 6.57 -39.01 13.29
C ALA E 148 6.40 -38.44 11.90
N ALA E 149 7.43 -38.55 11.08
CA ALA E 149 7.28 -38.17 9.68
C ALA E 149 5.97 -38.79 9.19
N GLU E 150 5.93 -40.13 9.08
CA GLU E 150 4.78 -40.85 8.56
C GLU E 150 3.41 -40.54 9.18
N ARG E 151 3.30 -40.55 10.49
CA ARG E 151 1.97 -40.33 11.08
C ARG E 151 1.38 -38.96 10.80
N PHE E 152 2.26 -37.98 10.54
CA PHE E 152 1.90 -36.56 10.59
C PHE E 152 2.20 -35.83 9.30
N GLY E 153 3.12 -36.39 8.52
CA GLY E 153 3.34 -35.95 7.15
C GLY E 153 4.34 -34.85 6.95
N THR E 154 5.07 -34.51 8.01
CA THR E 154 6.08 -33.47 7.91
C THR E 154 7.47 -34.11 8.03
N PRO E 155 8.35 -33.86 7.06
CA PRO E 155 9.70 -34.41 7.14
C PRO E 155 10.36 -34.06 8.49
N VAL E 156 10.78 -35.07 9.26
CA VAL E 156 11.44 -34.86 10.54
C VAL E 156 12.84 -35.40 10.43
N ILE E 157 13.86 -34.55 10.64
CA ILE E 157 15.24 -34.93 10.36
C ILE E 157 15.93 -35.13 11.67
N PRO E 158 16.65 -36.25 11.84
CA PRO E 158 17.20 -36.45 13.18
C PRO E 158 18.66 -36.03 13.21
N VAL E 159 19.06 -35.17 14.13
CA VAL E 159 20.45 -34.80 14.27
C VAL E 159 20.92 -35.44 15.54
N ASP E 160 21.77 -36.45 15.41
CA ASP E 160 22.29 -37.17 16.56
C ASP E 160 23.68 -36.62 16.91
N SER E 161 23.71 -35.71 17.88
CA SER E 161 25.00 -35.18 18.30
C SER E 161 24.86 -34.61 19.70
N ALA E 162 24.40 -35.44 20.63
CA ALA E 162 24.54 -35.14 22.06
C ALA E 162 25.93 -34.61 22.40
N GLY E 163 25.96 -33.72 23.39
CA GLY E 163 27.16 -33.01 23.78
C GLY E 163 28.40 -33.85 23.94
N PHE E 164 28.26 -34.94 24.68
CA PHE E 164 29.44 -35.68 25.09
C PHE E 164 30.19 -36.43 23.97
N TYR E 165 29.63 -36.46 22.76
CA TYR E 165 30.37 -37.01 21.64
C TYR E 165 31.71 -36.28 21.44
N GLY E 166 31.72 -34.98 21.70
CA GLY E 166 32.91 -34.20 21.41
C GLY E 166 32.67 -32.71 21.40
N THR E 167 33.33 -32.03 20.44
CA THR E 167 33.35 -30.56 20.41
C THR E 167 32.27 -30.02 19.51
N LYS E 168 32.20 -28.70 19.42
CA LYS E 168 31.36 -28.02 18.43
C LYS E 168 31.68 -28.50 17.03
N ASN E 169 32.95 -28.45 16.61
CA ASN E 169 33.35 -28.93 15.30
C ASN E 169 32.73 -30.26 15.00
N LEU E 170 32.88 -31.20 15.90
CA LEU E 170 32.25 -32.50 15.73
C LEU E 170 30.75 -32.34 15.44
N GLY E 171 30.09 -31.43 16.16
CA GLY E 171 28.66 -31.22 15.99
C GLY E 171 28.37 -30.57 14.66
N ASN E 172 29.31 -29.76 14.18
CA ASN E 172 29.20 -29.18 12.85
C ASN E 172 29.21 -30.27 11.78
N ARG E 173 30.12 -31.22 11.94
CA ARG E 173 30.27 -32.35 11.01
C ARG E 173 29.08 -33.28 11.08
N ILE E 174 28.57 -33.54 12.29
CA ILE E 174 27.34 -34.31 12.41
C ILE E 174 26.15 -33.58 11.81
N ALA E 175 26.23 -32.26 11.72
CA ALA E 175 25.17 -31.53 11.07
C ALA E 175 25.21 -31.73 9.53
N GLY E 176 26.39 -31.69 8.94
CA GLY E 176 26.54 -32.02 7.53
C GLY E 176 26.05 -33.42 7.21
N GLU E 177 26.54 -34.42 7.93
CA GLU E 177 26.07 -35.79 7.73
C GLU E 177 24.55 -35.82 7.60
N ALA E 178 23.82 -35.35 8.61
CA ALA E 178 22.35 -35.40 8.58
C ALA E 178 21.76 -34.74 7.34
N MET E 179 22.41 -33.69 6.83
CA MET E 179 21.99 -33.10 5.57
C MET E 179 22.25 -34.02 4.34
N LEU E 180 22.83 -35.21 4.54
CA LEU E 180 22.79 -36.27 3.51
C LEU E 180 21.39 -36.87 3.29
N LYS E 181 20.62 -37.03 4.36
CA LYS E 181 19.27 -37.59 4.26
C LYS E 181 18.27 -36.47 4.05
N TYR E 182 18.77 -35.36 3.54
CA TYR E 182 17.91 -34.24 3.20
C TYR E 182 18.38 -33.46 1.97
N VAL E 183 19.69 -33.20 1.87
CA VAL E 183 20.25 -32.66 0.63
C VAL E 183 19.86 -33.57 -0.51
N ILE E 184 20.11 -34.87 -0.34
CA ILE E 184 19.81 -35.79 -1.45
C ILE E 184 18.65 -35.14 -2.14
N GLY E 185 18.88 -34.71 -3.37
CA GLY E 185 17.81 -34.10 -4.12
C GLY E 185 16.57 -34.80 -3.70
N THR E 186 16.01 -34.37 -2.58
CA THR E 186 14.74 -34.85 -2.18
C THR E 186 13.85 -33.91 -2.95
N ARG E 187 14.49 -32.95 -3.62
CA ARG E 187 13.79 -31.99 -4.45
C ARG E 187 14.73 -31.33 -5.46
N GLU E 188 14.19 -31.01 -6.63
CA GLU E 188 14.91 -30.45 -7.76
C GLU E 188 14.88 -28.93 -7.73
N PRO E 189 15.95 -28.33 -8.21
CA PRO E 189 16.02 -26.87 -8.31
C PRO E 189 14.77 -26.25 -8.92
N ASP E 190 14.20 -25.24 -8.25
CA ASP E 190 13.20 -24.37 -8.88
C ASP E 190 13.67 -23.97 -10.27
N PRO E 191 12.71 -23.63 -11.13
CA PRO E 191 12.92 -22.98 -12.44
C PRO E 191 13.25 -21.52 -12.18
N LEU E 192 14.33 -20.95 -12.72
CA LEU E 192 14.61 -19.55 -12.42
C LEU E 192 13.39 -18.71 -12.71
N PRO E 193 13.13 -17.71 -11.86
CA PRO E 193 11.98 -16.82 -11.88
C PRO E 193 11.84 -16.10 -13.20
N VAL E 194 10.61 -15.77 -13.57
CA VAL E 194 10.36 -15.08 -14.84
C VAL E 194 11.03 -13.69 -14.97
N GLY E 195 11.75 -13.28 -13.94
CA GLY E 195 12.57 -12.08 -14.02
C GLY E 195 13.48 -12.12 -15.23
N SER E 196 14.55 -12.92 -15.17
CA SER E 196 15.31 -13.32 -16.37
C SER E 196 16.41 -12.35 -16.90
N GLU E 197 17.51 -12.23 -16.18
CA GLU E 197 18.63 -11.40 -16.64
C GLU E 197 19.07 -11.85 -18.03
N ARG E 198 18.98 -10.94 -18.99
CA ARG E 198 19.31 -11.17 -20.40
C ARG E 198 20.75 -11.74 -20.59
N PRO E 199 21.48 -11.36 -21.69
CA PRO E 199 22.84 -11.77 -22.10
C PRO E 199 23.79 -12.53 -21.15
N GLY E 200 23.37 -12.80 -19.93
CA GLY E 200 24.20 -13.49 -18.96
C GLY E 200 23.73 -14.92 -18.88
N ILE E 201 24.65 -15.83 -18.63
CA ILE E 201 24.26 -17.20 -18.44
C ILE E 201 23.74 -17.32 -17.04
N ARG E 202 22.56 -16.71 -16.85
CA ARG E 202 21.89 -16.63 -15.54
C ARG E 202 21.81 -18.01 -14.98
N VAL E 203 22.10 -18.97 -15.84
CA VAL E 203 21.98 -20.37 -15.53
C VAL E 203 23.32 -20.83 -14.99
N HIS E 204 23.89 -20.10 -14.05
CA HIS E 204 24.97 -20.71 -13.29
C HIS E 204 24.63 -20.90 -11.84
N ASP E 205 24.33 -22.15 -11.46
CA ASP E 205 23.98 -22.51 -10.06
C ASP E 205 25.19 -22.91 -9.20
N VAL E 206 25.17 -22.47 -7.94
CA VAL E 206 26.29 -22.63 -6.99
C VAL E 206 25.72 -22.82 -5.59
N ASN E 207 26.56 -23.30 -4.66
CA ASN E 207 26.26 -23.23 -3.22
C ASN E 207 27.33 -22.54 -2.39
N LEU E 208 26.90 -21.93 -1.28
CA LEU E 208 27.84 -21.39 -0.31
C LEU E 208 27.73 -22.26 0.92
N ILE E 209 28.75 -23.07 1.21
CA ILE E 209 28.66 -23.96 2.37
C ILE E 209 29.36 -23.32 3.57
N GLY E 210 28.60 -23.02 4.61
CA GLY E 210 29.21 -22.48 5.81
C GLY E 210 29.12 -20.96 5.95
N GLU E 211 28.40 -20.30 5.05
CA GLU E 211 28.16 -18.87 5.20
C GLU E 211 26.90 -18.74 6.06
N TYR E 212 26.99 -18.08 7.19
CA TYR E 212 25.88 -18.06 8.12
C TYR E 212 25.10 -16.77 8.20
N ASN E 213 25.25 -15.91 7.19
CA ASN E 213 24.63 -14.60 7.12
C ASN E 213 24.52 -13.92 8.47
N ILE E 214 25.63 -13.96 9.16
CA ILE E 214 25.63 -13.47 10.51
C ILE E 214 25.74 -11.93 10.52
N ALA E 215 24.90 -11.29 11.32
CA ALA E 215 24.75 -9.84 11.28
C ALA E 215 24.24 -9.39 9.93
N GLY E 216 23.63 -10.31 9.21
CA GLY E 216 23.20 -10.06 7.84
C GLY E 216 24.37 -9.81 6.88
N GLU E 217 25.59 -10.06 7.31
CA GLU E 217 26.73 -9.76 6.45
C GLU E 217 26.58 -10.26 5.01
N PHE E 218 25.94 -11.40 4.83
CA PHE E 218 25.82 -11.99 3.48
C PHE E 218 25.06 -11.07 2.48
N TRP E 219 24.05 -10.34 2.97
CA TRP E 219 23.48 -9.22 2.20
C TRP E 219 24.55 -8.32 1.51
N HIS E 220 25.80 -8.45 1.91
CA HIS E 220 26.84 -7.68 1.24
C HIS E 220 27.42 -8.39 0.00
N VAL E 221 27.51 -9.70 0.09
CA VAL E 221 28.02 -10.53 -0.98
C VAL E 221 26.96 -10.94 -2.02
N LEU E 222 25.72 -11.18 -1.59
CA LEU E 222 24.72 -11.71 -2.51
C LEU E 222 24.57 -10.85 -3.78
N PRO E 223 24.48 -9.52 -3.62
CA PRO E 223 24.38 -8.65 -4.80
C PRO E 223 25.54 -8.84 -5.75
N LEU E 224 26.75 -9.07 -5.27
CA LEU E 224 27.86 -9.34 -6.22
C LEU E 224 27.55 -10.61 -7.04
N LEU E 225 27.18 -11.69 -6.34
CA LEU E 225 26.83 -12.92 -7.01
C LEU E 225 25.72 -12.69 -8.07
N ASP E 226 24.57 -12.15 -7.64
CA ASP E 226 23.47 -11.81 -8.55
C ASP E 226 23.96 -11.09 -9.81
N GLU E 227 24.82 -10.09 -9.63
CA GLU E 227 25.37 -9.34 -10.77
C GLU E 227 26.08 -10.25 -11.76
N LEU E 228 26.87 -11.20 -11.25
CA LEU E 228 27.64 -12.08 -12.11
C LEU E 228 26.74 -13.14 -12.74
N GLY E 229 25.48 -13.16 -12.31
CA GLY E 229 24.55 -14.16 -12.78
C GLY E 229 24.82 -15.52 -12.19
N LEU E 230 25.30 -15.57 -10.95
CA LEU E 230 25.42 -16.82 -10.17
C LEU E 230 24.24 -16.96 -9.21
N ARG E 231 23.37 -17.93 -9.47
CA ARG E 231 22.26 -18.22 -8.62
C ARG E 231 22.74 -19.11 -7.50
N VAL E 232 22.55 -18.71 -6.26
CA VAL E 232 22.90 -19.60 -5.17
C VAL E 232 21.71 -20.50 -4.81
N LEU E 233 21.92 -21.80 -4.89
CA LEU E 233 20.85 -22.73 -4.67
C LEU E 233 20.57 -22.72 -3.20
N CYS E 234 21.64 -22.71 -2.42
CA CYS E 234 21.51 -22.63 -0.99
C CYS E 234 22.77 -22.08 -0.31
N THR E 235 22.58 -21.12 0.58
CA THR E 235 23.66 -20.63 1.43
C THR E 235 23.60 -21.50 2.67
N LEU E 236 24.48 -22.49 2.77
CA LEU E 236 24.26 -23.54 3.76
C LEU E 236 24.24 -22.97 5.18
N ALA E 237 23.02 -22.60 5.57
CA ALA E 237 22.70 -22.08 6.87
C ALA E 237 22.95 -20.56 6.95
N GLY E 238 22.38 -19.82 6.03
CA GLY E 238 22.56 -18.38 5.96
C GLY E 238 21.34 -17.91 5.21
N ASP E 239 20.34 -17.46 5.98
CA ASP E 239 19.06 -17.01 5.44
C ASP E 239 18.44 -18.10 4.60
N ALA E 240 18.82 -19.33 4.91
CA ALA E 240 18.42 -20.48 4.11
C ALA E 240 17.03 -20.99 4.53
N ARG E 241 16.31 -21.65 3.61
CA ARG E 241 15.03 -22.28 3.94
C ARG E 241 15.17 -23.77 3.74
N TYR E 242 14.26 -24.55 4.29
CA TYR E 242 14.37 -25.96 4.07
C TYR E 242 14.37 -26.26 2.58
N ARG E 243 13.41 -25.76 1.82
CA ARG E 243 13.27 -26.20 0.45
C ARG E 243 14.46 -25.81 -0.41
N GLU E 244 15.41 -25.10 0.17
CA GLU E 244 16.56 -24.64 -0.58
C GLU E 244 17.59 -25.74 -0.47
N VAL E 245 17.54 -26.47 0.62
CA VAL E 245 18.65 -27.34 0.87
C VAL E 245 18.41 -28.55 0.01
N GLN E 246 17.18 -29.04 0.00
CA GLN E 246 16.79 -30.14 -0.89
C GLN E 246 17.52 -30.09 -2.21
N THR E 247 17.65 -28.92 -2.80
CA THR E 247 18.08 -28.83 -4.20
C THR E 247 19.62 -28.71 -4.41
N MET E 248 20.40 -29.16 -3.44
CA MET E 248 21.78 -28.73 -3.43
C MET E 248 22.66 -29.52 -4.39
N HIS E 249 22.17 -30.66 -4.85
CA HIS E 249 23.01 -31.57 -5.62
C HIS E 249 23.17 -31.10 -7.06
N ARG E 250 22.36 -30.12 -7.47
CA ARG E 250 22.35 -29.65 -8.85
C ARG E 250 23.26 -28.46 -9.06
N ALA E 251 23.78 -27.94 -7.95
CA ALA E 251 24.81 -26.91 -8.01
C ALA E 251 25.85 -27.31 -9.03
N GLU E 252 26.52 -26.32 -9.59
CA GLU E 252 27.55 -26.57 -10.57
C GLU E 252 28.92 -26.47 -9.92
N VAL E 253 29.04 -25.56 -8.95
CA VAL E 253 30.26 -25.43 -8.15
C VAL E 253 29.92 -25.16 -6.69
N ASN E 254 30.43 -26.00 -5.79
CA ASN E 254 30.29 -25.74 -4.36
C ASN E 254 31.47 -24.94 -3.86
N MET E 255 31.27 -24.17 -2.80
CA MET E 255 32.33 -23.35 -2.22
C MET E 255 32.35 -23.40 -0.68
N MET E 256 33.47 -23.86 -0.13
CA MET E 256 33.64 -23.91 1.32
C MET E 256 34.05 -22.56 1.86
N VAL E 257 33.09 -21.92 2.54
CA VAL E 257 33.28 -20.57 3.11
C VAL E 257 33.92 -20.68 4.50
N CYS E 258 35.25 -20.53 4.55
CA CYS E 258 35.99 -20.70 5.79
C CYS E 258 35.85 -22.10 6.38
N SER E 259 34.67 -22.39 6.90
CA SER E 259 34.40 -23.68 7.53
C SER E 259 35.11 -24.85 6.85
N LYS E 260 36.02 -25.50 7.57
CA LYS E 260 36.62 -26.75 7.10
C LYS E 260 36.06 -27.88 7.92
N ALA E 261 35.36 -27.52 9.00
CA ALA E 261 34.64 -28.51 9.80
C ALA E 261 33.66 -29.27 8.93
N MET E 262 33.32 -28.69 7.78
CA MET E 262 32.33 -29.29 6.86
C MET E 262 32.90 -29.66 5.48
N LEU E 263 34.22 -29.73 5.39
CA LEU E 263 34.86 -30.27 4.19
C LEU E 263 34.13 -31.55 3.79
N ASN E 264 33.66 -32.30 4.79
CA ASN E 264 32.94 -33.53 4.54
C ASN E 264 31.70 -33.40 3.66
N VAL E 265 31.10 -32.21 3.56
CA VAL E 265 29.94 -32.11 2.65
C VAL E 265 30.40 -31.76 1.24
N ALA E 266 31.30 -30.79 1.12
CA ALA E 266 31.84 -30.44 -0.19
C ALA E 266 32.31 -31.71 -0.90
N ARG E 267 33.04 -32.56 -0.16
CA ARG E 267 33.61 -33.80 -0.69
C ARG E 267 32.56 -34.87 -0.98
N LYS E 268 31.62 -35.07 -0.08
CA LYS E 268 30.56 -36.04 -0.33
C LYS E 268 29.63 -35.64 -1.47
N LEU E 269 29.35 -34.34 -1.61
CA LEU E 269 28.62 -33.83 -2.78
C LEU E 269 29.45 -34.02 -4.05
N GLN E 270 30.74 -33.68 -3.95
CA GLN E 270 31.65 -33.87 -5.09
C GLN E 270 31.66 -35.32 -5.55
N GLU E 271 31.87 -36.24 -4.62
CA GLU E 271 31.96 -37.65 -4.98
C GLU E 271 30.61 -38.26 -5.42
N THR E 272 29.52 -37.81 -4.82
CA THR E 272 28.20 -38.36 -5.16
C THR E 272 27.52 -37.72 -6.39
N TYR E 273 27.80 -36.46 -6.70
CA TYR E 273 27.14 -35.86 -7.84
C TYR E 273 28.15 -35.21 -8.76
N GLY E 274 29.43 -35.32 -8.41
CA GLY E 274 30.52 -34.89 -9.28
C GLY E 274 30.82 -33.40 -9.20
N THR E 275 30.25 -32.73 -8.22
CA THR E 275 30.26 -31.28 -8.14
C THR E 275 31.56 -30.75 -7.55
N PRO E 276 32.35 -30.02 -8.35
CA PRO E 276 33.67 -29.51 -7.91
C PRO E 276 33.57 -28.43 -6.82
N TRP E 277 34.66 -28.17 -6.10
CA TRP E 277 34.60 -27.17 -5.03
C TRP E 277 35.92 -26.45 -4.80
N PHE E 278 35.86 -25.42 -3.95
CA PHE E 278 37.07 -24.67 -3.56
C PHE E 278 36.86 -24.06 -2.19
N GLU E 279 37.92 -23.51 -1.59
CA GLU E 279 37.77 -22.79 -0.35
C GLU E 279 38.15 -21.33 -0.48
N GLY E 280 37.36 -20.46 0.12
CA GLY E 280 37.66 -19.05 0.14
C GLY E 280 36.93 -18.43 1.30
N SER E 281 37.17 -17.15 1.54
CA SER E 281 36.44 -16.41 2.53
C SER E 281 35.91 -15.15 1.87
N PHE E 282 34.91 -14.54 2.48
CA PHE E 282 34.44 -13.25 1.99
C PHE E 282 34.87 -12.09 2.91
N TYR E 283 35.98 -12.29 3.61
CA TYR E 283 36.59 -11.24 4.44
C TYR E 283 37.86 -10.67 3.80
N GLY E 284 37.87 -9.38 3.49
CA GLY E 284 39.01 -8.74 2.85
C GLY E 284 38.83 -8.50 1.36
N ILE E 285 39.52 -7.52 0.81
CA ILE E 285 39.43 -7.27 -0.62
C ILE E 285 40.01 -8.43 -1.40
N THR E 286 41.16 -8.96 -0.94
CA THR E 286 41.84 -10.06 -1.64
C THR E 286 40.96 -11.30 -1.75
N ASP E 287 40.50 -11.85 -0.62
CA ASP E 287 39.71 -13.08 -0.62
C ASP E 287 38.42 -12.94 -1.44
N THR E 288 37.70 -11.83 -1.22
CA THR E 288 36.47 -11.65 -1.94
C THR E 288 36.74 -11.72 -3.44
N SER E 289 37.74 -10.94 -3.89
CA SER E 289 38.20 -10.98 -5.28
C SER E 289 38.63 -12.39 -5.73
N GLN E 290 39.32 -13.10 -4.85
CA GLN E 290 39.78 -14.44 -5.18
C GLN E 290 38.63 -15.46 -5.17
N ALA E 291 37.76 -15.39 -4.16
CA ALA E 291 36.58 -16.27 -4.16
C ALA E 291 35.81 -16.12 -5.45
N LEU E 292 35.53 -14.88 -5.84
CA LEU E 292 34.83 -14.67 -7.09
C LEU E 292 35.67 -15.16 -8.26
N ARG E 293 36.99 -14.97 -8.19
CA ARG E 293 37.85 -15.39 -9.31
C ARG E 293 37.71 -16.87 -9.58
N ASP E 294 37.80 -17.70 -8.55
CA ASP E 294 37.82 -19.14 -8.80
C ASP E 294 36.42 -19.74 -8.92
N PHE E 295 35.42 -18.89 -8.72
CA PHE E 295 34.09 -19.24 -9.17
C PHE E 295 34.19 -19.22 -10.68
N ALA E 296 34.75 -18.14 -11.20
CA ALA E 296 34.84 -17.95 -12.65
C ALA E 296 35.50 -19.11 -13.36
N ARG E 297 36.64 -19.58 -12.83
CA ARG E 297 37.39 -20.58 -13.56
C ARG E 297 37.00 -22.03 -13.30
N LEU E 298 36.14 -22.26 -12.31
CA LEU E 298 35.72 -23.61 -11.94
C LEU E 298 34.54 -24.03 -12.80
N LEU E 299 33.50 -23.19 -12.85
CA LEU E 299 32.41 -23.35 -13.81
C LEU E 299 32.80 -22.42 -14.95
N ASP E 300 33.01 -22.98 -16.12
CA ASP E 300 33.91 -22.35 -17.07
C ASP E 300 33.21 -21.61 -18.22
N ASP E 301 33.42 -20.29 -18.27
CA ASP E 301 32.73 -19.43 -19.23
C ASP E 301 33.64 -18.25 -19.45
N PRO E 302 33.76 -17.81 -20.69
CA PRO E 302 34.60 -16.63 -20.94
C PRO E 302 33.82 -15.35 -20.72
N ASP E 303 32.50 -15.44 -20.81
CA ASP E 303 31.65 -14.27 -20.54
C ASP E 303 31.53 -14.01 -19.04
N LEU E 304 31.35 -15.06 -18.26
CA LEU E 304 31.42 -14.92 -16.81
C LEU E 304 32.77 -14.34 -16.40
N THR E 305 33.82 -14.89 -16.97
CA THR E 305 35.18 -14.50 -16.62
C THR E 305 35.49 -13.03 -16.93
N ALA E 306 35.17 -12.57 -18.15
CA ALA E 306 35.33 -11.17 -18.51
C ALA E 306 34.49 -10.27 -17.59
N ARG E 307 33.30 -10.74 -17.24
CA ARG E 307 32.46 -9.94 -16.36
C ARG E 307 33.01 -9.92 -14.94
N THR E 308 33.52 -11.06 -14.47
CA THR E 308 34.02 -11.05 -13.10
C THR E 308 35.21 -10.11 -12.94
N GLU E 309 36.04 -9.96 -13.97
CA GLU E 309 37.16 -9.02 -13.85
C GLU E 309 36.59 -7.61 -13.79
N ALA E 310 35.54 -7.37 -14.58
CA ALA E 310 34.87 -6.07 -14.62
C ALA E 310 34.29 -5.72 -13.27
N LEU E 311 33.66 -6.68 -12.63
CA LEU E 311 33.15 -6.44 -11.32
C LEU E 311 34.29 -6.14 -10.35
N ILE E 312 35.22 -7.07 -10.16
CA ILE E 312 36.33 -6.83 -9.24
C ILE E 312 36.96 -5.48 -9.58
N ALA E 313 37.10 -5.20 -10.86
CA ALA E 313 37.62 -3.92 -11.30
C ALA E 313 36.91 -2.84 -10.53
N ARG E 314 35.61 -2.73 -10.76
CA ARG E 314 34.76 -1.70 -10.17
C ARG E 314 34.91 -1.69 -8.66
N GLU E 315 34.73 -2.83 -8.04
CA GLU E 315 34.67 -2.84 -6.59
C GLU E 315 35.99 -2.49 -5.88
N GLU E 316 37.11 -3.08 -6.32
CA GLU E 316 38.42 -2.71 -5.78
C GLU E 316 38.62 -1.20 -5.90
N ALA E 317 38.23 -0.64 -7.03
CA ALA E 317 38.28 0.79 -7.26
C ALA E 317 37.49 1.51 -6.19
N LYS E 318 36.25 1.09 -6.02
CA LYS E 318 35.38 1.69 -5.03
C LYS E 318 35.98 1.61 -3.63
N VAL E 319 36.24 0.39 -3.15
CA VAL E 319 36.61 0.16 -1.74
C VAL E 319 37.95 0.75 -1.37
N ARG E 320 38.94 0.54 -2.22
CA ARG E 320 40.26 1.10 -1.99
C ARG E 320 40.15 2.62 -1.82
N ALA E 321 39.43 3.28 -2.71
CA ALA E 321 39.18 4.71 -2.58
C ALA E 321 38.52 5.07 -1.26
N ALA E 322 37.57 4.26 -0.77
CA ALA E 322 36.80 4.60 0.42
C ALA E 322 37.56 4.30 1.68
N LEU E 323 38.76 3.75 1.51
CA LEU E 323 39.50 3.26 2.66
C LEU E 323 40.76 4.08 2.93
N GLU E 324 41.23 4.79 1.91
CA GLU E 324 42.43 5.62 2.01
C GLU E 324 42.38 6.61 3.17
N PRO E 325 41.26 7.31 3.35
CA PRO E 325 41.19 8.28 4.45
C PRO E 325 41.43 7.62 5.81
N TRP E 326 41.18 6.33 5.91
CA TRP E 326 41.26 5.67 7.19
C TRP E 326 42.64 5.08 7.43
N ARG E 327 43.43 4.98 6.39
CA ARG E 327 44.70 4.25 6.47
C ARG E 327 45.65 4.88 7.46
N ALA E 328 45.66 6.19 7.53
CA ALA E 328 46.49 6.88 8.51
C ALA E 328 46.15 6.44 9.93
N ARG E 329 44.87 6.31 10.20
CA ARG E 329 44.41 6.12 11.57
C ARG E 329 44.70 4.74 12.14
N LEU E 330 44.55 3.69 11.33
CA LEU E 330 44.74 2.31 11.80
C LEU E 330 46.12 1.76 11.46
N GLU E 331 46.71 2.32 10.40
CA GLU E 331 47.99 1.85 9.90
C GLU E 331 49.07 1.77 10.97
N GLY E 332 49.66 0.58 11.11
CA GLY E 332 50.79 0.41 11.99
C GLY E 332 50.39 0.06 13.41
N LYS E 333 49.13 -0.25 13.62
CA LYS E 333 48.70 -0.72 14.94
C LYS E 333 48.89 -2.23 15.01
N ARG E 334 49.26 -2.73 16.18
CA ARG E 334 49.61 -4.15 16.33
C ARG E 334 48.43 -4.91 16.88
N VAL E 335 48.07 -6.01 16.25
CA VAL E 335 46.92 -6.77 16.72
C VAL E 335 47.33 -8.14 17.17
N LEU E 336 47.02 -8.50 18.40
CA LEU E 336 47.23 -9.87 18.80
C LEU E 336 46.03 -10.63 18.27
N LEU E 337 46.26 -11.85 17.79
CA LEU E 337 45.15 -12.63 17.27
C LEU E 337 45.09 -14.01 17.90
N TYR E 338 43.90 -14.39 18.34
CA TYR E 338 43.67 -15.67 19.03
C TYR E 338 42.50 -16.42 18.40
N THR E 339 42.69 -17.71 18.20
CA THR E 339 41.69 -18.54 17.54
C THR E 339 40.93 -19.32 18.62
N GLY E 340 39.61 -19.31 18.53
CA GLY E 340 38.80 -19.98 19.53
C GLY E 340 37.69 -20.81 18.93
N GLY E 341 37.94 -21.39 17.77
CA GLY E 341 36.92 -22.07 17.00
C GLY E 341 36.37 -21.09 15.99
N VAL E 342 36.61 -19.81 16.27
CA VAL E 342 36.28 -18.73 15.35
C VAL E 342 37.10 -18.89 14.07
N LYS E 343 36.43 -18.81 12.92
CA LYS E 343 37.10 -18.82 11.62
C LYS E 343 37.90 -17.53 11.53
N SER E 344 39.04 -17.48 12.21
CA SER E 344 39.74 -16.22 12.43
C SER E 344 40.91 -15.90 11.49
N TRP E 345 41.37 -16.87 10.68
CA TRP E 345 42.42 -16.54 9.71
C TRP E 345 41.83 -15.71 8.59
N SER E 346 40.51 -15.79 8.45
CA SER E 346 39.82 -14.95 7.48
C SER E 346 40.03 -13.47 7.76
N VAL E 347 39.66 -13.02 8.97
CA VAL E 347 39.82 -11.62 9.33
C VAL E 347 41.26 -11.15 9.11
N VAL E 348 42.24 -11.99 9.41
CA VAL E 348 43.65 -11.67 9.18
C VAL E 348 43.89 -11.20 7.74
N SER E 349 43.36 -11.95 6.77
CA SER E 349 43.47 -11.56 5.36
C SER E 349 43.11 -10.09 5.23
N ALA E 350 42.04 -9.70 5.91
CA ALA E 350 41.55 -8.34 5.86
C ALA E 350 42.58 -7.36 6.38
N LEU E 351 42.64 -7.23 7.70
CA LEU E 351 43.54 -6.24 8.31
C LEU E 351 44.99 -6.40 7.83
N GLN E 352 45.34 -7.58 7.32
CA GLN E 352 46.67 -7.80 6.76
C GLN E 352 46.96 -6.78 5.66
N ASP E 353 46.07 -6.74 4.68
CA ASP E 353 46.24 -5.82 3.55
C ASP E 353 46.26 -4.33 3.97
N LEU E 354 45.42 -3.98 4.94
CA LEU E 354 45.31 -2.61 5.37
C LEU E 354 46.65 -2.09 5.88
N GLY E 355 47.36 -2.95 6.60
CA GLY E 355 48.72 -2.64 7.00
C GLY E 355 49.01 -2.80 8.46
N MET E 356 48.13 -3.48 9.17
CA MET E 356 48.39 -3.71 10.58
C MET E 356 49.22 -4.98 10.78
N LYS E 357 50.26 -4.88 11.62
CA LYS E 357 51.08 -6.05 11.90
C LYS E 357 50.32 -7.02 12.81
N VAL E 358 50.21 -8.27 12.34
CA VAL E 358 49.39 -9.29 12.98
C VAL E 358 50.25 -10.35 13.67
N VAL E 359 49.85 -10.74 14.88
CA VAL E 359 50.52 -11.79 15.61
C VAL E 359 49.45 -12.78 16.09
N ALA E 360 49.43 -13.98 15.50
CA ALA E 360 48.39 -14.98 15.81
C ALA E 360 48.90 -16.09 16.73
N THR E 361 47.98 -16.83 17.35
CA THR E 361 48.34 -17.95 18.22
C THR E 361 47.20 -18.93 18.49
N GLY E 362 47.51 -20.22 18.49
CA GLY E 362 46.55 -21.27 18.80
C GLY E 362 46.95 -21.99 20.09
N THR E 363 46.08 -22.83 20.62
CA THR E 363 46.21 -23.27 22.01
C THR E 363 46.27 -24.78 22.27
N LYS E 364 47.12 -25.51 21.56
CA LYS E 364 47.27 -26.95 21.78
C LYS E 364 45.99 -27.73 21.45
N LYS E 365 44.84 -27.12 21.78
CA LYS E 365 43.51 -27.68 21.51
C LYS E 365 42.97 -27.06 20.21
N SER E 366 43.89 -26.57 19.39
CA SER E 366 43.55 -25.96 18.11
C SER E 366 43.48 -27.05 17.07
N THR E 367 42.76 -26.77 16.00
CA THR E 367 42.81 -27.62 14.82
C THR E 367 44.24 -27.61 14.31
N GLU E 368 44.55 -28.55 13.42
CA GLU E 368 45.81 -28.52 12.70
C GLU E 368 45.77 -27.33 11.72
N GLU E 369 44.56 -26.95 11.32
CA GLU E 369 44.34 -25.75 10.50
C GLU E 369 45.04 -24.53 11.10
N ASP E 370 44.56 -24.13 12.29
CA ASP E 370 45.11 -22.98 13.00
C ASP E 370 46.62 -23.06 13.03
N LYS E 371 47.15 -24.08 13.69
CA LYS E 371 48.59 -24.24 13.88
C LYS E 371 49.42 -24.21 12.59
N ALA E 372 48.87 -24.75 11.51
CA ALA E 372 49.57 -24.73 10.23
C ALA E 372 49.55 -23.33 9.63
N ARG E 373 48.47 -22.60 9.90
CA ARG E 373 48.37 -21.22 9.44
C ARG E 373 49.15 -20.28 10.36
N ILE E 374 49.04 -20.49 11.67
CA ILE E 374 49.81 -19.72 12.64
C ILE E 374 51.27 -19.84 12.26
N ARG E 375 51.65 -21.02 11.76
CA ARG E 375 53.00 -21.32 11.31
C ARG E 375 53.45 -20.38 10.19
N GLU E 376 52.75 -20.45 9.07
CA GLU E 376 53.02 -19.59 7.92
C GLU E 376 53.15 -18.11 8.32
N LEU E 377 52.13 -17.62 9.00
CA LEU E 377 52.09 -16.23 9.44
C LEU E 377 53.37 -15.85 10.14
N MET E 378 53.68 -16.56 11.22
CA MET E 378 54.84 -16.19 12.03
C MET E 378 55.40 -17.29 12.92
N GLY E 379 56.70 -17.50 12.80
CA GLY E 379 57.46 -18.35 13.71
C GLY E 379 57.14 -19.83 13.63
N ASP E 380 58.17 -20.63 13.39
CA ASP E 380 58.02 -22.08 13.39
C ASP E 380 58.26 -22.58 14.81
N ASP E 381 57.38 -22.16 15.73
CA ASP E 381 57.51 -22.57 17.13
C ASP E 381 56.18 -22.55 17.91
N VAL E 382 55.78 -21.37 18.37
CA VAL E 382 54.68 -21.28 19.34
C VAL E 382 53.29 -21.34 18.72
N LYS E 383 52.50 -22.25 19.28
CA LYS E 383 51.08 -22.35 19.07
C LYS E 383 50.70 -23.16 20.28
N MET E 384 51.71 -23.37 21.10
CA MET E 384 51.54 -23.91 22.43
C MET E 384 51.52 -22.71 23.36
N LEU E 385 50.40 -22.01 23.37
CA LEU E 385 50.18 -20.95 24.34
C LEU E 385 49.53 -21.57 25.57
N ASP E 386 49.48 -22.90 25.56
CA ASP E 386 48.94 -23.66 26.68
C ASP E 386 47.44 -23.42 26.83
N GLU E 387 46.85 -24.02 27.87
CA GLU E 387 45.42 -23.89 28.13
C GLU E 387 45.14 -22.63 28.94
N GLY E 388 46.19 -21.86 29.16
CA GLY E 388 46.11 -20.66 29.96
C GLY E 388 45.17 -19.62 29.39
N ASN E 389 44.20 -19.23 30.21
CA ASN E 389 43.27 -18.16 29.85
C ASN E 389 44.01 -16.84 29.63
N ALA E 390 43.52 -15.78 30.28
CA ALA E 390 44.15 -14.47 30.26
C ALA E 390 45.60 -14.53 30.72
N ARG E 391 45.92 -15.54 31.51
CA ARG E 391 47.26 -15.65 32.08
C ARG E 391 48.30 -15.55 30.96
N VAL E 392 48.35 -16.58 30.13
CA VAL E 392 49.16 -16.55 28.94
C VAL E 392 48.72 -15.37 28.08
N LEU E 393 47.42 -15.32 27.79
CA LEU E 393 46.87 -14.41 26.81
C LEU E 393 47.18 -12.94 27.10
N LEU E 394 46.70 -12.46 28.24
CA LEU E 394 46.97 -11.10 28.64
C LEU E 394 48.45 -10.75 28.55
N LYS E 395 49.28 -11.50 29.27
CA LYS E 395 50.70 -11.19 29.26
C LYS E 395 51.27 -11.31 27.84
N THR E 396 50.67 -12.18 27.02
CA THR E 396 51.13 -12.35 25.64
C THR E 396 50.81 -11.13 24.79
N VAL E 397 49.74 -10.42 25.15
CA VAL E 397 49.38 -9.16 24.50
C VAL E 397 50.41 -8.11 24.88
N ASP E 398 50.74 -8.11 26.16
CA ASP E 398 51.69 -7.16 26.73
C ASP E 398 53.07 -7.33 26.06
N GLU E 399 53.50 -8.59 25.95
CA GLU E 399 54.78 -8.96 25.35
C GLU E 399 55.07 -8.24 24.04
N TYR E 400 54.11 -8.25 23.13
CA TYR E 400 54.28 -7.70 21.78
C TYR E 400 53.83 -6.24 21.70
N GLN E 401 53.39 -5.71 22.83
CA GLN E 401 52.81 -4.37 22.86
C GLN E 401 51.69 -4.26 21.82
N ALA E 402 50.75 -5.20 21.88
CA ALA E 402 49.63 -5.22 20.97
C ALA E 402 48.68 -4.08 21.32
N ASP E 403 47.99 -3.56 20.30
CA ASP E 403 47.03 -2.47 20.46
C ASP E 403 45.58 -2.94 20.65
N ILE E 404 45.20 -4.01 19.96
CA ILE E 404 43.94 -4.69 20.20
C ILE E 404 44.16 -6.19 20.23
N LEU E 405 43.26 -6.88 20.92
CA LEU E 405 43.21 -8.35 20.88
C LEU E 405 41.91 -8.79 20.21
N ILE E 406 42.02 -9.75 19.29
CA ILE E 406 40.88 -10.19 18.47
C ILE E 406 40.76 -11.69 18.61
N ALA E 407 39.60 -12.19 19.07
CA ALA E 407 39.51 -13.61 19.43
C ALA E 407 38.14 -14.27 19.57
N GLY E 408 37.09 -13.49 19.79
CA GLY E 408 35.76 -14.06 19.97
C GLY E 408 35.26 -13.91 21.40
N GLY E 409 33.94 -13.82 21.55
CA GLY E 409 33.29 -13.43 22.80
C GLY E 409 33.77 -13.99 24.13
N ARG E 410 34.38 -15.17 24.09
CA ARG E 410 34.90 -15.80 25.28
C ARG E 410 35.98 -14.93 25.89
N ASN E 411 36.93 -14.53 25.05
CA ASN E 411 38.10 -13.76 25.47
C ASN E 411 37.87 -12.26 25.47
N MET E 412 36.61 -11.84 25.45
CA MET E 412 36.29 -10.41 25.45
C MET E 412 36.58 -9.80 26.81
N TYR E 413 36.04 -10.39 27.86
CA TYR E 413 36.20 -9.80 29.18
C TYR E 413 37.62 -9.91 29.78
N THR E 414 38.39 -10.88 29.32
CA THR E 414 39.79 -10.91 29.73
C THR E 414 40.50 -9.71 29.09
N ALA E 415 40.10 -9.34 27.88
CA ALA E 415 40.66 -8.17 27.18
C ALA E 415 40.25 -6.86 27.79
N LEU E 416 38.94 -6.71 28.02
CA LEU E 416 38.36 -5.50 28.59
C LEU E 416 38.91 -5.20 29.96
N LYS E 417 38.85 -6.20 30.84
CA LYS E 417 39.25 -6.02 32.25
C LYS E 417 40.78 -5.91 32.41
N GLY E 418 41.53 -6.60 31.57
CA GLY E 418 42.95 -6.31 31.47
C GLY E 418 43.19 -5.03 30.67
N ARG E 419 42.22 -4.12 30.76
CA ARG E 419 42.32 -2.79 30.14
C ARG E 419 42.93 -2.73 28.73
N VAL E 420 42.58 -3.71 27.88
CA VAL E 420 43.03 -3.77 26.47
C VAL E 420 41.88 -3.70 25.46
N PRO E 421 42.02 -2.89 24.40
CA PRO E 421 41.00 -2.80 23.35
C PRO E 421 40.64 -4.17 22.76
N PHE E 422 39.40 -4.31 22.26
CA PHE E 422 38.89 -5.60 21.79
C PHE E 422 38.03 -5.46 20.56
N LEU E 423 37.95 -6.52 19.77
CA LEU E 423 37.09 -6.57 18.61
C LEU E 423 36.64 -8.02 18.32
N ASP E 424 35.35 -8.28 18.60
CA ASP E 424 34.72 -9.58 18.46
C ASP E 424 34.95 -10.26 17.10
N ILE E 425 35.38 -11.52 17.09
CA ILE E 425 35.35 -12.29 15.85
C ILE E 425 34.05 -13.04 15.71
N ASN E 426 33.00 -12.25 15.57
CA ASN E 426 31.73 -12.78 15.14
C ASN E 426 31.07 -11.95 14.05
N GLN E 427 30.86 -12.65 12.94
CA GLN E 427 29.91 -12.27 11.93
C GLN E 427 28.47 -12.40 12.49
N GLU E 428 28.31 -13.14 13.59
CA GLU E 428 26.99 -13.34 14.25
C GLU E 428 26.34 -12.03 14.68
N ARG E 429 27.22 -11.11 15.05
CA ARG E 429 26.93 -9.86 15.72
C ARG E 429 26.09 -8.88 14.90
N GLU E 430 26.29 -7.57 15.04
CA GLU E 430 25.50 -6.62 14.20
C GLU E 430 26.38 -5.87 13.19
N PHE E 431 27.66 -6.22 13.21
CA PHE E 431 28.60 -5.88 12.17
C PHE E 431 29.10 -7.21 11.69
N GLY E 432 29.17 -7.45 10.39
CA GLY E 432 29.01 -6.49 9.33
C GLY E 432 30.12 -6.68 8.28
N TYR E 433 31.11 -7.51 8.57
CA TYR E 433 32.48 -7.41 8.03
C TYR E 433 32.87 -7.99 6.66
N ALA E 434 31.93 -8.52 5.87
CA ALA E 434 32.34 -9.18 4.61
C ALA E 434 32.09 -8.46 3.34
N GLY E 435 32.61 -9.09 2.31
CA GLY E 435 32.60 -8.52 0.99
C GLY E 435 33.38 -7.22 0.98
N TYR E 436 33.32 -6.52 -0.14
CA TYR E 436 33.99 -5.25 -0.28
C TYR E 436 33.49 -4.24 0.70
N ASP E 437 32.17 -4.18 0.92
CA ASP E 437 31.63 -3.13 1.76
C ASP E 437 31.76 -3.45 3.22
N GLY E 438 32.02 -4.72 3.52
CA GLY E 438 32.26 -5.13 4.89
C GLY E 438 33.42 -4.40 5.53
N MET E 439 34.54 -4.31 4.85
CA MET E 439 35.69 -3.67 5.44
C MET E 439 35.39 -2.24 5.81
N LEU E 440 34.49 -1.62 5.10
CA LEU E 440 34.09 -0.28 5.48
C LEU E 440 33.73 -0.19 6.94
N GLU E 441 33.09 -1.18 7.52
CA GLU E 441 32.78 -1.04 8.94
C GLU E 441 33.74 -1.81 9.85
N LEU E 442 34.55 -2.67 9.28
CA LEU E 442 35.60 -3.30 10.05
C LEU E 442 36.48 -2.15 10.52
N VAL E 443 36.87 -1.30 9.58
CA VAL E 443 37.76 -0.20 9.90
C VAL E 443 37.11 0.69 10.92
N ARG E 444 35.86 1.11 10.64
CA ARG E 444 35.09 1.86 11.64
C ARG E 444 35.15 1.20 13.02
N GLN E 445 34.83 -0.09 13.08
CA GLN E 445 34.86 -0.78 14.39
C GLN E 445 36.23 -0.82 15.07
N LEU E 446 37.31 -0.91 14.31
CA LEU E 446 38.66 -0.84 14.89
C LEU E 446 38.99 0.51 15.51
N CYS E 447 38.85 1.57 14.72
CA CYS E 447 38.92 2.92 15.27
C CYS E 447 38.01 3.13 16.48
N ILE E 448 36.72 2.81 16.40
CA ILE E 448 35.85 3.18 17.52
C ILE E 448 36.49 2.76 18.82
N THR E 449 36.86 1.48 18.98
CA THR E 449 37.55 1.02 20.20
C THR E 449 38.99 1.54 20.40
N LEU E 450 39.90 1.32 19.45
CA LEU E 450 41.31 1.71 19.72
C LEU E 450 41.64 3.22 19.63
N GLU E 451 40.61 4.05 19.53
CA GLU E 451 40.82 5.48 19.59
C GLU E 451 39.91 5.98 20.67
N CYS E 452 39.48 5.09 21.53
CA CYS E 452 38.47 5.50 22.49
C CYS E 452 39.22 6.07 23.66
N PRO E 453 38.83 7.27 24.09
CA PRO E 453 39.41 7.96 25.25
C PRO E 453 39.08 7.25 26.59
N VAL E 454 38.25 6.21 26.55
CA VAL E 454 37.92 5.52 27.79
C VAL E 454 39.11 4.69 28.24
N TRP E 455 39.95 4.33 27.29
CA TRP E 455 41.07 3.46 27.60
C TRP E 455 42.10 4.12 28.54
N GLU E 456 42.52 5.35 28.25
CA GLU E 456 43.39 6.06 29.18
C GLU E 456 42.71 6.29 30.53
N ALA E 457 41.38 6.36 30.55
CA ALA E 457 40.65 6.60 31.79
C ALA E 457 40.55 5.40 32.71
N VAL E 458 41.12 4.27 32.32
CA VAL E 458 41.27 3.13 33.25
C VAL E 458 42.66 2.46 33.16
N ILE F 4 -5.51 -21.91 42.07
CA ILE F 4 -4.68 -23.11 42.10
C ILE F 4 -3.64 -23.05 40.99
N ILE F 5 -2.67 -23.96 41.02
CA ILE F 5 -1.62 -24.07 39.97
C ILE F 5 -1.94 -25.06 38.82
N ASN F 6 -2.07 -24.56 37.58
CA ASN F 6 -2.32 -25.40 36.42
C ASN F 6 -1.00 -25.85 35.70
N ARG F 7 -0.96 -27.09 35.16
CA ARG F 7 0.09 -27.56 34.23
C ARG F 7 -0.48 -28.32 32.98
N ASN F 8 0.36 -28.84 32.07
CA ASN F 8 -0.22 -29.53 30.88
C ASN F 8 0.60 -30.59 30.07
N LYS F 9 1.76 -30.19 29.54
CA LYS F 9 2.54 -30.97 28.54
C LYS F 9 2.32 -30.33 27.19
N ALA F 10 3.14 -30.58 26.16
CA ALA F 10 4.12 -31.66 26.06
C ALA F 10 5.40 -31.24 25.31
N LEU F 11 5.28 -30.17 24.53
CA LEU F 11 6.42 -29.49 23.91
C LEU F 11 6.56 -28.09 24.52
N ALA F 12 7.76 -27.69 24.92
CA ALA F 12 7.91 -26.38 25.54
C ALA F 12 8.32 -25.34 24.53
N VAL F 13 7.47 -24.33 24.35
CA VAL F 13 7.71 -23.34 23.29
C VAL F 13 8.20 -22.00 23.81
N SER F 14 9.44 -21.66 23.46
CA SER F 14 10.12 -20.52 24.04
C SER F 14 10.02 -20.65 25.56
N PRO F 15 10.85 -21.53 26.15
CA PRO F 15 10.71 -21.81 27.58
C PRO F 15 10.97 -20.60 28.49
N LEU F 16 10.11 -20.42 29.48
CA LEU F 16 10.36 -19.46 30.53
C LEU F 16 11.49 -19.92 31.47
N LYS F 17 11.61 -21.22 31.65
CA LYS F 17 12.45 -21.78 32.69
C LYS F 17 13.96 -21.96 32.31
N ALA F 18 14.81 -21.90 33.32
CA ALA F 18 16.24 -22.17 33.14
C ALA F 18 16.60 -23.21 34.20
N SER F 19 17.80 -23.81 34.10
CA SER F 19 18.10 -24.96 34.95
C SER F 19 18.41 -24.61 36.40
N GLN F 20 17.81 -25.38 37.30
CA GLN F 20 18.29 -25.50 38.67
C GLN F 20 19.80 -25.38 38.68
N THR F 21 20.51 -26.16 37.88
CA THR F 21 21.95 -26.17 38.04
C THR F 21 22.67 -24.87 37.66
N MET F 22 21.96 -23.96 37.01
CA MET F 22 22.49 -22.61 36.82
C MET F 22 22.22 -21.76 38.06
N GLY F 23 20.97 -21.85 38.55
CA GLY F 23 20.57 -21.01 39.66
C GLY F 23 21.42 -21.25 40.91
N ALA F 24 21.62 -22.54 41.19
CA ALA F 24 22.59 -22.95 42.18
C ALA F 24 24.01 -22.50 41.80
N ALA F 25 24.27 -22.18 40.55
CA ALA F 25 25.62 -21.73 40.26
C ALA F 25 25.85 -20.22 40.60
N LEU F 26 24.80 -19.39 40.60
CA LEU F 26 25.12 -18.02 40.96
C LEU F 26 25.10 -17.79 42.44
N ALA F 27 24.50 -18.73 43.19
CA ALA F 27 24.63 -18.69 44.66
C ALA F 27 26.09 -18.90 45.03
N ILE F 28 26.72 -19.98 44.57
CA ILE F 28 28.17 -20.05 44.80
C ILE F 28 28.94 -18.80 44.25
N LEU F 29 28.56 -18.35 43.05
CA LEU F 29 29.04 -17.08 42.44
C LEU F 29 28.99 -15.81 43.36
N GLY F 30 28.21 -15.92 44.44
CA GLY F 30 28.06 -14.87 45.44
C GLY F 30 28.87 -15.09 46.71
N LEU F 31 29.64 -16.17 46.74
CA LEU F 31 30.75 -16.36 47.68
C LEU F 31 31.94 -15.62 47.10
N ALA F 32 32.83 -15.12 47.96
CA ALA F 32 34.05 -14.50 47.45
C ALA F 32 35.04 -15.56 47.04
N ARG F 33 35.88 -15.24 46.07
CA ARG F 33 36.95 -16.15 45.61
C ARG F 33 36.50 -17.59 45.41
N SER F 34 35.37 -17.80 44.74
CA SER F 34 34.76 -19.13 44.60
C SER F 34 34.78 -19.55 43.16
N MET F 35 34.42 -20.79 42.89
CA MET F 35 34.46 -21.30 41.54
C MET F 35 33.46 -22.42 41.35
N PRO F 36 32.40 -22.18 40.57
CA PRO F 36 31.41 -23.27 40.48
C PRO F 36 31.92 -24.36 39.55
N LEU F 37 31.55 -25.61 39.84
CA LEU F 37 31.94 -26.72 38.98
C LEU F 37 30.74 -27.59 38.69
N PHE F 38 30.38 -27.63 37.40
CA PHE F 38 29.33 -28.52 36.88
C PHE F 38 29.92 -29.91 36.71
N HIS F 39 29.23 -30.87 37.30
CA HIS F 39 29.54 -32.26 37.05
C HIS F 39 28.63 -32.68 35.91
N GLY F 40 29.17 -32.61 34.70
CA GLY F 40 28.40 -32.84 33.50
C GLY F 40 29.34 -32.68 32.32
N SER F 41 28.82 -32.81 31.10
CA SER F 41 29.66 -32.53 29.95
C SER F 41 29.85 -31.03 29.78
N GLN F 42 30.81 -30.67 28.95
CA GLN F 42 31.25 -29.28 28.86
C GLN F 42 30.26 -28.24 28.32
N GLY F 43 29.44 -28.62 27.34
CA GLY F 43 28.44 -27.73 26.80
C GLY F 43 27.55 -27.17 27.91
N CYS F 44 27.19 -28.01 28.87
CA CYS F 44 26.34 -27.56 29.96
C CYS F 44 26.88 -26.32 30.67
N THR F 45 28.20 -26.22 30.73
CA THR F 45 28.80 -25.10 31.43
C THR F 45 28.98 -23.98 30.42
N ALA F 46 29.41 -24.35 29.22
CA ALA F 46 29.71 -23.33 28.21
C ALA F 46 28.42 -22.61 27.82
N PHE F 47 27.30 -23.25 28.11
CA PHE F 47 26.00 -22.60 27.92
C PHE F 47 25.69 -21.71 29.12
N ALA F 48 25.86 -22.24 30.32
CA ALA F 48 25.52 -21.47 31.51
C ALA F 48 26.37 -20.21 31.57
N LYS F 49 27.59 -20.33 31.10
CA LYS F 49 28.55 -19.25 31.13
C LYS F 49 28.04 -18.13 30.22
N VAL F 50 27.74 -18.49 28.98
CA VAL F 50 27.26 -17.50 28.04
C VAL F 50 26.06 -16.80 28.63
N PHE F 51 25.13 -17.58 29.16
CA PHE F 51 23.93 -17.01 29.75
C PHE F 51 24.30 -15.88 30.67
N PHE F 52 25.10 -16.19 31.70
CA PHE F 52 25.50 -15.21 32.73
C PHE F 52 26.32 -14.02 32.18
N VAL F 53 27.43 -14.27 31.49
CA VAL F 53 28.18 -13.13 31.02
C VAL F 53 27.29 -12.20 30.19
N ARG F 54 26.39 -12.74 29.37
CA ARG F 54 25.52 -11.85 28.61
C ARG F 54 24.59 -11.04 29.52
N HIS F 55 24.27 -11.58 30.69
CA HIS F 55 23.46 -10.83 31.67
C HIS F 55 24.20 -9.71 32.40
N PHE F 56 25.20 -10.09 33.20
CA PHE F 56 25.98 -9.13 34.01
C PHE F 56 26.96 -8.38 33.12
N ARG F 57 27.23 -8.93 31.94
CA ARG F 57 28.20 -8.35 31.02
C ARG F 57 29.53 -8.16 31.72
N GLU F 58 29.99 -9.21 32.39
CA GLU F 58 31.23 -9.18 33.14
C GLU F 58 31.70 -10.65 33.15
N PRO F 59 32.99 -10.93 33.38
CA PRO F 59 33.32 -12.35 33.19
C PRO F 59 32.71 -13.18 34.29
N VAL F 60 32.55 -14.48 34.05
CA VAL F 60 32.12 -15.39 35.08
C VAL F 60 32.88 -16.74 35.04
N PRO F 61 33.49 -17.12 36.18
CA PRO F 61 34.21 -18.39 36.37
C PRO F 61 33.24 -19.59 36.46
N LEU F 62 33.53 -20.61 35.68
CA LEU F 62 32.66 -21.77 35.63
C LEU F 62 33.49 -22.85 34.94
N GLN F 63 33.57 -24.04 35.56
CA GLN F 63 34.37 -25.13 35.01
C GLN F 63 33.59 -26.41 34.88
N THR F 64 34.25 -27.42 34.30
CA THR F 64 33.53 -28.62 33.84
C THR F 64 34.19 -29.91 34.31
N THR F 65 33.42 -30.75 34.99
CA THR F 65 33.83 -32.14 35.18
C THR F 65 34.36 -32.80 33.88
N ALA F 66 33.77 -32.42 32.74
CA ALA F 66 34.18 -32.85 31.38
C ALA F 66 33.87 -34.32 31.03
N MET F 67 32.79 -34.85 31.61
CA MET F 67 32.30 -36.19 31.30
C MET F 67 32.42 -36.49 29.82
N ASP F 68 32.94 -37.69 29.52
CA ASP F 68 33.27 -38.13 28.17
C ASP F 68 32.11 -38.96 27.62
N GLN F 69 32.27 -39.50 26.42
CA GLN F 69 31.33 -40.50 25.90
C GLN F 69 31.36 -41.71 26.84
N VAL F 70 32.45 -41.82 27.62
CA VAL F 70 32.67 -42.91 28.58
C VAL F 70 32.02 -42.63 29.94
N SER F 71 31.15 -41.63 29.98
CA SER F 71 30.31 -41.37 31.15
C SER F 71 29.22 -42.43 31.18
N SER F 72 29.38 -43.42 30.31
CA SER F 72 28.55 -44.62 30.35
C SER F 72 29.29 -45.67 31.17
N VAL F 73 30.62 -45.61 31.13
CA VAL F 73 31.43 -46.52 31.92
C VAL F 73 31.66 -45.94 33.33
N MET F 74 32.91 -45.60 33.64
CA MET F 74 33.24 -45.06 34.96
C MET F 74 32.47 -43.78 35.29
N GLY F 75 31.41 -43.93 36.09
CA GLY F 75 30.55 -42.83 36.49
C GLY F 75 31.12 -41.46 36.21
N ALA F 76 32.32 -41.22 36.72
CA ALA F 76 33.06 -39.97 36.54
C ALA F 76 33.89 -39.71 37.80
N ASP F 77 33.83 -40.69 38.70
CA ASP F 77 34.82 -40.80 39.74
C ASP F 77 36.06 -40.02 39.30
N GLU F 78 36.81 -40.59 38.35
CA GLU F 78 38.07 -39.99 37.88
C GLU F 78 37.91 -38.52 37.49
N ASN F 79 36.86 -38.25 36.73
CA ASN F 79 36.59 -36.88 36.25
C ASN F 79 36.36 -35.88 37.37
N VAL F 80 35.45 -36.18 38.30
CA VAL F 80 35.19 -35.27 39.42
C VAL F 80 36.48 -35.02 40.19
N VAL F 81 37.16 -36.09 40.54
CA VAL F 81 38.39 -35.97 41.29
C VAL F 81 39.43 -35.13 40.56
N GLU F 82 39.71 -35.43 39.31
CA GLU F 82 40.79 -34.69 38.68
C GLU F 82 40.42 -33.21 38.53
N ALA F 83 39.12 -32.91 38.59
CA ALA F 83 38.63 -31.54 38.41
C ALA F 83 38.88 -30.75 39.68
N LEU F 84 38.59 -31.38 40.80
CA LEU F 84 38.84 -30.77 42.08
C LEU F 84 40.33 -30.52 42.30
N LYS F 85 41.15 -31.53 42.02
CA LYS F 85 42.59 -31.36 42.20
C LYS F 85 43.13 -30.28 41.26
N THR F 86 42.64 -30.26 40.02
CA THR F 86 43.11 -29.29 39.03
C THR F 86 42.88 -27.83 39.39
N ILE F 87 41.64 -27.50 39.77
CA ILE F 87 41.28 -26.14 40.20
C ILE F 87 41.99 -25.72 41.48
N CYS F 88 41.90 -26.58 42.50
CA CYS F 88 42.54 -26.33 43.77
C CYS F 88 43.97 -25.91 43.58
N GLU F 89 44.68 -26.64 42.73
CA GLU F 89 46.11 -26.39 42.51
C GLU F 89 46.38 -25.28 41.48
N ARG F 90 45.39 -24.97 40.65
CA ARG F 90 45.56 -23.95 39.62
C ARG F 90 45.14 -22.53 40.08
N GLN F 91 43.98 -22.38 40.70
CA GLN F 91 43.58 -21.06 41.15
C GLN F 91 43.38 -21.01 42.66
N ASN F 92 43.27 -22.17 43.28
CA ASN F 92 43.27 -22.21 44.73
C ASN F 92 42.12 -21.43 45.36
N PRO F 93 40.87 -21.84 45.10
CA PRO F 93 39.65 -21.17 45.58
C PRO F 93 39.58 -21.02 47.08
N SER F 94 38.76 -20.08 47.53
CA SER F 94 38.37 -19.97 48.91
C SER F 94 37.21 -20.96 49.09
N VAL F 95 36.53 -21.26 47.99
CA VAL F 95 35.38 -22.18 48.03
C VAL F 95 35.26 -22.80 46.68
N ILE F 96 34.77 -24.03 46.64
CA ILE F 96 34.34 -24.60 45.37
C ILE F 96 32.89 -25.13 45.38
N GLY F 97 32.20 -24.96 44.27
CA GLY F 97 30.86 -25.50 44.10
C GLY F 97 30.91 -26.76 43.26
N LEU F 98 30.35 -27.84 43.81
CA LEU F 98 30.23 -29.12 43.12
C LEU F 98 28.76 -29.37 42.84
N LEU F 99 28.41 -29.29 41.55
CA LEU F 99 27.01 -29.31 41.11
C LEU F 99 26.70 -30.45 40.13
N THR F 100 25.65 -31.19 40.42
CA THR F 100 25.30 -32.32 39.58
C THR F 100 24.40 -31.87 38.43
N THR F 101 24.67 -32.36 37.22
CA THR F 101 23.81 -32.04 36.07
C THR F 101 22.78 -33.12 35.79
N GLY F 102 22.02 -32.97 34.73
CA GLY F 102 21.07 -34.02 34.36
C GLY F 102 21.79 -35.29 33.99
N LEU F 103 22.93 -35.13 33.31
CA LEU F 103 23.72 -36.25 32.83
C LEU F 103 24.20 -37.06 34.00
N SER F 104 24.99 -36.43 34.86
CA SER F 104 25.67 -37.21 35.89
C SER F 104 24.65 -37.80 36.88
N GLU F 105 23.55 -37.08 37.12
CA GLU F 105 22.49 -37.56 38.00
C GLU F 105 21.77 -38.77 37.42
N THR F 106 21.92 -39.05 36.13
CA THR F 106 21.19 -40.16 35.52
C THR F 106 21.55 -41.50 36.11
N GLN F 107 22.71 -41.54 36.79
CA GLN F 107 23.19 -42.72 37.52
C GLN F 107 22.81 -42.63 38.99
N GLY F 108 22.98 -41.44 39.56
CA GLY F 108 22.96 -41.22 41.01
C GLY F 108 24.25 -40.48 41.29
N CYS F 109 25.31 -40.94 40.63
CA CYS F 109 26.55 -40.19 40.48
C CYS F 109 27.37 -39.98 41.76
N ASP F 110 27.27 -40.89 42.72
CA ASP F 110 28.23 -40.97 43.82
C ASP F 110 28.78 -39.60 44.27
N LEU F 111 27.91 -38.62 44.43
CA LEU F 111 28.34 -37.26 44.73
C LEU F 111 29.26 -37.23 45.94
N HIS F 112 28.65 -37.30 47.13
CA HIS F 112 29.35 -37.41 48.41
C HIS F 112 30.62 -38.27 48.27
N THR F 113 30.52 -39.36 47.51
CA THR F 113 31.60 -40.34 47.36
C THR F 113 32.80 -39.80 46.60
N ALA F 114 32.57 -39.39 45.35
CA ALA F 114 33.63 -38.82 44.53
C ALA F 114 34.37 -37.74 45.30
N LEU F 115 33.67 -37.15 46.28
CA LEU F 115 34.20 -36.08 47.12
C LEU F 115 34.93 -36.68 48.31
N HIS F 116 34.62 -37.93 48.61
CA HIS F 116 35.36 -38.67 49.62
C HIS F 116 36.44 -39.44 48.87
N GLU F 117 36.32 -39.48 47.56
CA GLU F 117 37.36 -40.04 46.70
C GLU F 117 38.41 -38.96 46.48
N PHE F 118 37.90 -37.71 46.59
CA PHE F 118 38.62 -36.44 46.89
C PHE F 118 38.37 -35.94 48.36
N ARG F 119 38.10 -36.88 49.27
CA ARG F 119 38.49 -36.78 50.71
C ARG F 119 39.41 -37.98 51.32
N THR F 120 40.20 -38.60 50.42
CA THR F 120 41.32 -39.53 50.72
C THR F 120 42.71 -39.11 50.16
N GLN F 121 42.93 -39.21 48.83
CA GLN F 121 44.24 -38.93 48.16
C GLN F 121 45.06 -37.67 48.63
N TYR F 122 44.80 -36.51 48.01
CA TYR F 122 44.87 -35.10 48.56
C TYR F 122 46.12 -34.48 49.04
N GLU F 123 47.20 -34.78 48.38
CA GLU F 123 48.33 -33.94 48.58
C GLU F 123 47.79 -32.47 48.63
N GLU F 124 46.78 -32.14 47.82
CA GLU F 124 46.04 -30.88 48.03
C GLU F 124 45.65 -30.63 49.50
N TYR F 125 45.99 -29.44 49.97
CA TYR F 125 45.77 -29.05 51.34
C TYR F 125 44.60 -29.79 51.95
N LYS F 126 43.44 -29.62 51.36
CA LYS F 126 42.18 -29.72 52.08
C LYS F 126 42.08 -28.36 52.73
N ASP F 127 41.02 -28.12 53.51
CA ASP F 127 40.82 -26.81 54.12
C ASP F 127 40.28 -25.84 53.07
N VAL F 128 40.22 -26.33 51.83
CA VAL F 128 39.51 -25.65 50.76
C VAL F 128 38.12 -26.23 50.79
N PRO F 129 37.16 -25.46 51.31
CA PRO F 129 35.84 -26.03 51.52
C PRO F 129 35.30 -26.47 50.17
N ILE F 130 34.29 -27.33 50.17
CA ILE F 130 33.59 -27.71 48.95
C ILE F 130 32.09 -27.82 49.24
N VAL F 131 31.29 -27.05 48.53
CA VAL F 131 29.86 -27.20 48.68
C VAL F 131 29.38 -28.18 47.62
N PRO F 132 28.69 -29.23 48.03
CA PRO F 132 28.10 -30.22 47.12
C PRO F 132 26.60 -30.00 46.97
N VAL F 133 26.13 -29.90 45.73
CA VAL F 133 24.70 -29.66 45.48
C VAL F 133 24.14 -30.64 44.44
N ASN F 134 22.90 -31.08 44.66
CA ASN F 134 22.22 -31.95 43.71
C ASN F 134 21.18 -31.18 42.93
N THR F 135 21.50 -30.93 41.66
CA THR F 135 20.70 -30.06 40.83
C THR F 135 20.63 -30.52 39.39
N PRO F 136 19.94 -31.61 39.12
CA PRO F 136 19.61 -32.07 37.76
C PRO F 136 18.78 -31.06 36.95
N ASP F 137 19.28 -30.76 35.75
CA ASP F 137 18.56 -29.97 34.78
C ASP F 137 17.08 -30.37 34.75
N PHE F 138 16.80 -31.66 34.98
CA PHE F 138 15.45 -32.18 34.79
C PHE F 138 14.41 -32.00 35.93
N SER F 139 14.80 -31.40 37.05
CA SER F 139 13.79 -30.99 38.01
C SER F 139 13.94 -29.54 38.49
N GLY F 140 12.84 -29.00 39.00
CA GLY F 140 12.91 -27.68 39.57
C GLY F 140 13.35 -26.67 38.54
N CYS F 141 13.92 -25.57 39.02
CA CYS F 141 14.18 -24.46 38.15
C CYS F 141 15.31 -23.63 38.70
N PHE F 142 15.54 -22.50 38.05
CA PHE F 142 16.62 -21.58 38.37
C PHE F 142 16.60 -21.19 39.84
N GLU F 143 15.42 -20.73 40.29
CA GLU F 143 15.25 -20.17 41.63
C GLU F 143 15.39 -21.23 42.69
N SER F 144 14.73 -22.35 42.46
CA SER F 144 14.83 -23.47 43.40
C SER F 144 16.25 -23.96 43.35
N GLY F 145 16.85 -23.97 42.15
CA GLY F 145 18.24 -24.32 42.01
C GLY F 145 19.03 -23.50 42.99
N PHE F 146 18.93 -22.20 42.82
CA PHE F 146 19.63 -21.24 43.64
C PHE F 146 19.41 -21.47 45.18
N ALA F 147 18.16 -21.46 45.64
CA ALA F 147 17.82 -21.72 47.05
C ALA F 147 18.37 -23.06 47.59
N ALA F 148 18.66 -24.01 46.70
CA ALA F 148 19.20 -25.30 47.11
C ALA F 148 20.69 -25.24 47.36
N ALA F 149 21.36 -24.31 46.69
CA ALA F 149 22.80 -24.16 46.89
C ALA F 149 23.07 -23.25 48.09
N VAL F 150 22.00 -22.64 48.63
CA VAL F 150 22.10 -21.85 49.84
C VAL F 150 21.89 -22.77 51.02
N LYS F 151 20.99 -23.73 50.88
CA LYS F 151 20.87 -24.75 51.90
C LYS F 151 22.21 -25.41 52.01
N ALA F 152 22.78 -25.82 50.88
CA ALA F 152 24.06 -26.50 50.93
C ALA F 152 25.19 -25.60 51.43
N ILE F 153 25.13 -24.30 51.14
CA ILE F 153 26.17 -23.38 51.62
C ILE F 153 26.08 -23.27 53.12
N VAL F 154 24.87 -23.00 53.61
CA VAL F 154 24.61 -22.96 55.04
C VAL F 154 25.15 -24.22 55.76
N GLU F 155 24.69 -25.38 55.32
CA GLU F 155 25.04 -26.64 55.98
C GLU F 155 26.53 -27.00 55.89
N THR F 156 27.17 -26.66 54.78
CA THR F 156 28.59 -26.97 54.62
C THR F 156 29.49 -26.06 55.47
N LEU F 157 29.02 -24.86 55.80
CA LEU F 157 29.85 -23.85 56.46
C LEU F 157 29.43 -23.38 57.89
N VAL F 158 29.94 -24.12 58.89
CA VAL F 158 30.00 -23.72 60.32
C VAL F 158 28.79 -23.87 61.27
N PRO F 159 27.62 -24.26 60.73
CA PRO F 159 26.32 -24.15 61.42
C PRO F 159 26.24 -24.74 62.85
N GLU F 160 27.10 -25.71 63.10
CA GLU F 160 26.80 -26.84 63.98
C GLU F 160 27.30 -26.79 65.43
N ARG F 161 28.58 -27.13 65.62
CA ARG F 161 29.22 -27.20 66.94
C ARG F 161 28.54 -26.21 67.87
N ARG F 162 28.79 -24.93 67.62
CA ARG F 162 28.22 -23.88 68.45
C ARG F 162 26.70 -23.79 68.29
N ASP F 163 26.04 -23.14 69.23
CA ASP F 163 24.58 -23.04 69.20
C ASP F 163 24.17 -22.14 70.34
N GLN F 164 22.87 -21.79 70.37
CA GLN F 164 22.25 -21.16 71.54
C GLN F 164 23.10 -20.04 72.16
N VAL F 165 24.28 -20.40 72.65
CA VAL F 165 25.27 -19.45 73.16
C VAL F 165 26.03 -18.78 72.01
N GLY F 166 25.89 -19.31 70.80
CA GLY F 166 26.41 -18.62 69.64
C GLY F 166 25.32 -17.70 69.12
N LYS F 167 25.11 -16.58 69.79
CA LYS F 167 24.20 -15.57 69.29
C LYS F 167 24.48 -14.25 69.99
N ARG F 168 25.66 -13.70 69.68
CA ARG F 168 26.23 -12.65 70.50
C ARG F 168 26.02 -11.22 70.01
N PRO F 169 26.73 -10.82 68.93
CA PRO F 169 26.82 -9.42 68.51
C PRO F 169 25.49 -8.67 68.24
N ARG F 170 25.52 -7.91 67.16
CA ARG F 170 24.37 -7.19 66.64
C ARG F 170 24.35 -7.42 65.12
N GLN F 171 24.97 -8.53 64.72
CA GLN F 171 25.09 -8.95 63.35
C GLN F 171 23.81 -9.62 62.90
N VAL F 172 23.23 -9.10 61.82
CA VAL F 172 21.98 -9.62 61.27
C VAL F 172 22.23 -10.37 59.97
N ASN F 173 21.88 -11.65 59.99
CA ASN F 173 21.98 -12.48 58.81
C ASN F 173 20.88 -12.19 57.81
N VAL F 174 21.26 -12.07 56.55
CA VAL F 174 20.26 -12.00 55.51
C VAL F 174 20.36 -13.17 54.49
N LEU F 175 19.28 -13.95 54.43
CA LEU F 175 19.17 -14.98 53.40
C LEU F 175 18.53 -14.33 52.19
N CYS F 176 19.36 -14.16 51.15
CA CYS F 176 18.96 -13.53 49.90
C CYS F 176 18.52 -14.57 48.91
N SER F 177 17.48 -14.24 48.15
CA SER F 177 16.98 -15.15 47.12
C SER F 177 17.51 -14.75 45.76
N ALA F 178 17.08 -15.47 44.74
CA ALA F 178 17.76 -15.48 43.45
C ALA F 178 17.57 -14.23 42.65
N ASN F 179 16.42 -13.60 42.89
CA ASN F 179 16.00 -12.47 42.09
C ASN F 179 16.26 -11.07 42.71
N LEU F 180 16.96 -11.07 43.84
CA LEU F 180 17.63 -9.90 44.37
C LEU F 180 18.88 -9.60 43.49
N THR F 181 18.91 -8.41 42.88
CA THR F 181 20.05 -7.95 42.10
C THR F 181 21.08 -7.33 43.02
N PRO F 182 22.32 -7.12 42.54
CA PRO F 182 23.22 -6.30 43.34
C PRO F 182 22.55 -5.02 43.90
N GLY F 183 21.76 -4.32 43.11
CA GLY F 183 21.08 -3.13 43.59
C GLY F 183 19.96 -3.38 44.61
N ASP F 184 19.50 -4.62 44.70
CA ASP F 184 18.55 -4.97 45.75
C ASP F 184 19.31 -5.22 47.03
N LEU F 185 20.46 -5.86 46.86
CA LEU F 185 21.31 -6.33 47.94
C LEU F 185 21.98 -5.14 48.61
N GLU F 186 22.41 -4.18 47.79
CA GLU F 186 22.92 -2.91 48.31
C GLU F 186 21.85 -2.16 49.09
N TYR F 187 20.65 -2.05 48.55
CA TYR F 187 19.60 -1.51 49.40
C TYR F 187 19.45 -2.30 50.66
N ILE F 188 19.46 -3.63 50.58
CA ILE F 188 19.17 -4.41 51.79
C ILE F 188 20.24 -4.21 52.84
N ALA F 189 21.50 -4.10 52.39
CA ALA F 189 22.66 -3.91 53.29
C ALA F 189 22.75 -2.48 53.86
N GLU F 190 22.66 -1.47 52.97
CA GLU F 190 22.62 -0.07 53.40
C GLU F 190 21.42 0.12 54.32
N SER F 191 20.25 -0.38 53.92
CA SER F 191 19.09 -0.25 54.80
C SER F 191 19.35 -0.80 56.21
N ILE F 192 19.99 -1.95 56.29
CA ILE F 192 20.38 -2.53 57.58
C ILE F 192 21.37 -1.60 58.31
N GLU F 193 22.58 -1.48 57.79
CA GLU F 193 23.57 -0.52 58.33
C GLU F 193 23.02 0.84 58.84
N SER F 194 21.98 1.36 58.21
CA SER F 194 21.45 2.64 58.64
C SER F 194 20.77 2.56 60.01
N PHE F 195 20.52 1.34 60.47
CA PHE F 195 19.90 1.13 61.78
C PHE F 195 20.96 0.80 62.80
N GLY F 196 22.22 0.88 62.37
CA GLY F 196 23.32 0.53 63.22
C GLY F 196 23.61 -0.93 63.29
N LEU F 197 22.84 -1.72 62.56
CA LEU F 197 23.12 -3.14 62.54
C LEU F 197 24.25 -3.36 61.60
N ARG F 198 24.62 -4.61 61.42
CA ARG F 198 25.67 -4.92 60.45
C ARG F 198 25.26 -6.19 59.73
N PRO F 199 25.07 -6.09 58.40
CA PRO F 199 24.57 -7.23 57.64
C PRO F 199 25.64 -8.23 57.30
N LEU F 200 25.30 -9.50 57.46
CA LEU F 200 26.02 -10.59 56.82
C LEU F 200 25.09 -11.15 55.75
N LEU F 201 25.28 -10.73 54.49
CA LEU F 201 24.43 -11.16 53.38
C LEU F 201 24.77 -12.58 52.91
N ILE F 202 23.80 -13.48 52.89
CA ILE F 202 24.06 -14.82 52.43
C ILE F 202 23.15 -15.21 51.28
N PRO F 203 23.75 -15.41 50.07
CA PRO F 203 25.11 -14.91 49.76
C PRO F 203 25.09 -13.48 49.19
N ASP F 204 26.20 -13.08 48.55
CA ASP F 204 26.32 -11.65 48.23
C ASP F 204 26.79 -11.39 46.81
N LEU F 205 25.82 -11.29 45.91
CA LEU F 205 26.09 -10.95 44.53
C LEU F 205 26.59 -9.53 44.40
N SER F 206 26.25 -8.68 45.39
CA SER F 206 26.74 -7.29 45.41
C SER F 206 28.26 -7.23 45.32
N GLY F 207 28.92 -8.18 45.96
CA GLY F 207 30.37 -8.16 46.00
C GLY F 207 31.00 -8.69 44.73
N SER F 208 30.36 -9.69 44.12
CA SER F 208 30.93 -10.40 42.97
C SER F 208 30.60 -9.80 41.62
N LEU F 209 29.35 -9.36 41.45
CA LEU F 209 28.94 -8.97 40.10
C LEU F 209 28.54 -7.51 39.85
N ASP F 210 29.56 -6.72 39.47
CA ASP F 210 29.48 -5.48 38.68
C ASP F 210 30.88 -5.27 38.15
N GLY F 211 31.26 -4.01 37.98
CA GLY F 211 32.65 -3.72 37.67
C GLY F 211 33.30 -3.51 39.01
N HIS F 212 34.14 -4.45 39.45
CA HIS F 212 34.52 -4.41 40.85
C HIS F 212 36.01 -4.59 41.15
N LEU F 213 36.86 -4.66 40.12
CA LEU F 213 38.27 -4.99 40.37
C LEU F 213 39.36 -4.12 39.73
N ASP F 214 40.58 -4.34 40.24
CA ASP F 214 41.76 -3.53 39.95
C ASP F 214 42.98 -4.34 39.51
N GLU F 215 42.86 -5.67 39.53
CA GLU F 215 43.83 -6.51 38.84
C GLU F 215 43.47 -6.58 37.36
N ASN F 216 44.48 -6.79 36.52
CA ASN F 216 44.24 -6.98 35.10
C ASN F 216 43.44 -8.27 34.84
N ARG F 217 43.56 -9.24 35.75
CA ARG F 217 42.91 -10.55 35.60
C ARG F 217 42.44 -11.13 36.94
N PHE F 218 41.20 -11.65 36.96
CA PHE F 218 40.57 -12.03 38.21
C PHE F 218 40.06 -13.45 38.22
N ASN F 219 40.75 -14.31 37.48
CA ASN F 219 40.69 -15.77 37.63
C ASN F 219 39.49 -16.43 38.33
N ALA F 220 39.27 -16.15 39.60
CA ALA F 220 38.26 -16.89 40.34
C ALA F 220 37.29 -15.99 41.07
N LEU F 221 36.88 -14.89 40.48
CA LEU F 221 35.78 -14.15 41.08
C LEU F 221 36.17 -13.31 42.31
N THR F 222 37.44 -13.38 42.71
CA THR F 222 38.04 -12.58 43.79
C THR F 222 37.24 -11.34 44.20
N THR F 223 36.55 -10.76 43.23
CA THR F 223 35.68 -9.64 43.48
C THR F 223 34.40 -10.17 44.13
N GLY F 224 34.51 -10.98 45.19
CA GLY F 224 33.42 -11.87 45.54
C GLY F 224 32.44 -11.31 46.54
N GLY F 225 31.48 -12.14 46.93
CA GLY F 225 30.55 -11.74 47.98
C GLY F 225 31.02 -12.24 49.33
N LEU F 226 30.57 -13.44 49.70
CA LEU F 226 30.77 -13.99 51.03
C LEU F 226 32.12 -14.62 51.17
N SER F 227 32.84 -14.21 52.21
CA SER F 227 34.04 -14.87 52.63
C SER F 227 33.57 -16.03 53.51
N VAL F 228 34.06 -17.23 53.23
CA VAL F 228 33.82 -18.36 54.14
C VAL F 228 34.23 -17.90 55.53
N ALA F 229 35.39 -17.25 55.59
CA ALA F 229 35.87 -16.63 56.81
C ALA F 229 34.69 -16.02 57.56
N GLU F 230 34.00 -15.06 56.94
CA GLU F 230 32.93 -14.35 57.63
C GLU F 230 31.58 -15.09 57.60
N LEU F 231 31.45 -16.10 56.76
CA LEU F 231 30.24 -16.89 56.75
C LEU F 231 30.25 -17.75 58.00
N ALA F 232 31.44 -18.22 58.35
CA ALA F 232 31.67 -18.94 59.62
C ALA F 232 30.99 -18.28 60.81
N THR F 233 30.94 -16.96 60.83
CA THR F 233 30.48 -16.26 62.01
C THR F 233 28.98 -16.03 62.00
N ALA F 234 28.28 -16.68 61.07
CA ALA F 234 26.83 -16.49 60.96
C ALA F 234 26.17 -17.22 62.10
N GLY F 235 26.94 -18.13 62.69
CA GLY F 235 26.47 -18.93 63.81
C GLY F 235 25.87 -18.05 64.89
N GLN F 236 26.66 -17.06 65.34
CA GLN F 236 26.24 -16.05 66.31
C GLN F 236 25.78 -14.78 65.62
N SER F 237 24.63 -14.25 66.06
CA SER F 237 24.05 -13.10 65.42
C SER F 237 22.67 -12.91 66.01
N VAL F 238 22.28 -11.66 66.23
CA VAL F 238 21.01 -11.36 66.89
C VAL F 238 19.84 -12.09 66.23
N ALA F 239 19.58 -11.79 64.95
CA ALA F 239 18.51 -12.45 64.20
C ALA F 239 18.95 -12.74 62.76
N THR F 240 18.15 -13.53 62.03
CA THR F 240 18.37 -13.75 60.60
C THR F 240 17.13 -13.30 59.82
N LEU F 241 17.31 -12.42 58.84
CA LEU F 241 16.22 -11.98 57.96
C LEU F 241 16.14 -12.79 56.66
N VAL F 242 14.94 -13.22 56.30
CA VAL F 242 14.83 -14.11 55.14
C VAL F 242 14.14 -13.37 54.02
N VAL F 243 14.86 -13.05 52.94
CA VAL F 243 14.22 -12.28 51.83
C VAL F 243 13.85 -13.12 50.60
N GLY F 244 12.58 -13.50 50.56
CA GLY F 244 12.03 -14.26 49.45
C GLY F 244 11.63 -15.68 49.84
N GLN F 245 10.36 -16.01 49.71
CA GLN F 245 9.88 -17.33 50.14
C GLN F 245 10.66 -18.54 49.57
N SER F 246 11.29 -18.41 48.40
CA SER F 246 11.99 -19.55 47.79
C SER F 246 12.99 -20.18 48.78
N LEU F 247 13.29 -19.41 49.84
CA LEU F 247 14.36 -19.73 50.78
C LEU F 247 13.91 -20.35 52.09
N ALA F 248 12.66 -20.78 52.19
CA ALA F 248 12.16 -21.27 53.47
C ALA F 248 12.98 -22.48 53.96
N GLY F 249 13.20 -23.43 53.06
CA GLY F 249 14.04 -24.59 53.35
C GLY F 249 15.48 -24.27 53.71
N ALA F 250 15.94 -23.07 53.41
CA ALA F 250 17.29 -22.67 53.79
C ALA F 250 17.21 -21.97 55.13
N ALA F 251 16.10 -21.23 55.33
CA ALA F 251 15.82 -20.60 56.61
C ALA F 251 15.66 -21.68 57.69
N ASP F 252 15.09 -22.81 57.31
CA ASP F 252 14.97 -23.97 58.21
C ASP F 252 16.33 -24.57 58.54
N ALA F 253 17.14 -24.83 57.51
CA ALA F 253 18.51 -25.35 57.68
C ALA F 253 19.35 -24.43 58.55
N LEU F 254 19.44 -23.17 58.15
CA LEU F 254 20.06 -22.12 58.95
C LEU F 254 19.57 -22.09 60.42
N ALA F 255 18.26 -22.16 60.63
CA ALA F 255 17.64 -22.03 61.96
C ALA F 255 17.83 -23.22 62.90
N GLU F 256 17.83 -24.43 62.37
CA GLU F 256 18.03 -25.61 63.21
C GLU F 256 19.46 -25.66 63.77
N ARG F 257 20.45 -25.44 62.92
CA ARG F 257 21.86 -25.61 63.31
C ARG F 257 22.44 -24.53 64.24
N THR F 258 21.93 -23.31 64.10
CA THR F 258 22.11 -22.26 65.09
C THR F 258 20.76 -22.09 65.79
N GLY F 259 20.65 -21.11 66.68
CA GLY F 259 19.38 -20.85 67.30
C GLY F 259 18.79 -19.51 66.89
N VAL F 260 19.50 -18.81 66.02
CA VAL F 260 19.13 -17.46 65.57
C VAL F 260 17.72 -17.45 65.00
N PRO F 261 16.82 -16.63 65.56
CA PRO F 261 15.41 -16.65 65.17
C PRO F 261 15.05 -15.82 63.89
N ASP F 262 14.48 -16.47 62.86
CA ASP F 262 14.10 -15.84 61.59
C ASP F 262 12.88 -14.94 61.68
N ARG F 263 12.90 -13.87 60.90
CA ARG F 263 11.73 -13.04 60.68
C ARG F 263 11.71 -12.82 59.19
N ARG F 264 10.93 -13.59 58.45
CA ARG F 264 11.13 -13.69 57.01
C ARG F 264 10.06 -13.03 56.14
N PHE F 265 10.41 -12.80 54.87
CA PHE F 265 9.47 -13.07 53.78
C PHE F 265 9.60 -12.32 52.47
N GLY F 266 8.58 -11.51 52.21
CA GLY F 266 8.30 -11.02 50.87
C GLY F 266 9.44 -10.34 50.16
N MET F 267 9.43 -10.46 48.84
CA MET F 267 10.14 -9.51 48.01
C MET F 267 9.80 -8.09 48.52
N LEU F 268 10.80 -7.22 48.55
CA LEU F 268 10.63 -5.92 49.23
C LEU F 268 10.01 -4.79 48.36
N TYR F 269 8.76 -5.07 47.95
CA TYR F 269 7.99 -4.24 47.06
C TYR F 269 6.72 -3.71 47.71
N GLY F 270 6.49 -2.41 47.55
CA GLY F 270 5.21 -1.79 47.92
C GLY F 270 5.30 -1.20 49.31
N LEU F 271 4.22 -0.52 49.73
CA LEU F 271 4.18 0.05 51.06
C LEU F 271 4.35 -1.05 52.10
N ASP F 272 3.32 -1.88 52.24
CA ASP F 272 3.33 -2.87 53.30
C ASP F 272 4.67 -3.59 53.34
N ALA F 273 5.12 -4.11 52.21
CA ALA F 273 6.38 -4.88 52.18
C ALA F 273 7.57 -4.17 52.84
N VAL F 274 7.75 -2.88 52.56
CA VAL F 274 8.86 -2.13 53.13
C VAL F 274 8.59 -1.59 54.55
N ASP F 275 7.35 -1.16 54.81
CA ASP F 275 6.87 -0.85 56.16
C ASP F 275 7.33 -1.97 57.08
N ALA F 276 6.79 -3.16 56.87
CA ALA F 276 7.19 -4.28 57.68
C ALA F 276 8.71 -4.54 57.65
N TRP F 277 9.41 -4.22 56.55
CA TRP F 277 10.87 -4.48 56.62
C TRP F 277 11.57 -3.58 57.60
N LEU F 278 11.17 -2.32 57.60
CA LEU F 278 11.77 -1.32 58.44
C LEU F 278 11.38 -1.55 59.92
N MET F 279 10.09 -1.76 60.20
CA MET F 279 9.62 -2.20 61.54
C MET F 279 10.44 -3.33 62.17
N ALA F 280 10.53 -4.45 61.47
CA ALA F 280 11.30 -5.58 61.97
C ALA F 280 12.70 -5.13 62.29
N LEU F 281 13.16 -4.10 61.59
CA LEU F 281 14.52 -3.64 61.82
C LEU F 281 14.59 -2.75 63.06
N ALA F 282 13.56 -1.93 63.23
CA ALA F 282 13.48 -1.00 64.33
C ALA F 282 13.34 -1.77 65.64
N GLU F 283 12.64 -2.90 65.56
CA GLU F 283 12.41 -3.76 66.70
C GLU F 283 13.69 -4.50 67.03
N ILE F 284 14.29 -5.11 66.01
CA ILE F 284 15.53 -5.85 66.20
C ILE F 284 16.61 -5.00 66.88
N SER F 285 16.56 -3.67 66.68
CA SER F 285 17.63 -2.80 67.16
C SER F 285 17.19 -1.71 68.11
N GLY F 286 15.91 -1.64 68.44
CA GLY F 286 15.44 -0.63 69.37
C GLY F 286 15.32 0.76 68.76
N ASN F 287 16.43 1.29 68.26
CA ASN F 287 16.41 2.62 67.66
C ASN F 287 15.37 2.73 66.55
N PRO F 288 15.02 3.97 66.16
CA PRO F 288 13.87 4.20 65.29
C PRO F 288 14.21 4.20 63.77
N VAL F 289 13.18 4.27 62.93
CA VAL F 289 13.33 4.37 61.48
C VAL F 289 13.91 5.72 61.09
N PRO F 290 15.12 5.71 60.50
CA PRO F 290 15.87 6.93 60.14
C PRO F 290 14.99 7.92 59.41
N ASP F 291 15.25 9.21 59.55
CA ASP F 291 14.43 10.23 58.89
C ASP F 291 14.39 10.01 57.37
N ARG F 292 15.47 9.48 56.80
CA ARG F 292 15.53 9.21 55.37
C ARG F 292 14.35 8.36 54.88
N TYR F 293 14.17 7.16 55.45
CA TYR F 293 13.11 6.28 54.97
C TYR F 293 11.73 6.77 55.41
N LYS F 294 11.69 7.78 56.27
CA LYS F 294 10.40 8.38 56.65
C LYS F 294 9.95 9.25 55.50
N ARG F 295 10.94 9.78 54.80
CA ARG F 295 10.69 10.71 53.74
C ARG F 295 10.34 9.90 52.50
N GLN F 296 11.10 8.83 52.28
CA GLN F 296 10.88 8.05 51.07
C GLN F 296 9.46 7.51 51.08
N ARG F 297 8.98 7.09 52.23
CA ARG F 297 7.66 6.51 52.27
C ARG F 297 6.70 7.58 51.81
N ALA F 298 6.97 8.82 52.15
CA ALA F 298 6.12 9.92 51.75
C ALA F 298 6.25 10.18 50.26
N GLN F 299 7.44 9.94 49.73
CA GLN F 299 7.68 10.05 48.31
C GLN F 299 6.93 8.93 47.54
N LEU F 300 7.08 7.69 48.01
CA LEU F 300 6.33 6.59 47.41
C LEU F 300 4.85 6.91 47.42
N GLN F 301 4.32 7.34 48.56
CA GLN F 301 2.87 7.54 48.63
C GLN F 301 2.48 8.51 47.58
N ASP F 302 3.33 9.50 47.33
CA ASP F 302 2.97 10.50 46.32
C ASP F 302 2.99 9.89 44.91
N ALA F 303 3.99 9.06 44.64
CA ALA F 303 4.09 8.33 43.38
C ALA F 303 2.89 7.42 43.17
N MET F 304 2.21 7.07 44.25
CA MET F 304 0.99 6.27 44.10
C MET F 304 -0.18 7.15 43.69
N LEU F 305 -0.22 8.34 44.26
CA LEU F 305 -1.26 9.29 43.89
C LEU F 305 -1.12 9.72 42.41
N ASP F 306 0.11 10.02 41.97
CA ASP F 306 0.35 10.47 40.59
C ASP F 306 0.25 9.36 39.51
N THR F 307 0.47 8.12 39.90
CA THR F 307 0.42 7.02 38.97
C THR F 307 -0.85 6.23 39.11
N HIS F 308 -1.69 6.60 40.06
CA HIS F 308 -2.94 5.86 40.22
C HIS F 308 -3.85 5.98 39.00
N PHE F 309 -3.83 7.13 38.33
CA PHE F 309 -4.68 7.30 37.15
C PHE F 309 -4.41 6.24 36.09
N MET F 310 -3.12 6.06 35.79
CA MET F 310 -2.70 5.14 34.72
C MET F 310 -2.68 3.68 35.15
N LEU F 311 -2.21 3.39 36.37
CA LEU F 311 -2.14 2.01 36.85
C LEU F 311 -3.43 1.40 37.42
N SER F 312 -4.29 2.19 38.04
CA SER F 312 -5.57 1.66 38.54
C SER F 312 -6.34 0.91 37.46
N SER F 313 -6.41 -0.39 37.61
CA SER F 313 -7.18 -1.25 36.69
C SER F 313 -6.45 -1.78 35.45
N ALA F 314 -5.15 -1.51 35.37
CA ALA F 314 -4.31 -2.06 34.30
C ALA F 314 -4.25 -3.58 34.28
N ARG F 315 -4.55 -4.18 33.15
CA ARG F 315 -4.24 -5.57 32.97
C ARG F 315 -2.73 -5.84 32.70
N THR F 316 -2.12 -6.70 33.51
CA THR F 316 -0.70 -6.98 33.33
C THR F 316 -0.60 -8.46 33.21
N ALA F 317 0.57 -8.91 32.78
CA ALA F 317 0.78 -10.33 32.57
C ALA F 317 2.20 -10.53 32.94
N ILE F 318 2.43 -11.45 33.85
CA ILE F 318 3.73 -11.59 34.42
C ILE F 318 4.32 -12.96 34.12
N ALA F 319 5.57 -12.98 33.68
CA ALA F 319 6.27 -14.23 33.41
C ALA F 319 7.58 -14.24 34.18
N ALA F 320 7.57 -14.84 35.35
CA ALA F 320 8.67 -14.66 36.26
C ALA F 320 8.71 -15.75 37.28
N ASP F 321 9.86 -15.94 37.93
CA ASP F 321 10.02 -16.90 39.01
C ASP F 321 8.96 -16.64 40.07
N PRO F 322 8.62 -17.65 40.87
CA PRO F 322 7.49 -17.46 41.79
C PRO F 322 7.65 -16.25 42.69
N ASP F 323 8.87 -16.05 43.23
CA ASP F 323 9.09 -14.90 44.14
C ASP F 323 8.72 -13.58 43.47
N LEU F 324 9.45 -13.19 42.42
CA LEU F 324 9.10 -12.00 41.64
C LEU F 324 7.56 -11.92 41.36
N LEU F 325 6.94 -13.03 41.02
CA LEU F 325 5.52 -13.03 40.68
C LEU F 325 4.79 -12.42 41.85
N LEU F 326 5.01 -13.02 43.02
CA LEU F 326 4.27 -12.62 44.22
C LEU F 326 4.64 -11.21 44.59
N GLY F 327 5.91 -10.89 44.36
CA GLY F 327 6.43 -9.56 44.65
C GLY F 327 5.82 -8.50 43.75
N PHE F 328 5.62 -8.83 42.48
CA PHE F 328 5.07 -7.83 41.56
C PHE F 328 3.56 -7.78 41.69
N ASP F 329 2.99 -8.89 42.12
CA ASP F 329 1.55 -9.01 42.20
C ASP F 329 1.12 -8.15 43.37
N ALA F 330 1.89 -8.22 44.46
CA ALA F 330 1.57 -7.42 45.62
C ALA F 330 1.63 -5.95 45.28
N LEU F 331 2.82 -5.51 44.89
CA LEU F 331 3.03 -4.12 44.47
C LEU F 331 1.89 -3.60 43.61
N LEU F 332 1.49 -4.38 42.60
CA LEU F 332 0.51 -3.95 41.63
C LEU F 332 -0.87 -3.88 42.27
N ARG F 333 -1.11 -4.78 43.21
CA ARG F 333 -2.44 -4.90 43.78
C ARG F 333 -2.67 -3.72 44.67
N SER F 334 -1.58 -3.13 45.15
CA SER F 334 -1.68 -1.93 45.98
C SER F 334 -2.06 -0.73 45.15
N MET F 335 -2.16 -0.94 43.84
CA MET F 335 -2.51 0.15 42.94
C MET F 335 -3.85 -0.04 42.27
N GLY F 336 -4.43 -1.23 42.37
CA GLY F 336 -5.70 -1.44 41.70
C GLY F 336 -5.41 -2.08 40.36
N ALA F 337 -4.16 -2.46 40.18
CA ALA F 337 -3.77 -3.14 38.97
C ALA F 337 -4.13 -4.62 39.12
N HIS F 338 -4.75 -5.18 38.07
CA HIS F 338 -5.06 -6.62 37.97
C HIS F 338 -3.99 -7.40 37.24
N THR F 339 -3.41 -8.44 37.85
CA THR F 339 -2.56 -9.31 37.05
C THR F 339 -3.41 -10.41 36.42
N VAL F 340 -3.60 -10.27 35.11
CA VAL F 340 -4.53 -10.99 34.28
C VAL F 340 -3.93 -12.30 33.75
N ALA F 341 -2.71 -12.60 34.16
CA ALA F 341 -2.00 -13.67 33.49
C ALA F 341 -0.67 -13.84 34.16
N ALA F 342 -0.50 -14.98 34.82
CA ALA F 342 0.75 -15.22 35.52
C ALA F 342 1.23 -16.54 35.06
N VAL F 343 2.50 -16.59 34.67
CA VAL F 343 3.08 -17.79 34.12
C VAL F 343 4.39 -18.03 34.83
N VAL F 344 4.53 -19.22 35.37
CA VAL F 344 5.66 -19.54 36.18
C VAL F 344 6.42 -20.70 35.54
N PRO F 345 7.69 -20.86 35.88
CA PRO F 345 8.51 -21.95 35.33
C PRO F 345 8.31 -23.35 35.98
N ALA F 346 7.90 -23.40 37.25
CA ALA F 346 7.70 -24.66 38.01
C ALA F 346 6.85 -24.50 39.26
N ARG F 347 6.30 -25.61 39.74
CA ARG F 347 5.31 -25.55 40.83
C ARG F 347 5.68 -24.56 41.94
N ALA F 348 6.79 -24.80 42.65
CA ALA F 348 7.22 -23.93 43.74
C ALA F 348 6.15 -23.68 44.83
N ALA F 349 6.60 -23.58 46.09
CA ALA F 349 5.73 -23.30 47.25
C ALA F 349 4.64 -22.29 46.94
N ALA F 350 4.72 -21.11 47.57
CA ALA F 350 3.78 -20.01 47.30
C ALA F 350 2.49 -20.61 46.80
N LEU F 351 2.01 -21.57 47.60
CA LEU F 351 0.75 -22.24 47.39
C LEU F 351 -0.34 -21.28 47.83
N VAL F 352 -1.56 -21.79 47.97
CA VAL F 352 -2.74 -20.93 48.02
C VAL F 352 -2.66 -20.01 46.81
N ASP F 353 -1.54 -20.11 46.09
CA ASP F 353 -1.29 -19.35 44.90
C ASP F 353 -0.92 -17.90 45.24
N SER F 354 -0.97 -17.56 46.53
CA SER F 354 -1.11 -16.16 46.96
C SER F 354 -2.59 -15.79 46.71
N PRO F 355 -2.92 -14.52 46.45
CA PRO F 355 -4.36 -14.26 46.22
C PRO F 355 -4.86 -14.40 44.77
N LEU F 356 -3.99 -14.68 43.81
CA LEU F 356 -4.41 -14.98 42.44
C LEU F 356 -5.27 -16.25 42.32
N PRO F 357 -6.42 -16.13 41.62
CA PRO F 357 -7.26 -17.31 41.47
C PRO F 357 -6.43 -18.46 40.94
N SER F 358 -5.42 -18.15 40.12
CA SER F 358 -4.60 -19.20 39.52
C SER F 358 -3.33 -18.69 38.84
N VAL F 359 -2.41 -19.60 38.56
CA VAL F 359 -1.15 -19.28 37.89
C VAL F 359 -0.70 -20.52 37.14
N ARG F 360 0.03 -20.34 36.07
CA ARG F 360 0.33 -21.46 35.21
C ARG F 360 1.81 -21.79 35.22
N VAL F 361 2.11 -23.04 34.98
CA VAL F 361 3.46 -23.41 34.69
C VAL F 361 3.54 -23.88 33.23
N GLY F 362 4.23 -23.13 32.36
CA GLY F 362 4.27 -23.51 30.95
C GLY F 362 4.86 -22.50 29.96
N ASP F 363 5.42 -21.45 30.51
CA ASP F 363 6.35 -20.68 29.73
C ASP F 363 5.75 -19.83 28.59
N LEU F 364 6.59 -19.29 27.72
CA LEU F 364 6.22 -18.00 27.14
C LEU F 364 5.10 -18.12 26.13
N GLU F 365 5.04 -19.24 25.42
CA GLU F 365 3.96 -19.48 24.49
C GLU F 365 2.65 -19.41 25.28
N ASP F 366 2.69 -19.89 26.51
CA ASP F 366 1.50 -19.89 27.31
C ASP F 366 1.12 -18.45 27.64
N LEU F 367 2.15 -17.67 27.94
CA LEU F 367 1.97 -16.31 28.40
C LEU F 367 1.28 -15.52 27.29
N GLU F 368 1.81 -15.66 26.07
CA GLU F 368 1.26 -14.90 24.97
C GLU F 368 -0.24 -15.11 24.83
N HIS F 369 -0.69 -16.36 24.98
CA HIS F 369 -2.10 -16.70 24.82
C HIS F 369 -2.99 -16.40 26.04
N ALA F 370 -2.46 -16.66 27.23
CA ALA F 370 -3.13 -16.24 28.43
C ALA F 370 -3.24 -14.70 28.45
N ALA F 371 -2.15 -14.02 28.07
CA ALA F 371 -2.17 -12.53 28.06
C ALA F 371 -3.20 -12.01 27.10
N ARG F 372 -3.25 -12.64 25.95
CA ARG F 372 -4.17 -12.24 24.92
C ARG F 372 -5.61 -12.52 25.41
N ALA F 373 -5.74 -13.56 26.21
CA ALA F 373 -7.04 -14.02 26.62
C ALA F 373 -7.69 -12.91 27.42
N GLY F 374 -7.02 -12.53 28.51
CA GLY F 374 -7.50 -11.51 29.43
C GLY F 374 -7.13 -10.07 29.08
N GLN F 375 -6.41 -9.89 27.97
CA GLN F 375 -6.20 -8.56 27.43
C GLN F 375 -5.16 -7.78 28.19
N ALA F 376 -4.04 -8.44 28.44
CA ALA F 376 -2.85 -7.77 28.96
C ALA F 376 -2.72 -6.40 28.33
N GLN F 377 -2.38 -5.37 29.12
CA GLN F 377 -2.07 -4.05 28.55
C GLN F 377 -0.56 -3.84 28.51
N LEU F 378 0.12 -4.74 29.20
CA LEU F 378 1.48 -4.54 29.63
C LEU F 378 1.94 -5.92 30.00
N VAL F 379 3.21 -6.22 29.69
CA VAL F 379 3.81 -7.51 30.06
C VAL F 379 5.15 -7.36 30.81
N ILE F 380 5.23 -7.90 32.03
CA ILE F 380 6.47 -7.93 32.80
C ILE F 380 7.16 -9.28 32.62
N GLY F 381 8.46 -9.31 32.31
CA GLY F 381 9.18 -10.55 32.01
C GLY F 381 10.65 -10.29 31.70
N ASN F 382 11.36 -11.27 31.15
CA ASN F 382 12.77 -11.06 30.81
C ASN F 382 12.93 -10.77 29.35
N SER F 383 14.18 -10.58 28.92
CA SER F 383 14.50 -10.32 27.54
C SER F 383 13.88 -11.34 26.55
N HIS F 384 13.57 -12.54 27.02
CA HIS F 384 12.91 -13.52 26.17
C HIS F 384 11.47 -13.10 25.92
N ALA F 385 10.96 -12.21 26.78
CA ALA F 385 9.56 -11.80 26.62
C ALA F 385 9.35 -10.72 25.55
N LEU F 386 10.41 -10.00 25.17
CA LEU F 386 10.28 -8.99 24.10
C LEU F 386 9.37 -9.60 23.06
N ALA F 387 9.89 -10.59 22.33
CA ALA F 387 9.13 -11.27 21.28
C ALA F 387 7.63 -11.54 21.60
N SER F 388 7.32 -12.02 22.79
CA SER F 388 5.89 -12.27 23.15
C SER F 388 5.13 -10.97 23.17
N ALA F 389 5.60 -10.04 24.00
CA ALA F 389 5.14 -8.64 23.99
C ALA F 389 5.01 -8.04 22.62
N ARG F 390 6.07 -8.09 21.80
CA ARG F 390 6.08 -7.46 20.48
C ARG F 390 5.05 -8.16 19.61
N ARG F 391 4.80 -9.43 19.90
CA ARG F 391 3.83 -10.24 19.14
C ARG F 391 2.37 -10.05 19.67
N LEU F 392 2.21 -9.54 20.89
CA LEU F 392 0.93 -8.93 21.25
C LEU F 392 1.20 -7.53 20.78
N GLY F 393 0.33 -6.57 21.09
CA GLY F 393 0.65 -5.21 20.67
C GLY F 393 1.12 -4.38 21.86
N VAL F 394 2.11 -4.87 22.63
CA VAL F 394 2.22 -4.45 24.05
C VAL F 394 3.62 -4.18 24.66
N PRO F 395 3.69 -3.28 25.66
CA PRO F 395 4.96 -2.84 26.24
C PRO F 395 5.57 -3.90 27.13
N LEU F 396 6.91 -3.88 27.26
CA LEU F 396 7.65 -4.82 28.09
C LEU F 396 8.42 -4.02 29.16
N LEU F 397 8.43 -4.54 30.38
CA LEU F 397 9.25 -4.04 31.46
C LEU F 397 10.01 -5.23 31.97
N ARG F 398 11.27 -5.39 31.56
CA ARG F 398 11.93 -6.60 31.93
C ARG F 398 12.35 -6.62 33.39
N ALA F 399 12.29 -7.83 33.95
CA ALA F 399 12.75 -8.16 35.29
C ALA F 399 13.05 -9.65 35.15
N GLY F 400 13.81 -10.23 36.04
CA GLY F 400 14.15 -11.61 35.81
C GLY F 400 15.49 -11.81 35.15
N PHE F 401 15.87 -13.08 35.02
CA PHE F 401 17.28 -13.36 35.02
C PHE F 401 17.98 -13.69 33.71
N PRO F 402 17.22 -13.80 32.64
CA PRO F 402 17.93 -13.49 31.40
C PRO F 402 17.53 -12.08 30.88
N GLN F 403 18.41 -11.09 31.04
CA GLN F 403 18.26 -9.86 30.25
C GLN F 403 19.53 -9.38 29.56
N TYR F 404 19.77 -10.00 28.40
CA TYR F 404 20.96 -9.77 27.61
C TYR F 404 20.83 -8.56 26.68
N ASP F 405 19.64 -7.98 26.63
CA ASP F 405 19.41 -6.92 25.66
C ASP F 405 19.42 -5.56 26.27
N LEU F 406 19.73 -5.49 27.57
CA LEU F 406 19.56 -4.23 28.31
C LEU F 406 20.78 -3.91 29.10
N LEU F 407 21.45 -2.81 28.78
CA LEU F 407 22.71 -2.44 29.45
C LEU F 407 22.59 -2.27 30.97
N GLY F 408 21.56 -1.56 31.43
CA GLY F 408 21.44 -1.26 32.85
C GLY F 408 21.00 -2.38 33.79
N GLY F 409 20.36 -3.42 33.26
CA GLY F 409 19.39 -4.23 34.03
C GLY F 409 19.80 -5.21 35.11
N PHE F 410 21.02 -5.75 35.03
CA PHE F 410 21.39 -6.79 35.97
C PHE F 410 21.55 -6.17 37.33
N GLN F 411 21.41 -4.86 37.38
CA GLN F 411 21.89 -4.08 38.52
C GLN F 411 20.78 -3.16 39.09
N ARG F 412 19.65 -3.17 38.46
CA ARG F 412 18.55 -2.31 38.92
C ARG F 412 18.10 -2.62 40.37
N CYS F 413 18.01 -1.63 41.24
CA CYS F 413 17.40 -1.89 42.55
C CYS F 413 15.86 -1.86 42.47
N TRP F 414 15.21 -3.01 42.49
CA TRP F 414 13.76 -3.03 42.43
C TRP F 414 13.15 -2.64 43.78
N SER F 415 13.88 -2.95 44.84
CA SER F 415 13.39 -3.01 46.22
C SER F 415 13.32 -1.72 46.96
N GLY F 416 12.42 -1.71 47.95
CA GLY F 416 12.21 -0.61 48.88
C GLY F 416 11.35 0.46 48.29
N TYR F 417 11.34 1.63 48.94
CA TYR F 417 10.45 2.76 48.68
C TYR F 417 10.70 3.48 47.36
N ARG F 418 11.97 3.72 47.06
CA ARG F 418 12.36 4.30 45.78
C ARG F 418 12.28 3.26 44.70
N GLY F 419 12.89 2.09 44.93
CA GLY F 419 12.69 0.95 44.03
C GLY F 419 11.23 0.88 43.65
N SER F 420 10.37 0.68 44.64
CA SER F 420 8.93 0.55 44.37
C SER F 420 8.43 1.73 43.61
N SER F 421 8.79 2.95 44.02
CA SER F 421 8.20 4.09 43.35
C SER F 421 8.64 4.18 41.89
N GLN F 422 9.92 3.87 41.62
CA GLN F 422 10.50 3.94 40.30
C GLN F 422 9.85 2.90 39.38
N VAL F 423 9.50 1.75 39.95
CA VAL F 423 8.69 0.80 39.20
C VAL F 423 7.30 1.32 38.81
N LEU F 424 6.72 2.19 39.63
CA LEU F 424 5.41 2.77 39.24
C LEU F 424 5.61 3.81 38.13
N PHE F 425 6.60 4.67 38.29
CA PHE F 425 6.98 5.53 37.19
C PHE F 425 7.10 4.76 35.87
N ASP F 426 7.87 3.68 35.88
CA ASP F 426 8.03 2.91 34.63
C ASP F 426 6.72 2.34 34.01
N LEU F 427 5.93 1.61 34.77
CA LEU F 427 4.66 1.15 34.21
C LEU F 427 3.80 2.34 33.79
N ALA F 428 3.80 3.39 34.58
CA ALA F 428 3.01 4.56 34.20
C ALA F 428 3.41 5.07 32.82
N ASN F 429 4.72 5.28 32.64
CA ASN F 429 5.29 5.74 31.36
C ASN F 429 5.09 4.78 30.16
N LEU F 430 5.22 3.49 30.37
CA LEU F 430 4.95 2.54 29.30
C LEU F 430 3.47 2.59 28.96
N LEU F 431 2.60 2.40 29.94
CA LEU F 431 1.16 2.45 29.64
C LEU F 431 0.80 3.74 28.95
N VAL F 432 1.26 4.88 29.44
CA VAL F 432 0.88 6.16 28.83
C VAL F 432 1.22 6.21 27.33
N GLU F 433 2.46 5.87 26.96
CA GLU F 433 2.90 6.13 25.60
C GLU F 433 2.37 5.15 24.58
N HIS F 434 1.92 3.99 25.04
CA HIS F 434 1.34 3.04 24.11
C HIS F 434 -0.16 3.20 24.03
N HIS F 435 -0.67 4.34 24.46
CA HIS F 435 -2.11 4.54 24.47
C HIS F 435 -2.49 5.61 23.46
N GLY G 32 -19.82 38.06 37.48
CA GLY G 32 -19.01 38.76 36.49
C GLY G 32 -17.52 38.43 36.48
N CYS G 33 -16.70 39.39 36.93
CA CYS G 33 -15.23 39.30 36.98
C CYS G 33 -14.57 40.69 37.21
N ALA G 34 -13.49 40.73 38.00
CA ALA G 34 -12.77 42.00 38.27
C ALA G 34 -11.31 41.77 38.66
N LYS G 35 -11.12 40.90 39.66
CA LYS G 35 -9.80 40.46 40.12
C LYS G 35 -9.37 41.13 41.43
N PRO G 36 -9.12 40.33 42.49
CA PRO G 36 -8.50 40.79 43.73
C PRO G 36 -7.11 40.19 43.90
N LYS G 37 -6.08 41.03 44.02
CA LYS G 37 -4.71 40.53 44.15
C LYS G 37 -4.58 39.42 45.18
N PRO G 38 -3.67 38.47 44.94
CA PRO G 38 -3.54 37.09 45.41
C PRO G 38 -4.75 36.41 46.05
N GLY G 39 -5.93 36.60 45.44
CA GLY G 39 -7.13 35.94 45.93
C GLY G 39 -8.00 35.44 44.79
N ALA G 40 -8.04 34.11 44.62
CA ALA G 40 -8.65 33.49 43.42
C ALA G 40 -8.08 34.11 42.13
N THR G 41 -6.95 34.79 42.28
CA THR G 41 -6.25 35.42 41.17
C THR G 41 -5.44 34.36 40.45
N ASP G 42 -6.14 33.63 39.60
CA ASP G 42 -5.52 32.72 38.63
C ASP G 42 -6.65 32.51 37.65
N GLY G 43 -6.31 32.39 36.37
CA GLY G 43 -7.34 32.26 35.36
C GLY G 43 -6.76 32.50 34.00
N GLY G 44 -5.81 33.42 33.92
CA GLY G 44 -5.09 33.64 32.69
C GLY G 44 -5.72 34.73 31.88
N CYS G 45 -4.96 35.28 30.95
CA CYS G 45 -5.37 36.45 30.20
C CYS G 45 -6.46 36.12 29.21
N SER G 46 -6.93 37.19 28.60
CA SER G 46 -7.65 37.12 27.35
C SER G 46 -6.79 36.49 26.26
N PHE G 47 -5.47 36.66 26.30
CA PHE G 47 -4.64 36.04 25.26
C PHE G 47 -4.83 34.56 25.34
N ASP G 48 -4.43 33.97 26.46
CA ASP G 48 -4.72 32.58 26.76
C ASP G 48 -6.10 32.22 26.23
N GLY G 49 -7.11 33.03 26.54
CA GLY G 49 -8.47 32.74 26.10
C GLY G 49 -8.61 32.66 24.59
N ALA G 50 -8.11 33.68 23.91
CA ALA G 50 -8.16 33.69 22.45
C ALA G 50 -7.42 32.48 21.92
N GLN G 51 -6.25 32.15 22.50
CA GLN G 51 -5.49 30.97 22.03
C GLN G 51 -6.22 29.64 22.25
N ILE G 52 -7.07 29.58 23.27
CA ILE G 52 -7.81 28.36 23.51
C ILE G 52 -8.81 28.18 22.38
N ALA G 53 -9.22 29.28 21.77
CA ALA G 53 -10.31 29.24 20.80
C ALA G 53 -9.85 29.19 19.35
N LEU G 54 -8.64 29.65 19.09
CA LEU G 54 -8.22 29.73 17.71
C LEU G 54 -7.19 28.69 17.33
N LEU G 55 -6.47 28.20 18.33
CA LEU G 55 -5.45 27.18 18.10
C LEU G 55 -5.92 25.89 17.43
N PRO G 56 -7.13 25.42 17.77
CA PRO G 56 -7.52 24.15 17.16
C PRO G 56 -8.00 24.34 15.73
N VAL G 57 -7.35 25.26 15.02
CA VAL G 57 -7.47 25.42 13.59
C VAL G 57 -6.12 24.93 13.06
N ALA G 58 -6.06 23.65 12.74
CA ALA G 58 -4.77 22.99 12.63
C ALA G 58 -3.77 23.46 11.57
N ASP G 59 -4.21 23.81 10.37
CA ASP G 59 -3.24 24.04 9.29
C ASP G 59 -2.64 25.44 9.23
N VAL G 60 -3.08 26.28 10.15
CA VAL G 60 -2.76 27.70 10.21
C VAL G 60 -1.44 27.99 10.95
N ALA G 61 -0.88 29.19 10.79
CA ALA G 61 0.31 29.54 11.58
C ALA G 61 -0.01 30.58 12.64
N HIS G 62 0.39 30.30 13.87
CA HIS G 62 -0.22 30.94 14.98
C HIS G 62 0.85 31.67 15.70
N ILE G 63 1.09 32.91 15.29
CA ILE G 63 2.26 33.61 15.78
C ILE G 63 1.83 34.43 16.94
N VAL G 64 2.61 34.34 18.01
CA VAL G 64 2.37 35.03 19.25
C VAL G 64 3.34 36.19 19.21
N HIS G 65 2.79 37.39 19.36
CA HIS G 65 3.62 38.56 19.27
C HIS G 65 3.78 39.12 20.64
N GLY G 66 4.75 38.58 21.37
CA GLY G 66 5.10 39.03 22.68
C GLY G 66 6.52 38.62 22.99
N PRO G 67 6.89 38.69 24.28
CA PRO G 67 8.09 38.07 24.81
C PRO G 67 7.73 36.67 25.26
N ILE G 68 8.74 35.89 25.68
CA ILE G 68 8.48 34.50 26.01
C ILE G 68 7.42 34.22 27.06
N ALA G 69 7.07 35.21 27.86
CA ALA G 69 6.14 34.90 28.94
C ALA G 69 4.87 34.32 28.29
N CYS G 70 4.50 34.94 27.19
CA CYS G 70 3.30 34.63 26.45
C CYS G 70 3.32 33.27 25.78
N ALA G 71 4.20 33.11 24.79
CA ALA G 71 4.33 31.86 24.03
C ALA G 71 4.88 30.68 24.82
N GLY G 72 6.20 30.51 24.75
CA GLY G 72 6.95 29.51 25.50
C GLY G 72 6.15 28.40 26.14
N SER G 73 5.47 28.73 27.25
CA SER G 73 4.71 27.78 28.06
C SER G 73 3.40 27.26 27.46
N SER G 74 2.61 28.15 26.86
CA SER G 74 1.25 27.82 26.44
C SER G 74 1.25 27.00 25.18
N TRP G 75 2.42 26.41 24.89
CA TRP G 75 2.77 25.89 23.58
C TRP G 75 2.65 24.37 23.44
N ASP G 76 3.29 23.64 24.35
CA ASP G 76 2.99 22.23 24.57
C ASP G 76 1.48 22.15 24.49
N ASN G 77 0.85 23.03 25.28
CA ASN G 77 -0.57 23.35 25.16
C ASN G 77 -1.47 22.31 25.78
N ARG G 78 -2.68 22.21 25.25
CA ARG G 78 -3.61 21.19 25.68
C ARG G 78 -4.69 20.88 24.63
N GLY G 79 -5.16 19.64 24.70
CA GLY G 79 -6.48 19.34 24.18
C GLY G 79 -6.63 18.78 22.78
N THR G 80 -7.00 19.67 21.85
CA THR G 80 -7.47 19.25 20.54
C THR G 80 -6.64 18.12 19.96
N ARG G 81 -7.30 17.41 19.04
CA ARG G 81 -6.68 16.37 18.31
C ARG G 81 -6.94 16.76 16.88
N SER G 82 -5.95 16.57 16.02
CA SER G 82 -6.10 16.82 14.62
C SER G 82 -6.09 15.51 13.83
N SER G 83 -6.83 15.52 12.74
CA SER G 83 -6.89 14.37 11.85
C SER G 83 -5.98 14.63 10.66
N GLY G 84 -5.01 15.52 10.80
CA GLY G 84 -4.18 15.89 9.67
C GLY G 84 -3.10 16.86 10.07
N PRO G 85 -3.16 18.08 9.55
CA PRO G 85 -2.08 19.05 9.69
C PRO G 85 -1.74 19.28 11.16
N ASP G 86 -0.46 19.41 11.50
CA ASP G 86 -0.11 19.64 12.89
C ASP G 86 0.54 21.01 13.12
N LEU G 87 0.44 21.91 12.15
CA LEU G 87 1.03 23.26 12.29
C LEU G 87 0.67 24.01 13.59
N TYR G 88 -0.56 23.89 14.09
CA TYR G 88 -0.94 24.60 15.32
C TYR G 88 -0.16 24.06 16.52
N ARG G 89 0.58 22.98 16.30
CA ARG G 89 1.42 22.37 17.37
C ARG G 89 2.84 22.96 17.36
N ILE G 90 3.19 23.68 16.30
CA ILE G 90 4.50 24.32 16.28
C ILE G 90 4.47 25.67 17.02
N GLY G 91 5.23 25.78 18.11
CA GLY G 91 5.31 27.04 18.84
C GLY G 91 5.88 28.11 17.94
N MET G 92 5.14 29.18 17.76
CA MET G 92 5.65 30.25 16.93
C MET G 92 5.58 31.50 17.72
N THR G 93 6.66 32.28 17.72
CA THR G 93 6.59 33.57 18.40
C THR G 93 7.69 34.53 18.04
N THR G 94 7.34 35.81 17.99
CA THR G 94 8.33 36.85 17.81
C THR G 94 8.92 37.09 19.17
N ASP G 95 10.23 36.98 19.26
CA ASP G 95 10.83 36.67 20.58
C ASP G 95 11.45 37.90 21.15
N LEU G 96 10.60 38.88 21.44
CA LEU G 96 11.06 40.25 21.66
C LEU G 96 12.13 40.35 22.73
N THR G 97 13.35 40.68 22.30
CA THR G 97 14.41 41.09 23.22
C THR G 97 14.10 42.48 23.74
N GLU G 98 14.84 42.93 24.74
CA GLU G 98 14.55 44.22 25.36
C GLU G 98 14.74 45.35 24.34
N ASN G 99 15.80 45.29 23.53
CA ASN G 99 16.01 46.28 22.47
C ASN G 99 14.76 46.49 21.65
N ASP G 100 14.14 45.41 21.20
CA ASP G 100 12.93 45.54 20.40
C ASP G 100 11.85 46.40 21.10
N VAL G 101 11.83 46.41 22.44
CA VAL G 101 10.89 47.27 23.15
C VAL G 101 11.43 48.67 23.57
N ILE G 102 12.72 48.93 23.34
CA ILE G 102 13.16 50.32 23.25
C ILE G 102 12.51 50.77 21.95
N MET G 103 11.23 51.11 22.10
CA MET G 103 10.19 50.95 21.09
C MET G 103 10.57 50.79 19.60
N GLY G 104 9.56 50.44 18.80
CA GLY G 104 9.63 50.54 17.37
C GLY G 104 9.98 49.26 16.66
N ARG G 105 11.05 48.61 17.12
CA ARG G 105 11.47 47.38 16.47
C ARG G 105 10.37 46.32 16.58
N ALA G 106 9.52 46.47 17.59
CA ALA G 106 8.42 45.53 17.82
C ALA G 106 7.69 45.23 16.52
N GLU G 107 7.42 46.26 15.74
CA GLU G 107 6.67 46.06 14.49
C GLU G 107 7.54 45.42 13.42
N LYS G 108 8.75 45.96 13.22
CA LYS G 108 9.70 45.39 12.27
C LYS G 108 9.68 43.88 12.41
N ARG G 109 10.10 43.38 13.58
CA ARG G 109 10.12 41.93 13.84
C ARG G 109 8.90 41.15 13.34
N LEU G 110 7.71 41.57 13.79
CA LEU G 110 6.43 40.93 13.46
C LEU G 110 6.26 40.79 11.96
N PHE G 111 6.45 41.88 11.24
CA PHE G 111 6.42 41.85 9.78
C PHE G 111 7.34 40.74 9.25
N HIS G 112 8.58 40.70 9.74
CA HIS G 112 9.53 39.71 9.23
C HIS G 112 9.18 38.34 9.82
N ALA G 113 8.48 38.36 10.95
CA ALA G 113 8.04 37.11 11.54
C ALA G 113 7.00 36.43 10.65
N ILE G 114 6.04 37.19 10.14
CA ILE G 114 5.07 36.60 9.24
C ILE G 114 5.78 36.16 7.99
N ARG G 115 6.71 36.99 7.48
CA ARG G 115 7.42 36.60 6.26
C ARG G 115 8.10 35.25 6.47
N GLN G 116 8.62 35.01 7.65
CA GLN G 116 9.28 33.74 7.91
C GLN G 116 8.29 32.56 7.92
N ALA G 117 7.15 32.76 8.59
CA ALA G 117 6.14 31.74 8.68
C ALA G 117 5.74 31.38 7.30
N VAL G 118 5.48 32.41 6.50
CA VAL G 118 4.87 32.18 5.19
C VAL G 118 5.83 31.49 4.25
N GLU G 119 7.08 31.92 4.21
CA GLU G 119 8.00 31.23 3.32
C GLU G 119 8.31 29.82 3.85
N SER G 120 8.61 29.66 5.15
CA SER G 120 9.04 28.36 5.64
C SER G 120 7.93 27.30 5.57
N TYR G 121 6.72 27.68 5.94
CA TYR G 121 5.68 26.69 6.14
C TYR G 121 4.52 26.83 5.18
N SER G 122 4.49 27.90 4.40
CA SER G 122 3.44 28.06 3.39
C SER G 122 1.98 27.82 3.87
N PRO G 123 1.67 28.17 5.12
CA PRO G 123 0.31 27.91 5.66
C PRO G 123 -0.81 28.40 4.76
N PRO G 124 -2.07 28.03 5.03
CA PRO G 124 -3.13 28.66 4.23
C PRO G 124 -3.30 30.09 4.69
N ALA G 125 -3.10 30.27 5.99
CA ALA G 125 -3.37 31.56 6.65
C ALA G 125 -2.60 31.67 7.98
N VAL G 126 -2.57 32.86 8.55
CA VAL G 126 -1.69 33.11 9.64
C VAL G 126 -2.36 34.01 10.62
N PHE G 127 -2.25 33.66 11.91
CA PHE G 127 -2.94 34.35 12.99
C PHE G 127 -1.98 34.97 13.99
N VAL G 128 -1.99 36.30 14.08
CA VAL G 128 -1.10 36.98 15.01
C VAL G 128 -1.87 37.37 16.24
N TYR G 129 -1.34 36.93 17.38
CA TYR G 129 -1.97 37.18 18.66
C TYR G 129 -1.25 38.28 19.44
N ASN G 130 -2.02 39.26 19.91
CA ASN G 130 -1.48 40.41 20.60
C ASN G 130 -1.35 40.19 22.12
N THR G 131 -0.46 40.94 22.76
CA THR G 131 0.01 40.60 24.10
C THR G 131 0.30 41.86 24.85
N CYS G 132 0.39 41.76 26.17
CA CYS G 132 0.42 42.93 27.03
C CYS G 132 1.52 43.90 26.67
N VAL G 133 2.74 43.41 26.56
CA VAL G 133 3.83 44.32 26.27
C VAL G 133 3.58 45.08 24.97
N PRO G 134 3.28 44.36 23.88
CA PRO G 134 3.09 45.05 22.59
C PRO G 134 1.84 45.94 22.53
N ALA G 135 0.79 45.60 23.27
CA ALA G 135 -0.37 46.48 23.25
C ALA G 135 -0.05 47.79 23.97
N LEU G 136 0.74 47.71 25.04
CA LEU G 136 1.09 48.88 25.84
C LEU G 136 1.89 49.91 25.02
N ILE G 137 3.06 49.50 24.51
CA ILE G 137 3.93 50.39 23.71
C ILE G 137 3.30 50.79 22.39
N GLY G 138 2.00 50.50 22.26
CA GLY G 138 1.19 50.98 21.15
C GLY G 138 1.27 50.25 19.83
N ASP G 139 1.76 49.01 19.84
CA ASP G 139 1.97 48.25 18.60
C ASP G 139 0.71 48.11 17.75
N ASP G 140 0.84 48.52 16.50
CA ASP G 140 -0.25 48.45 15.55
C ASP G 140 -0.26 47.06 14.91
N VAL G 141 -0.87 46.09 15.59
CA VAL G 141 -0.99 44.75 15.01
C VAL G 141 -1.74 44.79 13.65
N ASP G 142 -3.00 45.24 13.67
CA ASP G 142 -3.86 45.29 12.49
C ASP G 142 -3.15 45.73 11.18
N ALA G 143 -2.41 46.82 11.26
CA ALA G 143 -1.80 47.41 10.08
C ALA G 143 -0.61 46.59 9.61
N VAL G 144 0.24 46.19 10.54
CA VAL G 144 1.33 45.28 10.23
C VAL G 144 0.84 44.00 9.59
N CYS G 145 -0.37 43.59 9.97
CA CYS G 145 -0.92 42.31 9.52
C CYS G 145 -1.31 42.52 8.09
N LYS G 146 -2.03 43.63 7.88
CA LYS G 146 -2.57 43.93 6.57
C LYS G 146 -1.43 44.12 5.58
N ALA G 147 -0.35 44.73 6.01
CA ALA G 147 0.76 44.95 5.10
C ALA G 147 1.34 43.62 4.67
N ALA G 148 1.38 42.70 5.62
CA ALA G 148 1.94 41.36 5.45
C ALA G 148 1.09 40.49 4.52
N ALA G 149 -0.23 40.48 4.76
CA ALA G 149 -1.16 39.91 3.77
C ALA G 149 -0.70 40.31 2.37
N GLU G 150 -0.88 41.59 2.00
CA GLU G 150 -0.52 42.13 0.68
C GLU G 150 0.90 41.85 0.13
N ARG G 151 1.93 42.10 0.91
CA ARG G 151 3.28 41.89 0.36
C ARG G 151 3.59 40.42 0.06
N PHE G 152 2.90 39.51 0.76
CA PHE G 152 3.30 38.10 0.79
C PHE G 152 2.21 37.15 0.29
N GLY G 153 0.96 37.59 0.38
CA GLY G 153 -0.14 36.92 -0.30
C GLY G 153 -0.87 35.88 0.51
N THR G 154 -0.61 35.88 1.82
CA THR G 154 -1.21 34.92 2.72
C THR G 154 -2.12 35.63 3.70
N PRO G 155 -3.40 35.26 3.76
CA PRO G 155 -4.25 35.97 4.71
C PRO G 155 -3.63 35.95 6.12
N VAL G 156 -3.47 37.13 6.71
CA VAL G 156 -2.97 37.28 8.07
C VAL G 156 -4.06 37.91 8.90
N ILE G 157 -4.50 37.23 9.96
CA ILE G 157 -5.70 37.64 10.73
C ILE G 157 -5.22 38.15 12.07
N PRO G 158 -5.63 39.35 12.46
CA PRO G 158 -5.05 39.86 13.70
C PRO G 158 -5.99 39.56 14.87
N VAL G 159 -5.47 38.96 15.93
CA VAL G 159 -6.27 38.75 17.13
C VAL G 159 -5.72 39.67 18.20
N ASP G 160 -6.47 40.72 18.51
CA ASP G 160 -6.03 41.68 19.47
C ASP G 160 -6.67 41.30 20.80
N SER G 161 -5.93 40.58 21.63
CA SER G 161 -6.40 40.29 22.96
C SER G 161 -5.28 40.02 23.94
N ALA G 162 -4.39 41.00 24.09
CA ALA G 162 -3.36 40.98 25.12
C ALA G 162 -4.00 40.64 26.45
N GLY G 163 -3.23 39.96 27.29
CA GLY G 163 -3.70 39.48 28.57
C GLY G 163 -4.43 40.46 29.42
N PHE G 164 -3.86 41.63 29.63
CA PHE G 164 -4.46 42.58 30.56
C PHE G 164 -5.86 43.13 30.20
N TYR G 165 -6.40 42.82 29.04
CA TYR G 165 -7.76 43.26 28.74
C TYR G 165 -8.74 42.65 29.74
N GLY G 166 -8.47 41.44 30.16
CA GLY G 166 -9.41 40.71 31.00
C GLY G 166 -9.10 39.23 31.15
N THR G 167 -10.17 38.42 31.19
CA THR G 167 -10.08 36.98 31.44
C THR G 167 -10.02 36.18 30.17
N LYS G 168 -9.93 34.87 30.34
CA LYS G 168 -9.98 33.94 29.21
C LYS G 168 -11.27 34.14 28.41
N ASN G 169 -12.43 34.16 29.10
CA ASN G 169 -13.72 34.37 28.44
C ASN G 169 -13.63 35.54 27.50
N LEU G 170 -13.13 36.67 28.01
CA LEU G 170 -12.94 37.86 27.18
C LEU G 170 -12.11 37.53 25.95
N GLY G 171 -11.06 36.73 26.12
CA GLY G 171 -10.23 36.32 25.00
C GLY G 171 -10.92 35.34 24.05
N ASN G 172 -11.87 34.59 24.59
CA ASN G 172 -12.71 33.77 23.75
C ASN G 172 -13.58 34.63 22.86
N ARG G 173 -14.16 35.68 23.44
CA ARG G 173 -15.05 36.56 22.70
C ARG G 173 -14.28 37.36 21.66
N ILE G 174 -13.09 37.84 22.05
CA ILE G 174 -12.26 38.54 21.08
C ILE G 174 -11.84 37.60 19.96
N ALA G 175 -11.86 36.30 20.22
CA ALA G 175 -11.55 35.35 19.17
C ALA G 175 -12.70 35.25 18.15
N GLY G 176 -13.92 35.17 18.65
CA GLY G 176 -15.08 35.25 17.77
C GLY G 176 -15.12 36.53 16.92
N GLU G 177 -15.06 37.70 17.56
CA GLU G 177 -15.01 38.95 16.81
C GLU G 177 -14.05 38.85 15.61
N ALA G 178 -12.80 38.47 15.83
CA ALA G 178 -11.84 38.42 14.71
C ALA G 178 -12.27 37.45 13.62
N MET G 179 -13.03 36.40 13.97
CA MET G 179 -13.61 35.52 12.95
C MET G 179 -14.78 36.18 12.15
N LEU G 180 -15.13 37.43 12.45
CA LEU G 180 -15.95 38.28 11.55
C LEU G 180 -15.23 38.69 10.25
N LYS G 181 -13.95 39.04 10.35
CA LYS G 181 -13.13 39.40 9.19
C LYS G 181 -12.51 38.14 8.57
N TYR G 182 -13.11 37.00 8.83
CA TYR G 182 -12.67 35.77 8.20
C TYR G 182 -13.82 34.79 7.90
N VAL G 183 -14.75 34.66 8.83
CA VAL G 183 -16.00 33.95 8.55
C VAL G 183 -16.69 34.57 7.36
N ILE G 184 -16.87 35.89 7.38
CA ILE G 184 -17.56 36.55 6.28
C ILE G 184 -17.25 35.67 5.10
N GLY G 185 -18.26 35.02 4.55
CA GLY G 185 -18.03 34.21 3.40
C GLY G 185 -16.94 34.85 2.59
N THR G 186 -15.70 34.58 3.00
CA THR G 186 -14.57 35.01 2.23
C THR G 186 -14.46 33.86 1.26
N ARG G 187 -15.31 32.87 1.49
CA ARG G 187 -15.36 31.69 0.65
C ARG G 187 -16.68 30.92 0.83
N GLU G 188 -17.20 30.39 -0.28
CA GLU G 188 -18.44 29.62 -0.38
C GLU G 188 -18.25 28.14 -0.10
N PRO G 189 -19.27 27.54 0.49
CA PRO G 189 -19.26 26.11 0.79
C PRO G 189 -18.82 25.28 -0.39
N ASP G 190 -17.83 24.41 -0.17
CA ASP G 190 -17.54 23.33 -1.10
C ASP G 190 -18.84 22.68 -1.61
N PRO G 191 -18.79 22.07 -2.80
CA PRO G 191 -19.82 21.20 -3.35
C PRO G 191 -19.72 19.85 -2.67
N LEU G 192 -20.81 19.27 -2.16
CA LEU G 192 -20.64 18.03 -1.43
C LEU G 192 -19.99 17.02 -2.33
N PRO G 193 -19.10 16.22 -1.76
CA PRO G 193 -18.26 15.22 -2.44
C PRO G 193 -19.07 14.24 -3.25
N VAL G 194 -18.49 13.75 -4.33
CA VAL G 194 -19.19 12.82 -5.22
C VAL G 194 -19.62 11.52 -4.53
N GLY G 195 -19.29 11.38 -3.26
CA GLY G 195 -19.79 10.27 -2.45
C GLY G 195 -21.29 10.13 -2.56
N SER G 196 -22.04 11.06 -1.93
CA SER G 196 -23.47 11.24 -2.21
C SER G 196 -24.49 10.27 -1.54
N GLU G 197 -24.71 10.43 -0.23
CA GLU G 197 -25.72 9.61 0.45
C GLU G 197 -27.10 9.82 -0.23
N ARG G 198 -27.64 8.75 -0.78
CA ARG G 198 -28.94 8.72 -1.49
C ARG G 198 -30.10 9.31 -0.63
N PRO G 199 -31.35 8.79 -0.75
CA PRO G 199 -32.59 9.22 -0.05
C PRO G 199 -32.59 10.22 1.13
N GLY G 200 -31.43 10.66 1.61
CA GLY G 200 -31.37 11.63 2.68
C GLY G 200 -31.16 12.99 2.06
N ILE G 201 -31.63 14.04 2.72
CA ILE G 201 -31.36 15.39 2.26
C ILE G 201 -29.97 15.74 2.75
N ARG G 202 -28.98 15.07 2.14
CA ARG G 202 -27.56 15.19 2.49
C ARG G 202 -27.20 16.65 2.48
N VAL G 203 -28.13 17.44 1.96
CA VAL G 203 -27.96 18.87 1.83
C VAL G 203 -28.49 19.56 3.07
N HIS G 204 -28.11 19.08 4.27
CA HIS G 204 -28.33 19.93 5.44
C HIS G 204 -27.06 20.39 6.09
N ASP G 205 -26.72 21.66 5.89
CA ASP G 205 -25.48 22.23 6.42
C ASP G 205 -25.69 22.87 7.79
N VAL G 206 -24.69 22.73 8.67
CA VAL G 206 -24.78 23.13 10.08
C VAL G 206 -23.41 23.58 10.53
N ASN G 207 -23.33 24.29 11.67
CA ASN G 207 -22.05 24.51 12.39
C ASN G 207 -22.07 24.13 13.86
N LEU G 208 -20.93 23.66 14.35
CA LEU G 208 -20.79 23.44 15.79
C LEU G 208 -19.86 24.54 16.35
N ILE G 209 -20.43 25.46 17.12
CA ILE G 209 -19.61 26.57 17.66
C ILE G 209 -19.14 26.29 19.09
N GLY G 210 -17.84 26.08 19.24
CA GLY G 210 -17.28 25.87 20.55
C GLY G 210 -16.96 24.42 20.84
N GLU G 211 -17.18 23.53 19.89
CA GLU G 211 -16.74 22.14 20.07
C GLU G 211 -15.24 22.04 19.70
N TYR G 212 -14.41 21.58 20.65
CA TYR G 212 -12.98 21.65 20.46
C TYR G 212 -12.29 20.32 20.21
N ASN G 213 -13.09 19.31 19.90
CA ASN G 213 -12.59 17.97 19.60
C ASN G 213 -11.45 17.61 20.49
N ILE G 214 -11.69 17.89 21.76
CA ILE G 214 -10.67 17.66 22.72
C ILE G 214 -10.61 16.17 23.10
N ALA G 215 -9.40 15.62 23.08
CA ALA G 215 -9.19 14.20 23.32
C ALA G 215 -9.79 13.45 22.18
N GLY G 216 -9.96 14.14 21.07
CA GLY G 216 -10.65 13.56 19.95
C GLY G 216 -12.12 13.23 20.20
N GLU G 217 -12.65 13.61 21.37
CA GLU G 217 -14.04 13.33 21.67
C GLU G 217 -15.04 13.51 20.53
N PHE G 218 -14.86 14.54 19.72
CA PHE G 218 -15.82 14.82 18.65
C PHE G 218 -15.98 13.68 17.60
N TRP G 219 -14.87 12.98 17.30
CA TRP G 219 -14.94 11.69 16.59
C TRP G 219 -16.08 10.80 17.11
N HIS G 220 -16.60 11.06 18.29
CA HIS G 220 -17.75 10.28 18.80
C HIS G 220 -19.12 10.77 18.30
N VAL G 221 -19.23 12.08 18.13
CA VAL G 221 -20.45 12.68 17.65
C VAL G 221 -20.57 12.78 16.14
N LEU G 222 -19.43 12.93 15.45
CA LEU G 222 -19.47 13.23 14.02
C LEU G 222 -20.20 12.15 13.24
N PRO G 223 -19.92 10.87 13.53
CA PRO G 223 -20.63 9.79 12.87
C PRO G 223 -22.16 9.88 13.05
N LEU G 224 -22.63 10.31 14.23
CA LEU G 224 -24.08 10.49 14.38
C LEU G 224 -24.54 11.51 13.37
N LEU G 225 -23.95 12.70 13.37
CA LEU G 225 -24.33 13.73 12.39
C LEU G 225 -24.32 13.20 10.94
N ASP G 226 -23.19 12.67 10.50
CA ASP G 226 -23.06 12.07 9.18
C ASP G 226 -24.25 11.12 8.89
N GLU G 227 -24.63 10.28 9.86
CA GLU G 227 -25.74 9.36 9.63
C GLU G 227 -27.04 10.08 9.36
N LEU G 228 -27.23 11.23 10.02
CA LEU G 228 -28.49 11.98 9.87
C LEU G 228 -28.44 12.82 8.61
N GLY G 229 -27.30 12.80 7.94
CA GLY G 229 -27.16 13.58 6.75
C GLY G 229 -27.03 15.05 7.09
N LEU G 230 -26.37 15.37 8.20
CA LEU G 230 -26.03 16.75 8.56
C LEU G 230 -24.55 17.02 8.30
N ARG G 231 -24.27 17.82 7.29
CA ARG G 231 -22.91 18.21 6.97
C ARG G 231 -22.52 19.33 7.90
N VAL G 232 -21.40 19.20 8.60
CA VAL G 232 -20.87 20.28 9.40
C VAL G 232 -19.87 21.10 8.60
N LEU G 233 -20.23 22.36 8.35
CA LEU G 233 -19.42 23.24 7.52
C LEU G 233 -18.17 23.52 8.30
N CYS G 234 -18.34 23.72 9.60
CA CYS G 234 -17.17 23.93 10.47
C CYS G 234 -17.49 23.62 11.93
N THR G 235 -16.63 22.85 12.58
CA THR G 235 -16.71 22.68 14.01
C THR G 235 -15.80 23.75 14.55
N LEU G 236 -16.36 24.82 15.08
CA LEU G 236 -15.55 26.02 15.35
C LEU G 236 -14.46 25.73 16.37
N ALA G 237 -13.30 25.38 15.81
CA ALA G 237 -12.10 25.06 16.56
C ALA G 237 -12.11 23.62 17.10
N GLY G 238 -12.39 22.68 16.22
CA GLY G 238 -12.43 21.27 16.53
C GLY G 238 -12.10 20.57 15.22
N ASP G 239 -10.81 20.20 15.09
CA ASP G 239 -10.32 19.51 13.91
C ASP G 239 -10.61 20.33 12.69
N ALA G 240 -10.79 21.63 12.92
CA ALA G 240 -11.15 22.59 11.87
C ALA G 240 -9.94 23.02 11.02
N ARG G 241 -10.21 23.46 9.79
CA ARG G 241 -9.17 24.00 8.93
C ARG G 241 -9.53 25.43 8.61
N TYR G 242 -8.56 26.21 8.15
CA TYR G 242 -8.91 27.59 7.81
C TYR G 242 -10.05 27.58 6.78
N ARG G 243 -9.84 26.97 5.63
CA ARG G 243 -10.85 27.02 4.58
C ARG G 243 -12.25 26.54 4.99
N GLU G 244 -12.40 26.00 6.20
CA GLU G 244 -13.69 25.53 6.68
C GLU G 244 -14.40 26.72 7.27
N VAL G 245 -13.62 27.61 7.85
CA VAL G 245 -14.26 28.64 8.62
C VAL G 245 -14.88 29.60 7.64
N GLN G 246 -14.11 29.97 6.62
CA GLN G 246 -14.59 30.85 5.53
C GLN G 246 -16.07 30.63 5.19
N THR G 247 -16.52 29.38 5.17
CA THR G 247 -17.81 29.06 4.56
C THR G 247 -18.97 28.98 5.56
N MET G 248 -18.86 29.70 6.67
CA MET G 248 -19.70 29.41 7.83
C MET G 248 -21.07 30.03 7.70
N HIS G 249 -21.18 31.05 6.85
CA HIS G 249 -22.38 31.86 6.74
C HIS G 249 -23.48 31.13 6.00
N ARG G 250 -23.13 30.06 5.31
CA ARG G 250 -24.13 29.31 4.53
C ARG G 250 -24.74 28.14 5.28
N ALA G 251 -24.25 27.93 6.51
CA ALA G 251 -24.90 27.04 7.46
C ALA G 251 -26.40 27.31 7.50
N GLU G 252 -27.18 26.30 7.84
CA GLU G 252 -28.63 26.44 7.91
C GLU G 252 -29.02 26.61 9.38
N VAL G 253 -28.34 25.89 10.26
CA VAL G 253 -28.55 26.02 11.71
C VAL G 253 -27.21 26.01 12.49
N ASN G 254 -26.95 27.06 13.26
CA ASN G 254 -25.78 27.09 14.14
C ASN G 254 -26.16 26.54 15.49
N MET G 255 -25.18 25.98 16.18
CA MET G 255 -25.43 25.37 17.47
C MET G 255 -24.34 25.74 18.48
N MET G 256 -24.74 26.36 19.58
CA MET G 256 -23.79 26.73 20.64
C MET G 256 -23.47 25.55 21.56
N VAL G 257 -22.27 25.00 21.41
CA VAL G 257 -21.84 23.83 22.16
C VAL G 257 -21.28 24.27 23.49
N CYS G 258 -22.12 24.24 24.51
CA CYS G 258 -21.74 24.70 25.86
C CYS G 258 -21.35 26.18 25.87
N SER G 259 -20.20 26.48 25.27
CA SER G 259 -19.66 27.83 25.26
C SER G 259 -20.74 28.88 25.09
N LYS G 260 -20.84 29.77 26.07
CA LYS G 260 -21.74 30.90 25.97
C LYS G 260 -20.86 32.10 25.81
N ALA G 261 -19.58 31.92 26.09
CA ALA G 261 -18.59 32.97 25.90
C ALA G 261 -18.65 33.47 24.45
N MET G 262 -19.21 32.65 23.58
CA MET G 262 -19.25 32.96 22.16
C MET G 262 -20.66 33.12 21.62
N LEU G 263 -21.62 33.30 22.52
CA LEU G 263 -22.98 33.63 22.12
C LEU G 263 -22.92 34.72 21.06
N ASN G 264 -21.91 35.57 21.18
CA ASN G 264 -21.74 36.68 20.25
C ASN G 264 -21.51 36.30 18.79
N VAL G 265 -21.06 35.07 18.53
CA VAL G 265 -20.99 34.68 17.11
C VAL G 265 -22.31 34.07 16.61
N ALA G 266 -22.91 33.21 17.41
CA ALA G 266 -24.19 32.65 17.04
C ALA G 266 -25.16 33.77 16.68
N ARG G 267 -25.15 34.82 17.50
CA ARG G 267 -26.03 35.99 17.31
C ARG G 267 -25.67 36.87 16.13
N LYS G 268 -24.37 37.11 15.93
CA LYS G 268 -23.98 37.96 14.82
C LYS G 268 -24.18 37.26 13.49
N LEU G 269 -24.00 35.94 13.49
CA LEU G 269 -24.26 35.14 12.29
C LEU G 269 -25.76 35.09 12.04
N GLN G 270 -26.53 34.91 13.09
CA GLN G 270 -27.97 34.97 13.00
C GLN G 270 -28.42 36.32 12.45
N GLU G 271 -27.91 37.42 12.99
CA GLU G 271 -28.40 38.73 12.57
C GLU G 271 -27.91 39.13 11.18
N THR G 272 -26.72 38.68 10.80
CA THR G 272 -26.12 39.04 9.49
C THR G 272 -26.46 38.13 8.29
N TYR G 273 -26.78 36.86 8.55
CA TYR G 273 -27.15 35.97 7.46
C TYR G 273 -28.47 35.25 7.73
N GLY G 274 -29.09 35.54 8.87
CA GLY G 274 -30.40 34.99 9.18
C GLY G 274 -30.42 33.58 9.76
N THR G 275 -29.24 33.06 10.05
CA THR G 275 -29.05 31.68 10.47
C THR G 275 -29.45 31.44 11.94
N PRO G 276 -30.49 30.62 12.16
CA PRO G 276 -31.02 30.36 13.51
C PRO G 276 -30.05 29.54 14.38
N TRP G 277 -30.27 29.48 15.69
CA TRP G 277 -29.36 28.73 16.54
C TRP G 277 -29.98 28.17 17.82
N PHE G 278 -29.24 27.31 18.51
CA PHE G 278 -29.69 26.79 19.81
C PHE G 278 -28.49 26.49 20.71
N GLU G 279 -28.75 26.12 21.96
CA GLU G 279 -27.64 25.64 22.79
C GLU G 279 -27.88 24.23 23.30
N GLY G 280 -26.81 23.45 23.29
CA GLY G 280 -26.88 22.08 23.75
C GLY G 280 -25.47 21.65 24.09
N SER G 281 -25.35 20.44 24.62
CA SER G 281 -24.05 19.87 24.92
C SER G 281 -24.09 18.48 24.38
N PHE G 282 -22.92 17.90 24.21
CA PHE G 282 -22.87 16.52 23.76
C PHE G 282 -22.38 15.63 24.88
N TYR G 283 -22.64 16.07 26.12
CA TYR G 283 -22.30 15.26 27.28
C TYR G 283 -23.57 14.68 27.90
N GLY G 284 -23.63 13.35 28.01
CA GLY G 284 -24.79 12.68 28.58
C GLY G 284 -25.78 12.17 27.53
N ILE G 285 -26.59 11.18 27.90
CA ILE G 285 -27.56 10.64 26.96
C ILE G 285 -28.65 11.68 26.67
N THR G 286 -29.06 12.42 27.70
CA THR G 286 -30.14 13.37 27.51
C THR G 286 -29.76 14.47 26.53
N ASP G 287 -28.68 15.18 26.82
CA ASP G 287 -28.26 16.32 25.99
C ASP G 287 -28.01 15.90 24.55
N THR G 288 -27.32 14.78 24.38
CA THR G 288 -26.93 14.35 23.04
C THR G 288 -28.21 14.16 22.25
N SER G 289 -29.15 13.45 22.86
CA SER G 289 -30.48 13.21 22.27
C SER G 289 -31.26 14.51 22.02
N GLN G 290 -31.14 15.45 22.95
CA GLN G 290 -31.81 16.74 22.82
C GLN G 290 -31.15 17.64 21.76
N ALA G 291 -29.81 17.68 21.76
CA ALA G 291 -29.05 18.42 20.73
C ALA G 291 -29.48 17.92 19.36
N LEU G 292 -29.47 16.61 19.17
CA LEU G 292 -29.89 16.10 17.90
C LEU G 292 -31.34 16.44 17.64
N ARG G 293 -32.16 16.42 18.70
CA ARG G 293 -33.61 16.66 18.54
C ARG G 293 -33.88 18.03 17.96
N ASP G 294 -33.26 19.06 18.54
CA ASP G 294 -33.56 20.42 18.09
C ASP G 294 -32.75 20.88 16.88
N PHE G 295 -31.83 20.01 16.43
CA PHE G 295 -31.32 20.13 15.08
C PHE G 295 -32.49 19.80 14.16
N ALA G 296 -33.14 18.68 14.45
CA ALA G 296 -34.26 18.21 13.64
C ALA G 296 -35.33 19.28 13.44
N ARG G 297 -35.73 19.93 14.52
CA ARG G 297 -36.89 20.82 14.39
C ARG G 297 -36.55 22.24 13.96
N LEU G 298 -35.26 22.56 13.92
CA LEU G 298 -34.83 23.91 13.60
C LEU G 298 -34.73 24.05 12.08
N LEU G 299 -33.97 23.16 11.45
CA LEU G 299 -33.96 23.04 10.00
C LEU G 299 -34.98 21.95 9.79
N ASP G 300 -36.03 22.28 9.05
CA ASP G 300 -37.28 21.53 9.22
C ASP G 300 -37.55 20.54 8.10
N ASP G 301 -37.66 19.26 8.47
CA ASP G 301 -37.82 18.16 7.53
C ASP G 301 -38.48 17.03 8.28
N PRO G 302 -39.47 16.38 7.65
CA PRO G 302 -40.10 15.24 8.32
C PRO G 302 -39.27 13.97 8.17
N ASP G 303 -38.46 13.93 7.12
CA ASP G 303 -37.59 12.77 6.92
C ASP G 303 -36.39 12.81 7.88
N LEU G 304 -35.82 13.99 8.01
CA LEU G 304 -34.77 14.15 9.01
C LEU G 304 -35.34 13.77 10.37
N THR G 305 -36.52 14.29 10.66
CA THR G 305 -37.14 14.09 11.98
C THR G 305 -37.40 12.60 12.29
N ALA G 306 -38.07 11.91 11.39
CA ALA G 306 -38.32 10.48 11.57
C ALA G 306 -37.01 9.71 11.74
N ARG G 307 -36.00 10.07 10.95
CA ARG G 307 -34.70 9.41 11.08
C ARG G 307 -34.01 9.76 12.43
N THR G 308 -34.08 11.02 12.86
CA THR G 308 -33.44 11.36 14.13
C THR G 308 -34.05 10.59 15.30
N GLU G 309 -35.34 10.28 15.26
CA GLU G 309 -35.94 9.49 16.33
C GLU G 309 -35.38 8.09 16.27
N ALA G 310 -35.27 7.57 15.04
CA ALA G 310 -34.71 6.25 14.77
C ALA G 310 -33.29 6.15 15.33
N LEU G 311 -32.49 7.16 15.04
CA LEU G 311 -31.13 7.15 15.56
C LEU G 311 -31.14 7.13 17.08
N ILE G 312 -31.66 8.17 17.71
CA ILE G 312 -31.77 8.21 19.16
C ILE G 312 -32.32 6.87 19.67
N ALA G 313 -33.33 6.35 18.96
CA ALA G 313 -33.90 5.06 19.32
C ALA G 313 -32.76 4.08 19.53
N ARG G 314 -32.06 3.81 18.43
CA ARG G 314 -30.95 2.87 18.42
C ARG G 314 -29.94 3.19 19.51
N GLU G 315 -29.43 4.41 19.52
CA GLU G 315 -28.32 4.66 20.44
C GLU G 315 -28.67 4.55 21.93
N GLU G 316 -29.78 5.14 22.36
CA GLU G 316 -30.24 5.02 23.75
C GLU G 316 -30.27 3.55 24.13
N ALA G 317 -30.89 2.75 23.26
CA ALA G 317 -30.95 1.31 23.45
C ALA G 317 -29.57 0.77 23.69
N LYS G 318 -28.66 1.10 22.78
CA LYS G 318 -27.29 0.62 22.86
C LYS G 318 -26.66 1.05 24.21
N VAL G 319 -26.63 2.36 24.48
CA VAL G 319 -25.84 2.88 25.61
C VAL G 319 -26.41 2.47 26.94
N ARG G 320 -27.72 2.64 27.09
CA ARG G 320 -28.36 2.24 28.33
C ARG G 320 -27.99 0.78 28.66
N ALA G 321 -28.08 -0.08 27.66
CA ALA G 321 -27.73 -1.48 27.84
C ALA G 321 -26.28 -1.63 28.28
N ALA G 322 -25.38 -0.81 27.75
CA ALA G 322 -23.97 -1.02 28.06
C ALA G 322 -23.59 -0.40 29.39
N LEU G 323 -24.55 0.25 30.03
CA LEU G 323 -24.26 1.00 31.25
C LEU G 323 -24.85 0.38 32.50
N GLU G 324 -25.87 -0.45 32.32
CA GLU G 324 -26.50 -1.14 33.42
C GLU G 324 -25.53 -1.87 34.35
N PRO G 325 -24.58 -2.62 33.77
CA PRO G 325 -23.66 -3.38 34.62
C PRO G 325 -22.85 -2.47 35.55
N TRP G 326 -22.72 -1.20 35.17
CA TRP G 326 -21.88 -0.27 35.92
C TRP G 326 -22.67 0.47 36.98
N ARG G 327 -24.00 0.42 36.87
CA ARG G 327 -24.86 1.25 37.70
C ARG G 327 -24.71 0.93 39.18
N ALA G 328 -24.56 -0.35 39.51
CA ALA G 328 -24.35 -0.74 40.89
C ALA G 328 -23.12 -0.06 41.49
N ARG G 329 -22.05 0.03 40.70
CA ARG G 329 -20.74 0.45 41.18
C ARG G 329 -20.59 1.95 41.48
N LEU G 330 -21.20 2.79 40.65
CA LEU G 330 -21.12 4.24 40.81
C LEU G 330 -22.36 4.81 41.49
N GLU G 331 -23.49 4.13 41.34
CA GLU G 331 -24.77 4.59 41.84
C GLU G 331 -24.74 4.98 43.30
N GLY G 332 -25.12 6.23 43.59
CA GLY G 332 -25.24 6.70 44.95
C GLY G 332 -23.98 7.31 45.54
N LYS G 333 -22.99 7.53 44.69
CA LYS G 333 -21.78 8.18 45.15
C LYS G 333 -22.01 9.68 45.07
N ARG G 334 -21.42 10.43 45.99
CA ARG G 334 -21.66 11.86 46.03
C ARG G 334 -20.52 12.59 45.36
N VAL G 335 -20.85 13.51 44.46
CA VAL G 335 -19.80 14.25 43.79
C VAL G 335 -19.89 15.71 44.09
N LEU G 336 -18.80 16.29 44.60
CA LEU G 336 -18.73 17.75 44.71
C LEU G 336 -18.37 18.30 43.35
N LEU G 337 -18.97 19.40 42.97
CA LEU G 337 -18.68 19.95 41.65
C LEU G 337 -18.32 21.41 41.71
N TYR G 338 -17.22 21.76 41.05
CA TYR G 338 -16.71 23.11 41.10
C TYR G 338 -16.46 23.62 39.69
N THR G 339 -16.86 24.86 39.43
CA THR G 339 -16.72 25.45 38.12
C THR G 339 -15.48 26.34 38.10
N GLY G 340 -14.67 26.21 37.06
CA GLY G 340 -13.45 26.99 36.97
C GLY G 340 -13.23 27.61 35.61
N GLY G 341 -14.32 27.97 34.94
CA GLY G 341 -14.26 28.37 33.55
C GLY G 341 -14.53 27.16 32.67
N VAL G 342 -14.38 26.00 33.28
CA VAL G 342 -14.71 24.71 32.67
C VAL G 342 -16.23 24.66 32.41
N LYS G 343 -16.61 24.28 31.19
CA LYS G 343 -18.02 24.10 30.84
C LYS G 343 -18.52 22.90 31.63
N SER G 344 -18.77 23.10 32.91
CA SER G 344 -18.97 21.98 33.83
C SER G 344 -20.42 21.59 34.13
N TRP G 345 -21.41 22.42 33.77
CA TRP G 345 -22.80 22.00 33.97
C TRP G 345 -23.15 20.91 32.97
N SER G 346 -22.38 20.85 31.90
CA SER G 346 -22.55 19.76 30.92
C SER G 346 -22.37 18.38 31.56
N VAL G 347 -21.20 18.14 32.15
CA VAL G 347 -20.90 16.87 32.80
C VAL G 347 -21.98 16.49 33.80
N VAL G 348 -22.50 17.48 34.52
CA VAL G 348 -23.57 17.24 35.49
C VAL G 348 -24.75 16.52 34.83
N SER G 349 -25.14 16.98 33.64
CA SER G 349 -26.23 16.36 32.87
C SER G 349 -25.99 14.85 32.83
N ALA G 350 -24.74 14.50 32.54
CA ALA G 350 -24.31 13.12 32.46
C ALA G 350 -24.55 12.39 33.77
N LEU G 351 -23.61 12.55 34.70
CA LEU G 351 -23.67 11.79 35.95
C LEU G 351 -25.00 11.97 36.68
N GLN G 352 -25.70 13.06 36.37
CA GLN G 352 -27.04 13.27 36.93
C GLN G 352 -27.92 12.07 36.61
N ASP G 353 -28.05 11.76 35.33
CA ASP G 353 -28.92 10.65 34.92
C ASP G 353 -28.51 9.29 35.49
N LEU G 354 -27.20 9.06 35.59
CA LEU G 354 -26.68 7.78 36.06
C LEU G 354 -27.15 7.50 37.49
N GLY G 355 -27.21 8.56 38.30
CA GLY G 355 -27.80 8.45 39.62
C GLY G 355 -26.91 8.93 40.75
N MET G 356 -25.87 9.68 40.42
CA MET G 356 -25.02 10.18 41.48
C MET G 356 -25.54 11.54 41.97
N LYS G 357 -25.61 11.70 43.29
CA LYS G 357 -26.03 12.98 43.87
C LYS G 357 -24.93 14.02 43.66
N VAL G 358 -25.31 15.13 43.06
CA VAL G 358 -24.38 16.18 42.66
C VAL G 358 -24.57 17.42 43.53
N VAL G 359 -23.46 17.98 43.96
CA VAL G 359 -23.45 19.25 44.70
C VAL G 359 -22.48 20.22 44.01
N ALA G 360 -23.02 21.27 43.38
CA ALA G 360 -22.20 22.22 42.63
C ALA G 360 -21.99 23.55 43.36
N THR G 361 -20.97 24.31 42.95
CA THR G 361 -20.66 25.60 43.57
C THR G 361 -19.77 26.50 42.68
N GLY G 362 -20.08 27.79 42.65
CA GLY G 362 -19.31 28.80 41.95
C GLY G 362 -18.69 29.80 42.93
N THR G 363 -17.81 30.65 42.45
CA THR G 363 -16.91 31.35 43.37
C THR G 363 -16.89 32.88 43.27
N LYS G 364 -18.06 33.51 43.28
CA LYS G 364 -18.11 34.98 43.25
C LYS G 364 -17.55 35.56 41.94
N LYS G 365 -16.49 34.92 41.44
CA LYS G 365 -15.85 35.32 40.20
C LYS G 365 -16.36 34.40 39.09
N SER G 366 -17.54 33.84 39.34
CA SER G 366 -18.19 32.97 38.37
C SER G 366 -18.99 33.81 37.40
N THR G 367 -19.28 33.28 36.23
CA THR G 367 -20.27 33.87 35.35
C THR G 367 -21.61 33.93 36.08
N GLU G 368 -22.57 34.66 35.51
CA GLU G 368 -23.95 34.59 35.98
C GLU G 368 -24.54 33.25 35.57
N GLU G 369 -23.97 32.67 34.51
CA GLU G 369 -24.33 31.32 34.05
C GLU G 369 -24.23 30.32 35.20
N ASP G 370 -23.00 30.12 35.68
CA ASP G 370 -22.75 29.19 36.77
C ASP G 370 -23.75 29.40 37.91
N LYS G 371 -23.72 30.58 38.51
CA LYS G 371 -24.56 30.90 39.66
C LYS G 371 -26.06 30.67 39.44
N ALA G 372 -26.55 30.98 38.24
CA ALA G 372 -27.95 30.75 37.91
C ALA G 372 -28.26 29.26 37.79
N ARG G 373 -27.28 28.48 37.35
CA ARG G 373 -27.42 27.04 37.23
C ARG G 373 -27.18 26.38 38.59
N ILE G 374 -26.16 26.85 39.31
CA ILE G 374 -25.88 26.35 40.65
C ILE G 374 -27.14 26.52 41.49
N ARG G 375 -27.86 27.59 41.20
CA ARG G 375 -29.14 27.92 41.85
C ARG G 375 -30.19 26.83 41.64
N GLU G 376 -30.56 26.60 40.38
CA GLU G 376 -31.51 25.56 40.00
C GLU G 376 -31.17 24.21 40.65
N LEU G 377 -29.94 23.75 40.42
CA LEU G 377 -29.47 22.50 40.96
C LEU G 377 -29.80 22.39 42.44
N MET G 378 -29.26 23.31 43.24
CA MET G 378 -29.42 23.21 44.68
C MET G 378 -29.24 24.52 45.44
N GLY G 379 -30.23 24.83 46.27
CA GLY G 379 -30.13 25.91 47.23
C GLY G 379 -30.11 27.31 46.64
N ASP G 380 -31.05 28.14 47.10
CA ASP G 380 -31.07 29.53 46.71
C ASP G 380 -30.21 30.34 47.70
N ASP G 381 -28.91 30.02 47.74
CA ASP G 381 -28.02 30.71 48.66
C ASP G 381 -26.56 30.73 48.20
N VAL G 382 -25.84 29.63 48.43
CA VAL G 382 -24.40 29.64 48.27
C VAL G 382 -23.91 29.45 46.84
N LYS G 383 -23.03 30.37 46.44
CA LYS G 383 -22.24 30.30 45.23
C LYS G 383 -21.15 31.31 45.57
N MET G 384 -21.24 31.75 46.81
CA MET G 384 -20.21 32.55 47.44
C MET G 384 -19.41 31.55 48.25
N LEU G 385 -18.60 30.76 47.58
CA LEU G 385 -17.65 29.89 48.27
C LEU G 385 -16.37 30.68 48.50
N ASP G 386 -16.44 31.98 48.16
CA ASP G 386 -15.34 32.92 48.33
C ASP G 386 -14.20 32.60 47.35
N GLU G 387 -13.10 33.34 47.46
CA GLU G 387 -11.93 33.12 46.62
C GLU G 387 -11.02 32.03 47.20
N GLY G 388 -11.48 31.41 48.30
CA GLY G 388 -10.75 30.39 49.00
C GLY G 388 -10.44 29.17 48.16
N ASN G 389 -9.15 28.86 48.04
CA ASN G 389 -8.69 27.68 47.33
C ASN G 389 -9.23 26.41 47.99
N ALA G 390 -8.32 25.49 48.29
CA ALA G 390 -8.66 24.25 48.99
C ALA G 390 -9.28 24.54 50.35
N ARG G 391 -8.98 25.70 50.90
CA ARG G 391 -9.51 26.04 52.22
C ARG G 391 -11.02 25.81 52.26
N VAL G 392 -11.76 26.65 51.54
CA VAL G 392 -13.19 26.46 51.37
C VAL G 392 -13.41 25.09 50.72
N LEU G 393 -12.74 24.86 49.59
CA LEU G 393 -13.02 23.73 48.72
C LEU G 393 -12.89 22.39 49.43
N LEU G 394 -11.70 22.12 49.94
CA LEU G 394 -11.45 20.88 50.65
C LEU G 394 -12.49 20.65 51.75
N LYS G 395 -12.59 21.58 52.68
CA LYS G 395 -13.54 21.43 53.78
C LYS G 395 -14.97 21.29 53.26
N THR G 396 -15.26 21.93 52.13
CA THR G 396 -16.58 21.88 51.53
C THR G 396 -16.88 20.49 50.98
N VAL G 397 -15.83 19.77 50.58
CA VAL G 397 -15.94 18.38 50.15
C VAL G 397 -16.26 17.54 51.37
N ASP G 398 -15.57 17.83 52.46
CA ASP G 398 -15.68 17.06 53.69
C ASP G 398 -17.09 17.22 54.24
N GLU G 399 -17.57 18.47 54.23
CA GLU G 399 -18.92 18.84 54.68
C GLU G 399 -20.03 17.91 54.22
N TYR G 400 -20.06 17.63 52.92
CA TYR G 400 -21.12 16.84 52.32
C TYR G 400 -20.74 15.38 52.18
N GLN G 401 -19.56 15.02 52.69
CA GLN G 401 -19.03 13.67 52.53
C GLN G 401 -19.03 13.24 51.05
N ALA G 402 -18.44 14.08 50.22
CA ALA G 402 -18.34 13.82 48.80
C ALA G 402 -17.34 12.71 48.57
N ASP G 403 -17.57 11.95 47.49
CA ASP G 403 -16.71 10.82 47.12
C ASP G 403 -15.61 11.20 46.08
N ILE G 404 -15.96 12.09 45.17
CA ILE G 404 -15.00 12.66 44.24
C ILE G 404 -15.28 14.13 44.10
N LEU G 405 -14.23 14.87 43.77
CA LEU G 405 -14.37 16.29 43.39
C LEU G 405 -14.03 16.48 41.91
N ILE G 406 -14.85 17.25 41.22
CA ILE G 406 -14.73 17.42 39.77
C ILE G 406 -14.69 18.89 39.45
N ALA G 407 -13.61 19.36 38.81
CA ALA G 407 -13.40 20.81 38.70
C ALA G 407 -12.45 21.35 37.63
N GLY G 408 -11.54 20.51 37.13
CA GLY G 408 -10.56 21.02 36.19
C GLY G 408 -9.17 21.10 36.80
N GLY G 409 -8.15 20.96 35.95
CA GLY G 409 -6.77 20.74 36.37
C GLY G 409 -6.17 21.60 37.47
N ARG G 410 -6.68 22.82 37.63
CA ARG G 410 -6.21 23.72 38.68
C ARG G 410 -6.39 23.04 40.05
N ASN G 411 -7.62 22.58 40.28
CA ASN G 411 -8.04 22.03 41.56
C ASN G 411 -7.73 20.55 41.71
N MET G 412 -6.86 20.04 40.83
CA MET G 412 -6.54 18.62 40.87
C MET G 412 -5.69 18.33 42.08
N TYR G 413 -4.62 19.08 42.26
CA TYR G 413 -3.70 18.77 43.34
C TYR G 413 -4.21 19.13 44.76
N THR G 414 -5.14 20.05 44.87
CA THR G 414 -5.80 20.25 46.15
C THR G 414 -6.63 19.02 46.50
N ALA G 415 -7.25 18.41 45.49
CA ALA G 415 -8.03 17.19 45.69
C ALA G 415 -7.16 15.99 46.04
N LEU G 416 -6.10 15.78 45.25
CA LEU G 416 -5.21 14.64 45.42
C LEU G 416 -4.55 14.70 46.78
N LYS G 417 -3.88 15.81 47.05
CA LYS G 417 -3.15 15.99 48.30
C LYS G 417 -4.05 16.04 49.56
N GLY G 418 -5.25 16.58 49.42
CA GLY G 418 -6.30 16.42 50.43
C GLY G 418 -6.91 15.01 50.38
N ARG G 419 -6.10 14.05 49.95
CA ARG G 419 -6.51 12.65 49.91
C ARG G 419 -7.94 12.42 49.47
N VAL G 420 -8.39 13.16 48.45
CA VAL G 420 -9.71 12.97 47.82
C VAL G 420 -9.65 12.55 46.31
N PRO G 421 -10.45 11.54 45.90
CA PRO G 421 -10.54 11.16 44.49
C PRO G 421 -10.84 12.35 43.60
N PHE G 422 -10.39 12.28 42.34
CA PHE G 422 -10.53 13.39 41.40
C PHE G 422 -10.83 12.92 39.95
N LEU G 423 -11.44 13.79 39.15
CA LEU G 423 -11.74 13.53 37.75
C LEU G 423 -11.79 14.83 36.95
N ASP G 424 -10.74 15.07 36.20
CA ASP G 424 -10.54 16.29 35.40
C ASP G 424 -11.76 16.67 34.53
N ILE G 425 -12.19 17.94 34.58
CA ILE G 425 -13.18 18.43 33.58
C ILE G 425 -12.45 19.01 32.37
N ASN G 426 -11.76 18.12 31.68
CA ASN G 426 -11.28 18.43 30.36
C ASN G 426 -11.57 17.35 29.33
N GLN G 427 -12.32 17.78 28.34
CA GLN G 427 -12.37 17.15 27.04
C GLN G 427 -11.00 17.26 26.33
N GLU G 428 -10.15 18.19 26.79
CA GLU G 428 -8.80 18.41 26.23
C GLU G 428 -7.93 17.15 26.29
N ARG G 429 -8.19 16.41 27.35
CA ARG G 429 -7.38 15.30 27.80
C ARG G 429 -7.34 14.10 26.85
N GLU G 430 -7.24 12.86 27.35
CA GLU G 430 -7.25 11.71 26.42
C GLU G 430 -8.52 10.85 26.59
N PHE G 431 -9.39 11.32 27.46
CA PHE G 431 -10.76 10.86 27.56
C PHE G 431 -11.57 12.12 27.37
N GLY G 432 -12.63 12.10 26.55
CA GLY G 432 -13.17 10.93 25.91
C GLY G 432 -14.70 11.01 26.00
N TYR G 433 -15.23 11.94 26.79
CA TYR G 433 -16.56 11.82 27.43
C TYR G 433 -17.85 12.17 26.70
N ALA G 434 -17.83 12.44 25.40
CA ALA G 434 -19.08 12.88 24.79
C ALA G 434 -19.82 11.90 23.91
N GLY G 435 -20.99 12.36 23.47
CA GLY G 435 -21.92 11.57 22.71
C GLY G 435 -22.34 10.38 23.54
N TYR G 436 -23.00 9.43 22.87
CA TYR G 436 -23.46 8.21 23.53
C TYR G 436 -22.33 7.37 24.05
N ASP G 437 -21.29 7.19 23.25
CA ASP G 437 -20.19 6.30 23.62
C ASP G 437 -19.20 6.94 24.55
N GLY G 438 -19.27 8.27 24.67
CA GLY G 438 -18.50 9.02 25.65
C GLY G 438 -18.73 8.52 27.07
N MET G 439 -19.99 8.44 27.46
CA MET G 439 -20.29 8.01 28.81
C MET G 439 -19.67 6.66 29.13
N LEU G 440 -19.48 5.82 28.12
CA LEU G 440 -18.87 4.54 28.35
C LEU G 440 -17.54 4.68 29.07
N GLU G 441 -16.79 5.73 28.82
CA GLU G 441 -15.51 5.85 29.52
C GLU G 441 -15.54 6.88 30.64
N LEU G 442 -16.59 7.69 30.67
CA LEU G 442 -16.79 8.54 31.83
C LEU G 442 -16.93 7.58 32.98
N VAL G 443 -17.84 6.64 32.84
CA VAL G 443 -18.07 5.69 33.92
C VAL G 443 -16.78 4.99 34.28
N ARG G 444 -16.10 4.42 33.27
CA ARG G 444 -14.82 3.75 33.51
C ARG G 444 -13.91 4.66 34.31
N GLN G 445 -13.69 5.89 33.84
CA GLN G 445 -12.83 6.84 34.58
C GLN G 445 -13.25 7.14 36.04
N LEU G 446 -14.55 7.13 36.33
CA LEU G 446 -15.01 7.36 37.69
C LEU G 446 -14.55 6.21 38.56
N CYS G 447 -14.98 5.02 38.19
CA CYS G 447 -14.59 3.84 38.93
C CYS G 447 -13.10 3.75 39.07
N ILE G 448 -12.32 3.94 38.00
CA ILE G 448 -10.87 3.70 38.15
C ILE G 448 -10.37 4.43 39.37
N THR G 449 -10.60 5.76 39.46
CA THR G 449 -10.24 6.55 40.67
C THR G 449 -11.01 6.20 41.96
N LEU G 450 -12.35 6.32 42.00
CA LEU G 450 -13.06 6.12 43.29
C LEU G 450 -13.25 4.66 43.76
N GLU G 451 -12.54 3.73 43.13
CA GLU G 451 -12.50 2.36 43.62
C GLU G 451 -11.05 1.99 43.76
N CYS G 452 -10.19 2.99 43.77
CA CYS G 452 -8.78 2.70 43.75
C CYS G 452 -8.37 2.44 45.18
N PRO G 453 -7.71 1.31 45.40
CA PRO G 453 -7.13 0.90 46.69
C PRO G 453 -6.00 1.80 47.17
N VAL G 454 -5.56 2.74 46.33
CA VAL G 454 -4.51 3.67 46.77
C VAL G 454 -5.07 4.68 47.79
N TRP G 455 -6.37 4.92 47.72
CA TRP G 455 -6.97 5.93 48.58
C TRP G 455 -6.88 5.56 50.07
N GLU G 456 -7.27 4.35 50.43
CA GLU G 456 -7.09 3.91 51.82
C GLU G 456 -5.62 3.92 52.24
N ALA G 457 -4.72 3.82 51.28
CA ALA G 457 -3.30 3.69 51.61
C ALA G 457 -2.65 5.04 51.89
N VAL G 458 -3.44 6.11 51.83
CA VAL G 458 -2.98 7.42 52.31
C VAL G 458 -4.09 8.14 53.08
N ILE H 4 32.77 29.54 18.77
CA ILE H 4 32.08 30.78 19.13
C ILE H 4 30.56 30.59 19.17
N ILE H 5 29.83 31.56 19.72
CA ILE H 5 28.37 31.52 19.79
C ILE H 5 27.64 32.22 18.61
N ASN H 6 26.87 31.47 17.84
CA ASN H 6 26.08 32.03 16.72
C ASN H 6 24.63 32.43 17.13
N ARG H 7 24.09 33.51 16.54
CA ARG H 7 22.67 33.88 16.64
C ARG H 7 22.10 34.40 15.29
N ASN H 8 20.81 34.76 15.20
CA ASN H 8 20.24 35.15 13.88
C ASN H 8 18.99 36.06 13.79
N LYS H 9 17.87 35.68 14.41
CA LYS H 9 16.53 36.28 14.16
C LYS H 9 15.72 35.30 13.28
N ALA H 10 14.39 35.44 13.16
CA ALA H 10 13.56 36.58 13.55
C ALA H 10 12.17 36.13 14.04
N LEU H 11 11.81 34.89 13.72
CA LEU H 11 10.65 34.24 14.29
C LEU H 11 11.14 32.99 15.04
N ALA H 12 10.65 32.75 16.26
CA ALA H 12 11.15 31.62 17.08
C ALA H 12 10.21 30.44 16.93
N VAL H 13 10.73 29.32 16.42
CA VAL H 13 9.86 28.22 16.06
C VAL H 13 10.05 27.05 17.00
N SER H 14 8.98 26.74 17.74
CA SER H 14 9.09 25.83 18.86
C SER H 14 10.25 26.27 19.74
N PRO H 15 10.05 27.30 20.58
CA PRO H 15 11.17 27.86 21.34
C PRO H 15 11.80 26.91 22.36
N LEU H 16 13.13 26.88 22.40
CA LEU H 16 13.81 26.15 23.45
C LEU H 16 13.66 26.88 24.78
N LYS H 17 13.52 28.20 24.71
CA LYS H 17 13.69 29.05 25.88
C LYS H 17 12.42 29.28 26.73
N ALA H 18 12.59 29.33 28.05
CA ALA H 18 11.53 29.74 28.95
C ALA H 18 11.98 31.03 29.71
N SER H 19 11.03 31.73 30.36
CA SER H 19 11.35 33.03 30.97
C SER H 19 12.28 33.04 32.19
N GLN H 20 13.21 33.98 32.16
CA GLN H 20 13.94 34.37 33.33
C GLN H 20 12.94 34.36 34.48
N THR H 21 11.80 35.01 34.33
CA THR H 21 10.94 35.17 35.49
C THR H 21 10.30 33.89 36.01
N MET H 22 10.31 32.80 35.24
CA MET H 22 9.97 31.51 35.82
C MET H 22 11.17 30.91 36.59
N GLY H 23 12.36 30.94 35.99
CA GLY H 23 13.55 30.34 36.57
C GLY H 23 13.91 30.93 37.93
N ALA H 24 13.88 32.25 38.02
CA ALA H 24 13.89 32.94 39.29
C ALA H 24 12.71 32.50 40.18
N ALA H 25 11.62 31.97 39.62
CA ALA H 25 10.54 31.61 40.53
C ALA H 25 10.76 30.26 41.17
N LEU H 26 11.57 29.38 40.57
CA LEU H 26 11.75 28.12 41.30
C LEU H 26 12.90 28.14 42.30
N ALA H 27 13.78 29.14 42.16
CA ALA H 27 14.72 29.46 43.24
C ALA H 27 14.01 29.88 44.54
N ILE H 28 13.07 30.83 44.48
CA ILE H 28 12.30 31.10 45.69
C ILE H 28 11.54 29.85 46.13
N LEU H 29 10.91 29.16 45.18
CA LEU H 29 10.27 27.84 45.42
C LEU H 29 11.11 26.80 46.17
N GLY H 30 12.40 27.06 46.34
CA GLY H 30 13.30 26.15 47.04
C GLY H 30 13.74 26.69 48.41
N LEU H 31 13.15 27.81 48.78
CA LEU H 31 13.11 28.29 50.15
C LEU H 31 11.93 27.60 50.82
N ALA H 32 12.03 27.25 52.10
CA ALA H 32 10.86 26.70 52.79
C ALA H 32 9.77 27.76 53.05
N ARG H 33 8.51 27.31 53.08
CA ARG H 33 7.38 28.17 53.39
C ARG H 33 7.42 29.51 52.68
N SER H 34 7.63 29.48 51.36
CA SER H 34 7.83 30.71 50.61
C SER H 34 6.74 30.81 49.58
N MET H 35 6.66 31.95 48.90
CA MET H 35 5.58 32.23 47.96
C MET H 35 6.02 33.21 46.88
N PRO H 36 6.22 32.73 45.64
CA PRO H 36 6.68 33.67 44.60
C PRO H 36 5.52 34.58 44.14
N LEU H 37 5.84 35.82 43.82
CA LEU H 37 4.85 36.79 43.36
C LEU H 37 5.31 37.52 42.14
N PHE H 38 4.67 37.22 41.02
CA PHE H 38 4.94 37.88 39.74
C PHE H 38 4.33 39.27 39.79
N HIS H 39 5.13 40.27 39.49
CA HIS H 39 4.59 41.58 39.25
C HIS H 39 4.29 41.69 37.78
N GLY H 40 3.04 41.41 37.41
CA GLY H 40 2.60 41.43 36.02
C GLY H 40 1.11 41.13 35.98
N SER H 41 0.57 40.93 34.77
CA SER H 41 -0.79 40.47 34.68
C SER H 41 -0.91 38.96 34.97
N GLN H 42 -2.16 38.51 35.17
CA GLN H 42 -2.38 37.19 35.74
C GLN H 42 -2.04 35.98 34.86
N GLY H 43 -2.21 36.13 33.55
CA GLY H 43 -1.82 35.05 32.64
C GLY H 43 -0.37 34.60 32.86
N CYS H 44 0.52 35.57 33.07
CA CYS H 44 1.94 35.28 33.23
C CYS H 44 2.21 34.25 34.32
N THR H 45 1.41 34.32 35.37
CA THR H 45 1.60 33.40 36.47
C THR H 45 0.81 32.13 36.17
N ALA H 46 -0.38 32.27 35.61
CA ALA H 46 -1.22 31.08 35.39
C ALA H 46 -0.56 30.20 34.36
N PHE H 47 0.36 30.79 33.61
CA PHE H 47 1.12 30.01 32.64
C PHE H 47 2.29 29.34 33.32
N ALA H 48 3.03 30.11 34.08
CA ALA H 48 4.20 29.58 34.81
C ALA H 48 3.77 28.44 35.74
N LYS H 49 2.56 28.54 36.25
CA LYS H 49 2.06 27.62 37.25
C LYS H 49 1.85 26.30 36.52
N VAL H 50 1.10 26.37 35.43
CA VAL H 50 0.86 25.16 34.65
C VAL H 50 2.21 24.51 34.31
N PHE H 51 3.10 25.31 33.79
CA PHE H 51 4.39 24.77 33.39
C PHE H 51 4.93 23.88 34.51
N PHE H 52 5.13 24.45 35.70
CA PHE H 52 5.69 23.74 36.86
C PHE H 52 4.87 22.55 37.35
N VAL H 53 3.58 22.73 37.65
CA VAL H 53 2.82 21.57 38.12
C VAL H 53 2.91 20.40 37.15
N ARG H 54 2.76 20.66 35.86
CA ARG H 54 2.89 19.58 34.89
C ARG H 54 4.30 18.91 34.95
N HIS H 55 5.32 19.63 35.43
CA HIS H 55 6.68 19.08 35.57
C HIS H 55 6.86 18.21 36.80
N PHE H 56 6.74 18.83 37.98
CA PHE H 56 6.85 18.14 39.28
C PHE H 56 5.63 17.30 39.56
N ARG H 57 4.53 17.59 38.87
CA ARG H 57 3.26 16.92 39.11
C ARG H 57 2.94 16.98 40.58
N GLU H 58 3.02 18.18 41.14
CA GLU H 58 2.72 18.41 42.54
C GLU H 58 2.26 19.88 42.58
N PRO H 59 1.50 20.31 43.62
CA PRO H 59 0.98 21.69 43.49
C PRO H 59 2.13 22.71 43.62
N VAL H 60 1.95 23.90 43.07
CA VAL H 60 2.96 24.93 43.26
C VAL H 60 2.31 26.28 43.49
N PRO H 61 2.71 26.98 44.58
CA PRO H 61 2.28 28.33 44.96
C PRO H 61 2.87 29.40 44.08
N LEU H 62 2.00 30.29 43.63
CA LEU H 62 2.43 31.32 42.71
C LEU H 62 1.26 32.28 42.68
N GLN H 63 1.55 33.58 42.88
CA GLN H 63 0.50 34.61 42.90
C GLN H 63 0.78 35.78 41.92
N THR H 64 -0.20 36.69 41.85
CA THR H 64 -0.19 37.73 40.82
C THR H 64 -0.40 39.16 41.31
N THR H 65 0.53 40.03 40.96
CA THR H 65 0.29 41.46 41.16
C THR H 65 -1.07 41.87 40.61
N ALA H 66 -1.48 41.22 39.52
CA ALA H 66 -2.79 41.40 38.86
C ALA H 66 -2.98 42.71 38.09
N MET H 67 -1.88 43.23 37.56
CA MET H 67 -1.91 44.46 36.78
C MET H 67 -3.12 44.48 35.86
N ASP H 68 -3.79 45.63 35.84
CA ASP H 68 -5.03 45.84 35.09
C ASP H 68 -4.73 46.47 33.73
N GLN H 69 -5.77 46.75 32.94
CA GLN H 69 -5.61 47.55 31.73
C GLN H 69 -5.06 48.93 32.12
N VAL H 70 -5.24 49.26 33.41
CA VAL H 70 -4.79 50.53 33.97
C VAL H 70 -3.35 50.44 34.42
N SER H 71 -2.63 49.43 33.96
CA SER H 71 -1.19 49.34 34.17
C SER H 71 -0.52 50.28 33.19
N SER H 72 -1.35 51.09 32.53
CA SER H 72 -0.87 52.19 31.73
C SER H 72 -0.85 53.44 32.59
N VAL H 73 -1.77 53.51 33.55
CA VAL H 73 -1.83 54.62 34.50
C VAL H 73 -0.89 54.36 35.68
N MET H 74 -1.47 54.19 36.87
CA MET H 74 -0.66 53.96 38.08
C MET H 74 0.23 52.72 37.98
N GLY H 75 1.51 52.94 37.70
CA GLY H 75 2.50 51.89 37.54
C GLY H 75 2.03 50.54 38.04
N ALA H 76 1.65 50.50 39.32
CA ALA H 76 1.11 49.31 39.96
C ALA H 76 1.49 49.39 41.43
N ASP H 77 2.11 50.51 41.78
CA ASP H 77 2.17 50.92 43.18
C ASP H 77 1.09 50.16 43.96
N GLU H 78 -0.16 50.59 43.81
CA GLU H 78 -1.29 50.02 44.55
C GLU H 78 -1.32 48.50 44.46
N ASN H 79 -1.14 47.97 43.25
CA ASN H 79 -1.21 46.54 43.01
C ASN H 79 -0.13 45.76 43.77
N VAL H 80 1.14 46.16 43.63
CA VAL H 80 2.23 45.49 44.35
C VAL H 80 1.96 45.50 45.85
N VAL H 81 1.65 46.67 46.37
CA VAL H 81 1.38 46.83 47.78
C VAL H 81 0.24 45.92 48.24
N GLU H 82 -0.92 46.02 47.60
CA GLU H 82 -2.02 45.23 48.12
C GLU H 82 -1.74 43.74 48.03
N ALA H 83 -0.83 43.37 47.15
CA ALA H 83 -0.49 41.97 46.95
C ALA H 83 0.32 41.45 48.14
N LEU H 84 1.28 42.27 48.56
CA LEU H 84 2.15 41.93 49.66
C LEU H 84 1.33 41.88 50.93
N LYS H 85 0.46 42.86 51.13
CA LYS H 85 -0.32 42.87 52.36
C LYS H 85 -1.26 41.66 52.38
N THR H 86 -1.85 41.35 51.23
CA THR H 86 -2.79 40.23 51.11
C THR H 86 -2.22 38.87 51.50
N ILE H 87 -1.12 38.51 50.85
CA ILE H 87 -0.41 37.26 51.12
C ILE H 87 0.07 37.18 52.58
N CYS H 88 0.78 38.22 53.00
CA CYS H 88 1.31 38.29 54.37
C CYS H 88 0.24 37.96 55.35
N GLU H 89 -0.93 38.59 55.17
CA GLU H 89 -2.02 38.41 56.12
C GLU H 89 -2.82 37.13 55.86
N ARG H 90 -2.74 36.60 54.65
CA ARG H 90 -3.51 35.40 54.32
C ARG H 90 -2.76 34.09 54.61
N GLN H 91 -1.52 33.94 54.14
CA GLN H 91 -0.79 32.71 54.43
C GLN H 91 0.45 32.95 55.27
N ASN H 92 0.88 34.20 55.39
CA ASN H 92 1.95 34.51 56.31
C ASN H 92 3.29 33.79 56.04
N PRO H 93 3.88 34.05 54.87
CA PRO H 93 5.10 33.37 54.39
C PRO H 93 6.28 33.49 55.32
N SER H 94 7.20 32.54 55.22
CA SER H 94 8.54 32.69 55.80
C SER H 94 9.37 33.59 54.87
N VAL H 95 8.96 33.65 53.60
CA VAL H 95 9.65 34.48 52.64
C VAL H 95 8.70 34.77 51.57
N ILE H 96 8.85 35.92 50.93
CA ILE H 96 8.15 36.20 49.68
C ILE H 96 9.09 36.60 48.53
N GLY H 97 8.77 36.13 47.33
CA GLY H 97 9.48 36.50 46.12
C GLY H 97 8.74 37.57 45.34
N LEU H 98 9.42 38.69 45.10
CA LEU H 98 8.89 39.81 44.30
C LEU H 98 9.63 39.87 42.96
N LEU H 99 8.91 39.52 41.89
CA LEU H 99 9.50 39.33 40.58
C LEU H 99 8.86 40.21 39.50
N THR H 100 9.69 40.91 38.76
CA THR H 100 9.22 41.82 37.73
C THR H 100 9.06 41.08 36.41
N THR H 101 7.96 41.34 35.71
CA THR H 101 7.71 40.68 34.44
C THR H 101 8.09 41.59 33.29
N GLY H 102 7.79 41.16 32.07
CA GLY H 102 8.03 41.99 30.90
C GLY H 102 7.17 43.24 30.95
N LEU H 103 5.95 43.04 31.44
CA LEU H 103 4.96 44.09 31.45
C LEU H 103 5.40 45.21 32.37
N SER H 104 5.62 44.87 33.63
CA SER H 104 5.84 45.89 34.65
C SER H 104 7.19 46.60 34.41
N GLU H 105 8.17 45.84 33.92
CA GLU H 105 9.49 46.38 33.61
C GLU H 105 9.46 47.38 32.49
N THR H 106 8.37 47.39 31.71
CA THR H 106 8.27 48.27 30.54
C THR H 106 8.31 49.74 30.94
N GLN H 107 8.05 49.99 32.22
CA GLN H 107 8.16 51.31 32.81
C GLN H 107 9.52 51.51 33.49
N GLY H 108 9.96 50.49 34.21
CA GLY H 108 11.06 50.59 35.17
C GLY H 108 10.46 50.03 36.46
N CYS H 109 9.21 50.41 36.70
CA CYS H 109 8.35 49.75 37.68
C CYS H 109 8.75 49.87 39.16
N ASP H 110 9.42 50.96 39.52
CA ASP H 110 9.61 51.32 40.93
C ASP H 110 9.67 50.13 41.90
N LEU H 111 10.46 49.12 41.55
CA LEU H 111 10.52 47.89 42.35
C LEU H 111 10.82 48.15 43.83
N HIS H 112 12.09 48.40 44.12
CA HIS H 112 12.53 48.88 45.43
C HIS H 112 11.50 49.82 46.11
N THR H 113 10.95 50.74 45.32
CA THR H 113 10.01 51.74 45.83
C THR H 113 8.67 51.16 46.30
N ALA H 114 7.97 50.48 45.41
CA ALA H 114 6.71 49.83 45.77
C ALA H 114 6.89 49.00 47.03
N LEU H 115 8.13 48.56 47.25
CA LEU H 115 8.51 47.75 48.40
C LEU H 115 8.82 48.64 49.59
N HIS H 116 9.13 49.90 49.30
CA HIS H 116 9.29 50.88 50.36
C HIS H 116 7.94 51.56 50.56
N GLU H 117 7.05 51.35 49.60
CA GLU H 117 5.68 51.81 49.72
C GLU H 117 4.92 50.81 50.55
N PHE H 118 5.41 49.54 50.48
CA PHE H 118 5.29 48.41 51.46
C PHE H 118 6.59 48.23 52.33
N ARG H 119 7.36 49.30 52.53
CA ARG H 119 8.16 49.51 53.80
C ARG H 119 7.90 50.87 54.61
N THR H 120 6.66 51.39 54.48
CA THR H 120 6.03 52.45 55.31
C THR H 120 4.70 52.04 56.05
N GLN H 121 3.58 51.91 55.34
CA GLN H 121 2.24 51.61 55.94
C GLN H 121 2.16 50.55 57.10
N TYR H 122 1.95 49.27 56.73
CA TYR H 122 2.45 48.01 57.40
C TYR H 122 2.06 47.60 58.76
N GLU H 123 0.81 47.84 59.10
CA GLU H 123 0.28 47.15 60.24
C GLU H 123 0.81 45.67 60.17
N GLU H 124 0.94 45.11 58.96
CA GLU H 124 1.69 43.83 58.78
C GLU H 124 3.05 43.86 59.49
N TYR H 125 3.27 42.82 60.30
CA TYR H 125 4.47 42.69 61.09
C TYR H 125 5.64 43.43 60.46
N LYS H 126 6.00 43.02 59.25
CA LYS H 126 7.36 43.18 58.77
C LYS H 126 8.06 42.00 59.41
N ASP H 127 9.36 41.84 59.18
CA ASP H 127 10.07 40.66 59.69
C ASP H 127 9.75 39.44 58.79
N VAL H 128 8.80 39.64 57.86
CA VAL H 128 8.57 38.72 56.77
C VAL H 128 9.47 39.19 55.64
N PRO H 129 10.59 38.50 55.43
CA PRO H 129 11.59 38.99 54.45
C PRO H 129 10.94 39.10 53.08
N ILE H 130 11.51 39.87 52.18
CA ILE H 130 11.01 39.91 50.82
C ILE H 130 12.19 39.95 49.89
N VAL H 131 12.26 38.99 48.97
CA VAL H 131 13.35 39.01 48.00
C VAL H 131 12.83 39.70 46.75
N PRO H 132 13.52 40.78 46.31
CA PRO H 132 13.13 41.49 45.08
C PRO H 132 14.04 41.10 43.93
N VAL H 133 13.44 40.74 42.79
CA VAL H 133 14.25 40.34 41.64
C VAL H 133 13.77 41.02 40.36
N ASN H 134 14.72 41.42 39.52
CA ASN H 134 14.42 42.00 38.23
C ASN H 134 14.58 41.01 37.08
N THR H 135 13.46 40.51 36.59
CA THR H 135 13.49 39.41 35.63
C THR H 135 12.46 39.53 34.53
N PRO H 136 12.64 40.50 33.62
CA PRO H 136 11.81 40.66 32.42
C PRO H 136 11.82 39.46 31.44
N ASP H 137 10.62 38.96 31.15
CA ASP H 137 10.46 37.90 30.15
C ASP H 137 11.40 38.17 29.00
N PHE H 138 11.59 39.46 28.68
CA PHE H 138 12.33 39.85 27.47
C PHE H 138 13.87 39.80 27.49
N SER H 139 14.49 39.44 28.59
CA SER H 139 15.94 39.18 28.52
C SER H 139 16.35 37.91 29.24
N GLY H 140 17.52 37.41 28.91
CA GLY H 140 18.03 36.22 29.54
C GLY H 140 17.05 35.06 29.41
N CYS H 141 17.08 34.15 30.38
CA CYS H 141 16.37 32.90 30.21
C CYS H 141 16.14 32.26 31.55
N PHE H 142 15.58 31.07 31.52
CA PHE H 142 15.20 30.31 32.69
C PHE H 142 16.34 30.20 33.69
N GLU H 143 17.48 29.73 33.21
CA GLU H 143 18.63 29.43 34.06
C GLU H 143 19.27 30.68 34.63
N SER H 144 19.40 31.71 33.80
CA SER H 144 19.92 33.00 34.26
C SER H 144 18.89 33.58 35.19
N GLY H 145 17.60 33.49 34.82
CA GLY H 145 16.54 33.91 35.71
C GLY H 145 16.79 33.36 37.09
N PHE H 146 16.91 32.04 37.16
CA PHE H 146 17.14 31.33 38.40
C PHE H 146 18.38 31.84 39.16
N ALA H 147 19.54 31.81 38.51
CA ALA H 147 20.77 32.33 39.10
C ALA H 147 20.65 33.79 39.63
N ALA H 148 19.67 34.54 39.16
CA ALA H 148 19.56 35.94 39.56
C ALA H 148 18.73 36.06 40.81
N ALA H 149 17.84 35.09 41.04
CA ALA H 149 17.06 35.12 42.28
C ALA H 149 17.84 34.47 43.40
N VAL H 150 18.99 33.89 43.06
CA VAL H 150 19.94 33.36 44.06
C VAL H 150 20.86 34.46 44.51
N LYS H 151 21.29 35.27 43.56
CA LYS H 151 21.99 36.49 43.90
C LYS H 151 21.11 37.30 44.86
N ALA H 152 19.86 37.51 44.48
CA ALA H 152 18.97 38.28 45.34
C ALA H 152 18.71 37.59 46.67
N ILE H 153 18.57 36.27 46.67
CA ILE H 153 18.36 35.56 47.93
C ILE H 153 19.55 35.75 48.88
N VAL H 154 20.76 35.47 48.38
CA VAL H 154 22.00 35.71 49.11
C VAL H 154 22.06 37.11 49.69
N GLU H 155 21.85 38.11 48.84
CA GLU H 155 21.98 39.51 49.25
C GLU H 155 20.90 40.01 50.21
N THR H 156 19.69 39.50 50.05
CA THR H 156 18.61 39.90 50.95
C THR H 156 18.72 39.24 52.34
N LEU H 157 19.40 38.10 52.45
CA LEU H 157 19.40 37.33 53.71
C LEU H 157 20.77 37.13 54.41
N VAL H 158 21.12 38.10 55.28
CA VAL H 158 22.17 38.00 56.33
C VAL H 158 23.66 38.23 56.00
N PRO H 159 23.99 38.41 54.71
CA PRO H 159 25.38 38.33 54.21
C PRO H 159 26.40 39.20 54.95
N GLU H 160 25.93 40.28 55.56
CA GLU H 160 26.71 41.51 55.71
C GLU H 160 27.44 41.76 57.04
N ARG H 161 26.69 42.21 58.04
CA ARG H 161 27.24 42.62 59.32
C ARG H 161 28.46 41.77 59.56
N ARG H 162 28.23 40.51 59.87
CA ARG H 162 29.32 39.63 60.21
C ARG H 162 30.22 39.37 58.98
N ASP H 163 31.41 38.85 59.24
CA ASP H 163 32.39 38.64 58.19
C ASP H 163 33.58 37.96 58.81
N GLN H 164 34.52 37.55 57.96
CA GLN H 164 35.86 37.11 58.38
C GLN H 164 35.84 36.22 59.63
N VAL H 165 35.36 36.76 60.74
CA VAL H 165 35.17 36.04 61.99
C VAL H 165 33.87 35.23 61.94
N GLY H 166 33.02 35.53 60.97
CA GLY H 166 31.90 34.64 60.68
C GLY H 166 32.32 33.52 59.74
N LYS H 167 33.05 32.54 60.25
CA LYS H 167 33.42 31.36 59.46
C LYS H 167 33.87 30.22 60.38
N ARG H 168 32.92 29.70 61.15
CA ARG H 168 33.22 28.90 62.34
C ARG H 168 33.13 27.40 62.17
N PRO H 169 31.90 26.87 62.04
CA PRO H 169 31.65 25.41 62.08
C PRO H 169 32.42 24.52 61.10
N ARG H 170 31.67 23.58 60.54
CA ARG H 170 32.14 22.66 59.53
C ARG H 170 31.01 22.57 58.50
N GLN H 171 30.24 23.65 58.45
CA GLN H 171 29.08 23.81 57.58
C GLN H 171 29.55 24.24 56.22
N VAL H 172 29.16 23.48 55.19
CA VAL H 172 29.56 23.76 53.83
C VAL H 172 28.37 24.26 53.06
N ASN H 173 28.50 25.48 52.55
CA ASN H 173 27.48 26.04 51.68
C ASN H 173 27.54 25.48 50.27
N VAL H 174 26.36 25.21 49.73
CA VAL H 174 26.28 24.79 48.34
C VAL H 174 25.35 25.68 47.52
N LEU H 175 25.94 26.31 46.52
CA LEU H 175 25.15 27.14 45.60
C LEU H 175 24.70 26.23 44.50
N CYS H 176 23.41 26.00 44.47
CA CYS H 176 22.86 25.07 43.48
C CYS H 176 22.32 25.80 42.30
N SER H 177 22.53 25.26 41.11
CA SER H 177 21.98 25.90 39.91
C SER H 177 20.65 25.29 39.56
N ALA H 178 20.07 25.75 38.46
CA ALA H 178 18.66 25.49 38.09
C ALA H 178 18.36 24.07 37.66
N ASN H 179 19.37 23.42 37.08
CA ASN H 179 19.15 22.13 36.45
C ASN H 179 19.60 20.93 37.32
N LEU H 180 19.90 21.22 38.58
CA LEU H 180 19.97 20.25 39.66
C LEU H 180 18.51 19.88 40.07
N THR H 181 18.19 18.61 39.93
CA THR H 181 16.90 18.08 40.34
C THR H 181 16.98 17.74 41.84
N PRO H 182 15.80 17.55 42.48
CA PRO H 182 15.83 17.00 43.83
C PRO H 182 16.79 15.82 43.92
N GLY H 183 16.80 14.94 42.94
CA GLY H 183 17.72 13.81 43.03
C GLY H 183 19.19 14.18 42.85
N ASP H 184 19.46 15.34 42.28
CA ASP H 184 20.85 15.80 42.16
C ASP H 184 21.24 16.36 43.51
N LEU H 185 20.25 16.98 44.15
CA LEU H 185 20.47 17.76 45.35
C LEU H 185 20.70 16.83 46.52
N GLU H 186 19.89 15.77 46.53
CA GLU H 186 20.06 14.71 47.51
C GLU H 186 21.42 14.06 47.35
N TYR H 187 21.81 13.67 46.15
CA TYR H 187 23.20 13.23 46.00
C TYR H 187 24.17 14.24 46.54
N ILE H 188 23.94 15.52 46.25
CA ILE H 188 24.94 16.51 46.65
C ILE H 188 25.07 16.64 48.18
N ALA H 189 23.92 16.53 48.85
CA ALA H 189 23.80 16.62 50.30
C ALA H 189 24.29 15.36 51.02
N GLU H 190 23.75 14.19 50.63
CA GLU H 190 24.24 12.91 51.13
C GLU H 190 25.74 12.80 50.86
N SER H 191 26.18 13.14 49.65
CA SER H 191 27.62 13.08 49.38
C SER H 191 28.44 13.88 50.40
N ILE H 192 27.96 15.08 50.72
CA ILE H 192 28.63 15.94 51.68
C ILE H 192 28.58 15.27 53.06
N GLU H 193 27.38 15.07 53.59
CA GLU H 193 27.21 14.44 54.90
C GLU H 193 28.10 13.21 55.08
N SER H 194 28.39 12.49 54.01
CA SER H 194 29.14 11.25 54.15
C SER H 194 30.61 11.55 54.50
N PHE H 195 30.98 12.82 54.42
CA PHE H 195 32.35 13.21 54.76
C PHE H 195 32.38 13.80 56.16
N GLY H 196 31.20 13.76 56.80
CA GLY H 196 31.05 14.33 58.12
C GLY H 196 30.83 15.84 58.09
N LEU H 197 30.75 16.41 56.88
CA LEU H 197 30.37 17.79 56.76
C LEU H 197 28.88 17.90 56.96
N ARG H 198 28.37 19.12 56.87
CA ARG H 198 26.92 19.31 56.96
C ARG H 198 26.53 20.37 55.96
N PRO H 199 25.69 19.98 54.99
CA PRO H 199 25.34 20.89 53.90
C PRO H 199 24.30 21.91 54.28
N LEU H 200 24.54 23.14 53.85
CA LEU H 200 23.50 24.16 53.72
C LEU H 200 23.29 24.43 52.23
N LEU H 201 22.29 23.77 51.65
CA LEU H 201 22.03 23.87 50.22
C LEU H 201 21.31 25.17 49.89
N ILE H 202 21.82 25.93 48.92
CA ILE H 202 21.19 27.18 48.58
C ILE H 202 20.91 27.29 47.12
N PRO H 203 19.61 27.31 46.75
CA PRO H 203 18.54 26.86 47.66
C PRO H 203 18.30 25.34 47.53
N ASP H 204 17.14 24.88 47.98
CA ASP H 204 16.97 23.43 48.12
C ASP H 204 15.60 22.99 47.64
N LEU H 205 15.58 22.54 46.38
CA LEU H 205 14.39 21.98 45.76
C LEU H 205 14.09 20.57 46.29
N SER H 206 15.09 19.91 46.83
CA SER H 206 14.89 18.62 47.53
C SER H 206 13.81 18.70 48.60
N GLY H 207 13.77 19.81 49.31
CA GLY H 207 12.86 19.95 50.42
C GLY H 207 11.45 20.25 49.99
N SER H 208 11.31 21.04 48.92
CA SER H 208 10.02 21.58 48.46
C SER H 208 9.32 20.67 47.47
N LEU H 209 10.07 20.12 46.52
CA LEU H 209 9.39 19.42 45.42
C LEU H 209 9.58 17.90 45.25
N ASP H 210 8.67 17.18 45.91
CA ASP H 210 8.26 15.80 45.61
C ASP H 210 6.93 15.61 46.31
N GLY H 211 6.63 14.36 46.67
CA GLY H 211 5.54 14.13 47.60
C GLY H 211 6.12 14.22 49.00
N HIS H 212 5.84 15.29 49.71
CA HIS H 212 6.62 15.60 50.91
C HIS H 212 5.81 15.97 52.15
N LEU H 213 4.47 15.93 52.08
CA LEU H 213 3.66 16.43 53.20
C LEU H 213 2.55 15.54 53.79
N ASP H 214 2.12 15.94 55.00
CA ASP H 214 1.20 15.19 55.83
C ASP H 214 -0.02 15.99 56.27
N GLU H 215 -0.05 17.28 55.94
CA GLU H 215 -1.30 18.04 56.05
C GLU H 215 -2.15 17.79 54.82
N ASN H 216 -3.46 17.95 54.97
CA ASN H 216 -4.36 17.81 53.84
C ASN H 216 -4.13 18.93 52.86
N ARG H 217 -3.65 20.08 53.34
CA ARG H 217 -3.44 21.24 52.48
C ARG H 217 -2.18 22.02 52.87
N PHE H 218 -1.39 22.42 51.89
CA PHE H 218 -0.08 23.01 52.17
C PHE H 218 0.11 24.35 51.49
N ASN H 219 -0.99 25.09 51.34
CA ASN H 219 -0.97 26.55 51.10
C ASN H 219 0.28 27.22 50.50
N ALA H 220 1.40 27.23 51.23
CA ALA H 220 2.57 28.01 50.82
C ALA H 220 3.86 27.21 50.79
N LEU H 221 3.81 25.97 50.34
CA LEU H 221 5.04 25.25 50.05
C LEU H 221 5.73 24.67 51.29
N THR H 222 5.16 24.94 52.47
CA THR H 222 5.66 24.46 53.77
C THR H 222 6.60 23.25 53.71
N THR H 223 6.39 22.43 52.71
CA THR H 223 7.28 21.33 52.45
C THR H 223 8.54 21.88 51.79
N GLY H 224 9.17 22.89 52.40
CA GLY H 224 10.08 23.74 51.64
C GLY H 224 11.53 23.31 51.64
N GLY H 225 12.37 24.09 50.98
CA GLY H 225 13.80 23.88 51.12
C GLY H 225 14.44 24.68 52.27
N LEU H 226 14.89 25.90 51.95
CA LEU H 226 15.74 26.67 52.83
C LEU H 226 14.88 27.41 53.77
N SER H 227 15.19 27.27 55.06
CA SER H 227 14.65 28.15 56.08
C SER H 227 15.51 29.42 56.08
N VAL H 228 14.88 30.59 55.98
CA VAL H 228 15.61 31.83 56.16
C VAL H 228 16.40 31.65 57.43
N ALA H 229 15.71 31.08 58.42
CA ALA H 229 16.29 30.79 59.71
C ALA H 229 17.69 30.27 59.49
N GLU H 230 17.80 29.17 58.77
CA GLU H 230 19.08 28.54 58.59
C GLU H 230 19.93 29.17 57.48
N LEU H 231 19.30 29.99 56.63
CA LEU H 231 20.03 30.65 55.55
C LEU H 231 20.90 31.73 56.19
N ALA H 232 20.30 32.40 57.19
CA ALA H 232 21.00 33.36 58.03
C ALA H 232 22.38 32.88 58.46
N THR H 233 22.53 31.58 58.66
CA THR H 233 23.77 31.08 59.24
C THR H 233 24.78 30.70 58.18
N ALA H 234 24.50 31.08 56.93
CA ALA H 234 25.43 30.78 55.84
C ALA H 234 26.65 31.70 55.93
N GLY H 235 26.50 32.75 56.74
CA GLY H 235 27.56 33.71 56.93
C GLY H 235 28.83 33.02 57.36
N GLN H 236 28.72 32.19 58.40
CA GLN H 236 29.84 31.41 58.93
C GLN H 236 29.74 29.96 58.44
N SER H 237 30.86 29.42 58.01
CA SER H 237 30.87 28.10 57.39
C SER H 237 32.25 27.90 56.77
N VAL H 238 32.79 26.69 56.88
CA VAL H 238 34.17 26.46 56.39
C VAL H 238 34.43 26.96 54.97
N ALA H 239 33.73 26.38 53.98
CA ALA H 239 33.81 26.82 52.58
C ALA H 239 32.43 26.84 51.91
N THR H 240 32.35 27.40 50.70
CA THR H 240 31.13 27.32 49.90
C THR H 240 31.44 26.64 48.57
N LEU H 241 30.66 25.61 48.24
CA LEU H 241 30.79 24.90 46.96
C LEU H 241 29.80 25.44 45.91
N VAL H 242 30.32 25.74 44.72
CA VAL H 242 29.47 26.31 43.70
C VAL H 242 29.20 25.26 42.61
N VAL H 243 27.96 24.79 42.49
CA VAL H 243 27.65 23.75 41.46
C VAL H 243 26.91 24.26 40.22
N GLY H 244 27.67 24.48 39.14
CA GLY H 244 27.12 25.00 37.89
C GLY H 244 27.51 26.44 37.58
N GLN H 245 28.25 26.65 36.50
CA GLN H 245 28.73 27.98 36.19
C GLN H 245 27.69 29.11 36.14
N SER H 246 26.43 28.80 35.86
CA SER H 246 25.42 29.86 35.77
C SER H 246 25.41 30.69 37.03
N LEU H 247 26.02 30.17 38.10
CA LEU H 247 26.00 30.80 39.41
C LEU H 247 27.24 31.64 39.81
N ALA H 248 28.08 32.02 38.86
CA ALA H 248 29.32 32.73 39.24
C ALA H 248 29.02 34.07 39.89
N GLY H 249 28.13 34.85 39.28
CA GLY H 249 27.64 36.09 39.85
C GLY H 249 26.99 35.94 41.22
N ALA H 250 26.55 34.74 41.58
CA ALA H 250 25.99 34.55 42.91
C ALA H 250 27.09 34.16 43.84
N ALA H 251 28.06 33.42 43.31
CA ALA H 251 29.25 33.01 44.07
C ALA H 251 30.04 34.24 44.44
N ASP H 252 30.02 35.24 43.55
CA ASP H 252 30.67 36.52 43.82
C ASP H 252 29.95 37.28 44.92
N ALA H 253 28.62 37.36 44.83
CA ALA H 253 27.83 38.05 45.83
C ALA H 253 28.00 37.41 47.18
N LEU H 254 27.71 36.12 47.25
CA LEU H 254 27.96 35.32 48.45
C LEU H 254 29.37 35.55 49.02
N ALA H 255 30.39 35.55 48.15
CA ALA H 255 31.81 35.64 48.58
C ALA H 255 32.27 37.02 49.09
N GLU H 256 31.77 38.10 48.50
CA GLU H 256 32.15 39.44 48.98
C GLU H 256 31.59 39.75 50.37
N ARG H 257 30.30 39.45 50.59
CA ARG H 257 29.63 39.77 51.86
C ARG H 257 30.04 38.91 53.05
N THR H 258 30.39 37.65 52.82
CA THR H 258 31.10 36.85 53.82
C THR H 258 32.54 36.72 53.34
N GLY H 259 33.33 35.91 54.02
CA GLY H 259 34.69 35.69 53.57
C GLY H 259 34.89 34.26 53.16
N VAL H 260 33.83 33.46 53.26
CA VAL H 260 33.89 32.02 52.96
C VAL H 260 34.43 31.77 51.55
N PRO H 261 35.54 31.01 51.42
CA PRO H 261 36.19 30.82 50.11
C PRO H 261 35.54 29.76 49.21
N ASP H 262 35.12 30.14 47.99
CA ASP H 262 34.47 29.22 47.01
C ASP H 262 35.44 28.25 46.31
N ARG H 263 34.96 27.05 46.01
CA ARG H 263 35.67 26.10 45.19
C ARG H 263 34.61 25.59 44.26
N ARG H 264 34.52 26.16 43.05
CA ARG H 264 33.32 25.94 42.23
C ARG H 264 33.45 25.02 41.03
N PHE H 265 32.30 24.61 40.54
CA PHE H 265 32.11 24.53 39.07
C PHE H 265 31.11 23.56 38.44
N GLY H 266 31.69 22.58 37.77
CA GLY H 266 30.96 21.82 36.77
C GLY H 266 29.73 21.10 37.24
N MET H 267 28.77 20.92 36.33
CA MET H 267 27.73 19.93 36.52
C MET H 267 28.45 18.62 36.91
N LEU H 268 27.91 17.87 37.87
CA LEU H 268 28.68 16.74 38.44
C LEU H 268 28.58 15.41 37.66
N TYR H 269 29.03 15.48 36.40
CA TYR H 269 28.95 14.41 35.44
C TYR H 269 30.35 13.91 35.01
N GLY H 270 30.54 12.59 34.97
CA GLY H 270 31.77 12.04 34.42
C GLY H 270 32.74 11.66 35.49
N LEU H 271 33.83 10.99 35.10
CA LEU H 271 34.92 10.69 36.04
C LEU H 271 35.47 11.97 36.62
N ASP H 272 36.20 12.72 35.81
CA ASP H 272 36.85 13.94 36.29
C ASP H 272 35.91 14.78 37.15
N ALA H 273 34.74 15.10 36.64
CA ALA H 273 33.80 15.96 37.38
C ALA H 273 33.54 15.47 38.80
N VAL H 274 33.35 14.17 38.99
CA VAL H 274 33.09 13.64 40.36
C VAL H 274 34.36 13.39 41.18
N ASP H 275 35.40 12.91 40.53
CA ASP H 275 36.74 12.88 41.11
C ASP H 275 37.02 14.21 41.81
N ALA H 276 37.09 15.28 41.05
CA ALA H 276 37.36 16.57 41.67
C ALA H 276 36.30 16.95 42.72
N TRP H 277 35.07 16.43 42.62
CA TRP H 277 34.10 16.82 43.66
C TRP H 277 34.41 16.21 44.97
N LEU H 278 34.78 14.93 44.92
CA LEU H 278 35.12 14.20 46.13
C LEU H 278 36.46 14.66 46.75
N MET H 279 37.54 14.76 45.94
CA MET H 279 38.77 15.48 46.35
C MET H 279 38.55 16.79 47.12
N ALA H 280 37.82 17.73 46.51
CA ALA H 280 37.60 19.01 47.19
C ALA H 280 36.91 18.79 48.51
N LEU H 281 36.19 17.68 48.62
CA LEU H 281 35.52 17.35 49.87
C LEU H 281 36.44 16.69 50.89
N ALA H 282 37.38 15.88 50.40
CA ALA H 282 38.37 15.19 51.22
C ALA H 282 39.35 16.19 51.84
N GLU H 283 39.68 17.19 51.03
CA GLU H 283 40.54 18.31 51.43
C GLU H 283 39.85 19.24 52.45
N ILE H 284 38.64 19.66 52.12
CA ILE H 284 37.86 20.48 53.03
C ILE H 284 37.75 19.84 54.41
N SER H 285 37.74 18.52 54.48
CA SER H 285 37.44 17.87 55.75
C SER H 285 38.53 16.94 56.28
N GLY H 286 39.65 16.87 55.57
CA GLY H 286 40.76 16.04 56.02
C GLY H 286 40.55 14.56 55.86
N ASN H 287 39.47 14.04 56.44
CA ASN H 287 39.15 12.62 56.29
C ASN H 287 39.04 12.20 54.81
N PRO H 288 39.12 10.87 54.53
CA PRO H 288 39.25 10.36 53.16
C PRO H 288 37.91 10.05 52.47
N VAL H 289 37.98 9.77 51.17
CA VAL H 289 36.82 9.38 50.38
C VAL H 289 36.26 8.04 50.85
N PRO H 290 35.02 8.06 51.34
CA PRO H 290 34.37 6.88 51.92
C PRO H 290 34.52 5.68 50.98
N ASP H 291 34.60 4.45 51.52
CA ASP H 291 34.75 3.26 50.66
C ASP H 291 33.64 3.16 49.60
N ARG H 292 32.46 3.70 49.91
CA ARG H 292 31.35 3.64 48.99
C ARG H 292 31.72 4.27 47.62
N TYR H 293 32.13 5.52 47.61
CA TYR H 293 32.43 6.21 46.34
C TYR H 293 33.74 5.71 45.69
N LYS H 294 34.54 4.95 46.42
CA LYS H 294 35.68 4.27 45.85
C LYS H 294 35.18 3.13 44.98
N ARG H 295 34.03 2.59 45.35
CA ARG H 295 33.49 1.46 44.65
C ARG H 295 32.78 1.95 43.42
N GLN H 296 31.97 2.98 43.61
CA GLN H 296 31.16 3.48 42.53
C GLN H 296 32.06 3.94 41.39
N ARG H 297 33.17 4.56 41.73
CA ARG H 297 34.10 4.98 40.69
C ARG H 297 34.50 3.74 39.88
N ALA H 298 34.66 2.61 40.55
CA ALA H 298 35.04 1.39 39.84
C ALA H 298 33.86 0.87 39.03
N GLN H 299 32.65 1.09 39.55
CA GLN H 299 31.45 0.73 38.82
C GLN H 299 31.31 1.61 37.57
N LEU H 300 31.48 2.92 37.74
CA LEU H 300 31.42 3.79 36.58
C LEU H 300 32.44 3.36 35.55
N GLN H 301 33.68 3.13 35.96
CA GLN H 301 34.71 2.81 34.97
C GLN H 301 34.29 1.62 34.13
N ASP H 302 33.59 0.67 34.75
CA ASP H 302 33.20 -0.54 34.05
C ASP H 302 32.07 -0.25 33.10
N ALA H 303 31.16 0.63 33.50
CA ALA H 303 30.08 1.07 32.63
C ALA H 303 30.65 1.77 31.44
N MET H 304 31.87 2.29 31.58
CA MET H 304 32.48 2.94 30.41
C MET H 304 33.05 1.89 29.49
N LEU H 305 33.62 0.84 30.06
CA LEU H 305 34.15 -0.22 29.21
C LEU H 305 33.01 -0.94 28.45
N ASP H 306 31.88 -1.18 29.11
CA ASP H 306 30.75 -1.86 28.51
C ASP H 306 29.97 -1.04 27.49
N THR H 307 29.94 0.26 27.69
CA THR H 307 29.15 1.11 26.79
C THR H 307 30.03 1.79 25.75
N HIS H 308 31.33 1.57 25.83
CA HIS H 308 32.22 2.24 24.90
C HIS H 308 31.95 1.80 23.49
N PHE H 309 31.61 0.53 23.27
CA PHE H 309 31.28 0.07 21.92
C PHE H 309 30.21 0.90 21.24
N MET H 310 29.07 1.08 21.93
CA MET H 310 27.94 1.84 21.39
C MET H 310 28.16 3.39 21.42
N LEU H 311 28.69 3.96 22.49
CA LEU H 311 28.85 5.43 22.55
C LEU H 311 30.08 6.02 21.86
N SER H 312 31.19 5.29 21.81
CA SER H 312 32.38 5.78 21.07
C SER H 312 32.04 6.19 19.64
N SER H 313 32.03 7.51 19.44
CA SER H 313 31.83 8.14 18.14
C SER H 313 30.40 8.47 17.81
N ALA H 314 29.48 8.29 18.75
CA ALA H 314 28.07 8.64 18.55
C ALA H 314 27.93 10.11 18.24
N ARG H 315 27.15 10.43 17.19
CA ARG H 315 26.68 11.81 16.99
C ARG H 315 25.46 12.16 17.91
N THR H 316 25.60 13.18 18.74
CA THR H 316 24.53 13.61 19.60
C THR H 316 24.20 15.01 19.27
N ALA H 317 23.00 15.42 19.68
CA ALA H 317 22.54 16.80 19.48
C ALA H 317 21.80 17.23 20.73
N ILE H 318 22.23 18.33 21.32
CA ILE H 318 21.77 18.66 22.64
C ILE H 318 21.08 20.00 22.58
N ALA H 319 19.95 20.08 23.26
CA ALA H 319 19.14 21.31 23.30
C ALA H 319 18.81 21.57 24.74
N ALA H 320 19.64 22.40 25.38
CA ALA H 320 19.61 22.49 26.81
C ALA H 320 20.23 23.78 27.28
N ASP H 321 19.96 24.13 28.55
CA ASP H 321 20.54 25.31 29.17
C ASP H 321 22.05 25.16 29.15
N PRO H 322 22.79 26.27 29.19
CA PRO H 322 24.25 26.17 28.99
C PRO H 322 24.93 25.20 29.97
N ASP H 323 24.50 25.21 31.23
CA ASP H 323 25.11 24.31 32.21
C ASP H 323 24.98 22.85 31.77
N LEU H 324 23.75 22.34 31.68
CA LEU H 324 23.54 20.99 31.17
C LEU H 324 24.35 20.71 29.89
N LEU H 325 24.44 21.70 29.01
CA LEU H 325 25.15 21.50 27.75
C LEU H 325 26.56 21.08 28.11
N LEU H 326 27.23 21.94 28.85
CA LEU H 326 28.63 21.74 29.21
C LEU H 326 28.80 20.50 30.03
N GLY H 327 27.81 20.22 30.88
CA GLY H 327 27.80 18.99 31.65
C GLY H 327 27.65 17.72 30.80
N PHE H 328 26.79 17.77 29.79
CA PHE H 328 26.60 16.57 28.99
C PHE H 328 27.75 16.45 27.96
N ASP H 329 28.28 17.57 27.54
CA ASP H 329 29.33 17.58 26.57
C ASP H 329 30.55 16.91 27.17
N ALA H 330 30.86 17.30 28.40
CA ALA H 330 31.98 16.72 29.14
C ALA H 330 31.84 15.19 29.31
N LEU H 331 30.71 14.79 29.90
CA LEU H 331 30.39 13.38 30.07
C LEU H 331 30.59 12.58 28.80
N LEU H 332 29.94 13.01 27.72
CA LEU H 332 30.01 12.36 26.41
C LEU H 332 31.42 12.31 25.85
N ARG H 333 32.17 13.40 26.02
CA ARG H 333 33.50 13.49 25.43
C ARG H 333 34.44 12.50 26.11
N SER H 334 34.12 12.12 27.34
CA SER H 334 34.92 11.14 28.05
C SER H 334 34.66 9.76 27.48
N MET H 335 33.75 9.68 26.51
CA MET H 335 33.41 8.40 25.87
C MET H 335 33.78 8.36 24.42
N GLY H 336 34.12 9.47 23.82
CA GLY H 336 34.48 9.44 22.42
C GLY H 336 33.27 9.81 21.62
N ALA H 337 32.24 10.22 22.33
CA ALA H 337 31.02 10.69 21.71
C ALA H 337 31.23 12.15 21.27
N HIS H 338 30.77 12.47 20.07
CA HIS H 338 30.84 13.79 19.48
C HIS H 338 29.50 14.48 19.68
N THR H 339 29.47 15.69 20.24
CA THR H 339 28.20 16.43 20.19
C THR H 339 28.20 17.29 18.92
N VAL H 340 27.37 16.88 17.97
CA VAL H 340 27.30 17.35 16.60
C VAL H 340 26.38 18.58 16.41
N ALA H 341 25.82 19.05 17.52
CA ALA H 341 24.76 20.02 17.40
C ALA H 341 24.32 20.44 18.76
N ALA H 342 24.63 21.68 19.11
CA ALA H 342 24.33 22.18 20.42
C ALA H 342 23.54 23.43 20.22
N VAL H 343 22.38 23.49 20.86
CA VAL H 343 21.49 24.59 20.71
C VAL H 343 21.13 25.09 22.07
N VAL H 344 21.37 26.37 22.29
CA VAL H 344 21.13 26.95 23.58
C VAL H 344 20.00 28.00 23.50
N PRO H 345 19.41 28.34 24.64
CA PRO H 345 18.36 29.38 24.68
C PRO H 345 18.86 30.85 24.63
N ALA H 346 20.05 31.13 25.17
CA ALA H 346 20.59 32.50 25.25
C ALA H 346 22.10 32.52 25.49
N ARG H 347 22.73 33.65 25.19
CA ARG H 347 24.19 33.74 25.17
C ARG H 347 24.88 33.03 26.35
N ALA H 348 24.65 33.50 27.57
CA ALA H 348 25.22 32.91 28.80
C ALA H 348 26.76 32.76 28.76
N ALA H 349 27.41 33.00 29.91
CA ALA H 349 28.87 32.88 30.06
C ALA H 349 29.48 31.71 29.26
N ALA H 350 30.00 30.71 29.97
CA ALA H 350 30.50 29.50 29.31
C ALA H 350 30.97 29.89 27.94
N LEU H 351 31.79 30.93 27.93
CA LEU H 351 32.43 31.42 26.73
C LEU H 351 33.56 30.47 26.40
N VAL H 352 34.43 30.91 25.49
CA VAL H 352 35.33 29.99 24.83
C VAL H 352 34.47 28.87 24.26
N ASP H 353 33.18 28.91 24.61
CA ASP H 353 32.19 27.95 24.18
C ASP H 353 32.37 26.62 24.95
N SER H 354 33.38 26.55 25.81
CA SER H 354 33.92 25.26 26.25
C SER H 354 34.76 24.72 25.06
N PRO H 355 34.94 23.39 24.91
CA PRO H 355 35.75 22.97 23.75
C PRO H 355 35.01 22.75 22.43
N LEU H 356 33.69 22.92 22.39
CA LEU H 356 32.93 22.90 21.14
C LEU H 356 33.34 24.04 20.19
N PRO H 357 33.58 23.70 18.92
CA PRO H 357 33.93 24.76 17.97
C PRO H 357 32.88 25.85 18.01
N SER H 358 31.63 25.48 18.27
CA SER H 358 30.51 26.44 18.27
C SER H 358 29.19 25.90 18.87
N VAL H 359 28.28 26.82 19.18
CA VAL H 359 26.98 26.49 19.71
C VAL H 359 26.00 27.57 19.31
N ARG H 360 24.74 27.22 19.19
CA ARG H 360 23.77 28.16 18.67
C ARG H 360 22.76 28.63 19.71
N VAL H 361 22.30 29.84 19.56
CA VAL H 361 21.13 30.25 20.30
C VAL H 361 19.97 30.45 19.32
N GLY H 362 18.95 29.60 19.40
CA GLY H 362 17.88 29.66 18.42
C GLY H 362 16.84 28.56 18.45
N ASP H 363 16.97 27.70 19.44
CA ASP H 363 15.85 26.83 19.77
C ASP H 363 15.51 25.65 18.81
N LEU H 364 14.36 24.97 19.00
CA LEU H 364 14.25 23.60 18.49
C LEU H 364 14.24 23.47 16.97
N GLU H 365 13.68 24.45 16.28
CA GLU H 365 13.64 24.41 14.83
C GLU H 365 15.11 24.37 14.34
N ASP H 366 15.98 25.06 15.06
CA ASP H 366 17.39 25.12 14.71
C ASP H 366 18.05 23.80 14.97
N LEU H 367 17.63 23.17 16.08
CA LEU H 367 18.21 21.90 16.54
C LEU H 367 17.92 20.83 15.50
N GLU H 368 16.66 20.77 15.08
CA GLU H 368 16.29 19.76 14.09
C GLU H 368 17.18 19.84 12.85
N HIS H 369 17.46 21.04 12.36
CA HIS H 369 18.23 21.20 11.13
C HIS H 369 19.74 21.08 11.37
N ALA H 370 20.22 21.63 12.48
CA ALA H 370 21.60 21.41 12.86
C ALA H 370 21.84 19.92 13.15
N ALA H 371 20.92 19.29 13.87
CA ALA H 371 21.05 17.83 14.06
C ALA H 371 21.08 17.03 12.75
N ARG H 372 20.20 17.41 11.82
CA ARG H 372 20.12 16.73 10.55
C ARG H 372 21.42 16.98 9.75
N ALA H 373 22.02 18.13 9.99
CA ALA H 373 23.14 18.56 9.20
C ALA H 373 24.31 17.61 9.45
N GLY H 374 24.63 17.45 10.73
CA GLY H 374 25.73 16.62 11.17
C GLY H 374 25.33 15.20 11.53
N GLN H 375 24.06 14.88 11.37
CA GLN H 375 23.67 13.48 11.44
C GLN H 375 23.62 12.95 12.87
N ALA H 376 22.94 13.71 13.72
CA ALA H 376 22.65 13.24 15.07
C ALA H 376 22.19 11.81 14.99
N GLN H 377 22.64 10.96 15.93
CA GLN H 377 22.14 9.57 16.07
C GLN H 377 21.12 9.50 17.20
N LEU H 378 21.01 10.59 17.94
CA LEU H 378 20.46 10.64 19.28
C LEU H 378 20.32 12.11 19.62
N VAL H 379 19.18 12.49 20.20
CA VAL H 379 18.97 13.85 20.69
C VAL H 379 18.63 13.97 22.20
N ILE H 380 19.44 14.71 22.95
CA ILE H 380 19.19 15.03 24.36
C ILE H 380 18.51 16.41 24.51
N GLY H 381 17.44 16.47 25.30
CA GLY H 381 16.55 17.63 25.34
C GLY H 381 15.30 17.38 26.21
N ASN H 382 14.35 18.32 26.23
CA ASN H 382 13.15 18.18 27.05
C ASN H 382 11.98 17.63 26.27
N SER H 383 10.87 17.43 26.97
CA SER H 383 9.64 16.98 26.34
C SER H 383 9.27 17.73 25.05
N HIS H 384 9.67 18.97 24.95
CA HIS H 384 9.43 19.65 23.71
C HIS H 384 10.24 19.04 22.58
N ALA H 385 11.33 18.35 22.91
CA ALA H 385 12.17 17.82 21.84
C ALA H 385 11.59 16.54 21.17
N LEU H 386 10.69 15.81 21.84
CA LEU H 386 10.15 14.58 21.26
C LEU H 386 9.87 14.90 19.82
N ALA H 387 8.96 15.87 19.57
CA ALA H 387 8.60 16.21 18.18
C ALA H 387 9.80 16.40 17.23
N SER H 388 10.82 17.14 17.65
CA SER H 388 12.03 17.28 16.81
C SER H 388 12.67 15.94 16.55
N ALA H 389 12.98 15.22 17.63
CA ALA H 389 13.43 13.84 17.58
C ALA H 389 12.57 12.92 16.70
N ARG H 390 11.26 12.92 16.93
CA ARG H 390 10.37 12.05 16.17
C ARG H 390 10.36 12.47 14.71
N ARG H 391 10.61 13.75 14.44
CA ARG H 391 10.66 14.26 13.06
C ARG H 391 12.04 14.03 12.40
N LEU H 392 13.10 13.83 13.19
CA LEU H 392 14.30 13.18 12.65
C LEU H 392 13.89 11.74 12.82
N GLY H 393 14.78 10.80 12.56
CA GLY H 393 14.38 9.40 12.78
C GLY H 393 14.99 8.85 14.05
N VAL H 394 14.91 9.62 15.15
CA VAL H 394 15.92 9.52 16.22
C VAL H 394 15.45 9.46 17.67
N PRO H 395 16.21 8.77 18.54
CA PRO H 395 15.84 8.58 19.96
C PRO H 395 16.00 9.85 20.82
N LEU H 396 15.19 9.98 21.89
CA LEU H 396 15.21 11.12 22.75
C LEU H 396 15.62 10.62 24.15
N LEU H 397 16.40 11.42 24.87
CA LEU H 397 16.71 11.19 26.27
C LEU H 397 16.41 12.52 26.91
N ARG H 398 15.26 12.67 27.56
CA ARG H 398 14.97 13.99 28.03
C ARG H 398 15.75 14.36 29.28
N ALA H 399 16.07 15.66 29.39
CA ALA H 399 16.74 16.24 30.52
C ALA H 399 16.33 17.70 30.37
N GLY H 400 16.43 18.52 31.41
CA GLY H 400 15.94 19.87 31.28
C GLY H 400 14.51 20.05 31.79
N PHE H 401 14.03 21.28 31.68
CA PHE H 401 13.03 21.70 32.63
C PHE H 401 11.59 21.82 32.23
N PRO H 402 11.28 21.62 30.96
CA PRO H 402 9.91 21.15 30.75
C PRO H 402 9.94 19.66 30.43
N GLN H 403 9.58 18.81 31.39
CA GLN H 403 9.22 17.44 31.03
C GLN H 403 7.89 16.93 31.59
N TYR H 404 6.81 17.33 30.92
CA TYR H 404 5.41 17.01 31.27
C TYR H 404 4.95 15.63 30.77
N ASP H 405 5.79 14.99 29.96
CA ASP H 405 5.36 13.72 29.39
C ASP H 405 5.97 12.49 30.05
N LEU H 406 6.73 12.69 31.14
CA LEU H 406 7.48 11.62 31.80
C LEU H 406 7.24 11.62 33.30
N LEU H 407 6.62 10.53 33.79
CA LEU H 407 6.32 10.41 35.23
C LEU H 407 7.54 10.53 36.14
N GLY H 408 8.61 9.79 35.83
CA GLY H 408 9.76 9.82 36.73
C GLY H 408 10.66 11.07 36.80
N GLY H 409 10.62 11.91 35.76
CA GLY H 409 11.75 12.75 35.39
C GLY H 409 12.16 13.99 36.15
N PHE H 410 11.24 14.60 36.89
CA PHE H 410 11.62 15.81 37.57
C PHE H 410 12.62 15.49 38.66
N GLN H 411 12.85 14.21 38.89
CA GLN H 411 13.41 13.73 40.17
C GLN H 411 14.64 12.85 39.90
N ARG H 412 14.95 12.65 38.62
CA ARG H 412 16.12 11.83 38.29
C ARG H 412 17.44 12.38 38.92
N CYS H 413 18.26 11.56 39.55
CA CYS H 413 19.60 12.05 39.88
C CYS H 413 20.56 11.89 38.71
N TRP H 414 20.93 12.96 38.06
CA TRP H 414 21.86 12.79 36.92
C TRP H 414 23.30 12.65 37.39
N SER H 415 23.58 13.24 38.55
CA SER H 415 24.93 13.49 39.04
C SER H 415 25.66 12.34 39.74
N GLY H 416 26.98 12.51 39.79
CA GLY H 416 27.86 11.63 40.50
C GLY H 416 28.13 10.42 39.65
N TYR H 417 28.77 9.44 40.28
CA TYR H 417 29.21 8.17 39.68
C TYR H 417 28.09 7.25 39.15
N ARG H 418 27.06 7.01 39.96
CA ARG H 418 25.90 6.22 39.52
C ARG H 418 25.04 7.00 38.54
N GLY H 419 24.75 8.24 38.89
CA GLY H 419 24.11 9.16 37.96
C GLY H 419 24.80 9.05 36.61
N SER H 420 26.07 9.46 36.55
CA SER H 420 26.85 9.35 35.33
C SER H 420 26.70 7.99 34.67
N SER H 421 26.91 6.91 35.41
CA SER H 421 26.89 5.58 34.77
C SER H 421 25.51 5.21 34.20
N GLN H 422 24.45 5.54 34.95
CA GLN H 422 23.08 5.28 34.51
C GLN H 422 22.80 6.05 33.21
N VAL H 423 23.39 7.24 33.05
CA VAL H 423 23.24 7.98 31.80
C VAL H 423 23.91 7.29 30.66
N LEU H 424 25.02 6.56 30.94
CA LEU H 424 25.65 5.79 29.85
C LEU H 424 24.77 4.60 29.48
N PHE H 425 24.28 3.88 30.48
CA PHE H 425 23.31 2.80 30.22
C PHE H 425 22.18 3.30 29.33
N ASP H 426 21.58 4.44 29.69
CA ASP H 426 20.49 4.93 28.84
C ASP H 426 20.88 5.21 27.39
N LEU H 427 21.86 6.07 27.16
CA LEU H 427 22.25 6.29 25.78
C LEU H 427 22.58 4.97 25.07
N ALA H 428 23.37 4.11 25.72
CA ALA H 428 23.73 2.81 25.12
C ALA H 428 22.51 2.05 24.64
N ASN H 429 21.48 1.94 25.51
CA ASN H 429 20.25 1.26 25.20
C ASN H 429 19.47 1.91 24.08
N LEU H 430 19.39 3.23 24.05
CA LEU H 430 18.57 3.89 23.01
C LEU H 430 19.32 3.65 21.78
N LEU H 431 20.63 3.94 21.79
CA LEU H 431 21.38 3.75 20.55
C LEU H 431 21.23 2.33 20.01
N VAL H 432 21.33 1.35 20.89
CA VAL H 432 21.30 -0.04 20.46
C VAL H 432 19.99 -0.42 19.77
N GLU H 433 18.84 -0.02 20.35
CA GLU H 433 17.57 -0.51 19.86
C GLU H 433 17.07 0.21 18.59
N HIS H 434 17.56 1.42 18.33
CA HIS H 434 17.21 2.11 17.10
C HIS H 434 18.22 1.81 15.98
N HIS H 435 19.06 0.81 16.19
CA HIS H 435 20.02 0.48 15.17
C HIS H 435 19.61 -0.80 14.43
FE1 SF4 I . 3.82 26.84 -38.18
FE2 SF4 I . 1.72 28.02 -36.90
FE3 SF4 I . 3.19 29.15 -39.08
FE4 SF4 I . 1.28 27.28 -39.40
S1 SF4 I . 0.92 29.33 -38.60
S2 SF4 I . 3.36 27.27 -40.38
S3 SF4 I . 1.74 25.88 -37.59
S4 SF4 I . 3.92 28.74 -36.99
FE1 CZL J . 20.16 25.82 -40.35
FE2 CZL J . 22.53 24.94 -41.18
FE3 CZL J . 21.62 24.24 -38.80
FE4 CZL J . 22.37 26.75 -39.25
FE5 CZL J . 24.71 25.70 -38.57
FE6 CZL J . 24.94 24.00 -40.59
FE7 CZL J . 23.99 23.19 -38.26
FE8 CZL J . 26.57 23.77 -38.51
S1A CZL J . 21.77 27.09 -41.41
S1B CZL J . 26.48 25.56 -39.99
S2A CZL J . 20.70 23.65 -40.80
S2B CZL J . 24.03 24.06 -42.66
S3A CZL J . 23.98 27.80 -38.08
S3B CZL J . 25.47 22.05 -39.54
S4A CZL J . 20.52 26.11 -38.09
S4B CZL J . 25.22 24.40 -36.77
S5A CZL J . 21.91 22.40 -37.54
FE1 SF4 K . -28.31 -33.64 -16.51
FE2 SF4 K . -25.89 -34.66 -17.21
FE3 SF4 K . -28.35 -36.12 -17.01
FE4 SF4 K . -27.88 -34.53 -19.00
S1 SF4 K . -26.57 -36.36 -18.51
S2 SF4 K . -29.88 -34.67 -17.86
S3 SF4 K . -26.83 -32.72 -18.04
S4 SF4 K . -27.14 -35.16 -15.35
FE1 CZL L . -41.09 -31.40 -6.27
FE2 CZL L . -43.36 -30.52 -5.18
FE3 CZL L . -41.06 -29.42 -4.50
FE4 CZL L . -41.63 -31.91 -3.74
FE5 CZL L . -42.75 -30.55 -1.75
FE6 CZL L . -44.59 -29.29 -3.18
FE7 CZL L . -42.30 -28.11 -2.59
FE8 CZL L . -44.13 -28.51 -0.69
S1A CZL L . -42.81 -32.73 -5.50
S1B CZL L . -45.00 -30.54 -1.35
S2A CZL L . -42.01 -29.33 -6.57
S2B CZL L . -45.54 -29.84 -5.17
S3A CZL L . -41.71 -32.57 -1.58
S3B CZL L . -44.34 -27.13 -2.51
S4A CZL L . -39.62 -31.19 -4.51
S4B CZL L . -41.88 -28.87 -0.50
S5A CZL L . -40.50 -27.34 -3.83
FE1 SF4 M . 25.15 -30.26 25.67
FE2 SF4 M . 22.61 -30.62 26.56
FE3 SF4 M . 24.73 -32.48 26.92
FE4 SF4 M . 24.49 -30.14 28.37
S1 SF4 M . 23.02 -31.91 28.38
S2 SF4 M . 26.39 -31.00 27.47
S3 SF4 M . 23.78 -28.72 26.73
S4 SF4 M . 23.81 -31.90 24.95
FE1 CZL N . 38.10 -32.22 15.22
FE2 CZL N . 40.49 -31.75 14.14
FE3 CZL N . 38.30 -30.88 12.94
FE4 CZL N . 38.85 -33.48 13.02
FE5 CZL N . 40.18 -32.83 10.83
FE6 CZL N . 41.95 -31.21 11.98
FE7 CZL N . 39.77 -30.23 10.83
FE8 CZL N . 41.74 -31.23 9.34
S1A CZL N . 39.83 -33.73 15.05
S1B CZL N . 42.45 -32.98 10.67
S2A CZL N . 39.07 -30.16 14.95
S2B CZL N . 42.68 -31.12 14.12
S3A CZL N . 39.07 -34.79 11.20
S3B CZL N . 41.86 -29.36 10.64
S4A CZL N . 36.80 -32.55 13.35
S4B CZL N . 39.50 -31.61 9.04
S5A CZL N . 37.87 -29.10 11.62
FE1 SF4 O . -0.87 36.82 29.16
FE2 SF4 O . 1.13 37.63 27.55
FE3 SF4 O . -0.20 39.26 29.39
FE4 SF4 O . 1.64 37.60 30.23
S1 SF4 O . 2.05 39.33 28.80
S2 SF4 O . -0.42 37.87 31.19
S3 SF4 O . 1.21 35.81 28.86
S4 SF4 O . -1.11 38.26 27.49
FE1 CZL P . -16.92 37.73 31.56
FE2 CZL P . -19.48 37.37 32.18
FE3 CZL P . -18.47 36.25 30.00
FE4 CZL P . -18.80 38.88 30.12
FE5 CZL P . -21.21 38.17 29.25
FE6 CZL P . -21.95 36.78 31.37
FE7 CZL P . -20.92 35.56 29.27
FE8 CZL P . -23.37 36.59 29.14
S1A CZL P . -18.38 39.37 32.28
S1B CZL P . -23.11 38.49 30.45
S2A CZL P . -17.89 35.75 32.14
S2B CZL P . -21.26 36.92 33.52
S3A CZL P . -20.07 40.05 28.65
S3B CZL P . -22.70 34.84 30.46
S4A CZL P . -16.99 37.81 29.26
S4B CZL P . -21.76 36.76 27.54
S5A CZL P . -18.96 34.34 28.90
#